data_4A0C
#
_entry.id   4A0C
#
_cell.length_a   77.090
_cell.length_b   152.360
_cell.length_c   263.010
_cell.angle_alpha   90.00
_cell.angle_beta   89.37
_cell.angle_gamma   90.00
#
_symmetry.space_group_name_H-M   'P 1 21 1'
#
loop_
_entity.id
_entity.type
_entity.pdbx_description
1 polymer 'CULLIN-ASSOCIATED NEDD8-DISSOCIATED PROTEIN 1'
2 polymer CULLIN-4B
3 polymer 'E3 UBIQUITIN-PROTEIN LIGASE RBX1'
4 non-polymer 'ZINC ION'
#
loop_
_entity_poly.entity_id
_entity_poly.type
_entity_poly.pdbx_seq_one_letter_code
_entity_poly.pdbx_strand_id
1 'polypeptide(L)'
;MASWSHPQFEKVDENLYFQGGGRMASASYHISNLLEKMTSSDKDFRFMATNDLMTELQKDSIKLDDDSERKVVKMILKLL
EDKNGEVQNLAVKCLGPLVSKVKEYQVETIVDTLCTNMLSDKEQLRDISSIGLKTVIGELPPASSGSALAANVCKKITGR
LTSAIAKQEDVSVQLEALDIMADMLSRQGGLLVNFHPSILTCLLPQLTSPRLAVRKRTIIALGHLVMSCGNIVFVDLIEH
LLSELSKNDSMSTTRTYIQCIAAISRQAGHRIGEYLEKIIPLVVKFCNVDDDELREYCIQAFESFVRRCPKEVYPHVSTI
INICLKYLTYDPNYNYDDEDEDENAMDADGGDDDDQGSDDEYSDDDDMSWKVRRAAAKCLDAVVSTRHEMLPEFYKTVSP
ALISRFKEREENVKADVFHAYLSLLKQTRPVQSWLCDPDAMEQGETPLTMLQSQVPNIVKALHKQMKEKSVKTRQCCFNM
LTELVNVLPGALTQHIPVLVPGIIFSLNDKSSSSNLKIDALSCLYVILCNHSPQVFHPHVQALVPPVVACVGDPFYKITS
EALLVTQQLVKVIRPLDQPSSFDATPYIKDLFTCTIKRLKAADIDQEVKERAISCMGQIICNLGDNLGSDLPNTLQIFLE
RLKNEITRLTTVKALTLIAGSPLKIDLRPVLGEGVPILASFLRKNQRALKLGTLSALDILIKNYSDSLTAAMIDAVLDEL
PPLISESDMHVSQMAISFLTTLAKVYPSSLSKISGSILNELIGLVRSPLLQGGALSAMLDFFQALVVTGTNNLGYMDLLR
MLTGPVYSQSTALTHKQSYYSIAKCVAALTRACPKEGPAVVGQFIQDVKNSRSTDSIRLLALLSLGEVGHHIDLSGQLEL
KSVILEAFSSPSEEVKSAASYALGSISVGNLPEYLPFVLQEITSQPKRQYLLLHSLKEIISSASVVGLKPYVENIWALLL
KHCECAEEGTRNVVVECLGKLTLIDPETLLPRLKGYLISGSSYARSSVVTAVKFTISDHPQPIDPLLKNCIGDFLKTLED
PDLNVRRVALVTFNSAAHNKPSLIRDLLDTVLPHLYNETKVRKELIREVEMGPFKHTVDDGLDIRKAAFECMYTLLDSCL
DRLDIFEFLNHVEDGLKDHYDIKMLTFLMLVRLSTLCPSAVLQRLDRLVEPLRATCTTKVKANSVKQEFEKQDELKRSAM
RAVAALLTIPEAEKSPLMSEFQSQISSNPELAAIFESIQKDSSSTNLESMDTS
;
A,B
2 'polypeptide(L)'
;MHHHHHHVDENLYFQGGGRGSAKKLVIKNFKDKPKLPENYTDETWQKLKEAVEAIQNSTSIKYNLEELYQAVENLCSYKI
SANLYKQLRQICEDHIKAQIHQFREDSLDSVLFLKKIDRCWQNHCRQMIMIRSIFLFLDRTYVLQNSMLPSIWDMGLELF
RAHIISDQKVQNKTIDGILLLIERERNGEAIDRSLLRSLLSMLSDLQIYQDSFEQRFLEETNRLYAAEGQKLMQEREVPE
YLHHVNKRLEEEADRLITYLDQTTQKSLIATVEKQLLGEHLTAILQKGLNNLLDENRIQDLSLLYQLFSRVRGGVQVLLQ
QWIEYIKAFGSTIVINPEKDKTMVQELLDFKDKVDHIIDICFLKNEKFINAMKEAFETFINKRPNKPAELIAKYVDSKLR
AGNKEATDEELEKMLDKIMIIFRFIYGKDVFEAFYKKDLAKRLLVGKSASVDAEKSMLSKLKHECGAAFTSKLEGMFKDM
ELSKDIMIQFKQYMQNQNVPGNIELTVNILTMGYWPTYVPMEVHLPPEMVKLQEIFKTFYLGKHSGRKLQWQSTLGHCVL
KAEFKEGKKELQVSLFQTLVLLMFNEGEEFSLEEIKQATGIEDGELRRTLQSLACGKARVLAKNPKGKDIEDGDKFICND
DFKHKLFRIKINQIQMKETVEEQASTTERVFQDRQYQIDAAIVRIMKMRKTLSHNLLVSEVYNQLKFPVKPADLKKRIES
LIDRDYMERDKENPNQYNYIA
;
C,E
3 'polypeptide(L)'
;MGTNSGAGKKRFEVKKWNAVALWAWDIVVDNCAICRNHIMDLCIECQANQASATSEECTVAWGVCNHAFHFHCISRWLKT
RQVCPLDNREWEFQKYGH
;
D,F
#
# COMPACT_ATOMS: atom_id res chain seq x y z
N ALA A 27 -8.23 -19.36 32.71
CA ALA A 27 -9.00 -18.51 33.67
C ALA A 27 -9.88 -19.35 34.61
N SER A 28 -10.57 -18.67 35.53
CA SER A 28 -11.39 -19.35 36.54
C SER A 28 -12.87 -19.38 36.17
N TYR A 29 -13.39 -18.28 35.63
CA TYR A 29 -14.79 -18.23 35.21
C TYR A 29 -14.96 -18.49 33.71
N HIS A 30 -13.91 -18.17 32.94
CA HIS A 30 -13.88 -18.40 31.49
C HIS A 30 -13.77 -19.89 31.15
N ILE A 31 -13.06 -20.64 32.00
CA ILE A 31 -13.04 -22.10 31.92
C ILE A 31 -14.35 -22.68 32.49
N SER A 32 -14.96 -21.97 33.42
CA SER A 32 -16.32 -22.29 33.89
C SER A 32 -17.35 -21.88 32.84
N ASN A 33 -16.87 -21.24 31.78
CA ASN A 33 -17.70 -20.85 30.64
C ASN A 33 -17.54 -21.85 29.48
N LEU A 34 -16.30 -22.07 29.06
CA LEU A 34 -15.97 -22.99 27.96
C LEU A 34 -16.57 -24.37 28.16
N LEU A 35 -16.48 -24.88 29.39
CA LEU A 35 -16.95 -26.22 29.72
C LEU A 35 -18.47 -26.36 29.66
N GLU A 36 -19.16 -25.24 29.50
CA GLU A 36 -20.59 -25.26 29.25
C GLU A 36 -20.85 -25.21 27.74
N LYS A 37 -20.02 -24.44 27.03
CA LYS A 37 -20.06 -24.36 25.56
C LYS A 37 -19.69 -25.71 24.93
N MET A 38 -18.96 -26.52 25.68
CA MET A 38 -18.41 -27.79 25.21
C MET A 38 -19.47 -28.89 25.11
N THR A 39 -20.71 -28.56 25.49
CA THR A 39 -21.82 -29.49 25.43
C THR A 39 -23.13 -28.76 25.15
N SER A 40 -23.06 -27.78 24.25
CA SER A 40 -24.22 -26.95 23.93
C SER A 40 -25.03 -27.47 22.73
N SER A 41 -24.92 -28.78 22.48
CA SER A 41 -25.75 -29.49 21.50
C SER A 41 -25.57 -29.02 20.05
N ASP A 42 -24.59 -28.16 19.82
CA ASP A 42 -24.26 -27.68 18.49
C ASP A 42 -22.84 -28.12 18.11
N LYS A 43 -22.71 -28.69 16.91
CA LYS A 43 -21.41 -29.07 16.35
C LYS A 43 -20.42 -27.91 16.42
N ASP A 44 -20.84 -26.75 15.91
CA ASP A 44 -20.01 -25.53 15.89
C ASP A 44 -19.62 -25.03 17.29
N PHE A 45 -20.53 -25.19 18.25
CA PHE A 45 -20.29 -24.83 19.65
C PHE A 45 -19.15 -25.65 20.26
N ARG A 46 -19.27 -26.98 20.16
CA ARG A 46 -18.32 -27.91 20.75
C ARG A 46 -16.96 -27.88 20.07
N PHE A 47 -16.96 -27.65 18.76
CA PHE A 47 -15.73 -27.58 17.98
C PHE A 47 -14.84 -26.44 18.46
N MET A 48 -15.39 -25.23 18.46
CA MET A 48 -14.62 -24.03 18.81
C MET A 48 -14.26 -23.95 20.30
N ALA A 49 -15.11 -24.53 21.15
CA ALA A 49 -14.81 -24.62 22.58
C ALA A 49 -13.53 -25.42 22.83
N THR A 50 -13.46 -26.61 22.22
CA THR A 50 -12.28 -27.46 22.33
C THR A 50 -11.07 -26.77 21.72
N ASN A 51 -11.26 -26.22 20.51
CA ASN A 51 -10.17 -25.59 19.77
C ASN A 51 -9.54 -24.42 20.51
N ASP A 52 -10.36 -23.60 21.16
CA ASP A 52 -9.88 -22.49 21.99
C ASP A 52 -9.12 -22.99 23.22
N LEU A 53 -9.56 -24.13 23.75
CA LEU A 53 -8.88 -24.77 24.88
C LEU A 53 -7.57 -25.41 24.44
N MET A 54 -7.50 -25.82 23.18
CA MET A 54 -6.31 -26.48 22.65
C MET A 54 -5.16 -25.52 22.35
N THR A 55 -5.49 -24.25 22.11
CA THR A 55 -4.47 -23.21 21.93
C THR A 55 -3.99 -22.69 23.30
N GLU A 56 -4.87 -22.72 24.29
CA GLU A 56 -4.55 -22.31 25.66
C GLU A 56 -3.67 -23.34 26.39
N LEU A 57 -3.82 -24.62 26.04
CA LEU A 57 -3.01 -25.68 26.64
C LEU A 57 -1.64 -25.85 25.97
N GLN A 58 -1.50 -25.30 24.76
CA GLN A 58 -0.25 -25.39 24.00
C GLN A 58 0.73 -24.25 24.29
N LYS A 59 0.27 -23.21 25.00
CA LYS A 59 1.14 -22.14 25.50
C LYS A 59 1.73 -22.54 26.86
N ASP A 60 1.99 -21.54 27.71
CA ASP A 60 2.41 -21.82 29.09
C ASP A 60 1.22 -22.27 29.94
N SER A 61 0.02 -22.01 29.40
CA SER A 61 -1.27 -22.27 30.04
C SER A 61 -1.47 -21.49 31.35
N ILE A 62 -2.17 -20.36 31.25
CA ILE A 62 -2.52 -19.57 32.44
C ILE A 62 -3.80 -20.06 33.12
N LYS A 63 -3.66 -20.42 34.40
CA LYS A 63 -4.76 -20.77 35.32
C LYS A 63 -5.51 -22.07 35.04
N LEU A 64 -5.16 -23.10 35.81
CA LEU A 64 -5.94 -24.34 35.92
C LEU A 64 -5.86 -24.87 37.36
N ASP A 65 -6.85 -24.51 38.17
CA ASP A 65 -6.92 -24.95 39.56
C ASP A 65 -7.21 -26.45 39.69
N ASP A 66 -7.02 -27.01 40.89
CA ASP A 66 -7.19 -28.45 41.14
C ASP A 66 -8.64 -28.95 40.98
N ASP A 67 -9.54 -28.05 40.56
CA ASP A 67 -10.93 -28.41 40.24
C ASP A 67 -11.09 -28.55 38.72
N SER A 68 -10.42 -27.67 37.98
CA SER A 68 -10.34 -27.74 36.52
C SER A 68 -9.80 -29.10 36.06
N GLU A 69 -8.72 -29.54 36.69
CA GLU A 69 -8.09 -30.81 36.38
C GLU A 69 -9.06 -31.98 36.50
N ARG A 70 -9.97 -31.92 37.47
CA ARG A 70 -10.97 -32.97 37.66
C ARG A 70 -12.28 -32.75 36.88
N LYS A 71 -12.34 -31.66 36.11
CA LYS A 71 -13.51 -31.37 35.27
C LYS A 71 -13.16 -31.32 33.78
N VAL A 72 -12.06 -30.62 33.47
CA VAL A 72 -11.56 -30.50 32.09
C VAL A 72 -11.15 -31.87 31.55
N VAL A 73 -10.42 -32.63 32.35
CA VAL A 73 -10.01 -33.98 31.98
C VAL A 73 -11.21 -34.94 32.01
N LYS A 74 -12.20 -34.63 32.85
CA LYS A 74 -13.45 -35.37 32.84
C LYS A 74 -14.28 -35.04 31.59
N MET A 75 -14.13 -33.81 31.10
CA MET A 75 -14.85 -33.34 29.91
C MET A 75 -14.21 -33.79 28.59
N ILE A 76 -12.88 -33.75 28.51
CA ILE A 76 -12.16 -34.21 27.33
C ILE A 76 -12.50 -35.68 27.00
N LEU A 77 -12.44 -36.53 28.01
CA LEU A 77 -12.72 -37.95 27.86
C LEU A 77 -14.10 -38.24 27.28
N LYS A 78 -15.08 -37.41 27.64
CA LYS A 78 -16.42 -37.50 27.07
C LYS A 78 -16.37 -37.37 25.55
N LEU A 79 -15.82 -36.25 25.09
CA LEU A 79 -15.82 -35.90 23.67
C LEU A 79 -15.08 -36.91 22.80
N LEU A 80 -14.39 -37.85 23.43
CA LEU A 80 -13.80 -38.98 22.74
C LEU A 80 -14.89 -39.98 22.31
N GLU A 81 -16.15 -39.60 22.49
CA GLU A 81 -17.29 -40.44 22.12
C GLU A 81 -18.43 -39.66 21.44
N ASP A 82 -18.12 -38.45 21.00
CA ASP A 82 -19.10 -37.57 20.35
C ASP A 82 -19.55 -38.11 19.00
N LYS A 83 -20.79 -37.79 18.62
CA LYS A 83 -21.35 -38.20 17.33
C LYS A 83 -20.69 -37.50 16.15
N ASN A 84 -20.17 -36.30 16.38
CA ASN A 84 -19.34 -35.62 15.40
C ASN A 84 -17.89 -36.08 15.55
N GLY A 85 -17.27 -36.40 14.43
CA GLY A 85 -15.91 -36.93 14.42
C GLY A 85 -14.83 -35.86 14.47
N GLU A 86 -15.18 -34.63 14.10
CA GLU A 86 -14.22 -33.52 14.12
C GLU A 86 -13.96 -33.06 15.54
N VAL A 87 -14.99 -33.12 16.38
CA VAL A 87 -14.85 -32.91 17.81
C VAL A 87 -14.06 -34.09 18.42
N GLN A 88 -14.25 -35.28 17.85
CA GLN A 88 -13.44 -36.44 18.20
C GLN A 88 -11.97 -36.21 17.87
N ASN A 89 -11.70 -35.61 16.72
CA ASN A 89 -10.33 -35.32 16.27
C ASN A 89 -9.64 -34.32 17.18
N LEU A 90 -10.32 -33.22 17.47
CA LEU A 90 -9.78 -32.20 18.36
C LEU A 90 -9.56 -32.72 19.76
N ALA A 91 -10.46 -33.59 20.22
CA ALA A 91 -10.34 -34.22 21.54
C ALA A 91 -9.10 -35.11 21.64
N VAL A 92 -8.91 -35.99 20.66
CA VAL A 92 -7.75 -36.88 20.62
C VAL A 92 -6.45 -36.08 20.53
N LYS A 93 -6.41 -35.11 19.62
CA LYS A 93 -5.25 -34.23 19.45
C LYS A 93 -5.13 -33.22 20.61
N CYS A 94 -6.04 -33.33 21.58
CA CYS A 94 -6.03 -32.45 22.76
C CYS A 94 -5.25 -33.08 23.92
N LEU A 95 -5.47 -34.36 24.17
CA LEU A 95 -4.87 -35.06 25.32
C LEU A 95 -3.36 -34.90 25.41
N GLY A 96 -2.69 -35.03 24.27
CA GLY A 96 -1.23 -34.88 24.19
C GLY A 96 -0.74 -33.57 24.78
N PRO A 97 -1.04 -32.43 24.12
CA PRO A 97 -0.68 -31.12 24.66
C PRO A 97 -1.47 -30.71 25.91
N LEU A 98 -1.97 -31.70 26.66
CA LEU A 98 -2.61 -31.46 27.96
C LEU A 98 -1.76 -32.03 29.09
N VAL A 99 -1.07 -33.14 28.81
CA VAL A 99 -0.31 -33.89 29.80
C VAL A 99 0.93 -33.15 30.33
N SER A 100 1.70 -32.55 29.42
CA SER A 100 2.91 -31.80 29.79
C SER A 100 2.60 -30.47 30.49
N LYS A 101 1.34 -30.29 30.90
CA LYS A 101 0.88 -29.07 31.55
C LYS A 101 -0.11 -29.34 32.69
N VAL A 102 -0.09 -30.56 33.25
CA VAL A 102 -1.02 -30.95 34.32
C VAL A 102 -0.41 -31.90 35.37
N LYS A 103 -1.23 -32.30 36.35
CA LYS A 103 -0.81 -33.02 37.56
C LYS A 103 -0.26 -34.43 37.34
N GLU A 104 0.64 -34.86 38.23
CA GLU A 104 1.21 -36.22 38.27
C GLU A 104 0.14 -37.30 38.43
N TYR A 105 -0.79 -37.08 39.35
CA TYR A 105 -1.90 -37.99 39.60
C TYR A 105 -2.95 -37.98 38.48
N GLN A 106 -3.14 -36.82 37.84
CA GLN A 106 -4.16 -36.67 36.81
C GLN A 106 -3.81 -37.41 35.52
N VAL A 107 -2.54 -37.42 35.15
CA VAL A 107 -2.05 -38.11 33.94
C VAL A 107 -2.22 -39.63 34.06
N GLU A 108 -2.03 -40.17 35.26
CA GLU A 108 -2.28 -41.59 35.55
C GLU A 108 -3.76 -41.96 35.32
N THR A 109 -4.65 -41.06 35.74
CA THR A 109 -6.09 -41.27 35.64
C THR A 109 -6.55 -41.46 34.19
N ILE A 110 -5.95 -40.70 33.27
CA ILE A 110 -6.27 -40.78 31.84
C ILE A 110 -5.98 -42.17 31.28
N VAL A 111 -4.76 -42.66 31.50
CA VAL A 111 -4.32 -43.95 30.97
C VAL A 111 -5.28 -45.08 31.37
N ASP A 112 -5.64 -45.12 32.65
CA ASP A 112 -6.57 -46.13 33.19
C ASP A 112 -7.91 -46.17 32.44
N THR A 113 -8.31 -45.02 31.88
CA THR A 113 -9.52 -44.95 31.07
C THR A 113 -9.27 -45.58 29.70
N LEU A 114 -8.22 -45.13 29.03
CA LEU A 114 -7.91 -45.61 27.68
C LEU A 114 -7.54 -47.10 27.67
N CYS A 115 -6.81 -47.55 28.69
CA CYS A 115 -6.40 -48.94 28.82
C CYS A 115 -7.56 -49.91 29.02
N THR A 116 -8.61 -49.44 29.68
CA THR A 116 -9.84 -50.22 29.84
C THR A 116 -10.67 -50.11 28.58
N ASN A 117 -10.55 -48.98 27.89
CA ASN A 117 -11.26 -48.76 26.64
C ASN A 117 -10.69 -49.62 25.50
N MET A 118 -9.49 -50.15 25.72
CA MET A 118 -8.88 -51.14 24.80
C MET A 118 -9.72 -52.41 24.70
N LEU A 119 -10.11 -52.94 25.87
CA LEU A 119 -11.02 -54.09 25.97
C LEU A 119 -12.31 -53.80 25.21
N SER A 120 -12.90 -52.63 25.49
CA SER A 120 -13.95 -52.03 24.65
C SER A 120 -15.31 -52.71 24.68
N ASP A 121 -16.33 -51.92 24.34
CA ASP A 121 -17.65 -52.44 24.02
C ASP A 121 -17.90 -52.19 22.53
N LYS A 122 -18.15 -50.93 22.19
CA LYS A 122 -18.34 -50.53 20.80
C LYS A 122 -16.98 -50.40 20.09
N GLU A 123 -16.99 -50.59 18.77
CA GLU A 123 -15.76 -50.57 17.97
C GLU A 123 -15.22 -49.15 17.81
N GLN A 124 -16.12 -48.18 17.77
CA GLN A 124 -15.76 -46.77 17.64
C GLN A 124 -14.80 -46.33 18.75
N LEU A 125 -15.02 -46.85 19.95
CA LEU A 125 -14.18 -46.56 21.12
C LEU A 125 -12.80 -47.19 20.99
N ARG A 126 -12.74 -48.38 20.42
CA ARG A 126 -11.51 -49.17 20.34
C ARG A 126 -10.47 -48.55 19.39
N ASP A 127 -10.94 -47.80 18.40
CA ASP A 127 -10.06 -47.11 17.45
C ASP A 127 -9.57 -45.79 18.00
N ILE A 128 -10.46 -45.04 18.62
CA ILE A 128 -10.17 -43.68 19.09
C ILE A 128 -9.34 -43.66 20.37
N SER A 129 -9.49 -44.70 21.20
CA SER A 129 -8.71 -44.82 22.42
C SER A 129 -7.30 -45.29 22.12
N SER A 130 -7.17 -46.25 21.20
CA SER A 130 -5.87 -46.73 20.74
C SER A 130 -5.07 -45.60 20.09
N ILE A 131 -5.76 -44.78 19.31
CA ILE A 131 -5.17 -43.61 18.65
C ILE A 131 -4.84 -42.50 19.65
N GLY A 132 -5.65 -42.39 20.69
CA GLY A 132 -5.38 -41.47 21.79
C GLY A 132 -4.13 -41.86 22.57
N LEU A 133 -3.99 -43.16 22.83
CA LEU A 133 -2.86 -43.67 23.59
C LEU A 133 -1.53 -43.39 22.88
N LYS A 134 -1.52 -43.53 21.56
CA LYS A 134 -0.35 -43.16 20.74
C LYS A 134 -0.03 -41.67 20.90
N THR A 135 -1.07 -40.83 20.96
CA THR A 135 -0.91 -39.37 21.05
C THR A 135 -0.26 -38.98 22.37
N VAL A 136 -0.69 -39.63 23.44
CA VAL A 136 -0.10 -39.42 24.77
C VAL A 136 1.36 -39.84 24.76
N ILE A 137 1.64 -41.03 24.20
CA ILE A 137 2.98 -41.64 24.24
C ILE A 137 4.09 -40.75 23.64
N GLY A 138 3.70 -39.85 22.75
CA GLY A 138 4.62 -38.92 22.12
C GLY A 138 5.04 -37.80 23.05
N GLU A 139 4.07 -37.25 23.79
CA GLU A 139 4.29 -36.07 24.61
C GLU A 139 5.09 -36.34 25.89
N LEU A 140 5.90 -37.39 25.87
CA LEU A 140 6.77 -37.75 26.97
C LEU A 140 8.24 -37.53 26.57
N PRO A 141 8.95 -36.63 27.28
CA PRO A 141 10.33 -36.24 26.91
C PRO A 141 11.34 -37.39 27.01
N SER A 147 11.93 -37.20 31.23
CA SER A 147 12.43 -38.47 31.76
C SER A 147 11.96 -38.75 33.20
N ALA A 148 11.64 -37.69 33.93
CA ALA A 148 11.23 -37.80 35.33
C ALA A 148 9.83 -38.39 35.50
N LEU A 149 8.81 -37.62 35.12
CA LEU A 149 7.40 -38.01 35.24
C LEU A 149 7.00 -39.11 34.23
N ALA A 150 7.71 -39.17 33.10
CA ALA A 150 7.44 -40.11 32.01
C ALA A 150 7.52 -41.60 32.41
N ALA A 151 8.30 -41.89 33.46
CA ALA A 151 8.43 -43.25 33.99
C ALA A 151 7.14 -43.77 34.63
N ASN A 152 6.54 -42.93 35.49
CA ASN A 152 5.25 -43.23 36.12
C ASN A 152 4.12 -43.40 35.11
N VAL A 153 4.18 -42.61 34.04
CA VAL A 153 3.21 -42.67 32.95
C VAL A 153 3.29 -44.04 32.27
N CYS A 154 4.48 -44.40 31.81
CA CYS A 154 4.70 -45.64 31.07
C CYS A 154 4.51 -46.90 31.91
N LYS A 155 4.89 -46.85 33.19
CA LYS A 155 4.76 -48.01 34.07
C LYS A 155 3.32 -48.48 34.26
N LYS A 156 2.38 -47.53 34.28
CA LYS A 156 0.95 -47.87 34.38
C LYS A 156 0.44 -48.51 33.09
N ILE A 157 0.91 -47.98 31.96
CA ILE A 157 0.54 -48.50 30.63
C ILE A 157 1.11 -49.90 30.44
N THR A 158 2.41 -50.02 30.65
CA THR A 158 3.15 -51.27 30.43
C THR A 158 2.55 -52.42 31.23
N GLY A 159 2.06 -52.11 32.43
CA GLY A 159 1.40 -53.10 33.29
C GLY A 159 0.08 -53.61 32.73
N ARG A 160 -0.60 -52.76 31.97
CA ARG A 160 -1.89 -53.11 31.38
C ARG A 160 -1.72 -53.77 30.02
N LEU A 161 -0.75 -53.30 29.25
CA LEU A 161 -0.52 -53.87 27.92
C LEU A 161 -0.06 -55.32 27.99
N THR A 162 0.79 -55.64 28.97
CA THR A 162 1.25 -57.02 29.18
C THR A 162 0.09 -57.96 29.47
N SER A 163 -0.88 -57.49 30.26
CA SER A 163 -2.09 -58.26 30.56
C SER A 163 -3.03 -58.30 29.35
N ALA A 164 -2.91 -57.32 28.47
CA ALA A 164 -3.72 -57.25 27.24
C ALA A 164 -3.14 -58.11 26.12
N ILE A 165 -1.81 -58.24 26.08
CA ILE A 165 -1.12 -59.10 25.11
C ILE A 165 -1.42 -60.57 25.41
N ALA A 166 -1.83 -60.85 26.64
CA ALA A 166 -2.19 -62.21 27.07
C ALA A 166 -3.13 -62.90 26.08
N LYS A 167 -2.93 -64.20 25.92
CA LYS A 167 -3.48 -64.97 24.80
C LYS A 167 -5.00 -65.07 24.65
N GLN A 168 -5.75 -64.90 25.76
CA GLN A 168 -7.23 -64.98 25.74
C GLN A 168 -7.81 -64.39 24.43
N GLU A 169 -8.39 -65.28 23.62
CA GLU A 169 -8.56 -65.03 22.18
C GLU A 169 -9.29 -63.76 21.76
N ASP A 170 -8.51 -62.82 21.22
CA ASP A 170 -9.02 -61.59 20.62
C ASP A 170 -8.18 -61.20 19.41
N VAL A 171 -8.84 -61.08 18.27
CA VAL A 171 -8.18 -60.70 17.02
C VAL A 171 -7.42 -59.38 17.17
N SER A 172 -8.15 -58.26 17.21
CA SER A 172 -7.57 -56.92 17.18
C SER A 172 -7.56 -56.21 18.54
N VAL A 173 -7.63 -56.97 19.63
CA VAL A 173 -7.37 -56.44 20.97
C VAL A 173 -5.94 -56.80 21.33
N GLN A 174 -5.50 -57.96 20.85
CA GLN A 174 -4.09 -58.33 20.87
C GLN A 174 -3.30 -57.42 19.94
N LEU A 175 -3.87 -57.15 18.77
CA LEU A 175 -3.19 -56.34 17.74
C LEU A 175 -3.01 -54.89 18.17
N GLU A 176 -4.10 -54.23 18.57
CA GLU A 176 -4.05 -52.82 18.96
C GLU A 176 -3.11 -52.58 20.14
N ALA A 177 -3.03 -53.56 21.03
CA ALA A 177 -2.12 -53.52 22.18
C ALA A 177 -0.66 -53.68 21.75
N LEU A 178 -0.41 -54.66 20.88
CA LEU A 178 0.93 -54.86 20.31
C LEU A 178 1.40 -53.62 19.56
N ASP A 179 0.46 -52.88 18.98
CA ASP A 179 0.76 -51.71 18.18
C ASP A 179 1.33 -50.57 19.03
N ILE A 180 0.75 -50.36 20.21
CA ILE A 180 1.20 -49.32 21.13
C ILE A 180 2.48 -49.72 21.84
N MET A 181 2.60 -51.03 22.11
CA MET A 181 3.77 -51.64 22.74
C MET A 181 5.08 -51.30 22.00
N ALA A 182 5.03 -51.32 20.68
CA ALA A 182 6.20 -50.99 19.85
C ALA A 182 6.45 -49.48 19.85
N ASP A 183 5.36 -48.72 19.80
CA ASP A 183 5.42 -47.26 19.78
C ASP A 183 5.93 -46.68 21.10
N MET A 184 5.93 -47.52 22.14
CA MET A 184 6.43 -47.14 23.46
C MET A 184 7.92 -47.43 23.61
N LEU A 185 8.36 -48.62 23.19
CA LEU A 185 9.75 -49.05 23.36
C LEU A 185 10.74 -48.31 22.45
N SER A 186 10.23 -47.67 21.41
CA SER A 186 11.03 -46.90 20.48
C SER A 186 11.35 -45.51 21.03
N ARG A 187 10.41 -44.97 21.80
CA ARG A 187 10.58 -43.66 22.43
C ARG A 187 11.10 -43.83 23.86
N GLN A 188 10.26 -44.40 24.71
CA GLN A 188 10.60 -44.64 26.11
C GLN A 188 10.84 -46.13 26.40
N GLY A 189 11.80 -46.71 25.69
CA GLY A 189 12.25 -48.08 25.95
C GLY A 189 13.42 -48.09 26.91
N GLY A 190 14.03 -46.91 27.11
CA GLY A 190 15.14 -46.72 28.03
C GLY A 190 14.70 -46.79 29.48
N LEU A 191 13.49 -46.29 29.74
CA LEU A 191 12.81 -46.54 31.01
C LEU A 191 12.26 -47.95 30.98
N LEU A 192 11.63 -48.36 32.07
CA LEU A 192 11.07 -49.72 32.20
C LEU A 192 12.14 -50.81 32.07
N VAL A 193 13.29 -50.57 32.69
CA VAL A 193 14.38 -51.55 32.69
C VAL A 193 14.00 -52.76 33.53
N ASN A 194 13.30 -52.51 34.64
CA ASN A 194 12.77 -53.57 35.50
C ASN A 194 11.47 -54.17 34.97
N PHE A 195 11.04 -53.71 33.80
CA PHE A 195 9.88 -54.26 33.12
C PHE A 195 10.22 -55.02 31.85
N HIS A 196 11.51 -55.03 31.51
CA HIS A 196 12.00 -55.76 30.33
C HIS A 196 11.66 -57.26 30.36
N PRO A 197 12.04 -57.96 31.46
CA PRO A 197 11.74 -59.39 31.50
C PRO A 197 10.26 -59.69 31.73
N SER A 198 9.45 -58.65 31.90
CA SER A 198 7.99 -58.77 32.00
C SER A 198 7.37 -58.88 30.61
N ILE A 199 7.86 -58.05 29.69
CA ILE A 199 7.40 -58.00 28.31
C ILE A 199 7.79 -59.28 27.58
N LEU A 200 9.07 -59.63 27.64
CA LEU A 200 9.59 -60.78 26.90
C LEU A 200 8.77 -62.04 27.14
N THR A 201 8.53 -62.37 28.41
CA THR A 201 7.81 -63.59 28.78
C THR A 201 6.30 -63.50 28.53
N CYS A 202 5.89 -62.51 27.73
CA CYS A 202 4.50 -62.42 27.28
C CYS A 202 4.42 -62.26 25.76
N LEU A 203 5.57 -61.99 25.13
CA LEU A 203 5.65 -61.88 23.66
C LEU A 203 6.15 -63.17 23.01
N LEU A 204 6.84 -63.99 23.80
CA LEU A 204 7.34 -65.28 23.32
C LEU A 204 6.22 -66.24 22.89
N PRO A 205 5.16 -66.39 23.70
CA PRO A 205 4.12 -67.32 23.27
C PRO A 205 3.05 -66.70 22.36
N GLN A 206 3.38 -65.57 21.71
CA GLN A 206 2.46 -64.96 20.76
C GLN A 206 2.90 -65.19 19.32
N LEU A 207 4.09 -65.75 19.18
CA LEU A 207 4.62 -66.15 17.87
C LEU A 207 4.01 -67.48 17.43
N THR A 208 3.26 -68.11 18.33
CA THR A 208 2.49 -69.30 18.03
C THR A 208 1.01 -68.93 18.02
N SER A 209 0.67 -67.97 17.17
CA SER A 209 -0.71 -67.50 17.07
C SER A 209 -1.37 -68.02 15.79
N PRO A 210 -2.68 -68.31 15.86
CA PRO A 210 -3.43 -68.70 14.65
C PRO A 210 -3.29 -67.67 13.52
N ARG A 211 -3.51 -66.39 13.83
CA ARG A 211 -3.34 -65.32 12.85
C ARG A 211 -1.87 -65.08 12.54
N LEU A 212 -1.51 -65.15 11.26
CA LEU A 212 -0.17 -64.80 10.79
C LEU A 212 0.11 -63.33 11.10
N ALA A 213 -0.95 -62.53 11.16
CA ALA A 213 -0.88 -61.10 11.47
C ALA A 213 -0.22 -60.80 12.82
N VAL A 214 -0.66 -61.51 13.86
CA VAL A 214 -0.10 -61.34 15.21
C VAL A 214 1.41 -61.55 15.20
N ARG A 215 1.85 -62.66 14.60
CA ARG A 215 3.26 -63.05 14.54
C ARG A 215 4.14 -61.95 13.96
N LYS A 216 3.65 -61.30 12.91
CA LYS A 216 4.35 -60.21 12.24
C LYS A 216 4.33 -58.93 13.07
N ARG A 217 3.27 -58.76 13.86
CA ARG A 217 3.11 -57.59 14.73
C ARG A 217 4.00 -57.69 15.97
N THR A 218 4.18 -58.92 16.45
CA THR A 218 5.02 -59.19 17.61
C THR A 218 6.50 -59.03 17.25
N ILE A 219 6.87 -59.40 16.03
CA ILE A 219 8.23 -59.22 15.55
C ILE A 219 8.66 -57.75 15.62
N ILE A 220 7.79 -56.84 15.17
CA ILE A 220 8.06 -55.40 15.22
C ILE A 220 8.19 -54.94 16.67
N ALA A 221 7.35 -55.50 17.54
CA ALA A 221 7.41 -55.22 18.97
C ALA A 221 8.74 -55.68 19.58
N LEU A 222 9.17 -56.89 19.24
CA LEU A 222 10.46 -57.43 19.69
C LEU A 222 11.61 -56.64 19.08
N GLY A 223 11.40 -56.12 17.89
CA GLY A 223 12.38 -55.31 17.19
C GLY A 223 12.89 -54.17 18.04
N HIS A 224 11.99 -53.48 18.73
CA HIS A 224 12.36 -52.34 19.57
C HIS A 224 12.91 -52.76 20.95
N LEU A 225 12.55 -53.96 21.38
CA LEU A 225 13.00 -54.48 22.68
C LEU A 225 14.48 -54.83 22.66
N VAL A 226 14.90 -55.59 21.65
CA VAL A 226 16.29 -56.04 21.54
C VAL A 226 17.30 -54.90 21.53
N MET A 227 16.78 -53.69 21.37
CA MET A 227 17.60 -52.52 21.26
C MET A 227 17.80 -51.85 22.62
N SER A 228 16.69 -51.55 23.28
CA SER A 228 16.73 -50.77 24.50
C SER A 228 16.96 -51.61 25.77
N CYS A 229 17.09 -52.91 25.61
CA CYS A 229 17.36 -53.82 26.74
C CYS A 229 18.83 -54.18 26.84
N GLY A 230 19.18 -54.89 27.92
CA GLY A 230 20.55 -55.31 28.17
C GLY A 230 20.71 -56.82 28.24
N ASN A 231 21.84 -57.28 27.71
CA ASN A 231 22.25 -58.70 27.65
C ASN A 231 21.28 -59.75 28.20
N ILE A 232 21.05 -59.72 29.52
CA ILE A 232 20.32 -60.77 30.24
C ILE A 232 19.00 -61.16 29.59
N VAL A 233 18.30 -60.18 29.02
CA VAL A 233 17.01 -60.43 28.41
C VAL A 233 17.15 -60.66 26.89
N PHE A 234 18.25 -60.16 26.32
CA PHE A 234 18.60 -60.42 24.92
C PHE A 234 18.97 -61.89 24.75
N VAL A 235 19.70 -62.42 25.73
CA VAL A 235 20.14 -63.82 25.70
C VAL A 235 18.95 -64.77 25.84
N ASP A 236 18.01 -64.41 26.70
CA ASP A 236 16.78 -65.18 26.92
C ASP A 236 15.98 -65.35 25.64
N LEU A 237 16.01 -64.33 24.78
CA LEU A 237 15.33 -64.39 23.49
C LEU A 237 16.11 -65.31 22.55
N ILE A 238 17.36 -64.95 22.29
CA ILE A 238 18.20 -65.67 21.33
C ILE A 238 18.26 -67.18 21.60
N GLU A 239 18.38 -67.56 22.87
CA GLU A 239 18.41 -68.97 23.24
C GLU A 239 17.08 -69.66 22.99
N HIS A 240 15.99 -69.04 23.46
CA HIS A 240 14.63 -69.53 23.25
C HIS A 240 14.36 -69.72 21.76
N LEU A 241 14.75 -68.72 20.97
CA LEU A 241 14.59 -68.74 19.53
C LEU A 241 15.37 -69.91 18.91
N LEU A 242 16.59 -70.12 19.39
CA LEU A 242 17.45 -71.17 18.87
C LEU A 242 16.95 -72.56 19.25
N SER A 243 16.65 -72.75 20.53
CA SER A 243 16.25 -74.07 21.02
C SER A 243 14.94 -74.52 20.40
N GLU A 244 14.04 -73.58 20.13
CA GLU A 244 12.78 -73.89 19.47
C GLU A 244 13.01 -74.25 18.00
N LEU A 245 13.98 -73.59 17.37
CA LEU A 245 14.42 -73.93 16.02
C LEU A 245 14.97 -75.35 15.95
N SER A 246 15.69 -75.73 17.01
CA SER A 246 16.23 -77.07 17.13
C SER A 246 15.10 -78.07 17.39
N LYS A 247 14.02 -77.59 18.02
CA LYS A 247 12.84 -78.42 18.30
C LYS A 247 12.04 -78.72 17.03
N ASN A 248 12.17 -77.84 16.02
CA ASN A 248 11.53 -77.96 14.69
C ASN A 248 10.00 -77.98 14.66
N ASP A 249 9.40 -78.68 15.63
CA ASP A 249 7.97 -78.67 15.95
C ASP A 249 6.97 -78.42 14.81
N SER A 250 6.81 -77.16 14.41
CA SER A 250 5.77 -76.76 13.47
C SER A 250 6.31 -75.93 12.30
N MET A 251 5.86 -76.24 11.09
CA MET A 251 6.30 -75.59 9.85
C MET A 251 5.81 -74.14 9.74
N SER A 252 4.55 -73.90 10.12
CA SER A 252 3.94 -72.55 10.11
C SER A 252 4.64 -71.55 11.03
N THR A 253 5.30 -72.08 12.06
CA THR A 253 6.01 -71.28 13.04
C THR A 253 7.49 -71.15 12.66
N THR A 254 8.13 -72.26 12.28
CA THR A 254 9.55 -72.27 11.91
C THR A 254 9.91 -71.16 10.91
N ARG A 255 8.93 -70.76 10.08
CA ARG A 255 9.13 -69.66 9.13
C ARG A 255 9.01 -68.29 9.78
N THR A 256 8.18 -68.17 10.81
CA THR A 256 8.07 -66.95 11.61
C THR A 256 9.27 -66.86 12.57
N TYR A 257 9.72 -68.02 13.02
CA TYR A 257 10.87 -68.17 13.91
C TYR A 257 12.21 -67.85 13.24
N ILE A 258 12.25 -67.85 11.91
CA ILE A 258 13.43 -67.42 11.15
C ILE A 258 13.31 -65.94 10.82
N GLN A 259 12.09 -65.52 10.52
CA GLN A 259 11.77 -64.10 10.31
C GLN A 259 12.17 -63.26 11.52
N CYS A 260 12.18 -63.89 12.69
CA CYS A 260 12.50 -63.20 13.95
C CYS A 260 13.99 -62.94 14.10
N ILE A 261 14.82 -63.95 13.81
CA ILE A 261 16.28 -63.81 13.80
C ILE A 261 16.71 -62.73 12.79
N ALA A 262 15.85 -62.47 11.81
CA ALA A 262 16.12 -61.47 10.78
C ALA A 262 16.00 -60.05 11.31
N ALA A 263 14.80 -59.69 11.77
CA ALA A 263 14.51 -58.32 12.21
C ALA A 263 15.38 -57.87 13.38
N ILE A 264 15.86 -58.83 14.17
CA ILE A 264 16.80 -58.56 15.25
C ILE A 264 18.16 -58.11 14.68
N SER A 265 18.60 -58.73 13.59
CA SER A 265 19.85 -58.36 12.94
C SER A 265 19.80 -56.92 12.41
N ARG A 266 18.62 -56.50 11.95
CA ARG A 266 18.41 -55.12 11.49
C ARG A 266 18.51 -54.13 12.64
N GLN A 267 17.77 -54.40 13.72
CA GLN A 267 17.65 -53.49 14.87
C GLN A 267 18.89 -53.47 15.75
N ALA A 268 19.33 -54.65 16.16
CA ALA A 268 20.44 -54.78 17.09
C ALA A 268 21.78 -54.60 16.40
N GLY A 269 21.95 -55.27 15.26
CA GLY A 269 23.19 -55.18 14.49
C GLY A 269 24.36 -55.93 15.11
N HIS A 270 25.16 -55.23 15.90
CA HIS A 270 26.37 -55.80 16.48
C HIS A 270 26.09 -56.65 17.72
N ARG A 271 24.89 -56.51 18.28
CA ARG A 271 24.46 -57.31 19.43
C ARG A 271 24.35 -58.79 19.10
N ILE A 272 23.90 -59.11 17.89
CA ILE A 272 23.83 -60.49 17.43
C ILE A 272 25.22 -60.96 16.97
N GLY A 273 26.22 -60.13 17.24
CA GLY A 273 27.60 -60.42 16.88
C GLY A 273 28.14 -61.69 17.51
N GLU A 274 28.04 -61.79 18.84
CA GLU A 274 28.59 -62.95 19.59
C GLU A 274 27.88 -64.27 19.27
N TYR A 275 26.58 -64.34 19.57
CA TYR A 275 25.81 -65.57 19.37
C TYR A 275 25.47 -65.77 17.90
N LEU A 276 26.41 -66.33 17.14
CA LEU A 276 26.20 -66.55 15.70
C LEU A 276 26.87 -67.82 15.16
N GLU A 277 28.03 -68.17 15.72
CA GLU A 277 28.67 -69.44 15.41
C GLU A 277 27.75 -70.61 15.73
N LYS A 278 26.87 -70.38 16.72
CA LYS A 278 25.83 -71.34 17.10
C LYS A 278 24.60 -71.22 16.18
N ILE A 279 24.41 -70.03 15.62
CA ILE A 279 23.22 -69.70 14.80
C ILE A 279 23.35 -70.18 13.35
N ILE A 280 24.35 -69.68 12.65
CA ILE A 280 24.54 -69.93 11.21
C ILE A 280 24.44 -71.41 10.76
N PRO A 281 24.97 -72.37 11.54
CA PRO A 281 24.82 -73.77 11.16
C PRO A 281 23.37 -74.23 11.04
N LEU A 282 22.52 -73.85 12.00
CA LEU A 282 21.11 -74.24 12.00
C LEU A 282 20.30 -73.62 10.87
N VAL A 283 20.68 -72.42 10.44
CA VAL A 283 19.98 -71.75 9.35
C VAL A 283 20.44 -72.28 7.99
N VAL A 284 21.65 -72.83 7.93
CA VAL A 284 22.13 -73.54 6.73
C VAL A 284 21.34 -74.85 6.58
N LYS A 285 21.07 -75.50 7.70
CA LYS A 285 20.28 -76.74 7.76
C LYS A 285 18.81 -76.52 7.41
N PHE A 286 18.42 -75.27 7.18
CA PHE A 286 17.02 -74.96 6.89
C PHE A 286 16.74 -74.39 5.51
N CYS A 287 17.66 -73.58 5.00
CA CYS A 287 17.60 -73.15 3.60
C CYS A 287 17.93 -74.34 2.68
N ASN A 288 18.35 -75.44 3.31
CA ASN A 288 18.56 -76.72 2.64
C ASN A 288 17.21 -77.39 2.35
N VAL A 289 16.29 -77.25 3.29
CA VAL A 289 14.99 -77.94 3.30
C VAL A 289 14.03 -77.42 2.23
N ASP A 290 13.35 -78.35 1.56
CA ASP A 290 12.40 -78.08 0.50
C ASP A 290 11.23 -77.19 0.97
N ASP A 291 11.27 -75.92 0.57
CA ASP A 291 10.19 -74.96 0.86
C ASP A 291 10.43 -73.59 0.24
N ASP A 292 9.64 -73.25 -0.79
CA ASP A 292 9.61 -71.91 -1.36
C ASP A 292 9.75 -70.87 -0.26
N GLU A 293 8.81 -70.92 0.68
CA GLU A 293 8.66 -69.95 1.76
C GLU A 293 9.94 -69.79 2.57
N LEU A 294 10.26 -70.81 3.37
CA LEU A 294 11.34 -70.75 4.34
C LEU A 294 12.71 -70.44 3.73
N ARG A 295 13.00 -71.02 2.57
CA ARG A 295 14.27 -70.79 1.88
C ARG A 295 14.45 -69.33 1.52
N GLU A 296 13.35 -68.68 1.13
CA GLU A 296 13.33 -67.24 0.85
C GLU A 296 13.63 -66.42 2.10
N TYR A 297 13.10 -66.88 3.25
CA TYR A 297 13.27 -66.17 4.51
C TYR A 297 14.64 -66.41 5.15
N CYS A 298 15.37 -67.41 4.67
CA CYS A 298 16.71 -67.68 5.17
C CYS A 298 17.77 -66.89 4.45
N ILE A 299 17.60 -66.69 3.15
CA ILE A 299 18.58 -65.94 2.35
C ILE A 299 18.62 -64.48 2.76
N GLN A 300 17.45 -63.91 3.08
CA GLN A 300 17.37 -62.52 3.52
C GLN A 300 17.78 -62.32 4.99
N ALA A 301 17.72 -63.40 5.77
CA ALA A 301 18.30 -63.43 7.10
C ALA A 301 19.81 -63.51 6.97
N PHE A 302 20.27 -64.35 6.03
CA PHE A 302 21.68 -64.47 5.67
C PHE A 302 22.26 -63.15 5.17
N GLU A 303 21.41 -62.34 4.54
CA GLU A 303 21.81 -61.00 4.07
C GLU A 303 22.21 -60.11 5.26
N SER A 304 21.27 -59.88 6.17
CA SER A 304 21.51 -59.03 7.33
C SER A 304 22.43 -59.69 8.36
N PHE A 305 23.28 -60.60 7.89
CA PHE A 305 24.43 -61.07 8.66
C PHE A 305 25.72 -60.53 8.05
N VAL A 306 25.82 -60.59 6.72
CA VAL A 306 26.99 -60.08 6.00
C VAL A 306 26.82 -58.61 5.61
N ARG A 307 25.72 -58.02 6.08
CA ARG A 307 25.38 -56.62 5.80
C ARG A 307 25.61 -55.77 7.04
N ARG A 308 25.50 -56.40 8.21
CA ARG A 308 25.59 -55.69 9.50
C ARG A 308 26.76 -56.13 10.39
N CYS A 309 27.21 -57.38 10.27
CA CYS A 309 28.34 -57.87 11.08
C CYS A 309 29.47 -58.44 10.23
N PRO A 310 30.34 -57.58 9.66
CA PRO A 310 31.50 -58.08 8.91
C PRO A 310 32.47 -58.94 9.72
N LYS A 311 32.04 -59.40 10.90
CA LYS A 311 32.84 -60.29 11.73
C LYS A 311 32.78 -61.75 11.27
N GLU A 312 31.61 -62.19 10.80
CA GLU A 312 31.29 -63.62 10.64
C GLU A 312 32.07 -64.38 9.54
N VAL A 313 32.63 -63.65 8.59
CA VAL A 313 33.34 -64.22 7.42
C VAL A 313 32.99 -65.68 7.09
N TYR A 314 32.02 -65.83 6.18
CA TYR A 314 31.62 -67.13 5.63
C TYR A 314 31.37 -67.09 4.11
N PRO A 315 32.14 -67.90 3.34
CA PRO A 315 31.92 -68.10 1.90
C PRO A 315 30.77 -69.07 1.61
N HIS A 316 30.34 -69.80 2.63
CA HIS A 316 29.16 -70.66 2.58
C HIS A 316 28.00 -69.94 1.89
N VAL A 317 27.66 -68.76 2.42
CA VAL A 317 26.53 -67.95 1.95
C VAL A 317 26.61 -67.66 0.44
N SER A 318 27.81 -67.41 -0.05
CA SER A 318 28.02 -67.22 -1.48
C SER A 318 27.52 -68.44 -2.26
N THR A 319 28.06 -69.60 -1.92
CA THR A 319 27.71 -70.85 -2.61
C THR A 319 26.25 -71.26 -2.33
N ILE A 320 25.76 -70.97 -1.12
CA ILE A 320 24.38 -71.26 -0.74
C ILE A 320 23.41 -70.26 -1.39
N ILE A 321 23.94 -69.47 -2.32
CA ILE A 321 23.11 -68.59 -3.14
C ILE A 321 23.20 -69.01 -4.61
N ASN A 322 24.43 -69.25 -5.08
CA ASN A 322 24.70 -69.68 -6.47
C ASN A 322 23.79 -70.82 -6.96
N ILE A 323 23.52 -71.78 -6.06
CA ILE A 323 22.58 -72.87 -6.32
C ILE A 323 21.15 -72.35 -6.39
N CYS A 324 20.76 -71.54 -5.38
CA CYS A 324 19.39 -71.03 -5.26
C CYS A 324 19.09 -69.75 -6.05
N LEU A 325 20.08 -69.27 -6.80
CA LEU A 325 19.93 -68.10 -7.66
C LEU A 325 19.29 -68.50 -9.00
N LYS A 326 19.07 -69.80 -9.17
CA LYS A 326 18.37 -70.35 -10.32
C LYS A 326 17.54 -71.56 -9.92
N TYR A 327 16.35 -71.29 -9.39
CA TYR A 327 15.46 -72.32 -8.85
C TYR A 327 14.18 -72.45 -9.69
N LEU A 328 14.01 -71.57 -10.68
CA LEU A 328 12.87 -71.64 -11.59
C LEU A 328 12.90 -72.96 -12.36
N THR A 329 11.92 -73.82 -12.09
CA THR A 329 11.76 -75.09 -12.82
C THR A 329 11.31 -74.79 -14.25
N TYR A 330 10.03 -74.44 -14.40
CA TYR A 330 9.49 -73.88 -15.64
C TYR A 330 8.27 -73.03 -15.31
N ASP A 367 4.02 -70.44 -9.15
CA ASP A 367 4.62 -69.18 -9.59
C ASP A 367 5.30 -68.43 -8.44
N MET A 368 5.04 -68.88 -7.21
CA MET A 368 5.58 -68.27 -6.00
C MET A 368 7.11 -68.41 -5.88
N SER A 369 7.69 -69.19 -6.77
CA SER A 369 9.12 -69.52 -6.77
C SER A 369 10.08 -68.32 -6.95
N TRP A 370 9.62 -67.28 -7.64
CA TRP A 370 10.44 -66.10 -8.01
C TRP A 370 11.19 -65.40 -6.88
N LYS A 371 10.54 -65.30 -5.72
CA LYS A 371 11.01 -64.50 -4.58
C LYS A 371 12.28 -65.07 -3.93
N VAL A 372 12.49 -66.37 -4.11
CA VAL A 372 13.68 -67.06 -3.59
C VAL A 372 14.93 -66.58 -4.33
N ARG A 373 14.78 -66.29 -5.62
CA ARG A 373 15.87 -65.75 -6.41
C ARG A 373 16.21 -64.29 -6.02
N ARG A 374 15.18 -63.45 -5.93
CA ARG A 374 15.33 -62.03 -5.61
C ARG A 374 16.06 -61.82 -4.28
N ALA A 375 15.70 -62.62 -3.28
CA ALA A 375 16.33 -62.56 -1.98
C ALA A 375 17.79 -63.02 -2.03
N ALA A 376 18.07 -63.99 -2.89
CA ALA A 376 19.42 -64.50 -3.08
C ALA A 376 20.30 -63.49 -3.81
N ALA A 377 19.70 -62.76 -4.76
CA ALA A 377 20.39 -61.72 -5.49
C ALA A 377 20.74 -60.54 -4.58
N LYS A 378 19.77 -60.11 -3.76
CA LYS A 378 19.99 -59.05 -2.79
C LYS A 378 21.18 -59.34 -1.89
N CYS A 379 21.27 -60.57 -1.40
CA CYS A 379 22.34 -60.96 -0.50
C CYS A 379 23.71 -60.83 -1.15
N LEU A 380 23.88 -61.44 -2.32
CA LEU A 380 25.13 -61.30 -3.07
C LEU A 380 25.54 -59.84 -3.18
N ASP A 381 24.57 -58.99 -3.55
CA ASP A 381 24.80 -57.55 -3.67
C ASP A 381 25.29 -56.94 -2.36
N ALA A 382 24.73 -57.38 -1.24
CA ALA A 382 25.13 -56.89 0.09
C ALA A 382 26.34 -57.63 0.66
N VAL A 383 26.75 -58.70 -0.02
CA VAL A 383 27.98 -59.42 0.33
C VAL A 383 29.15 -58.82 -0.45
N VAL A 384 28.87 -58.37 -1.68
CA VAL A 384 29.87 -57.70 -2.50
C VAL A 384 30.13 -56.27 -1.99
N SER A 385 29.08 -55.62 -1.49
CA SER A 385 29.17 -54.24 -1.02
C SER A 385 30.08 -54.06 0.20
N THR A 386 30.34 -55.14 0.93
CA THR A 386 31.20 -55.06 2.12
C THR A 386 32.64 -55.51 1.82
N ARG A 387 32.79 -56.77 1.38
CA ARG A 387 34.11 -57.39 1.22
C ARG A 387 34.90 -56.90 0.00
N HIS A 388 36.14 -56.47 0.26
CA HIS A 388 37.05 -55.97 -0.78
C HIS A 388 38.17 -56.97 -1.02
N GLU A 389 38.40 -57.85 -0.06
CA GLU A 389 39.38 -58.92 -0.21
C GLU A 389 38.77 -60.13 -0.95
N MET A 390 37.45 -60.13 -1.08
CA MET A 390 36.72 -61.20 -1.78
C MET A 390 36.52 -60.89 -3.27
N LEU A 391 36.81 -59.65 -3.66
CA LEU A 391 36.73 -59.24 -5.06
C LEU A 391 37.87 -59.79 -5.91
N PRO A 392 39.13 -59.48 -5.54
CA PRO A 392 40.28 -59.57 -6.46
C PRO A 392 40.26 -60.83 -7.31
N GLU A 393 40.55 -61.96 -6.69
CA GLU A 393 40.47 -63.24 -7.38
C GLU A 393 39.01 -63.71 -7.36
N PHE A 394 38.50 -63.95 -6.14
CA PHE A 394 37.29 -64.74 -5.92
C PHE A 394 36.08 -64.31 -6.75
N TYR A 395 35.49 -63.16 -6.43
CA TYR A 395 34.25 -62.71 -7.07
C TYR A 395 34.26 -62.83 -8.59
N LYS A 396 35.25 -62.18 -9.20
CA LYS A 396 35.30 -61.99 -10.65
C LYS A 396 35.20 -63.29 -11.47
N THR A 397 35.61 -64.42 -10.89
CA THR A 397 35.51 -65.71 -11.56
C THR A 397 34.19 -66.43 -11.26
N VAL A 398 33.67 -66.23 -10.05
CA VAL A 398 32.52 -67.00 -9.58
C VAL A 398 31.15 -66.30 -9.69
N SER A 399 31.14 -64.97 -9.65
CA SER A 399 29.88 -64.22 -9.72
C SER A 399 29.49 -63.72 -11.12
N PRO A 400 30.38 -62.96 -11.82
CA PRO A 400 30.04 -62.50 -13.17
C PRO A 400 29.65 -63.63 -14.11
N ALA A 401 30.31 -64.78 -13.96
CA ALA A 401 29.96 -65.98 -14.74
C ALA A 401 28.51 -66.38 -14.53
N LEU A 402 27.92 -65.94 -13.42
CA LEU A 402 26.54 -66.27 -13.07
C LEU A 402 25.60 -65.07 -13.07
N ILE A 403 26.13 -63.91 -12.72
CA ILE A 403 25.35 -62.67 -12.74
C ILE A 403 25.00 -62.30 -14.19
N SER A 404 26.03 -62.14 -15.02
CA SER A 404 25.84 -61.84 -16.43
C SER A 404 24.98 -62.90 -17.09
N ARG A 405 25.22 -64.16 -16.71
CA ARG A 405 24.45 -65.30 -17.18
C ARG A 405 22.96 -65.07 -16.93
N PHE A 406 22.61 -64.84 -15.68
CA PHE A 406 21.21 -64.70 -15.26
C PHE A 406 20.66 -63.28 -15.47
N LYS A 407 21.13 -62.62 -16.54
CA LYS A 407 20.81 -61.22 -16.81
C LYS A 407 19.44 -61.00 -17.45
N GLU A 408 18.74 -62.07 -17.78
CA GLU A 408 17.32 -62.01 -18.16
C GLU A 408 16.52 -62.82 -17.14
N ARG A 409 15.19 -62.72 -17.20
CA ARG A 409 14.30 -63.44 -16.29
C ARG A 409 12.96 -62.71 -16.18
N GLU A 410 12.54 -62.44 -14.95
CA GLU A 410 11.41 -61.56 -14.67
C GLU A 410 12.00 -60.23 -14.19
N GLU A 411 11.35 -59.12 -14.56
CA GLU A 411 11.88 -57.76 -14.35
C GLU A 411 12.49 -57.45 -12.97
N ASN A 412 11.80 -57.84 -11.90
CA ASN A 412 12.23 -57.53 -10.54
C ASN A 412 13.49 -58.25 -10.05
N VAL A 413 13.62 -59.51 -10.41
CA VAL A 413 14.82 -60.29 -10.09
C VAL A 413 15.98 -59.80 -10.96
N LYS A 414 15.69 -59.54 -12.23
CA LYS A 414 16.65 -58.95 -13.16
C LYS A 414 17.23 -57.66 -12.60
N ALA A 415 16.35 -56.79 -12.10
CA ALA A 415 16.74 -55.49 -11.52
C ALA A 415 17.70 -55.63 -10.35
N ASP A 416 17.44 -56.60 -9.48
CA ASP A 416 18.32 -56.88 -8.34
C ASP A 416 19.60 -57.61 -8.77
N VAL A 417 19.52 -58.39 -9.83
CA VAL A 417 20.70 -59.03 -10.42
C VAL A 417 21.60 -57.95 -11.01
N PHE A 418 21.02 -57.10 -11.87
CA PHE A 418 21.72 -55.96 -12.45
C PHE A 418 22.44 -55.16 -11.35
N HIS A 419 21.64 -54.73 -10.37
CA HIS A 419 22.13 -53.99 -9.21
C HIS A 419 23.31 -54.69 -8.54
N ALA A 420 23.27 -56.03 -8.54
CA ALA A 420 24.31 -56.86 -7.92
C ALA A 420 25.62 -56.89 -8.73
N TYR A 421 25.56 -56.49 -9.99
CA TYR A 421 26.76 -56.33 -10.80
C TYR A 421 27.30 -54.92 -10.69
N LEU A 422 26.39 -53.96 -10.49
CA LEU A 422 26.78 -52.56 -10.27
C LEU A 422 27.58 -52.44 -8.99
N SER A 423 27.12 -53.09 -7.93
CA SER A 423 27.85 -53.14 -6.67
C SER A 423 29.23 -53.75 -6.86
N LEU A 424 29.30 -54.78 -7.70
CA LEU A 424 30.58 -55.41 -8.04
C LEU A 424 31.45 -54.45 -8.84
N LEU A 425 30.80 -53.66 -9.69
CA LEU A 425 31.51 -52.64 -10.47
C LEU A 425 31.85 -51.43 -9.62
N LYS A 426 30.99 -51.10 -8.65
CA LYS A 426 31.30 -50.07 -7.67
C LYS A 426 32.59 -50.44 -6.95
N GLN A 427 32.67 -51.69 -6.50
CA GLN A 427 33.77 -52.18 -5.70
C GLN A 427 35.10 -52.20 -6.47
N THR A 428 35.04 -52.31 -7.80
CA THR A 428 36.24 -52.39 -8.64
C THR A 428 36.95 -51.05 -8.87
N ARG A 429 36.38 -49.98 -8.32
CA ARG A 429 36.88 -48.60 -8.49
C ARG A 429 38.36 -48.44 -8.09
N PRO A 430 39.07 -47.49 -8.73
CA PRO A 430 40.42 -47.09 -8.29
C PRO A 430 40.49 -46.78 -6.80
N VAL A 431 41.60 -47.14 -6.16
CA VAL A 431 41.78 -46.94 -4.71
C VAL A 431 42.06 -45.48 -4.30
N GLN A 432 42.12 -44.57 -5.26
CA GLN A 432 42.40 -43.13 -5.05
C GLN A 432 43.89 -42.85 -4.85
N GLY A 444 49.93 -62.13 -10.28
CA GLY A 444 49.47 -62.09 -11.67
C GLY A 444 48.09 -61.50 -11.82
N GLU A 445 47.97 -60.53 -12.74
CA GLU A 445 46.70 -59.86 -13.07
C GLU A 445 46.19 -58.87 -12.00
N THR A 446 45.71 -57.72 -12.48
CA THR A 446 45.01 -56.75 -11.64
C THR A 446 43.51 -57.14 -11.67
N PRO A 447 42.71 -56.72 -10.66
CA PRO A 447 41.29 -57.12 -10.64
C PRO A 447 40.53 -56.75 -11.90
N LEU A 448 40.93 -55.66 -12.55
CA LEU A 448 40.25 -55.17 -13.75
C LEU A 448 40.58 -55.90 -15.05
N THR A 449 41.73 -56.59 -15.07
CA THR A 449 42.12 -57.37 -16.26
C THR A 449 41.21 -58.58 -16.44
N MET A 450 40.68 -59.10 -15.33
CA MET A 450 39.65 -60.13 -15.36
C MET A 450 38.38 -59.55 -15.96
N LEU A 451 38.04 -58.33 -15.54
CA LEU A 451 36.89 -57.58 -16.05
C LEU A 451 37.06 -57.28 -17.54
N GLN A 452 38.28 -56.94 -17.92
CA GLN A 452 38.62 -56.70 -19.31
C GLN A 452 38.30 -57.93 -20.14
N SER A 453 38.56 -59.10 -19.57
CA SER A 453 38.23 -60.38 -20.17
C SER A 453 36.72 -60.62 -20.20
N GLN A 454 36.03 -60.15 -19.17
CA GLN A 454 34.58 -60.36 -19.04
C GLN A 454 33.75 -59.47 -19.97
N VAL A 455 34.37 -58.38 -20.46
CA VAL A 455 33.68 -57.40 -21.31
C VAL A 455 32.85 -58.04 -22.45
N PRO A 456 33.46 -58.90 -23.31
CA PRO A 456 32.71 -59.47 -24.44
C PRO A 456 31.42 -60.24 -24.08
N ASN A 457 31.39 -60.90 -22.92
CA ASN A 457 30.18 -61.64 -22.51
C ASN A 457 29.04 -60.70 -22.08
N ILE A 458 29.38 -59.60 -21.43
CA ILE A 458 28.41 -58.59 -20.99
C ILE A 458 27.75 -57.91 -22.19
N VAL A 459 28.59 -57.52 -23.14
CA VAL A 459 28.13 -56.91 -24.39
C VAL A 459 27.12 -57.83 -25.09
N LYS A 460 27.49 -59.11 -25.24
CA LYS A 460 26.62 -60.13 -25.85
C LYS A 460 25.27 -60.21 -25.14
N ALA A 461 25.32 -60.22 -23.81
CA ALA A 461 24.12 -60.28 -22.97
C ALA A 461 23.23 -59.06 -23.17
N LEU A 462 23.86 -57.90 -23.28
CA LEU A 462 23.13 -56.63 -23.33
C LEU A 462 22.57 -56.25 -24.71
N HIS A 463 22.92 -57.02 -25.75
CA HIS A 463 22.28 -56.87 -27.07
C HIS A 463 20.82 -57.31 -26.97
N LYS A 464 20.58 -58.40 -26.25
CA LYS A 464 19.25 -58.94 -26.03
C LYS A 464 18.39 -58.01 -25.17
N GLN A 465 18.99 -57.43 -24.13
CA GLN A 465 18.25 -56.71 -23.10
C GLN A 465 17.84 -55.28 -23.48
N MET A 466 18.69 -54.59 -24.24
CA MET A 466 18.48 -53.18 -24.58
C MET A 466 17.33 -52.90 -25.55
N LYS A 467 16.72 -53.96 -26.07
CA LYS A 467 15.55 -53.82 -26.94
C LYS A 467 14.26 -54.23 -26.22
N GLU A 468 14.27 -54.05 -24.89
CA GLU A 468 13.16 -54.51 -24.02
C GLU A 468 12.01 -53.52 -23.94
N LYS A 469 10.80 -54.05 -23.76
CA LYS A 469 9.59 -53.26 -23.59
C LYS A 469 9.69 -52.37 -22.36
N SER A 470 10.26 -52.92 -21.29
CA SER A 470 10.29 -52.24 -20.00
C SER A 470 11.27 -51.08 -19.97
N VAL A 471 10.81 -49.99 -19.37
CA VAL A 471 11.59 -48.77 -19.21
C VAL A 471 12.68 -48.98 -18.17
N LYS A 472 12.35 -49.70 -17.10
CA LYS A 472 13.24 -49.91 -15.97
C LYS A 472 14.41 -50.85 -16.30
N THR A 473 14.13 -51.86 -17.12
CA THR A 473 15.15 -52.83 -17.53
C THR A 473 16.25 -52.16 -18.35
N ARG A 474 15.84 -51.40 -19.37
CA ARG A 474 16.77 -50.70 -20.25
C ARG A 474 17.62 -49.65 -19.52
N GLN A 475 17.04 -49.04 -18.49
CA GLN A 475 17.74 -48.06 -17.66
C GLN A 475 18.89 -48.69 -16.89
N CYS A 476 18.67 -49.91 -16.41
CA CYS A 476 19.71 -50.68 -15.72
C CYS A 476 20.82 -51.10 -16.67
N CYS A 477 20.49 -51.18 -17.96
CA CYS A 477 21.47 -51.49 -18.99
C CYS A 477 22.44 -50.34 -19.20
N PHE A 478 21.88 -49.13 -19.37
CA PHE A 478 22.69 -47.94 -19.62
C PHE A 478 23.55 -47.57 -18.40
N ASN A 479 22.97 -47.66 -17.20
CA ASN A 479 23.70 -47.42 -15.98
C ASN A 479 24.84 -48.42 -15.79
N MET A 480 24.60 -49.65 -16.25
CA MET A 480 25.61 -50.72 -16.23
C MET A 480 26.84 -50.32 -17.03
N LEU A 481 26.61 -49.84 -18.25
CA LEU A 481 27.69 -49.38 -19.11
C LEU A 481 28.34 -48.13 -18.52
N THR A 482 27.53 -47.18 -18.07
CA THR A 482 28.02 -45.89 -17.56
C THR A 482 29.06 -46.10 -16.45
N GLU A 483 28.79 -47.04 -15.55
CA GLU A 483 29.74 -47.39 -14.51
C GLU A 483 30.95 -48.12 -15.10
N LEU A 484 30.67 -49.08 -15.98
CA LEU A 484 31.72 -49.87 -16.63
C LEU A 484 32.75 -48.97 -17.32
N VAL A 485 32.26 -48.03 -18.12
CA VAL A 485 33.15 -47.16 -18.88
C VAL A 485 33.95 -46.22 -17.96
N ASN A 486 33.36 -45.83 -16.82
CA ASN A 486 34.06 -44.97 -15.88
C ASN A 486 35.18 -45.68 -15.13
N VAL A 487 34.92 -46.94 -14.78
CA VAL A 487 35.88 -47.77 -14.04
C VAL A 487 37.03 -48.22 -14.94
N LEU A 488 36.69 -48.89 -16.04
CA LEU A 488 37.67 -49.32 -17.04
C LEU A 488 37.39 -48.57 -18.36
N PRO A 489 38.05 -47.41 -18.56
CA PRO A 489 37.81 -46.62 -19.76
C PRO A 489 38.48 -47.26 -20.98
N GLY A 490 37.88 -47.09 -22.15
CA GLY A 490 38.39 -47.68 -23.37
C GLY A 490 37.96 -49.12 -23.58
N ALA A 491 37.43 -49.75 -22.54
CA ALA A 491 37.08 -51.17 -22.58
C ALA A 491 35.93 -51.49 -23.52
N LEU A 492 35.21 -50.46 -23.97
CA LEU A 492 34.17 -50.63 -24.97
C LEU A 492 34.61 -50.17 -26.36
N THR A 493 35.78 -50.62 -26.79
CA THR A 493 36.30 -50.23 -28.11
C THR A 493 35.92 -51.22 -29.21
N GLN A 494 36.28 -52.49 -29.02
CA GLN A 494 35.98 -53.53 -30.00
C GLN A 494 34.54 -54.02 -29.90
N HIS A 495 33.66 -53.18 -29.36
CA HIS A 495 32.29 -53.59 -29.03
C HIS A 495 31.23 -52.56 -29.41
N ILE A 496 31.66 -51.41 -29.92
CA ILE A 496 30.73 -50.31 -30.23
C ILE A 496 29.55 -50.67 -31.16
N PRO A 497 29.81 -51.22 -32.36
CA PRO A 497 28.74 -51.40 -33.35
C PRO A 497 27.56 -52.27 -32.91
N VAL A 498 27.80 -53.18 -31.97
CA VAL A 498 26.73 -54.03 -31.42
C VAL A 498 26.01 -53.40 -30.22
N LEU A 499 26.35 -52.13 -29.92
CA LEU A 499 25.74 -51.41 -28.80
C LEU A 499 24.89 -50.22 -29.23
N VAL A 500 25.37 -49.48 -30.23
CA VAL A 500 24.73 -48.24 -30.68
C VAL A 500 23.24 -48.40 -31.06
N PRO A 501 22.87 -49.47 -31.81
CA PRO A 501 21.44 -49.62 -32.14
C PRO A 501 20.57 -49.65 -30.89
N GLY A 502 21.08 -50.26 -29.83
CA GLY A 502 20.41 -50.30 -28.53
C GLY A 502 20.23 -48.92 -27.92
N ILE A 503 21.25 -48.07 -28.04
CA ILE A 503 21.18 -46.70 -27.55
C ILE A 503 20.15 -45.90 -28.35
N ILE A 504 20.26 -45.96 -29.67
CA ILE A 504 19.40 -45.20 -30.57
C ILE A 504 17.93 -45.59 -30.43
N PHE A 505 17.66 -46.87 -30.24
CA PHE A 505 16.30 -47.36 -29.96
C PHE A 505 15.73 -46.58 -28.77
N SER A 506 16.17 -46.94 -27.56
CA SER A 506 15.64 -46.37 -26.33
C SER A 506 15.55 -44.85 -26.39
N LEU A 507 16.46 -44.23 -27.13
CA LEU A 507 16.56 -42.78 -27.27
C LEU A 507 15.34 -42.10 -27.87
N ASN A 508 14.84 -42.64 -28.97
CA ASN A 508 13.84 -41.92 -29.77
C ASN A 508 12.45 -42.52 -29.84
N ASP A 509 12.30 -43.81 -29.58
CA ASP A 509 10.96 -44.41 -29.56
C ASP A 509 10.13 -44.06 -28.32
N LYS A 510 8.86 -43.76 -28.58
CA LYS A 510 7.84 -43.31 -27.62
C LYS A 510 7.72 -44.10 -26.30
N SER A 511 8.18 -45.35 -26.31
CA SER A 511 8.06 -46.26 -25.18
C SER A 511 8.66 -45.74 -23.87
N SER A 512 9.69 -44.89 -24.01
CA SER A 512 10.51 -44.42 -22.88
C SER A 512 9.82 -43.40 -21.95
N SER A 513 10.56 -42.98 -20.93
CA SER A 513 10.15 -41.89 -20.06
C SER A 513 11.26 -40.85 -20.09
N SER A 514 10.98 -39.65 -19.59
CA SER A 514 12.00 -38.63 -19.42
C SER A 514 13.20 -39.23 -18.68
N ASN A 515 12.87 -39.89 -17.57
CA ASN A 515 13.81 -40.58 -16.70
C ASN A 515 14.78 -41.52 -17.41
N LEU A 516 14.38 -42.07 -18.57
CA LEU A 516 15.17 -43.11 -19.24
C LEU A 516 16.13 -42.59 -20.30
N LYS A 517 15.62 -41.83 -21.25
CA LYS A 517 16.46 -41.35 -22.35
C LYS A 517 17.52 -40.37 -21.86
N ILE A 518 17.25 -39.73 -20.72
CA ILE A 518 18.21 -38.86 -20.06
C ILE A 518 19.41 -39.68 -19.54
N ASP A 519 19.16 -40.94 -19.22
CA ASP A 519 20.21 -41.89 -18.85
C ASP A 519 20.90 -42.45 -20.09
N ALA A 520 20.11 -42.66 -21.14
CA ALA A 520 20.63 -43.12 -22.43
C ALA A 520 21.56 -42.08 -23.02
N LEU A 521 21.22 -40.81 -22.86
CA LEU A 521 22.06 -39.70 -23.31
C LEU A 521 23.33 -39.61 -22.47
N SER A 522 23.18 -39.59 -21.15
CA SER A 522 24.30 -39.57 -20.22
C SER A 522 25.30 -40.66 -20.56
N CYS A 523 24.80 -41.88 -20.78
CA CYS A 523 25.65 -43.01 -21.13
C CYS A 523 26.39 -42.73 -22.44
N LEU A 524 25.68 -42.22 -23.44
CA LEU A 524 26.28 -41.91 -24.74
C LEU A 524 27.43 -40.92 -24.56
N TYR A 525 27.19 -39.89 -23.76
CA TYR A 525 28.20 -38.88 -23.43
C TYR A 525 29.44 -39.51 -22.78
N VAL A 526 29.20 -40.35 -21.77
CA VAL A 526 30.26 -41.02 -21.04
C VAL A 526 31.07 -41.96 -21.94
N ILE A 527 30.43 -42.50 -22.97
CA ILE A 527 31.15 -43.31 -23.96
C ILE A 527 32.02 -42.40 -24.82
N LEU A 528 31.39 -41.38 -25.44
CA LEU A 528 32.08 -40.47 -26.35
C LEU A 528 33.37 -39.89 -25.77
N CYS A 529 33.34 -39.56 -24.48
CA CYS A 529 34.48 -38.96 -23.79
C CYS A 529 35.66 -39.91 -23.62
N ASN A 530 35.38 -41.10 -23.08
CA ASN A 530 36.43 -42.06 -22.70
C ASN A 530 36.92 -42.99 -23.82
N HIS A 531 36.62 -42.64 -25.08
CA HIS A 531 37.08 -43.44 -26.23
C HIS A 531 37.72 -42.61 -27.33
N SER A 532 38.49 -43.30 -28.18
CA SER A 532 39.03 -42.73 -29.42
C SER A 532 37.87 -42.25 -30.30
N PRO A 533 37.93 -40.99 -30.78
CA PRO A 533 36.85 -40.45 -31.58
C PRO A 533 36.70 -41.23 -32.89
N GLN A 534 37.65 -42.12 -33.14
CA GLN A 534 37.70 -42.94 -34.34
C GLN A 534 36.65 -44.06 -34.32
N VAL A 535 36.48 -44.71 -33.17
CA VAL A 535 35.55 -45.84 -33.01
C VAL A 535 34.11 -45.50 -33.42
N PHE A 536 33.78 -44.22 -33.36
CA PHE A 536 32.41 -43.74 -33.63
C PHE A 536 32.21 -43.25 -35.06
N HIS A 537 33.31 -42.97 -35.75
CA HIS A 537 33.27 -42.44 -37.12
C HIS A 537 32.25 -43.14 -38.05
N PRO A 538 32.34 -44.48 -38.22
CA PRO A 538 31.39 -45.14 -39.13
C PRO A 538 29.95 -45.27 -38.60
N HIS A 539 29.66 -44.61 -37.48
CA HIS A 539 28.37 -44.74 -36.80
C HIS A 539 27.63 -43.42 -36.60
N VAL A 540 28.33 -42.32 -36.85
CA VAL A 540 27.78 -40.96 -36.77
C VAL A 540 26.49 -40.83 -37.61
N GLN A 541 26.25 -41.82 -38.46
CA GLN A 541 25.05 -41.88 -39.32
C GLN A 541 23.75 -42.01 -38.52
N ALA A 542 23.70 -42.99 -37.63
CA ALA A 542 22.48 -43.29 -36.86
C ALA A 542 22.43 -42.53 -35.55
N LEU A 543 23.58 -41.98 -35.15
CA LEU A 543 23.72 -41.27 -33.87
C LEU A 543 23.19 -39.83 -33.90
N VAL A 544 23.59 -39.08 -34.93
CA VAL A 544 23.21 -37.67 -35.06
C VAL A 544 21.69 -37.43 -35.15
N PRO A 545 20.96 -38.16 -36.03
CA PRO A 545 19.52 -37.94 -36.20
C PRO A 545 18.66 -37.87 -34.92
N PRO A 546 18.78 -38.86 -34.00
CA PRO A 546 17.95 -38.76 -32.79
C PRO A 546 18.51 -37.83 -31.71
N VAL A 547 19.83 -37.75 -31.58
CA VAL A 547 20.47 -36.83 -30.63
C VAL A 547 20.03 -35.39 -30.92
N VAL A 548 20.11 -35.00 -32.19
CA VAL A 548 19.67 -33.68 -32.65
C VAL A 548 18.17 -33.49 -32.42
N ALA A 549 17.41 -34.57 -32.54
CA ALA A 549 15.97 -34.54 -32.27
C ALA A 549 15.68 -34.38 -30.78
N CYS A 550 16.58 -34.90 -29.93
CA CYS A 550 16.43 -34.80 -28.48
C CYS A 550 16.69 -33.38 -27.98
N VAL A 551 17.66 -32.70 -28.57
CA VAL A 551 17.94 -31.30 -28.28
C VAL A 551 16.65 -30.48 -28.37
N GLY A 552 15.79 -30.86 -29.30
CA GLY A 552 14.52 -30.18 -29.53
C GLY A 552 13.36 -30.70 -28.70
N ASP A 553 13.67 -31.55 -27.72
CA ASP A 553 12.66 -32.07 -26.78
C ASP A 553 12.04 -30.92 -25.97
N PRO A 554 10.74 -31.05 -25.63
CA PRO A 554 10.09 -30.07 -24.75
C PRO A 554 10.74 -29.95 -23.36
N PHE A 555 10.84 -31.08 -22.66
CA PHE A 555 11.34 -31.16 -21.28
C PHE A 555 12.78 -30.67 -21.15
N TYR A 556 13.02 -29.82 -20.17
CA TYR A 556 14.29 -29.09 -20.06
C TYR A 556 15.48 -29.94 -19.64
N LYS A 557 15.24 -30.93 -18.77
CA LYS A 557 16.31 -31.79 -18.27
C LYS A 557 16.90 -32.69 -19.37
N ILE A 558 16.08 -33.04 -20.35
CA ILE A 558 16.54 -33.81 -21.50
C ILE A 558 17.35 -32.91 -22.44
N THR A 559 16.78 -31.75 -22.77
CA THR A 559 17.38 -30.81 -23.71
C THR A 559 18.84 -30.47 -23.36
N SER A 560 19.11 -30.25 -22.07
CA SER A 560 20.46 -29.91 -21.62
C SER A 560 21.41 -31.09 -21.81
N GLU A 561 20.97 -32.27 -21.37
CA GLU A 561 21.77 -33.48 -21.49
C GLU A 561 21.99 -33.91 -22.94
N ALA A 562 21.01 -33.59 -23.79
CA ALA A 562 21.16 -33.83 -25.22
C ALA A 562 22.20 -32.88 -25.81
N LEU A 563 22.20 -31.62 -25.34
CA LEU A 563 23.15 -30.59 -25.78
C LEU A 563 24.56 -30.86 -25.27
N LEU A 564 24.64 -31.51 -24.12
CA LEU A 564 25.88 -31.89 -23.49
C LEU A 564 26.51 -33.08 -24.21
N VAL A 565 25.66 -33.87 -24.87
CA VAL A 565 26.09 -34.93 -25.78
C VAL A 565 26.54 -34.34 -27.11
N THR A 566 25.71 -33.44 -27.65
CA THR A 566 25.98 -32.70 -28.86
C THR A 566 27.32 -31.95 -28.74
N GLN A 567 27.59 -31.39 -27.56
CA GLN A 567 28.86 -30.73 -27.27
C GLN A 567 30.06 -31.64 -27.53
N GLN A 568 29.93 -32.92 -27.21
CA GLN A 568 31.01 -33.89 -27.44
C GLN A 568 30.97 -34.47 -28.84
N LEU A 569 29.78 -34.55 -29.44
CA LEU A 569 29.66 -35.02 -30.82
C LEU A 569 30.52 -34.18 -31.76
N VAL A 570 30.58 -32.88 -31.47
CA VAL A 570 31.39 -31.95 -32.24
C VAL A 570 32.89 -32.25 -32.04
N LYS A 571 33.25 -32.70 -30.85
CA LYS A 571 34.62 -33.14 -30.55
C LYS A 571 34.92 -34.54 -31.10
N VAL A 572 33.93 -35.13 -31.77
CA VAL A 572 34.07 -36.45 -32.40
C VAL A 572 34.22 -36.32 -33.93
N ILE A 573 33.70 -35.23 -34.49
CA ILE A 573 33.98 -34.87 -35.88
C ILE A 573 35.24 -34.01 -35.97
N ARG A 574 35.55 -33.30 -34.87
CA ARG A 574 36.70 -32.40 -34.77
C ARG A 574 38.06 -33.07 -34.90
N PRO A 575 38.32 -34.11 -34.08
CA PRO A 575 39.67 -34.51 -33.68
C PRO A 575 40.81 -33.54 -34.07
N LEU A 576 40.91 -32.42 -33.35
CA LEU A 576 42.00 -31.45 -33.55
C LEU A 576 43.17 -31.63 -32.56
N ASP A 577 43.17 -32.75 -31.85
CA ASP A 577 44.35 -33.21 -31.12
C ASP A 577 45.26 -33.93 -32.11
N GLN A 578 44.76 -35.04 -32.65
CA GLN A 578 45.45 -35.82 -33.68
C GLN A 578 44.67 -35.80 -35.00
N PRO A 579 45.37 -35.45 -36.11
CA PRO A 579 44.71 -35.36 -37.43
C PRO A 579 43.99 -36.65 -37.83
N SER A 580 42.82 -36.51 -38.44
CA SER A 580 42.03 -37.65 -38.93
C SER A 580 41.04 -37.24 -40.01
N SER A 581 41.19 -37.83 -41.19
CA SER A 581 40.27 -37.60 -42.31
C SER A 581 38.90 -38.20 -42.03
N PHE A 582 37.93 -37.33 -41.78
CA PHE A 582 36.54 -37.74 -41.66
C PHE A 582 35.60 -36.69 -42.21
N ASP A 583 34.52 -37.15 -42.85
CA ASP A 583 33.48 -36.29 -43.40
C ASP A 583 32.77 -35.52 -42.29
N ALA A 584 32.78 -34.20 -42.41
CA ALA A 584 32.25 -33.32 -41.38
C ALA A 584 30.98 -32.60 -41.84
N THR A 585 31.02 -32.11 -43.07
CA THR A 585 30.03 -31.15 -43.58
C THR A 585 28.56 -31.59 -43.53
N PRO A 586 28.26 -32.89 -43.76
CA PRO A 586 26.85 -33.31 -43.80
C PRO A 586 26.03 -33.03 -42.53
N TYR A 587 26.71 -32.86 -41.40
CA TYR A 587 26.00 -32.73 -40.12
C TYR A 587 26.09 -31.34 -39.47
N ILE A 588 26.96 -30.48 -40.00
CA ILE A 588 27.12 -29.11 -39.50
C ILE A 588 25.86 -28.25 -39.77
N LYS A 589 25.06 -28.64 -40.75
CA LYS A 589 23.76 -28.02 -41.01
C LYS A 589 22.80 -28.31 -39.86
N ASP A 590 22.65 -29.59 -39.53
CA ASP A 590 21.69 -30.04 -38.50
C ASP A 590 22.15 -29.75 -37.06
N LEU A 591 23.45 -29.95 -36.79
CA LEU A 591 24.02 -29.74 -35.45
C LEU A 591 24.03 -28.27 -35.05
N PHE A 592 24.18 -27.40 -36.03
CA PHE A 592 24.17 -25.96 -35.78
C PHE A 592 22.77 -25.46 -35.43
N THR A 593 21.82 -25.64 -36.35
CA THR A 593 20.47 -25.06 -36.23
C THR A 593 19.77 -25.43 -34.93
N CYS A 594 19.87 -26.70 -34.54
CA CYS A 594 19.21 -27.22 -33.35
C CYS A 594 19.71 -26.55 -32.07
N THR A 595 20.95 -26.05 -32.11
CA THR A 595 21.57 -25.41 -30.96
C THR A 595 21.15 -23.94 -30.83
N ILE A 596 21.22 -23.19 -31.92
CA ILE A 596 20.86 -21.75 -31.87
C ILE A 596 19.37 -21.56 -31.55
N LYS A 597 18.54 -22.48 -32.03
CA LYS A 597 17.13 -22.49 -31.68
C LYS A 597 16.94 -22.56 -30.16
N ARG A 598 17.96 -23.07 -29.48
CA ARG A 598 17.98 -23.16 -28.01
C ARG A 598 18.78 -22.03 -27.37
N LEU A 599 19.53 -21.31 -28.19
CA LEU A 599 20.32 -20.17 -27.75
C LEU A 599 19.57 -18.87 -27.96
N LYS A 600 18.79 -18.81 -29.05
CA LYS A 600 18.01 -17.62 -29.42
C LYS A 600 16.67 -17.60 -28.68
N ALA A 601 16.44 -18.60 -27.83
CA ALA A 601 15.20 -18.71 -27.07
C ALA A 601 15.04 -17.63 -26.01
N ALA A 602 16.06 -17.49 -25.14
CA ALA A 602 16.07 -16.55 -24.00
C ALA A 602 14.83 -16.62 -23.10
N ASP A 603 14.01 -17.67 -23.30
CA ASP A 603 12.73 -17.79 -22.62
C ASP A 603 12.44 -19.21 -22.07
N ILE A 604 13.50 -19.97 -21.81
CA ILE A 604 13.39 -21.29 -21.17
C ILE A 604 14.30 -21.36 -19.94
N ASP A 605 14.41 -22.56 -19.37
CA ASP A 605 15.25 -22.79 -18.20
C ASP A 605 16.70 -22.35 -18.40
N GLN A 606 17.31 -21.85 -17.34
CA GLN A 606 18.65 -21.27 -17.41
C GLN A 606 19.77 -22.30 -17.53
N GLU A 607 19.49 -23.56 -17.20
CA GLU A 607 20.47 -24.64 -17.37
C GLU A 607 20.65 -24.97 -18.84
N VAL A 608 19.57 -24.84 -19.62
CA VAL A 608 19.62 -25.04 -21.06
C VAL A 608 20.33 -23.84 -21.70
N LYS A 609 19.97 -22.63 -21.27
CA LYS A 609 20.59 -21.40 -21.76
C LYS A 609 22.11 -21.45 -21.67
N GLU A 610 22.63 -22.03 -20.60
CA GLU A 610 24.08 -22.14 -20.38
C GLU A 610 24.70 -23.28 -21.20
N ARG A 611 24.03 -24.42 -21.23
CA ARG A 611 24.50 -25.59 -21.99
C ARG A 611 24.52 -25.32 -23.48
N ALA A 612 23.61 -24.45 -23.92
CA ALA A 612 23.58 -23.98 -25.29
C ALA A 612 24.84 -23.19 -25.62
N ILE A 613 25.30 -22.37 -24.67
CA ILE A 613 26.51 -21.57 -24.86
C ILE A 613 27.76 -22.44 -24.76
N SER A 614 27.83 -23.28 -23.73
CA SER A 614 28.94 -24.21 -23.56
C SER A 614 29.14 -25.08 -24.79
N CYS A 615 28.03 -25.42 -25.45
CA CYS A 615 28.05 -26.23 -26.67
C CYS A 615 28.42 -25.42 -27.90
N MET A 616 27.66 -24.35 -28.16
CA MET A 616 27.89 -23.51 -29.35
C MET A 616 29.33 -23.01 -29.38
N GLY A 617 29.94 -22.84 -28.21
CA GLY A 617 31.36 -22.54 -28.11
C GLY A 617 32.15 -23.58 -28.88
N GLN A 618 31.93 -24.84 -28.53
CA GLN A 618 32.65 -25.98 -29.13
C GLN A 618 32.32 -26.18 -30.61
N ILE A 619 31.13 -25.78 -31.05
CA ILE A 619 30.76 -25.87 -32.46
C ILE A 619 31.51 -24.82 -33.29
N ILE A 620 31.58 -23.59 -32.77
CA ILE A 620 32.30 -22.50 -33.44
C ILE A 620 33.81 -22.78 -33.46
N CYS A 621 34.32 -23.19 -32.31
CA CYS A 621 35.72 -23.58 -32.14
C CYS A 621 36.19 -24.60 -33.20
N ASN A 622 35.32 -25.56 -33.52
CA ASN A 622 35.67 -26.68 -34.40
C ASN A 622 35.10 -26.59 -35.81
N LEU A 623 33.80 -26.32 -35.89
CA LEU A 623 33.13 -26.24 -37.19
C LEU A 623 32.98 -24.78 -37.55
N GLY A 624 34.09 -24.16 -37.95
CA GLY A 624 34.09 -22.77 -38.35
C GLY A 624 34.25 -22.59 -39.85
N ASP A 625 35.25 -23.29 -40.40
CA ASP A 625 35.58 -23.22 -41.84
C ASP A 625 34.49 -23.80 -42.77
N ASN A 626 33.45 -24.40 -42.19
CA ASN A 626 32.34 -24.95 -42.96
C ASN A 626 31.00 -24.29 -42.60
N LEU A 627 31.07 -23.22 -41.81
CA LEU A 627 29.87 -22.51 -41.33
C LEU A 627 29.57 -21.27 -42.16
N GLY A 628 28.31 -21.10 -42.52
CA GLY A 628 27.88 -19.97 -43.37
C GLY A 628 28.06 -18.62 -42.70
N SER A 629 27.47 -17.58 -43.29
CA SER A 629 27.57 -16.22 -42.75
C SER A 629 26.78 -16.06 -41.43
N ASP A 630 26.35 -17.19 -40.87
CA ASP A 630 25.68 -17.25 -39.58
C ASP A 630 26.66 -16.90 -38.44
N LEU A 631 27.92 -17.31 -38.62
CA LEU A 631 28.96 -17.13 -37.60
C LEU A 631 29.12 -15.71 -37.04
N PRO A 632 29.37 -14.69 -37.90
CA PRO A 632 29.62 -13.34 -37.34
C PRO A 632 28.41 -12.78 -36.58
N ASN A 633 27.20 -13.08 -37.06
CA ASN A 633 25.96 -12.70 -36.37
C ASN A 633 25.74 -13.48 -35.06
N THR A 634 26.09 -14.77 -35.06
CA THR A 634 25.98 -15.60 -33.86
C THR A 634 26.99 -15.14 -32.80
N LEU A 635 28.17 -14.72 -33.27
CA LEU A 635 29.18 -14.13 -32.37
C LEU A 635 28.62 -12.96 -31.59
N GLN A 636 27.80 -12.15 -32.26
CA GLN A 636 27.13 -11.02 -31.65
C GLN A 636 26.17 -11.49 -30.54
N ILE A 637 25.61 -12.69 -30.71
CA ILE A 637 24.75 -13.31 -29.70
C ILE A 637 25.56 -13.70 -28.47
N PHE A 638 26.80 -14.15 -28.70
CA PHE A 638 27.74 -14.45 -27.61
C PHE A 638 28.11 -13.19 -26.84
N LEU A 639 28.12 -12.07 -27.54
CA LEU A 639 28.43 -10.77 -26.96
C LEU A 639 27.30 -10.31 -26.04
N GLU A 640 26.06 -10.59 -26.46
CA GLU A 640 24.86 -10.21 -25.72
C GLU A 640 24.55 -11.16 -24.57
N ARG A 641 25.03 -12.40 -24.67
CA ARG A 641 24.94 -13.35 -23.57
C ARG A 641 26.04 -13.10 -22.53
N LEU A 642 27.02 -12.29 -22.93
CA LEU A 642 28.13 -11.90 -22.06
C LEU A 642 27.69 -10.84 -21.04
N LYS A 643 26.83 -9.92 -21.47
CA LYS A 643 26.34 -8.83 -20.62
C LYS A 643 25.39 -9.33 -19.54
N ASN A 644 24.83 -10.53 -19.74
CA ASN A 644 23.85 -11.12 -18.82
C ASN A 644 24.44 -11.48 -17.47
N GLU A 645 23.68 -11.19 -16.40
CA GLU A 645 24.12 -11.43 -15.04
C GLU A 645 24.22 -12.92 -14.69
N ILE A 646 23.58 -13.76 -15.51
CA ILE A 646 23.47 -15.20 -15.20
C ILE A 646 24.41 -16.06 -16.06
N THR A 647 24.49 -15.76 -17.34
CA THR A 647 25.24 -16.61 -18.28
C THR A 647 26.71 -16.26 -18.42
N ARG A 648 27.07 -15.02 -18.03
CA ARG A 648 28.39 -14.44 -18.35
C ARG A 648 29.58 -15.40 -18.24
N LEU A 649 29.78 -15.95 -17.04
CA LEU A 649 30.91 -16.83 -16.76
C LEU A 649 31.00 -17.98 -17.77
N THR A 650 29.85 -18.60 -18.06
CA THR A 650 29.75 -19.68 -19.04
C THR A 650 30.17 -19.22 -20.43
N THR A 651 29.77 -18.01 -20.83
CA THR A 651 30.17 -17.45 -22.12
C THR A 651 31.61 -16.91 -22.11
N VAL A 652 32.12 -16.59 -20.93
CA VAL A 652 33.51 -16.13 -20.82
C VAL A 652 34.47 -17.27 -21.20
N LYS A 653 34.33 -18.41 -20.52
CA LYS A 653 35.18 -19.55 -20.86
C LYS A 653 34.76 -20.29 -22.14
N ALA A 654 33.53 -20.02 -22.61
CA ALA A 654 33.11 -20.49 -23.93
C ALA A 654 33.85 -19.69 -25.00
N LEU A 655 34.23 -18.46 -24.65
CA LEU A 655 34.92 -17.59 -25.57
C LEU A 655 36.44 -17.71 -25.40
N THR A 656 36.85 -18.18 -24.21
CA THR A 656 38.24 -18.50 -23.95
C THR A 656 38.72 -19.63 -24.87
N LEU A 657 37.83 -20.62 -25.08
CA LEU A 657 38.16 -21.80 -25.88
C LEU A 657 38.08 -21.55 -27.39
N ILE A 658 37.19 -20.64 -27.80
CA ILE A 658 37.08 -20.23 -29.20
C ILE A 658 38.33 -19.49 -29.66
N ALA A 659 38.70 -18.45 -28.90
CA ALA A 659 39.84 -17.61 -29.24
C ALA A 659 41.14 -18.41 -29.37
N GLY A 660 41.26 -19.48 -28.59
CA GLY A 660 42.45 -20.30 -28.57
C GLY A 660 42.42 -21.57 -29.41
N SER A 661 41.47 -21.64 -30.35
CA SER A 661 41.35 -22.80 -31.24
C SER A 661 42.36 -22.71 -32.38
N PRO A 662 43.04 -23.83 -32.72
CA PRO A 662 44.02 -23.87 -33.80
C PRO A 662 43.42 -23.50 -35.16
N LEU A 663 42.11 -23.67 -35.29
CA LEU A 663 41.35 -23.24 -36.47
C LEU A 663 41.11 -21.74 -36.39
N LYS A 664 42.19 -20.97 -36.54
CA LYS A 664 42.18 -19.52 -36.33
C LYS A 664 40.93 -18.85 -36.89
N ILE A 665 39.97 -18.62 -36.01
CA ILE A 665 38.69 -18.07 -36.40
C ILE A 665 38.58 -16.61 -35.97
N ASP A 666 37.93 -15.82 -36.80
CA ASP A 666 37.76 -14.38 -36.58
C ASP A 666 37.11 -14.08 -35.23
N LEU A 667 37.37 -12.89 -34.70
CA LEU A 667 36.70 -12.37 -33.51
C LEU A 667 36.71 -10.84 -33.48
N ARG A 668 37.23 -10.25 -34.57
CA ARG A 668 37.39 -8.80 -34.70
C ARG A 668 36.06 -8.03 -34.52
N PRO A 669 34.93 -8.61 -34.98
CA PRO A 669 33.66 -7.87 -34.91
C PRO A 669 33.01 -7.77 -33.53
N VAL A 670 33.54 -8.46 -32.52
CA VAL A 670 32.97 -8.39 -31.17
C VAL A 670 34.01 -8.14 -30.08
N LEU A 671 35.27 -7.98 -30.48
CA LEU A 671 36.34 -7.55 -29.59
C LEU A 671 36.23 -6.06 -29.29
N GLY A 672 35.69 -5.32 -30.26
CA GLY A 672 35.61 -3.86 -30.22
C GLY A 672 35.02 -3.36 -28.91
N GLU A 673 33.80 -3.81 -28.62
CA GLU A 673 33.13 -3.46 -27.37
C GLU A 673 33.28 -4.56 -26.31
N GLY A 674 33.67 -5.76 -26.74
CA GLY A 674 33.79 -6.92 -25.85
C GLY A 674 34.81 -6.77 -24.73
N VAL A 675 35.97 -6.21 -25.06
CA VAL A 675 37.07 -6.06 -24.10
C VAL A 675 36.71 -5.20 -22.87
N PRO A 676 36.11 -4.00 -23.08
CA PRO A 676 35.64 -3.25 -21.91
C PRO A 676 34.63 -4.02 -21.07
N ILE A 677 33.58 -4.55 -21.71
CA ILE A 677 32.56 -5.36 -21.03
C ILE A 677 33.21 -6.50 -20.24
N LEU A 678 34.34 -7.00 -20.76
CA LEU A 678 35.16 -8.01 -20.10
C LEU A 678 35.99 -7.43 -18.97
N ALA A 679 36.57 -6.24 -19.18
CA ALA A 679 37.36 -5.56 -18.17
C ALA A 679 36.49 -5.24 -16.96
N SER A 680 35.24 -4.89 -17.24
CA SER A 680 34.25 -4.58 -16.23
C SER A 680 34.12 -5.69 -15.18
N PHE A 681 34.05 -6.93 -15.64
CA PHE A 681 33.88 -8.10 -14.77
C PHE A 681 34.89 -8.16 -13.62
N LEU A 682 36.06 -7.58 -13.84
CA LEU A 682 37.18 -7.68 -12.90
C LEU A 682 36.87 -7.22 -11.47
N ARG A 683 35.94 -6.29 -11.32
CA ARG A 683 35.57 -5.76 -10.01
C ARG A 683 34.30 -6.37 -9.42
N LYS A 684 33.77 -7.42 -10.06
CA LYS A 684 32.56 -8.09 -9.56
C LYS A 684 32.79 -9.05 -8.39
N ASN A 685 34.04 -9.10 -7.91
CA ASN A 685 34.45 -9.96 -6.78
C ASN A 685 33.81 -11.36 -6.67
N GLN A 686 33.43 -11.93 -7.82
CA GLN A 686 32.92 -13.30 -7.86
C GLN A 686 34.09 -14.28 -7.73
N ARG A 687 35.31 -13.77 -7.84
CA ARG A 687 36.54 -14.56 -7.75
C ARG A 687 36.67 -15.56 -8.89
N ALA A 688 35.73 -16.50 -8.97
CA ALA A 688 35.67 -17.46 -10.05
C ALA A 688 35.57 -16.75 -11.40
N LEU A 689 34.78 -15.67 -11.44
CA LEU A 689 34.66 -14.84 -12.63
C LEU A 689 35.91 -14.00 -12.89
N LYS A 690 36.57 -13.57 -11.80
CA LYS A 690 37.83 -12.83 -11.88
C LYS A 690 38.87 -13.63 -12.66
N LEU A 691 39.10 -14.87 -12.24
CA LEU A 691 40.08 -15.76 -12.86
C LEU A 691 39.73 -16.16 -14.29
N GLY A 692 38.43 -16.29 -14.55
CA GLY A 692 37.96 -16.68 -15.87
C GLY A 692 38.14 -15.58 -16.89
N THR A 693 37.87 -14.35 -16.48
CA THR A 693 37.98 -13.20 -17.38
C THR A 693 39.41 -12.80 -17.65
N LEU A 694 40.27 -12.92 -16.64
CA LEU A 694 41.70 -12.67 -16.82
C LEU A 694 42.28 -13.62 -17.87
N SER A 695 41.96 -14.90 -17.75
CA SER A 695 42.49 -15.94 -18.63
C SER A 695 41.98 -15.83 -20.06
N ALA A 696 40.84 -15.16 -20.24
CA ALA A 696 40.30 -14.88 -21.56
C ALA A 696 40.94 -13.62 -22.14
N LEU A 697 41.19 -12.64 -21.29
CA LEU A 697 41.87 -11.39 -21.66
C LEU A 697 43.28 -11.65 -22.19
N ASP A 698 43.95 -12.65 -21.59
CA ASP A 698 45.27 -13.09 -22.00
C ASP A 698 45.22 -13.65 -23.43
N ILE A 699 44.34 -14.63 -23.65
CA ILE A 699 44.29 -15.35 -24.92
C ILE A 699 43.48 -14.61 -26.00
N LEU A 700 42.91 -13.47 -25.64
CA LEU A 700 42.27 -12.56 -26.61
C LEU A 700 43.22 -11.47 -27.10
N ILE A 701 44.13 -11.05 -26.21
CA ILE A 701 45.16 -10.04 -26.54
C ILE A 701 46.28 -10.67 -27.37
N LYS A 702 46.50 -11.96 -27.16
CA LYS A 702 47.52 -12.71 -27.88
C LYS A 702 47.15 -12.90 -29.36
N ASN A 703 46.09 -13.67 -29.60
CA ASN A 703 45.74 -14.13 -30.95
C ASN A 703 45.08 -13.10 -31.87
N TYR A 704 44.69 -11.95 -31.30
CA TYR A 704 44.08 -10.85 -32.07
C TYR A 704 44.66 -9.49 -31.67
N SER A 705 45.99 -9.39 -31.74
CA SER A 705 46.74 -8.20 -31.32
C SER A 705 46.76 -7.09 -32.38
N ASP A 706 45.76 -7.08 -33.24
CA ASP A 706 45.63 -6.05 -34.27
C ASP A 706 44.29 -5.32 -34.15
N SER A 707 43.44 -5.79 -33.25
CA SER A 707 42.12 -5.18 -33.03
C SER A 707 42.16 -4.15 -31.91
N LEU A 708 43.22 -4.17 -31.11
CA LEU A 708 43.30 -3.40 -29.88
C LEU A 708 43.52 -1.90 -30.08
N THR A 709 42.66 -1.09 -29.46
CA THR A 709 42.83 0.37 -29.45
C THR A 709 43.43 0.81 -28.11
N ALA A 710 43.90 2.05 -28.05
CA ALA A 710 44.46 2.62 -26.83
C ALA A 710 43.40 2.77 -25.73
N ALA A 711 42.15 2.95 -26.15
CA ALA A 711 41.01 3.04 -25.24
C ALA A 711 40.74 1.71 -24.55
N MET A 712 40.65 0.64 -25.35
CA MET A 712 40.44 -0.73 -24.86
C MET A 712 41.36 -1.05 -23.69
N ILE A 713 42.66 -0.82 -23.89
CA ILE A 713 43.68 -1.12 -22.91
C ILE A 713 43.49 -0.32 -21.60
N ASP A 714 43.31 1.00 -21.72
CA ASP A 714 43.17 1.88 -20.56
C ASP A 714 41.93 1.52 -19.71
N ALA A 715 41.02 0.77 -20.31
CA ALA A 715 39.86 0.25 -19.60
C ALA A 715 40.25 -0.92 -18.72
N VAL A 716 41.15 -1.78 -19.21
CA VAL A 716 41.60 -2.96 -18.49
C VAL A 716 42.59 -2.62 -17.38
N LEU A 717 43.53 -1.73 -17.69
CA LEU A 717 44.63 -1.37 -16.78
C LEU A 717 44.18 -0.66 -15.51
N ASP A 718 43.18 0.21 -15.61
CA ASP A 718 42.68 0.96 -14.46
C ASP A 718 41.77 0.11 -13.55
N GLU A 719 41.75 -1.21 -13.78
CA GLU A 719 40.95 -2.13 -12.98
C GLU A 719 41.81 -3.20 -12.30
N LEU A 720 43.06 -3.31 -12.74
CA LEU A 720 43.98 -4.35 -12.27
C LEU A 720 44.62 -4.14 -10.88
N PRO A 721 44.89 -2.88 -10.48
CA PRO A 721 45.53 -2.61 -9.18
C PRO A 721 45.03 -3.37 -7.93
N PRO A 722 43.70 -3.54 -7.75
CA PRO A 722 43.31 -4.37 -6.59
C PRO A 722 43.73 -5.85 -6.70
N LEU A 723 43.88 -6.35 -7.92
CA LEU A 723 44.24 -7.76 -8.15
C LEU A 723 45.65 -8.13 -7.70
N ILE A 724 46.60 -7.21 -7.91
CA ILE A 724 47.97 -7.40 -7.45
C ILE A 724 48.06 -7.09 -5.96
N SER A 725 48.05 -8.13 -5.13
CA SER A 725 48.15 -7.99 -3.67
C SER A 725 48.43 -9.33 -3.00
N GLU A 726 49.22 -9.29 -1.93
CA GLU A 726 49.67 -10.51 -1.22
C GLU A 726 48.52 -11.34 -0.67
N SER A 727 47.39 -10.68 -0.46
CA SER A 727 46.15 -11.35 -0.07
C SER A 727 45.95 -12.62 -0.89
N ASP A 728 45.91 -12.49 -2.21
CA ASP A 728 45.70 -13.61 -3.10
C ASP A 728 46.80 -13.74 -4.15
N MET A 729 47.73 -14.66 -3.92
CA MET A 729 48.85 -14.90 -4.83
C MET A 729 48.41 -15.32 -6.23
N HIS A 730 47.51 -16.30 -6.31
CA HIS A 730 47.12 -16.83 -7.61
C HIS A 730 46.35 -15.86 -8.49
N VAL A 731 45.48 -15.05 -7.90
CA VAL A 731 44.78 -14.01 -8.65
C VAL A 731 45.79 -13.00 -9.18
N SER A 732 46.71 -12.60 -8.31
CA SER A 732 47.76 -11.66 -8.65
C SER A 732 48.66 -12.22 -9.76
N GLN A 733 49.16 -13.44 -9.56
CA GLN A 733 50.13 -14.02 -10.50
C GLN A 733 49.54 -14.35 -11.87
N MET A 734 48.21 -14.45 -11.94
CA MET A 734 47.55 -14.61 -13.23
C MET A 734 47.52 -13.26 -13.94
N ALA A 735 47.24 -12.20 -13.17
CA ALA A 735 47.18 -10.83 -13.69
C ALA A 735 48.55 -10.30 -14.09
N ILE A 736 49.58 -10.60 -13.29
CA ILE A 736 50.94 -10.21 -13.62
C ILE A 736 51.32 -10.82 -14.97
N SER A 737 51.09 -12.13 -15.11
CA SER A 737 51.45 -12.84 -16.35
C SER A 737 50.52 -12.50 -17.51
N PHE A 738 49.42 -11.82 -17.21
CA PHE A 738 48.63 -11.15 -18.24
C PHE A 738 49.37 -9.90 -18.73
N LEU A 739 49.91 -9.12 -17.80
CA LEU A 739 50.66 -7.91 -18.13
C LEU A 739 51.92 -8.23 -18.90
N THR A 740 52.56 -9.35 -18.54
CA THR A 740 53.71 -9.85 -19.27
C THR A 740 53.36 -10.10 -20.73
N THR A 741 52.14 -10.59 -20.96
CA THR A 741 51.61 -10.81 -22.31
C THR A 741 51.39 -9.48 -23.01
N LEU A 742 50.78 -8.53 -22.29
CA LEU A 742 50.51 -7.20 -22.82
C LEU A 742 51.81 -6.55 -23.27
N ALA A 743 52.80 -6.53 -22.37
CA ALA A 743 54.09 -5.91 -22.63
C ALA A 743 54.70 -6.39 -23.94
N LYS A 744 54.68 -7.70 -24.16
CA LYS A 744 55.32 -8.30 -25.32
C LYS A 744 54.57 -8.06 -26.64
N VAL A 745 53.27 -7.76 -26.57
CA VAL A 745 52.44 -7.70 -27.79
C VAL A 745 51.84 -6.34 -28.16
N TYR A 746 51.96 -5.36 -27.26
CA TYR A 746 51.62 -3.96 -27.58
C TYR A 746 52.43 -3.00 -26.71
N PRO A 747 53.73 -2.83 -27.03
CA PRO A 747 54.67 -2.00 -26.27
C PRO A 747 54.22 -0.54 -26.10
N SER A 748 53.30 -0.12 -26.98
CA SER A 748 52.69 1.20 -26.91
C SER A 748 51.88 1.37 -25.62
N SER A 749 51.03 0.37 -25.34
CA SER A 749 50.00 0.42 -24.29
C SER A 749 50.48 0.79 -22.89
N LEU A 750 51.72 0.42 -22.57
CA LEU A 750 52.24 0.46 -21.20
C LEU A 750 52.64 1.86 -20.69
N SER A 751 52.19 2.90 -21.40
CA SER A 751 52.37 4.27 -20.98
C SER A 751 51.70 4.51 -19.61
N LYS A 752 50.96 3.52 -19.15
CA LYS A 752 49.96 3.70 -18.11
C LYS A 752 50.25 3.07 -16.74
N ILE A 753 51.11 2.06 -16.68
CA ILE A 753 51.26 1.29 -15.43
C ILE A 753 52.04 2.01 -14.33
N SER A 754 52.47 3.24 -14.60
CA SER A 754 53.23 4.03 -13.63
C SER A 754 52.40 4.48 -12.42
N GLY A 755 51.09 4.27 -12.48
CA GLY A 755 50.19 4.61 -11.38
C GLY A 755 49.49 3.42 -10.77
N SER A 756 49.73 3.20 -9.48
CA SER A 756 49.11 2.13 -8.67
C SER A 756 49.55 0.70 -9.01
N ILE A 757 49.59 0.37 -10.31
CA ILE A 757 49.95 -0.97 -10.78
C ILE A 757 51.39 -1.32 -10.37
N LEU A 758 52.35 -0.54 -10.86
CA LEU A 758 53.74 -0.65 -10.44
C LEU A 758 53.83 -0.58 -8.92
N ASN A 759 53.25 0.48 -8.36
CA ASN A 759 53.27 0.74 -6.92
C ASN A 759 52.85 -0.44 -6.07
N GLU A 760 51.89 -1.22 -6.56
CA GLU A 760 51.40 -2.38 -5.83
C GLU A 760 52.17 -3.64 -6.21
N LEU A 761 52.94 -3.57 -7.29
CA LEU A 761 53.80 -4.67 -7.69
C LEU A 761 55.01 -4.80 -6.78
N ILE A 762 55.37 -3.70 -6.12
CA ILE A 762 56.35 -3.75 -5.03
C ILE A 762 55.64 -4.17 -3.74
N GLY A 763 54.30 -4.17 -3.78
CA GLY A 763 53.49 -4.70 -2.70
C GLY A 763 53.46 -6.21 -2.68
N LEU A 764 54.18 -6.81 -3.65
CA LEU A 764 54.35 -8.25 -3.70
C LEU A 764 55.80 -8.68 -3.53
N VAL A 765 56.74 -7.82 -3.94
CA VAL A 765 58.16 -8.11 -3.79
C VAL A 765 58.55 -8.08 -2.32
N ARG A 766 58.38 -6.92 -1.68
CA ARG A 766 58.71 -6.73 -0.27
C ARG A 766 57.96 -7.70 0.63
N SER A 767 56.73 -8.02 0.23
CA SER A 767 55.88 -9.00 0.91
C SER A 767 56.62 -10.30 1.23
N PRO A 768 56.47 -10.80 2.48
CA PRO A 768 57.23 -11.96 2.94
C PRO A 768 56.59 -13.32 2.58
N LEU A 769 55.80 -13.35 1.50
CA LEU A 769 55.15 -14.59 1.06
C LEU A 769 55.19 -14.81 -0.46
N LEU A 770 56.01 -14.01 -1.15
CA LEU A 770 56.15 -14.13 -2.61
C LEU A 770 56.70 -15.50 -3.02
N GLN A 771 55.83 -16.31 -3.62
CA GLN A 771 56.15 -17.69 -3.99
C GLN A 771 57.05 -17.77 -5.24
N GLY A 772 57.92 -18.78 -5.27
CA GLY A 772 58.79 -19.05 -6.43
C GLY A 772 58.06 -19.16 -7.76
N GLY A 773 56.78 -19.54 -7.71
CA GLY A 773 55.92 -19.55 -8.90
C GLY A 773 55.54 -18.15 -9.35
N ALA A 774 54.94 -17.38 -8.44
CA ALA A 774 54.50 -16.00 -8.73
C ALA A 774 55.65 -15.02 -8.92
N LEU A 775 56.82 -15.36 -8.38
CA LEU A 775 58.04 -14.58 -8.52
C LEU A 775 58.52 -14.60 -9.97
N SER A 776 58.70 -15.81 -10.52
CA SER A 776 59.12 -16.00 -11.91
C SER A 776 58.06 -15.54 -12.91
N ALA A 777 56.83 -15.41 -12.41
CA ALA A 777 55.74 -14.83 -13.17
C ALA A 777 55.89 -13.31 -13.26
N MET A 778 56.72 -12.75 -12.39
CA MET A 778 56.95 -11.30 -12.33
C MET A 778 58.29 -10.88 -12.94
N LEU A 779 59.30 -11.74 -12.84
CA LEU A 779 60.61 -11.45 -13.44
C LEU A 779 60.47 -11.27 -14.93
N ASP A 780 59.71 -12.17 -15.57
CA ASP A 780 59.41 -12.09 -16.99
C ASP A 780 58.71 -10.77 -17.33
N PHE A 781 57.91 -10.24 -16.39
CA PHE A 781 57.24 -8.96 -16.56
C PHE A 781 58.22 -7.80 -16.66
N PHE A 782 59.19 -7.75 -15.76
CA PHE A 782 60.21 -6.72 -15.78
C PHE A 782 61.12 -6.85 -17.00
N GLN A 783 61.52 -8.09 -17.30
CA GLN A 783 62.32 -8.39 -18.49
C GLN A 783 61.67 -7.89 -19.77
N ALA A 784 60.34 -7.79 -19.77
CA ALA A 784 59.58 -7.35 -20.93
C ALA A 784 59.09 -5.91 -20.82
N LEU A 785 59.42 -5.25 -19.71
CA LEU A 785 58.99 -3.86 -19.49
C LEU A 785 60.06 -2.81 -19.79
N VAL A 786 61.30 -3.05 -19.38
CA VAL A 786 62.37 -2.10 -19.68
C VAL A 786 62.87 -2.21 -21.13
N VAL A 787 62.49 -3.28 -21.81
CA VAL A 787 62.83 -3.46 -23.23
C VAL A 787 61.97 -2.54 -24.11
N THR A 788 60.72 -2.30 -23.70
CA THR A 788 59.78 -1.42 -24.43
C THR A 788 60.18 0.06 -24.40
N GLY A 789 60.88 0.45 -23.34
CA GLY A 789 61.44 1.80 -23.22
C GLY A 789 60.39 2.86 -22.93
N THR A 790 59.34 2.46 -22.22
CA THR A 790 58.23 3.35 -21.89
C THR A 790 58.64 4.40 -20.86
N ASN A 791 58.09 5.60 -21.01
CA ASN A 791 58.39 6.74 -20.15
C ASN A 791 58.13 6.46 -18.67
N ASN A 792 59.02 6.98 -17.82
CA ASN A 792 59.05 6.73 -16.36
C ASN A 792 59.71 5.40 -15.99
N LEU A 793 59.41 4.36 -16.76
CA LEU A 793 59.85 3.01 -16.43
C LEU A 793 61.10 2.62 -17.21
N GLY A 794 62.20 3.31 -16.92
CA GLY A 794 63.51 2.99 -17.48
C GLY A 794 64.24 1.97 -16.64
N TYR A 795 65.48 1.66 -16.99
CA TYR A 795 66.26 0.70 -16.23
C TYR A 795 66.72 1.29 -14.91
N MET A 796 67.56 2.32 -14.99
CA MET A 796 68.11 2.99 -13.79
C MET A 796 66.99 3.62 -12.95
N ASP A 797 65.81 3.75 -13.56
CA ASP A 797 64.60 4.20 -12.86
C ASP A 797 64.06 3.10 -11.94
N LEU A 798 63.90 1.90 -12.48
CA LEU A 798 63.28 0.79 -11.74
C LEU A 798 64.15 0.17 -10.66
N LEU A 799 65.46 0.42 -10.73
CA LEU A 799 66.38 -0.06 -9.69
C LEU A 799 66.11 0.66 -8.38
N ARG A 800 65.78 1.95 -8.46
CA ARG A 800 65.50 2.76 -7.29
C ARG A 800 64.07 2.60 -6.76
N MET A 801 63.21 1.97 -7.56
CA MET A 801 61.86 1.61 -7.11
C MET A 801 61.89 0.31 -6.32
N LEU A 802 62.98 -0.44 -6.49
CA LEU A 802 63.20 -1.70 -5.79
C LEU A 802 64.10 -1.53 -4.56
N THR A 803 65.11 -0.68 -4.69
CA THR A 803 66.15 -0.52 -3.65
C THR A 803 65.89 0.64 -2.69
N GLY A 804 65.28 1.71 -3.19
CA GLY A 804 64.92 2.89 -2.39
C GLY A 804 64.46 2.58 -0.98
N PRO A 805 63.42 1.72 -0.83
CA PRO A 805 62.95 1.22 0.47
C PRO A 805 64.06 0.71 1.39
N VAL A 806 65.01 -0.02 0.84
CA VAL A 806 66.06 -0.67 1.64
C VAL A 806 67.29 0.24 1.88
N TYR A 807 67.15 1.50 1.49
CA TYR A 807 68.17 2.51 1.75
C TYR A 807 67.65 3.53 2.77
N SER A 808 67.34 3.06 3.98
CA SER A 808 66.81 3.90 5.06
C SER A 808 67.26 3.44 6.45
N GLN A 809 66.86 2.23 6.83
CA GLN A 809 67.10 1.70 8.18
C GLN A 809 68.56 1.30 8.40
N LYS A 816 62.03 -7.46 6.69
CA LYS A 816 62.04 -8.80 7.28
C LYS A 816 61.94 -9.95 6.26
N GLN A 817 62.96 -10.82 6.27
CA GLN A 817 63.03 -12.10 5.51
C GLN A 817 63.61 -12.04 4.09
N SER A 818 62.75 -11.90 3.08
CA SER A 818 63.16 -12.05 1.68
C SER A 818 63.71 -10.77 1.03
N TYR A 819 64.99 -10.51 1.29
CA TYR A 819 65.76 -9.54 0.53
C TYR A 819 66.16 -10.20 -0.78
N TYR A 820 66.37 -11.52 -0.71
CA TYR A 820 66.60 -12.38 -1.89
C TYR A 820 65.69 -11.99 -3.04
N SER A 821 64.39 -11.90 -2.77
CA SER A 821 63.38 -11.58 -3.77
C SER A 821 63.72 -10.32 -4.57
N ILE A 822 64.27 -9.33 -3.88
CA ILE A 822 64.63 -8.04 -4.48
C ILE A 822 65.89 -8.14 -5.34
N ALA A 823 66.70 -9.17 -5.08
CA ALA A 823 67.94 -9.38 -5.83
C ALA A 823 67.70 -10.08 -7.16
N LYS A 824 67.14 -11.29 -7.13
CA LYS A 824 66.84 -12.06 -8.35
C LYS A 824 65.79 -11.37 -9.23
N CYS A 825 65.18 -10.32 -8.69
CA CYS A 825 64.31 -9.44 -9.45
C CYS A 825 65.15 -8.38 -10.17
N VAL A 826 66.09 -7.78 -9.44
CA VAL A 826 66.97 -6.75 -10.00
C VAL A 826 67.97 -7.35 -10.99
N ALA A 827 68.23 -8.64 -10.84
CA ALA A 827 69.08 -9.39 -11.76
C ALA A 827 68.44 -9.45 -13.14
N ALA A 828 67.15 -9.79 -13.17
CA ALA A 828 66.42 -9.97 -14.43
C ALA A 828 66.36 -8.70 -15.27
N LEU A 829 66.40 -7.55 -14.59
CA LEU A 829 66.41 -6.24 -15.26
C LEU A 829 67.75 -5.97 -15.94
N THR A 830 68.83 -6.35 -15.27
CA THR A 830 70.18 -6.15 -15.78
C THR A 830 70.41 -6.91 -17.08
N ARG A 831 70.16 -8.22 -17.05
CA ARG A 831 70.32 -9.07 -18.23
C ARG A 831 69.32 -8.72 -19.34
N ALA A 832 68.32 -7.89 -19.02
CA ALA A 832 67.39 -7.38 -20.01
C ALA A 832 68.03 -6.27 -20.84
N CYS A 833 68.19 -5.09 -20.24
CA CYS A 833 68.87 -3.97 -20.90
C CYS A 833 70.22 -3.67 -20.29
N PRO A 834 71.32 -4.01 -21.01
CA PRO A 834 72.69 -3.95 -20.52
C PRO A 834 73.35 -2.56 -20.45
N LYS A 835 72.74 -1.63 -19.72
CA LYS A 835 73.49 -0.53 -19.12
C LYS A 835 73.95 -1.07 -17.75
N GLU A 836 74.68 -2.18 -17.84
CA GLU A 836 75.03 -3.03 -16.71
C GLU A 836 76.37 -2.66 -16.11
N GLY A 837 77.34 -2.35 -16.97
CA GLY A 837 78.67 -1.96 -16.56
C GLY A 837 78.67 -1.13 -15.29
N PRO A 838 78.15 0.11 -15.36
CA PRO A 838 78.06 0.99 -14.18
C PRO A 838 77.08 0.53 -13.10
N ALA A 839 75.92 -0.01 -13.49
CA ALA A 839 74.91 -0.47 -12.52
C ALA A 839 75.49 -1.47 -11.52
N VAL A 840 76.37 -2.33 -12.02
CA VAL A 840 77.12 -3.27 -11.20
C VAL A 840 78.18 -2.54 -10.36
N VAL A 841 78.75 -1.47 -10.93
CA VAL A 841 79.87 -0.73 -10.30
C VAL A 841 79.50 0.04 -9.02
N GLY A 842 78.37 0.73 -9.05
CA GLY A 842 77.88 1.45 -7.87
C GLY A 842 77.58 0.51 -6.73
N GLN A 843 77.37 -0.78 -7.07
CA GLN A 843 77.03 -1.83 -6.11
C GLN A 843 78.26 -2.35 -5.35
N PHE A 844 79.41 -2.35 -6.00
CA PHE A 844 80.66 -2.78 -5.35
C PHE A 844 81.17 -1.76 -4.33
N ILE A 845 81.32 -0.50 -4.76
CA ILE A 845 81.80 0.58 -3.89
C ILE A 845 80.84 0.78 -2.70
N GLN A 846 79.69 0.10 -2.76
CA GLN A 846 78.71 0.09 -1.66
C GLN A 846 78.99 -0.97 -0.59
N ASP A 847 79.94 -1.85 -0.87
CA ASP A 847 80.42 -2.80 0.13
C ASP A 847 81.78 -2.36 0.66
N VAL A 848 82.57 -1.74 -0.20
CA VAL A 848 83.85 -1.16 0.21
C VAL A 848 83.55 -0.04 1.21
N LYS A 849 82.56 0.80 0.89
CA LYS A 849 82.10 1.83 1.81
C LYS A 849 81.18 1.23 2.87
N ASN A 850 81.72 0.28 3.64
CA ASN A 850 80.99 -0.31 4.77
C ASN A 850 80.93 0.69 5.93
N SER A 851 81.79 1.70 5.83
CA SER A 851 81.65 2.92 6.61
C SER A 851 80.37 3.62 6.17
N ARG A 852 79.56 4.02 7.17
CA ARG A 852 78.23 4.66 6.99
C ARG A 852 77.14 3.73 6.40
N SER A 853 77.51 2.90 5.42
CA SER A 853 76.57 1.96 4.76
C SER A 853 76.30 0.71 5.61
N THR A 854 75.01 0.49 5.89
CA THR A 854 74.56 -0.57 6.82
C THR A 854 74.50 -1.94 6.15
N ASP A 855 74.37 -2.97 6.99
CA ASP A 855 74.21 -4.35 6.54
C ASP A 855 72.94 -4.51 5.70
N SER A 856 71.88 -3.79 6.09
CA SER A 856 70.64 -3.75 5.32
C SER A 856 70.89 -3.37 3.86
N ILE A 857 72.02 -2.70 3.62
CA ILE A 857 72.40 -2.21 2.29
C ILE A 857 73.52 -3.05 1.67
N ARG A 858 74.48 -3.46 2.50
CA ARG A 858 75.63 -4.24 2.03
C ARG A 858 75.18 -5.66 1.67
N LEU A 859 74.10 -6.09 2.29
CA LEU A 859 73.52 -7.42 2.09
C LEU A 859 72.85 -7.55 0.74
N LEU A 860 71.91 -6.66 0.46
CA LEU A 860 71.21 -6.64 -0.82
C LEU A 860 72.16 -6.37 -1.97
N ALA A 861 73.23 -5.64 -1.69
CA ALA A 861 74.23 -5.32 -2.69
C ALA A 861 74.95 -6.56 -3.17
N LEU A 862 75.30 -7.44 -2.23
CA LEU A 862 76.00 -8.68 -2.55
C LEU A 862 75.11 -9.67 -3.28
N LEU A 863 73.98 -10.02 -2.67
CA LEU A 863 73.05 -10.99 -3.25
C LEU A 863 72.64 -10.66 -4.67
N SER A 864 72.61 -9.36 -4.97
CA SER A 864 72.25 -8.89 -6.30
C SER A 864 73.39 -9.09 -7.29
N LEU A 865 74.63 -8.96 -6.81
CA LEU A 865 75.78 -9.22 -7.66
C LEU A 865 75.75 -10.68 -8.11
N GLY A 866 75.56 -11.57 -7.14
CA GLY A 866 75.45 -13.01 -7.41
C GLY A 866 74.37 -13.36 -8.41
N GLU A 867 73.24 -12.68 -8.32
CA GLU A 867 72.13 -12.92 -9.22
C GLU A 867 72.36 -12.34 -10.61
N VAL A 868 73.15 -11.28 -10.70
CA VAL A 868 73.50 -10.67 -11.99
C VAL A 868 74.60 -11.48 -12.65
N GLY A 869 75.66 -11.76 -11.88
CA GLY A 869 76.80 -12.50 -12.38
C GLY A 869 76.53 -13.97 -12.65
N HIS A 870 75.29 -14.39 -12.38
CA HIS A 870 74.87 -15.77 -12.63
C HIS A 870 74.69 -16.04 -14.13
N HIS A 871 74.26 -15.01 -14.85
CA HIS A 871 74.04 -15.13 -16.29
C HIS A 871 75.00 -14.26 -17.10
N ILE A 872 75.35 -13.10 -16.57
CA ILE A 872 76.36 -12.24 -17.19
C ILE A 872 77.74 -12.75 -16.77
N ASP A 873 78.76 -12.45 -17.57
CA ASP A 873 80.13 -12.86 -17.27
C ASP A 873 80.88 -11.80 -16.47
N LEU A 874 80.82 -11.91 -15.15
CA LEU A 874 81.45 -10.92 -14.28
C LEU A 874 82.83 -11.35 -13.80
N SER A 875 83.84 -11.03 -14.60
CA SER A 875 85.22 -11.25 -14.24
C SER A 875 85.96 -9.93 -14.47
N GLY A 876 85.18 -8.86 -14.48
CA GLY A 876 85.68 -7.52 -14.78
C GLY A 876 86.37 -6.87 -13.61
N GLN A 877 85.75 -5.81 -13.09
CA GLN A 877 86.29 -4.95 -12.03
C GLN A 877 86.61 -5.71 -10.74
N LEU A 878 87.88 -5.81 -10.38
CA LEU A 878 88.28 -6.59 -9.18
C LEU A 878 87.81 -5.94 -7.89
N GLU A 879 87.20 -4.77 -8.01
CA GLU A 879 86.37 -4.27 -6.93
C GLU A 879 85.24 -5.29 -6.70
N LEU A 880 85.37 -6.44 -7.35
CA LEU A 880 84.53 -7.61 -7.14
C LEU A 880 85.20 -8.55 -6.12
N LYS A 881 85.90 -9.56 -6.62
CA LYS A 881 86.38 -10.67 -5.77
C LYS A 881 86.83 -10.26 -4.36
N SER A 882 87.88 -9.45 -4.29
CA SER A 882 88.47 -9.04 -3.02
C SER A 882 87.57 -8.13 -2.16
N VAL A 883 86.42 -7.76 -2.71
CA VAL A 883 85.41 -6.98 -1.98
C VAL A 883 84.34 -7.92 -1.43
N ILE A 884 83.99 -8.95 -2.21
CA ILE A 884 83.10 -10.01 -1.75
C ILE A 884 83.79 -10.69 -0.57
N LEU A 885 85.08 -10.97 -0.75
CA LEU A 885 85.89 -11.68 0.21
C LEU A 885 86.24 -10.84 1.45
N GLU A 886 85.88 -9.56 1.41
CA GLU A 886 85.99 -8.68 2.57
C GLU A 886 84.80 -8.93 3.48
N ALA A 887 83.65 -9.22 2.87
CA ALA A 887 82.43 -9.51 3.59
C ALA A 887 82.44 -10.92 4.21
N PHE A 888 83.42 -11.73 3.84
CA PHE A 888 83.65 -13.00 4.49
C PHE A 888 84.00 -12.79 5.96
N SER A 889 84.48 -11.58 6.28
CA SER A 889 84.87 -11.21 7.64
C SER A 889 84.15 -9.92 8.07
N SER A 890 82.82 -9.96 8.04
CA SER A 890 81.99 -8.84 8.49
C SER A 890 81.45 -9.13 9.89
N PRO A 891 81.22 -8.07 10.70
CA PRO A 891 80.66 -8.33 12.03
C PRO A 891 79.35 -9.11 11.93
N SER A 892 78.52 -8.74 10.96
CA SER A 892 77.24 -9.40 10.72
C SER A 892 77.43 -10.71 9.98
N GLU A 893 76.99 -11.80 10.62
CA GLU A 893 77.04 -13.14 10.02
C GLU A 893 76.00 -13.32 8.91
N GLU A 894 74.97 -12.48 8.94
CA GLU A 894 73.99 -12.40 7.87
C GLU A 894 74.72 -12.11 6.56
N VAL A 895 75.62 -11.12 6.62
CA VAL A 895 76.39 -10.65 5.46
C VAL A 895 77.34 -11.73 4.95
N LYS A 896 78.04 -12.39 5.87
CA LYS A 896 78.97 -13.45 5.50
C LYS A 896 78.24 -14.53 4.71
N SER A 897 77.09 -14.95 5.20
CA SER A 897 76.33 -16.07 4.62
C SER A 897 75.80 -15.77 3.22
N ALA A 898 75.53 -14.49 2.94
CA ALA A 898 75.10 -14.06 1.61
C ALA A 898 76.28 -13.57 0.77
N ALA A 899 77.43 -13.37 1.40
CA ALA A 899 78.67 -13.09 0.68
C ALA A 899 79.16 -14.37 0.05
N SER A 900 78.93 -15.48 0.74
CA SER A 900 79.25 -16.80 0.25
C SER A 900 78.40 -17.14 -0.98
N TYR A 901 77.12 -16.81 -0.90
CA TYR A 901 76.21 -16.97 -2.03
C TYR A 901 76.76 -16.23 -3.23
N ALA A 902 77.08 -14.95 -3.03
CA ALA A 902 77.52 -14.07 -4.11
C ALA A 902 78.68 -14.68 -4.89
N LEU A 903 79.72 -15.11 -4.18
CA LEU A 903 80.89 -15.73 -4.80
C LEU A 903 80.48 -16.92 -5.64
N GLY A 904 79.81 -17.89 -5.00
CA GLY A 904 79.35 -19.10 -5.69
C GLY A 904 78.50 -18.84 -6.91
N SER A 905 77.57 -17.89 -6.80
CA SER A 905 76.63 -17.61 -7.88
C SER A 905 77.30 -16.88 -9.04
N ILE A 906 78.26 -16.02 -8.71
CA ILE A 906 79.03 -15.25 -9.70
C ILE A 906 79.89 -16.15 -10.58
N SER A 907 80.42 -17.20 -9.96
CA SER A 907 81.31 -18.15 -10.63
C SER A 907 80.63 -18.98 -11.72
N VAL A 908 79.33 -19.22 -11.55
CA VAL A 908 78.57 -19.99 -12.53
C VAL A 908 78.57 -19.32 -13.91
N GLY A 909 78.49 -17.99 -13.91
CA GLY A 909 78.49 -17.20 -15.16
C GLY A 909 79.75 -17.30 -16.00
N ASN A 910 80.85 -17.70 -15.37
CA ASN A 910 82.09 -17.96 -16.06
C ASN A 910 82.86 -19.02 -15.29
N LEU A 911 82.35 -20.24 -15.37
CA LEU A 911 82.86 -21.37 -14.62
C LEU A 911 84.36 -21.65 -14.84
N PRO A 912 84.80 -21.78 -16.12
CA PRO A 912 86.23 -22.00 -16.41
C PRO A 912 87.18 -21.01 -15.71
N GLU A 913 86.68 -19.82 -15.40
CA GLU A 913 87.50 -18.78 -14.79
C GLU A 913 87.57 -18.86 -13.27
N TYR A 914 86.42 -19.03 -12.62
CA TYR A 914 86.36 -18.98 -11.16
C TYR A 914 86.59 -20.30 -10.45
N LEU A 915 86.14 -21.39 -11.07
CA LEU A 915 86.15 -22.71 -10.42
C LEU A 915 87.55 -23.21 -10.02
N PRO A 916 88.56 -23.01 -10.89
CA PRO A 916 89.91 -23.40 -10.46
C PRO A 916 90.56 -22.36 -9.55
N PHE A 917 89.82 -21.28 -9.25
CA PHE A 917 90.25 -20.30 -8.25
C PHE A 917 89.70 -20.69 -6.89
N VAL A 918 88.41 -21.05 -6.85
CA VAL A 918 87.74 -21.44 -5.62
C VAL A 918 88.32 -22.75 -5.10
N LEU A 919 88.53 -23.72 -5.98
CA LEU A 919 89.20 -24.97 -5.62
C LEU A 919 90.55 -24.66 -4.99
N GLN A 920 91.25 -23.71 -5.60
CA GLN A 920 92.58 -23.28 -5.17
C GLN A 920 92.56 -22.55 -3.82
N GLU A 921 91.53 -21.74 -3.61
CA GLU A 921 91.37 -20.94 -2.39
C GLU A 921 91.11 -21.78 -1.14
N ILE A 922 90.48 -22.93 -1.32
CA ILE A 922 90.11 -23.80 -0.20
C ILE A 922 91.35 -24.40 0.50
N THR A 923 92.28 -24.94 -0.29
CA THR A 923 93.55 -25.44 0.25
C THR A 923 94.39 -24.26 0.70
N SER A 924 94.37 -23.19 -0.10
CA SER A 924 95.16 -21.97 0.11
C SER A 924 95.21 -21.48 1.55
N GLN A 925 94.06 -21.17 2.13
CA GLN A 925 94.02 -20.75 3.53
C GLN A 925 92.76 -21.20 4.27
N PRO A 926 92.95 -22.00 5.33
CA PRO A 926 91.87 -22.43 6.23
C PRO A 926 91.18 -21.27 6.94
N LYS A 927 91.81 -20.09 6.92
CA LYS A 927 91.26 -18.88 7.52
C LYS A 927 89.87 -18.51 6.98
N ARG A 928 89.50 -19.11 5.85
CA ARG A 928 88.20 -18.89 5.20
C ARG A 928 87.64 -20.21 4.67
N GLN A 929 88.24 -21.32 5.11
CA GLN A 929 87.91 -22.67 4.64
C GLN A 929 86.42 -22.97 4.56
N TYR A 930 85.70 -22.74 5.67
CA TYR A 930 84.29 -23.09 5.76
C TYR A 930 83.40 -22.32 4.79
N LEU A 931 83.44 -20.99 4.87
CA LEU A 931 82.59 -20.15 4.02
C LEU A 931 82.87 -20.33 2.53
N LEU A 932 84.12 -20.65 2.19
CA LEU A 932 84.52 -20.91 0.81
C LEU A 932 83.91 -22.20 0.27
N LEU A 933 83.95 -23.26 1.07
CA LEU A 933 83.34 -24.54 0.72
C LEU A 933 81.83 -24.40 0.55
N HIS A 934 81.26 -23.43 1.23
CA HIS A 934 79.84 -23.18 1.16
C HIS A 934 79.50 -22.35 -0.06
N SER A 935 80.52 -21.74 -0.67
CA SER A 935 80.37 -21.13 -1.98
C SER A 935 80.47 -22.21 -3.04
N LEU A 936 81.28 -23.24 -2.76
CA LEU A 936 81.49 -24.34 -3.68
C LEU A 936 80.23 -25.17 -3.84
N LYS A 937 79.50 -25.35 -2.74
CA LYS A 937 78.17 -25.97 -2.77
C LYS A 937 77.24 -25.28 -3.78
N GLU A 938 77.19 -23.93 -3.74
CA GLU A 938 76.38 -23.15 -4.66
C GLU A 938 76.92 -23.15 -6.11
N ILE A 939 78.17 -23.53 -6.30
CA ILE A 939 78.74 -23.72 -7.63
C ILE A 939 78.32 -25.07 -8.23
N ILE A 940 78.36 -26.12 -7.41
CA ILE A 940 77.82 -27.44 -7.79
C ILE A 940 76.32 -27.31 -8.02
N SER A 941 75.67 -26.60 -7.11
CA SER A 941 74.22 -26.54 -7.02
C SER A 941 73.55 -25.64 -8.05
N SER A 942 74.29 -25.15 -9.05
CA SER A 942 73.71 -24.24 -10.04
C SER A 942 74.35 -24.25 -11.43
N ALA A 943 75.47 -24.95 -11.56
CA ALA A 943 76.22 -24.93 -12.82
C ALA A 943 75.55 -25.70 -13.94
N SER A 944 75.81 -25.28 -15.17
CA SER A 944 75.42 -26.02 -16.37
C SER A 944 76.02 -27.43 -16.24
N VAL A 945 75.21 -28.45 -16.52
CA VAL A 945 75.70 -29.85 -16.43
C VAL A 945 76.62 -30.18 -17.61
N VAL A 946 76.46 -29.41 -18.69
CA VAL A 946 77.33 -29.45 -19.86
C VAL A 946 78.71 -28.86 -19.54
N GLY A 947 78.71 -27.78 -18.76
CA GLY A 947 79.94 -27.04 -18.44
C GLY A 947 80.62 -27.36 -17.12
N LEU A 948 80.00 -28.22 -16.32
CA LEU A 948 80.57 -28.62 -15.03
C LEU A 948 81.25 -29.99 -15.12
N LYS A 949 80.80 -30.81 -16.07
CA LYS A 949 81.34 -32.17 -16.25
C LYS A 949 82.87 -32.25 -16.40
N PRO A 950 83.47 -31.31 -17.18
CA PRO A 950 84.93 -31.19 -17.26
C PRO A 950 85.69 -31.14 -15.91
N TYR A 951 85.08 -30.51 -14.90
CA TYR A 951 85.75 -30.27 -13.62
C TYR A 951 85.31 -31.21 -12.49
N VAL A 952 84.53 -32.23 -12.85
CA VAL A 952 83.92 -33.16 -11.87
C VAL A 952 84.94 -33.95 -11.03
N GLU A 953 85.99 -34.46 -11.68
CA GLU A 953 87.02 -35.24 -10.99
C GLU A 953 87.92 -34.40 -10.06
N ASN A 954 88.11 -33.12 -10.42
CA ASN A 954 88.90 -32.19 -9.63
C ASN A 954 88.25 -31.86 -8.29
N ILE A 955 86.98 -31.44 -8.33
CA ILE A 955 86.18 -31.14 -7.14
C ILE A 955 86.23 -32.31 -6.16
N TRP A 956 86.02 -33.50 -6.69
CA TRP A 956 86.01 -34.75 -5.93
C TRP A 956 87.32 -34.99 -5.18
N ALA A 957 88.44 -34.67 -5.84
CA ALA A 957 89.77 -34.80 -5.24
C ALA A 957 89.99 -33.80 -4.10
N LEU A 958 89.41 -32.61 -4.26
CA LEU A 958 89.53 -31.56 -3.26
C LEU A 958 88.70 -31.88 -2.02
N LEU A 959 87.49 -32.39 -2.26
CA LEU A 959 86.57 -32.76 -1.19
C LEU A 959 87.08 -33.96 -0.37
N LEU A 960 87.69 -34.93 -1.07
CA LEU A 960 88.30 -36.10 -0.42
C LEU A 960 89.38 -35.69 0.57
N LYS A 961 90.22 -34.73 0.16
CA LYS A 961 91.28 -34.21 1.03
C LYS A 961 90.72 -33.54 2.30
N HIS A 962 89.54 -32.94 2.18
CA HIS A 962 88.96 -32.15 3.28
C HIS A 962 87.83 -32.84 4.05
N CYS A 963 88.21 -33.78 4.92
CA CYS A 963 87.34 -34.31 5.96
C CYS A 963 87.97 -33.98 7.30
N GLU A 964 88.67 -32.85 7.33
CA GLU A 964 89.34 -32.34 8.52
C GLU A 964 88.30 -31.84 9.52
N CYS A 965 88.53 -32.13 10.79
CA CYS A 965 87.62 -31.70 11.86
C CYS A 965 88.01 -30.32 12.42
N ALA A 966 88.66 -29.49 11.59
CA ALA A 966 88.94 -28.08 11.91
C ALA A 966 87.68 -27.40 12.46
N GLU A 967 86.54 -27.76 11.88
CA GLU A 967 85.21 -27.61 12.48
C GLU A 967 84.48 -28.96 12.23
N GLU A 968 83.22 -29.10 12.62
CA GLU A 968 82.46 -30.30 12.25
C GLU A 968 81.57 -30.03 11.03
N GLY A 969 81.16 -28.78 10.88
CA GLY A 969 80.41 -28.33 9.71
C GLY A 969 81.25 -28.43 8.44
N THR A 970 82.53 -28.08 8.55
CA THR A 970 83.50 -28.18 7.45
C THR A 970 83.32 -29.51 6.72
N ARG A 971 83.17 -30.57 7.51
CA ARG A 971 82.94 -31.92 6.99
C ARG A 971 81.54 -32.04 6.36
N ASN A 972 80.51 -31.70 7.12
CA ASN A 972 79.11 -31.84 6.68
C ASN A 972 78.73 -30.99 5.48
N VAL A 973 79.56 -29.98 5.17
CA VAL A 973 79.39 -29.16 3.96
C VAL A 973 80.02 -29.89 2.78
N VAL A 974 81.14 -30.55 3.02
CA VAL A 974 81.79 -31.40 2.03
C VAL A 974 80.92 -32.64 1.82
N VAL A 975 80.39 -33.17 2.92
CA VAL A 975 79.52 -34.34 2.90
C VAL A 975 78.11 -33.96 2.44
N GLU A 976 78.05 -33.24 1.33
CA GLU A 976 76.82 -32.66 0.82
C GLU A 976 77.10 -32.18 -0.59
N CYS A 977 78.32 -31.74 -0.80
CA CYS A 977 78.82 -31.52 -2.15
C CYS A 977 79.06 -32.90 -2.75
N LEU A 978 79.90 -33.71 -2.09
CA LEU A 978 80.09 -35.11 -2.46
C LEU A 978 78.75 -35.75 -2.79
N GLY A 979 77.79 -35.59 -1.88
CA GLY A 979 76.42 -36.04 -2.09
C GLY A 979 75.82 -35.51 -3.37
N LYS A 980 75.78 -34.19 -3.51
CA LYS A 980 75.22 -33.54 -4.71
C LYS A 980 76.01 -33.85 -6.00
N LEU A 981 77.26 -34.27 -5.86
CA LEU A 981 78.04 -34.71 -7.03
C LEU A 981 77.62 -36.11 -7.48
N THR A 982 77.23 -36.92 -6.49
CA THR A 982 76.73 -38.27 -6.74
C THR A 982 75.40 -38.22 -7.50
N LEU A 983 74.57 -37.24 -7.15
CA LEU A 983 73.33 -36.97 -7.89
C LEU A 983 73.59 -36.62 -9.35
N ILE A 984 74.68 -35.87 -9.58
CA ILE A 984 75.05 -35.36 -10.90
C ILE A 984 75.32 -36.48 -11.92
N ASP A 985 76.13 -37.46 -11.54
CA ASP A 985 76.17 -38.76 -12.23
C ASP A 985 76.53 -39.89 -11.25
N PRO A 986 75.64 -40.89 -11.13
CA PRO A 986 75.79 -41.93 -10.13
C PRO A 986 76.60 -43.15 -10.59
N GLU A 987 76.56 -43.45 -11.89
CA GLU A 987 77.20 -44.64 -12.44
C GLU A 987 78.66 -44.79 -12.03
N THR A 988 79.41 -43.70 -12.14
CA THR A 988 80.86 -43.72 -11.87
C THR A 988 81.20 -43.44 -10.41
N LEU A 989 80.32 -42.73 -9.71
CA LEU A 989 80.61 -42.22 -8.36
C LEU A 989 80.03 -43.04 -7.20
N LEU A 990 78.82 -43.57 -7.39
CA LEU A 990 78.15 -44.40 -6.38
C LEU A 990 79.01 -45.60 -5.93
N PRO A 991 79.59 -46.36 -6.89
CA PRO A 991 80.47 -47.44 -6.48
C PRO A 991 81.85 -46.95 -6.07
N ARG A 992 82.19 -45.74 -6.49
CA ARG A 992 83.47 -45.09 -6.12
C ARG A 992 83.49 -44.79 -4.62
N LEU A 993 82.34 -44.37 -4.08
CA LEU A 993 82.16 -44.17 -2.64
C LEU A 993 82.23 -45.50 -1.89
N LYS A 994 81.55 -46.52 -2.42
CA LYS A 994 81.63 -47.89 -1.88
C LYS A 994 83.08 -48.39 -1.89
N GLY A 995 83.89 -47.78 -2.76
CA GLY A 995 85.32 -48.06 -2.84
C GLY A 995 86.05 -47.52 -1.62
N TYR A 996 85.89 -46.22 -1.35
CA TYR A 996 86.52 -45.59 -0.19
C TYR A 996 86.01 -46.20 1.11
N LEU A 997 84.77 -46.69 1.09
CA LEU A 997 84.10 -47.26 2.25
C LEU A 997 84.76 -48.55 2.74
N ILE A 998 85.32 -49.32 1.81
CA ILE A 998 85.81 -50.67 2.10
C ILE A 998 86.74 -50.73 3.33
N SER A 999 87.59 -49.71 3.49
CA SER A 999 88.51 -49.61 4.64
C SER A 999 89.06 -48.18 4.78
N GLY A 1000 88.20 -47.27 5.23
CA GLY A 1000 88.59 -45.86 5.40
C GLY A 1000 89.15 -45.54 6.77
N SER A 1001 88.88 -44.32 7.23
CA SER A 1001 89.29 -43.88 8.57
C SER A 1001 88.06 -43.73 9.48
N SER A 1002 88.28 -43.17 10.66
CA SER A 1002 87.18 -42.91 11.59
C SER A 1002 86.28 -41.75 11.13
N TYR A 1003 86.80 -40.91 10.24
CA TYR A 1003 86.05 -39.76 9.75
C TYR A 1003 85.70 -39.84 8.26
N ALA A 1004 86.47 -40.62 7.50
CA ALA A 1004 86.23 -40.81 6.06
C ALA A 1004 85.08 -41.79 5.82
N ARG A 1005 84.94 -42.77 6.72
CA ARG A 1005 83.82 -43.70 6.71
C ARG A 1005 82.52 -43.00 7.13
N SER A 1006 82.66 -41.94 7.91
CA SER A 1006 81.52 -41.10 8.31
C SER A 1006 81.02 -40.27 7.13
N SER A 1007 81.94 -39.92 6.23
CA SER A 1007 81.65 -39.04 5.10
C SER A 1007 80.95 -39.74 3.94
N VAL A 1008 81.28 -41.01 3.74
CA VAL A 1008 80.76 -41.77 2.61
C VAL A 1008 79.28 -42.15 2.78
N VAL A 1009 78.91 -42.59 3.98
CA VAL A 1009 77.54 -43.01 4.29
C VAL A 1009 76.54 -41.84 4.36
N THR A 1010 77.02 -40.65 4.74
CA THR A 1010 76.16 -39.48 4.81
C THR A 1010 75.98 -38.87 3.42
N ALA A 1011 76.95 -39.12 2.55
CA ALA A 1011 76.87 -38.66 1.16
C ALA A 1011 75.75 -39.41 0.45
N VAL A 1012 75.68 -40.71 0.72
CA VAL A 1012 74.65 -41.56 0.13
C VAL A 1012 73.27 -41.31 0.78
N LYS A 1013 73.26 -40.56 1.87
CA LYS A 1013 72.00 -40.17 2.53
C LYS A 1013 71.33 -39.04 1.77
N PHE A 1014 72.12 -38.05 1.35
CA PHE A 1014 71.59 -36.91 0.59
C PHE A 1014 71.32 -37.27 -0.86
N THR A 1015 71.34 -38.57 -1.13
CA THR A 1015 70.94 -39.13 -2.43
C THR A 1015 69.46 -39.53 -2.36
N ILE A 1016 69.01 -39.90 -1.16
CA ILE A 1016 67.63 -40.30 -0.90
C ILE A 1016 66.68 -39.12 -1.09
N SER A 1017 65.76 -39.27 -2.03
CA SER A 1017 64.82 -38.20 -2.39
C SER A 1017 63.39 -38.55 -1.96
N ASP A 1018 62.53 -37.53 -1.93
CA ASP A 1018 61.14 -37.68 -1.51
C ASP A 1018 60.32 -38.45 -2.56
N HIS A 1019 60.17 -37.87 -3.76
CA HIS A 1019 59.56 -38.54 -4.91
C HIS A 1019 60.66 -39.26 -5.70
N PRO A 1020 60.33 -40.41 -6.34
CA PRO A 1020 61.35 -41.16 -7.09
C PRO A 1020 62.19 -40.29 -8.05
N GLN A 1021 63.51 -40.46 -7.98
CA GLN A 1021 64.46 -39.71 -8.81
C GLN A 1021 65.32 -40.65 -9.67
N PRO A 1022 65.67 -40.21 -10.90
CA PRO A 1022 66.45 -40.98 -11.87
C PRO A 1022 67.84 -41.45 -11.41
N ILE A 1023 68.10 -41.40 -10.10
CA ILE A 1023 69.33 -41.93 -9.51
C ILE A 1023 69.03 -43.24 -8.78
N ASP A 1024 67.79 -43.40 -8.33
CA ASP A 1024 67.43 -44.44 -7.36
C ASP A 1024 67.44 -45.92 -7.79
N PRO A 1025 67.38 -46.24 -9.11
CA PRO A 1025 67.51 -47.67 -9.39
C PRO A 1025 68.92 -48.17 -9.04
N LEU A 1026 69.93 -47.37 -9.38
CA LEU A 1026 71.32 -47.69 -9.08
C LEU A 1026 71.62 -47.58 -7.58
N LEU A 1027 70.73 -46.89 -6.86
CA LEU A 1027 70.83 -46.77 -5.41
C LEU A 1027 70.29 -48.03 -4.76
N LYS A 1028 69.15 -48.51 -5.25
CA LYS A 1028 68.44 -49.66 -4.67
C LYS A 1028 69.27 -50.95 -4.70
N ASN A 1029 70.39 -50.92 -5.42
CA ASN A 1029 71.37 -52.00 -5.43
C ASN A 1029 72.50 -51.74 -4.43
N CYS A 1030 72.94 -50.49 -4.34
CA CYS A 1030 74.10 -50.12 -3.51
C CYS A 1030 73.81 -49.92 -2.02
N ILE A 1031 72.56 -49.57 -1.68
CA ILE A 1031 72.20 -49.36 -0.28
C ILE A 1031 72.31 -50.65 0.56
N GLY A 1032 72.21 -51.80 -0.09
CA GLY A 1032 72.53 -53.07 0.54
C GLY A 1032 74.01 -53.10 0.90
N ASP A 1033 74.86 -52.80 -0.07
CA ASP A 1033 76.32 -52.80 0.08
C ASP A 1033 76.83 -51.81 1.14
N PHE A 1034 76.09 -50.73 1.33
CA PHE A 1034 76.43 -49.73 2.34
C PHE A 1034 76.04 -50.19 3.73
N LEU A 1035 74.73 -50.27 3.98
CA LEU A 1035 74.18 -50.63 5.29
C LEU A 1035 74.76 -51.91 5.92
N LYS A 1036 74.75 -53.00 5.13
CA LYS A 1036 75.25 -54.32 5.58
C LYS A 1036 76.66 -54.23 6.17
N THR A 1037 77.54 -53.50 5.48
CA THR A 1037 78.89 -53.24 5.97
C THR A 1037 79.01 -51.85 6.61
N LEU A 1038 77.95 -51.39 7.27
CA LEU A 1038 77.96 -50.12 7.99
C LEU A 1038 77.48 -50.21 9.43
N GLU A 1039 76.81 -51.32 9.77
CA GLU A 1039 76.35 -51.55 11.13
C GLU A 1039 77.49 -52.10 12.00
N ASP A 1040 78.51 -52.65 11.35
CA ASP A 1040 79.63 -53.29 12.05
C ASP A 1040 80.77 -52.36 12.49
N PRO A 1041 81.04 -51.26 11.74
CA PRO A 1041 81.99 -50.23 12.18
C PRO A 1041 81.67 -49.65 13.55
N ASP A 1042 82.36 -48.57 13.93
CA ASP A 1042 82.30 -48.08 15.31
C ASP A 1042 82.12 -46.58 15.45
N LEU A 1043 82.03 -46.12 16.70
CA LEU A 1043 81.86 -44.70 17.07
C LEU A 1043 80.69 -43.97 16.39
N ASN A 1044 80.92 -42.74 15.93
CA ASN A 1044 79.91 -41.92 15.27
C ASN A 1044 79.61 -42.40 13.85
N VAL A 1045 79.95 -43.64 13.55
CA VAL A 1045 79.60 -44.24 12.25
C VAL A 1045 78.21 -44.85 12.31
N ARG A 1046 77.97 -45.66 13.35
CA ARG A 1046 76.65 -46.28 13.57
C ARG A 1046 75.54 -45.25 13.66
N ARG A 1047 75.82 -44.13 14.33
CA ARG A 1047 74.87 -43.02 14.45
C ARG A 1047 74.39 -42.57 13.07
N VAL A 1048 75.34 -42.40 12.14
CA VAL A 1048 75.01 -41.99 10.78
C VAL A 1048 74.38 -43.14 10.02
N ALA A 1049 74.97 -44.33 10.13
CA ALA A 1049 74.45 -45.54 9.49
C ALA A 1049 72.97 -45.78 9.83
N LEU A 1050 72.61 -45.58 11.09
CA LEU A 1050 71.23 -45.72 11.54
C LEU A 1050 70.32 -44.56 11.10
N VAL A 1051 70.89 -43.37 10.94
CA VAL A 1051 70.15 -42.22 10.42
C VAL A 1051 69.87 -42.41 8.93
N THR A 1052 70.86 -42.94 8.22
CA THR A 1052 70.76 -43.23 6.78
C THR A 1052 69.75 -44.36 6.53
N PHE A 1053 69.64 -45.29 7.47
CA PHE A 1053 68.59 -46.31 7.40
C PHE A 1053 67.23 -45.70 7.69
N ASN A 1054 67.17 -44.88 8.75
CA ASN A 1054 65.95 -44.14 9.11
C ASN A 1054 65.40 -43.41 7.88
N SER A 1055 66.21 -42.52 7.33
CA SER A 1055 65.84 -41.71 6.18
C SER A 1055 65.31 -42.54 5.02
N ALA A 1056 65.97 -43.66 4.75
CA ALA A 1056 65.54 -44.56 3.67
C ALA A 1056 64.19 -45.22 3.98
N ALA A 1057 64.00 -45.60 5.24
CA ALA A 1057 62.76 -46.22 5.69
C ALA A 1057 61.61 -45.22 5.77
N HIS A 1058 61.95 -43.93 5.82
CA HIS A 1058 60.97 -42.85 5.99
C HIS A 1058 60.61 -42.13 4.69
N ASN A 1059 61.60 -41.90 3.84
CA ASN A 1059 61.42 -41.11 2.61
C ASN A 1059 61.03 -41.94 1.38
N LYS A 1060 61.67 -43.08 1.19
CA LYS A 1060 61.36 -43.98 0.07
C LYS A 1060 61.63 -45.45 0.45
N PRO A 1061 60.71 -46.06 1.23
CA PRO A 1061 60.92 -47.38 1.83
C PRO A 1061 61.19 -48.52 0.84
N SER A 1062 60.82 -48.33 -0.42
CA SER A 1062 61.06 -49.34 -1.46
C SER A 1062 62.54 -49.52 -1.76
N LEU A 1063 63.37 -48.95 -0.89
CA LEU A 1063 64.81 -49.15 -0.88
C LEU A 1063 65.19 -50.10 0.26
N ILE A 1064 64.27 -50.26 1.21
CA ILE A 1064 64.56 -50.98 2.44
C ILE A 1064 63.61 -52.14 2.77
N ARG A 1065 62.34 -52.04 2.38
CA ARG A 1065 61.34 -53.09 2.67
C ARG A 1065 61.80 -54.52 2.31
N ASP A 1066 62.64 -54.62 1.28
CA ASP A 1066 63.20 -55.92 0.83
C ASP A 1066 64.66 -56.13 1.26
N LEU A 1067 65.04 -55.50 2.37
CA LEU A 1067 66.37 -55.65 2.98
C LEU A 1067 66.28 -55.85 4.50
N LEU A 1068 65.04 -55.82 5.02
CA LEU A 1068 64.77 -55.84 6.46
C LEU A 1068 65.10 -57.16 7.16
N ASP A 1069 65.13 -58.27 6.41
CA ASP A 1069 65.48 -59.56 6.99
C ASP A 1069 66.92 -59.60 7.51
N THR A 1070 67.85 -59.05 6.73
CA THR A 1070 69.28 -59.07 7.09
C THR A 1070 69.66 -57.96 8.06
N VAL A 1071 68.88 -56.87 8.03
CA VAL A 1071 69.21 -55.63 8.77
C VAL A 1071 68.65 -55.62 10.20
N LEU A 1072 67.41 -56.04 10.38
CA LEU A 1072 66.76 -56.02 11.70
C LEU A 1072 67.55 -56.70 12.83
N PRO A 1073 68.24 -57.82 12.54
CA PRO A 1073 69.16 -58.39 13.54
C PRO A 1073 70.22 -57.41 14.05
N HIS A 1074 70.79 -56.61 13.14
CA HIS A 1074 71.80 -55.60 13.50
C HIS A 1074 71.18 -54.45 14.30
N LEU A 1075 69.95 -54.09 13.94
CA LEU A 1075 69.27 -52.94 14.52
C LEU A 1075 68.91 -53.17 15.98
N TYR A 1076 68.06 -54.16 16.24
CA TYR A 1076 67.62 -54.51 17.60
C TYR A 1076 68.79 -54.61 18.60
N ASN A 1077 69.97 -54.96 18.10
CA ASN A 1077 71.19 -55.01 18.92
C ASN A 1077 71.55 -53.65 19.51
N GLU A 1078 71.39 -52.61 18.70
CA GLU A 1078 71.75 -51.24 19.08
C GLU A 1078 70.70 -50.62 20.01
N THR A 1079 69.75 -51.44 20.45
CA THR A 1079 68.66 -51.04 21.31
C THR A 1079 68.95 -51.41 22.77
N LYS A 1080 69.90 -52.31 22.98
CA LYS A 1080 70.32 -52.68 24.33
C LYS A 1080 71.43 -51.77 24.84
N VAL A 1081 71.41 -51.53 26.15
CA VAL A 1081 72.36 -50.63 26.81
C VAL A 1081 73.77 -51.23 26.77
N ARG A 1082 74.69 -50.54 26.09
CA ARG A 1082 76.08 -50.97 26.02
C ARG A 1082 76.76 -50.70 27.35
N LYS A 1083 77.09 -51.78 28.07
CA LYS A 1083 77.65 -51.69 29.42
C LYS A 1083 79.10 -51.19 29.45
N GLU A 1084 79.83 -51.43 28.37
CA GLU A 1084 81.22 -50.98 28.24
C GLU A 1084 81.31 -49.46 28.06
N LEU A 1085 80.29 -48.86 27.45
CA LEU A 1085 80.33 -47.45 27.09
C LEU A 1085 79.83 -46.49 28.18
N ILE A 1086 79.35 -47.02 29.29
CA ILE A 1086 79.07 -46.20 30.47
C ILE A 1086 80.39 -45.90 31.18
N ARG A 1087 80.70 -44.60 31.31
CA ARG A 1087 81.93 -44.18 32.00
C ARG A 1087 81.66 -43.16 33.09
N GLU A 1088 82.39 -43.31 34.20
CA GLU A 1088 82.34 -42.37 35.32
C GLU A 1088 83.27 -41.20 35.05
N VAL A 1089 82.71 -40.00 34.93
CA VAL A 1089 83.52 -38.78 34.79
C VAL A 1089 82.98 -37.70 35.71
N GLU A 1090 82.93 -38.03 37.00
CA GLU A 1090 82.39 -37.14 38.03
C GLU A 1090 83.15 -35.81 38.10
N MET A 1091 82.38 -34.74 38.29
CA MET A 1091 82.95 -33.40 38.37
C MET A 1091 83.74 -33.21 39.67
N GLY A 1092 83.04 -33.00 40.78
CA GLY A 1092 83.70 -32.82 42.07
C GLY A 1092 83.10 -33.68 43.17
N PRO A 1093 82.49 -33.05 44.18
CA PRO A 1093 81.85 -33.75 45.30
C PRO A 1093 80.71 -34.66 44.84
N PHE A 1094 79.81 -34.13 44.01
CA PHE A 1094 78.71 -34.92 43.44
C PHE A 1094 79.28 -35.83 42.34
N LYS A 1095 78.70 -37.02 42.22
CA LYS A 1095 79.17 -38.05 41.27
C LYS A 1095 78.28 -38.12 40.03
N HIS A 1096 78.88 -38.33 38.86
CA HIS A 1096 78.12 -38.32 37.60
C HIS A 1096 78.54 -39.41 36.61
N THR A 1097 77.53 -40.02 35.98
CA THR A 1097 77.72 -41.14 35.05
C THR A 1097 77.21 -40.77 33.66
N VAL A 1098 78.09 -40.79 32.66
CA VAL A 1098 77.71 -40.50 31.27
C VAL A 1098 77.67 -41.75 30.39
N ASP A 1099 76.76 -41.73 29.42
CA ASP A 1099 76.53 -42.86 28.53
C ASP A 1099 76.89 -42.47 27.11
N ASP A 1100 78.00 -43.02 26.60
CA ASP A 1100 78.47 -42.71 25.25
C ASP A 1100 77.56 -43.29 24.18
N GLY A 1101 77.12 -44.53 24.37
CA GLY A 1101 76.23 -45.20 23.43
C GLY A 1101 74.78 -44.81 23.61
N LEU A 1102 74.54 -43.54 23.87
CA LEU A 1102 73.19 -43.02 24.05
C LEU A 1102 72.60 -42.62 22.72
N ASP A 1103 73.39 -41.90 21.93
CA ASP A 1103 72.90 -41.36 20.66
C ASP A 1103 72.82 -42.40 19.54
N ILE A 1104 73.54 -43.51 19.69
CA ILE A 1104 73.38 -44.65 18.76
C ILE A 1104 72.13 -45.45 19.13
N ARG A 1105 71.75 -45.38 20.40
CA ARG A 1105 70.55 -46.02 20.90
C ARG A 1105 69.34 -45.13 20.62
N LYS A 1106 69.50 -43.82 20.89
CA LYS A 1106 68.45 -42.83 20.66
C LYS A 1106 68.12 -42.70 19.17
N ALA A 1107 69.07 -43.09 18.31
CA ALA A 1107 68.86 -43.12 16.86
C ALA A 1107 68.22 -44.43 16.40
N ALA A 1108 68.64 -45.53 17.03
CA ALA A 1108 68.10 -46.86 16.72
C ALA A 1108 66.63 -46.96 17.09
N PHE A 1109 66.24 -46.26 18.16
CA PHE A 1109 64.86 -46.24 18.60
C PHE A 1109 63.96 -45.45 17.66
N GLU A 1110 64.53 -44.44 17.03
CA GLU A 1110 63.77 -43.60 16.10
C GLU A 1110 63.59 -44.30 14.75
N CYS A 1111 64.22 -45.48 14.61
CA CYS A 1111 64.02 -46.34 13.47
C CYS A 1111 62.80 -47.23 13.67
N MET A 1112 62.67 -47.78 14.87
CA MET A 1112 61.50 -48.59 15.23
C MET A 1112 60.19 -47.77 15.18
N TYR A 1113 60.29 -46.46 15.31
CA TYR A 1113 59.14 -45.58 15.13
C TYR A 1113 58.88 -45.41 13.65
N THR A 1114 59.96 -45.25 12.88
CA THR A 1114 59.89 -45.06 11.44
C THR A 1114 59.38 -46.31 10.72
N LEU A 1115 59.86 -47.48 11.13
CA LEU A 1115 59.46 -48.73 10.50
C LEU A 1115 58.01 -49.12 10.77
N LEU A 1116 57.34 -48.37 11.64
CA LEU A 1116 55.97 -48.68 12.03
C LEU A 1116 54.92 -48.08 11.10
N ASP A 1117 55.36 -47.29 10.12
CA ASP A 1117 54.44 -46.65 9.16
C ASP A 1117 54.28 -47.44 7.87
N SER A 1118 55.39 -47.90 7.32
CA SER A 1118 55.40 -48.54 6.00
C SER A 1118 55.81 -50.00 6.06
N CYS A 1119 56.59 -50.36 7.09
CA CYS A 1119 57.31 -51.63 7.08
C CYS A 1119 56.83 -52.69 8.09
N LEU A 1120 55.62 -52.50 8.63
CA LEU A 1120 55.04 -53.48 9.57
C LEU A 1120 54.63 -54.78 8.88
N ASP A 1121 54.57 -54.74 7.55
CA ASP A 1121 54.32 -55.91 6.70
C ASP A 1121 55.41 -56.95 6.93
N ARG A 1122 56.66 -56.50 6.95
CA ARG A 1122 57.80 -57.38 7.17
C ARG A 1122 58.36 -57.24 8.59
N LEU A 1123 57.55 -57.64 9.59
CA LEU A 1123 57.96 -57.57 10.99
C LEU A 1123 57.44 -58.71 11.86
N ASP A 1124 58.27 -59.12 12.81
CA ASP A 1124 57.85 -59.99 13.89
C ASP A 1124 57.44 -59.11 15.07
N ILE A 1125 56.16 -58.76 15.10
CA ILE A 1125 55.61 -57.82 16.09
C ILE A 1125 55.88 -58.23 17.54
N PHE A 1126 55.83 -59.54 17.80
CA PHE A 1126 56.10 -60.09 19.13
C PHE A 1126 57.56 -59.84 19.54
N GLU A 1127 58.49 -60.12 18.64
CA GLU A 1127 59.93 -59.91 18.87
C GLU A 1127 60.28 -58.42 18.90
N PHE A 1128 59.52 -57.64 18.15
CA PHE A 1128 59.58 -56.17 18.15
C PHE A 1128 59.23 -55.63 19.54
N LEU A 1129 58.05 -55.99 20.05
CA LEU A 1129 57.57 -55.55 21.36
C LEU A 1129 58.44 -55.98 22.54
N ASN A 1130 59.43 -56.85 22.29
CA ASN A 1130 60.45 -57.12 23.28
C ASN A 1130 61.28 -55.87 23.51
N HIS A 1131 61.69 -55.23 22.42
CA HIS A 1131 62.57 -54.08 22.49
C HIS A 1131 61.82 -52.80 22.86
N VAL A 1132 60.52 -52.75 22.57
CA VAL A 1132 59.67 -51.69 23.09
C VAL A 1132 59.80 -51.64 24.62
N GLU A 1133 60.00 -52.80 25.23
CA GLU A 1133 60.15 -52.88 26.69
C GLU A 1133 61.42 -52.20 27.20
N ASP A 1134 62.57 -52.53 26.62
CA ASP A 1134 63.85 -51.91 26.99
C ASP A 1134 63.69 -50.40 27.15
N GLY A 1135 63.23 -49.76 26.07
CA GLY A 1135 63.09 -48.32 26.04
C GLY A 1135 61.85 -47.79 26.71
N LEU A 1136 61.19 -48.66 27.48
CA LEU A 1136 60.06 -48.24 28.29
C LEU A 1136 60.55 -47.95 29.70
N LYS A 1137 61.77 -48.43 29.98
CA LYS A 1137 62.44 -48.23 31.25
C LYS A 1137 63.83 -47.58 31.06
N ASP A 1138 64.15 -47.23 29.81
CA ASP A 1138 65.44 -46.64 29.47
C ASP A 1138 65.55 -45.18 29.90
N HIS A 1139 66.40 -44.42 29.22
CA HIS A 1139 66.68 -43.02 29.54
C HIS A 1139 65.48 -42.14 29.22
N TYR A 1140 65.28 -41.11 30.05
CA TYR A 1140 64.17 -40.17 29.88
C TYR A 1140 63.97 -39.74 28.42
N ASP A 1141 65.07 -39.49 27.72
CA ASP A 1141 65.03 -39.05 26.33
C ASP A 1141 64.39 -40.12 25.42
N ILE A 1142 64.61 -41.38 25.78
CA ILE A 1142 64.12 -42.54 25.02
C ILE A 1142 62.71 -42.99 25.44
N LYS A 1143 62.42 -42.95 26.75
CA LYS A 1143 61.09 -43.30 27.26
C LYS A 1143 60.02 -42.56 26.45
N MET A 1144 60.27 -41.27 26.20
CA MET A 1144 59.40 -40.43 25.39
C MET A 1144 59.07 -41.06 24.04
N LEU A 1145 60.11 -41.46 23.31
CA LEU A 1145 59.99 -41.97 21.95
C LEU A 1145 59.18 -43.27 21.87
N THR A 1146 59.28 -44.10 22.91
CA THR A 1146 58.59 -45.39 22.96
C THR A 1146 57.16 -45.27 23.48
N PHE A 1147 56.91 -44.27 24.31
CA PHE A 1147 55.57 -43.93 24.75
C PHE A 1147 54.70 -43.56 23.55
N LEU A 1148 55.29 -42.91 22.56
CA LEU A 1148 54.63 -42.62 21.28
C LEU A 1148 54.64 -43.81 20.31
N MET A 1149 55.48 -44.82 20.58
CA MET A 1149 55.44 -46.06 19.82
C MET A 1149 54.28 -46.94 20.27
N LEU A 1150 53.98 -46.91 21.57
CA LEU A 1150 52.83 -47.64 22.10
C LEU A 1150 51.51 -47.14 21.51
N VAL A 1151 51.25 -45.84 21.62
CA VAL A 1151 50.00 -45.22 21.16
C VAL A 1151 49.71 -45.54 19.69
N ARG A 1152 50.78 -45.73 18.91
CA ARG A 1152 50.68 -46.12 17.52
C ARG A 1152 50.45 -47.63 17.39
N LEU A 1153 51.16 -48.41 18.22
CA LEU A 1153 51.03 -49.86 18.22
C LEU A 1153 49.65 -50.33 18.64
N SER A 1154 49.08 -49.69 19.65
CA SER A 1154 47.77 -50.05 20.17
C SER A 1154 46.63 -49.71 19.19
N THR A 1155 46.98 -49.07 18.08
CA THR A 1155 46.03 -48.84 17.00
C THR A 1155 46.39 -49.70 15.79
N LEU A 1156 47.66 -49.64 15.38
CA LEU A 1156 48.11 -50.29 14.14
C LEU A 1156 48.18 -51.82 14.21
N CYS A 1157 48.21 -52.37 15.42
CA CYS A 1157 48.02 -53.81 15.63
C CYS A 1157 47.58 -54.13 17.07
N PRO A 1158 46.28 -53.97 17.35
CA PRO A 1158 45.73 -54.21 18.68
C PRO A 1158 45.77 -55.69 19.10
N SER A 1159 46.01 -56.56 18.13
CA SER A 1159 46.01 -58.01 18.35
C SER A 1159 47.18 -58.50 19.21
N ALA A 1160 48.41 -58.24 18.74
CA ALA A 1160 49.63 -58.69 19.42
C ALA A 1160 49.91 -57.94 20.73
N VAL A 1161 49.48 -56.67 20.79
CA VAL A 1161 49.70 -55.81 21.94
C VAL A 1161 49.02 -56.36 23.21
N LEU A 1162 47.75 -56.73 23.10
CA LEU A 1162 46.97 -57.24 24.22
C LEU A 1162 47.56 -58.51 24.81
N GLN A 1163 48.23 -59.30 23.97
CA GLN A 1163 48.88 -60.54 24.39
C GLN A 1163 50.06 -60.27 25.32
N ARG A 1164 50.70 -59.11 25.12
CA ARG A 1164 51.86 -58.69 25.92
C ARG A 1164 51.53 -57.52 26.84
N LEU A 1165 50.25 -57.13 26.88
CA LEU A 1165 49.78 -55.98 27.66
C LEU A 1165 50.09 -56.09 29.16
N ASP A 1166 50.51 -57.28 29.60
CA ASP A 1166 50.99 -57.49 30.96
C ASP A 1166 52.28 -56.69 31.21
N ARG A 1167 53.34 -57.04 30.49
CA ARG A 1167 54.66 -56.46 30.69
C ARG A 1167 54.85 -55.18 29.88
N LEU A 1168 53.77 -54.40 29.76
CA LEU A 1168 53.82 -53.09 29.12
C LEU A 1168 53.31 -52.02 30.07
N VAL A 1169 52.58 -52.46 31.10
CA VAL A 1169 51.93 -51.54 32.04
C VAL A 1169 52.75 -51.30 33.31
N GLU A 1170 53.52 -52.31 33.75
CA GLU A 1170 54.37 -52.15 34.93
C GLU A 1170 55.56 -51.21 34.70
N PRO A 1171 56.20 -51.26 33.50
CA PRO A 1171 57.16 -50.18 33.21
C PRO A 1171 56.50 -48.79 33.19
N LEU A 1172 55.20 -48.73 32.89
CA LEU A 1172 54.43 -47.48 32.96
C LEU A 1172 54.01 -47.12 34.39
N ARG A 1173 53.97 -48.11 35.27
CA ARG A 1173 53.77 -47.88 36.70
C ARG A 1173 54.95 -47.13 37.29
N ALA A 1174 56.14 -47.64 37.04
CA ALA A 1174 57.38 -47.06 37.55
C ALA A 1174 57.50 -45.58 37.17
N THR A 1175 57.25 -45.29 35.89
CA THR A 1175 57.36 -43.94 35.33
C THR A 1175 56.32 -42.98 35.93
N CYS A 1176 55.26 -43.54 36.51
CA CYS A 1176 54.17 -42.73 37.07
C CYS A 1176 54.28 -42.44 38.57
N THR A 1177 54.45 -43.50 39.37
CA THR A 1177 54.33 -43.38 40.83
C THR A 1177 55.50 -42.67 41.50
N THR A 1178 56.72 -42.91 41.01
CA THR A 1178 57.94 -42.39 41.67
C THR A 1178 57.93 -40.88 41.81
N LYS A 1179 57.67 -40.43 43.04
CA LYS A 1179 57.62 -39.01 43.37
C LYS A 1179 59.03 -38.45 43.38
N VAL A 1180 59.17 -37.20 42.91
CA VAL A 1180 60.44 -36.50 42.99
C VAL A 1180 60.68 -35.98 44.41
N LYS A 1181 61.93 -36.05 44.86
CA LYS A 1181 62.38 -35.57 46.17
C LYS A 1181 62.11 -34.08 46.35
N ALA A 1182 61.25 -33.75 47.31
CA ALA A 1182 60.63 -32.42 47.45
C ALA A 1182 61.58 -31.22 47.54
N ASN A 1183 62.87 -31.49 47.74
CA ASN A 1183 63.88 -30.44 47.87
C ASN A 1183 64.37 -29.85 46.54
N SER A 1184 64.04 -30.51 45.42
CA SER A 1184 64.56 -30.13 44.10
C SER A 1184 63.76 -29.05 43.37
N VAL A 1185 64.28 -28.62 42.21
CA VAL A 1185 63.93 -27.34 41.57
C VAL A 1185 62.70 -27.31 40.66
N LYS A 1186 62.39 -26.10 40.19
CA LYS A 1186 61.27 -25.81 39.28
C LYS A 1186 61.24 -26.74 38.07
N GLN A 1187 62.39 -26.85 37.38
CA GLN A 1187 62.54 -27.72 36.22
C GLN A 1187 62.44 -29.20 36.60
N GLU A 1188 63.29 -29.62 37.54
CA GLU A 1188 63.39 -31.03 37.95
C GLU A 1188 62.02 -31.66 38.20
N PHE A 1189 61.09 -30.84 38.69
CA PHE A 1189 59.71 -31.26 38.89
C PHE A 1189 58.97 -31.43 37.55
N GLU A 1190 58.87 -30.34 36.80
CA GLU A 1190 58.08 -30.28 35.57
C GLU A 1190 58.61 -31.18 34.46
N LYS A 1191 59.93 -31.34 34.41
CA LYS A 1191 60.59 -32.23 33.44
C LYS A 1191 60.20 -33.69 33.68
N GLN A 1192 59.93 -34.02 34.94
CA GLN A 1192 59.43 -35.35 35.29
C GLN A 1192 57.91 -35.39 35.25
N ASP A 1193 57.26 -34.24 35.40
CA ASP A 1193 55.80 -34.15 35.36
C ASP A 1193 55.23 -34.17 33.95
N GLU A 1194 56.00 -33.66 32.99
CA GLU A 1194 55.66 -33.78 31.57
C GLU A 1194 55.96 -35.21 31.11
N LEU A 1195 56.91 -35.84 31.79
CA LEU A 1195 57.23 -37.25 31.57
C LEU A 1195 56.09 -38.15 32.05
N LYS A 1196 55.61 -37.88 33.27
CA LYS A 1196 54.48 -38.61 33.85
C LYS A 1196 53.29 -38.59 32.91
N ARG A 1197 53.05 -37.48 32.23
CA ARG A 1197 51.87 -37.34 31.39
C ARG A 1197 52.03 -37.87 29.97
N SER A 1198 53.21 -38.37 29.64
CA SER A 1198 53.38 -39.11 28.38
C SER A 1198 53.23 -40.61 28.62
N ALA A 1199 53.23 -41.03 29.88
CA ALA A 1199 52.96 -42.42 30.24
C ALA A 1199 51.45 -42.66 30.27
N MET A 1200 50.70 -41.71 30.83
CA MET A 1200 49.24 -41.78 30.89
C MET A 1200 48.62 -41.59 29.51
N ARG A 1201 49.10 -40.57 28.80
CA ARG A 1201 48.80 -40.32 27.40
C ARG A 1201 48.95 -41.63 26.61
N ALA A 1202 49.80 -42.52 27.12
CA ALA A 1202 50.07 -43.81 26.50
C ALA A 1202 49.22 -44.94 27.07
N VAL A 1203 48.82 -44.82 28.34
CA VAL A 1203 47.91 -45.79 28.96
C VAL A 1203 46.53 -45.69 28.28
N ALA A 1204 46.07 -44.45 28.08
CA ALA A 1204 44.77 -44.17 27.47
C ALA A 1204 44.59 -44.88 26.12
N ALA A 1205 45.66 -44.96 25.34
CA ALA A 1205 45.62 -45.58 24.04
C ALA A 1205 45.54 -47.10 24.12
N LEU A 1206 46.13 -47.68 25.17
CA LEU A 1206 46.05 -49.12 25.40
C LEU A 1206 44.67 -49.53 25.92
N LEU A 1207 43.92 -48.56 26.45
CA LEU A 1207 42.56 -48.78 26.94
C LEU A 1207 41.57 -48.99 25.80
N THR A 1208 41.63 -48.15 24.77
CA THR A 1208 40.81 -48.33 23.58
C THR A 1208 41.40 -49.47 22.74
N ILE A 1209 41.08 -50.70 23.17
CA ILE A 1209 41.59 -51.92 22.57
C ILE A 1209 40.44 -52.93 22.51
N PRO A 1210 40.37 -53.75 21.44
CA PRO A 1210 39.43 -54.86 21.40
C PRO A 1210 39.22 -55.49 22.79
N GLU A 1211 37.98 -55.35 23.28
CA GLU A 1211 37.69 -55.45 24.71
C GLU A 1211 37.99 -56.79 25.40
N ALA A 1212 39.18 -56.85 25.94
CA ALA A 1212 39.64 -57.87 26.86
C ALA A 1212 40.70 -57.20 27.76
N GLU A 1213 40.57 -55.87 27.86
CA GLU A 1213 41.57 -55.00 28.51
C GLU A 1213 41.79 -55.25 29.99
N LYS A 1214 40.77 -55.73 30.70
CA LYS A 1214 40.89 -56.01 32.12
C LYS A 1214 41.73 -57.27 32.36
N SER A 1215 43.04 -57.11 32.21
CA SER A 1215 44.02 -58.14 32.57
C SER A 1215 44.48 -57.84 34.01
N PRO A 1216 45.18 -58.78 34.66
CA PRO A 1216 45.49 -58.70 36.09
C PRO A 1216 45.92 -57.31 36.58
N LEU A 1217 47.07 -56.85 36.08
CA LEU A 1217 47.68 -55.60 36.51
C LEU A 1217 46.92 -54.34 36.06
N MET A 1218 46.20 -54.45 34.96
CA MET A 1218 45.47 -53.32 34.40
C MET A 1218 44.21 -52.97 35.17
N SER A 1219 43.49 -53.98 35.62
CA SER A 1219 42.31 -53.79 36.48
C SER A 1219 42.72 -53.19 37.84
N GLU A 1220 43.90 -53.59 38.31
CA GLU A 1220 44.52 -53.05 39.53
C GLU A 1220 44.82 -51.56 39.37
N PHE A 1221 45.33 -51.21 38.18
CA PHE A 1221 45.78 -49.86 37.85
C PHE A 1221 44.63 -48.88 37.71
N GLN A 1222 43.45 -49.38 37.34
CA GLN A 1222 42.26 -48.55 37.17
C GLN A 1222 41.69 -48.07 38.50
N SER A 1223 41.87 -48.88 39.55
CA SER A 1223 41.52 -48.48 40.91
C SER A 1223 42.64 -47.64 41.56
N GLN A 1224 43.89 -47.86 41.13
CA GLN A 1224 45.04 -47.09 41.62
C GLN A 1224 45.01 -45.62 41.20
N ILE A 1225 44.56 -45.36 39.97
CA ILE A 1225 44.52 -43.99 39.44
C ILE A 1225 43.29 -43.21 39.90
N SER A 1226 42.25 -43.93 40.30
CA SER A 1226 41.05 -43.31 40.85
C SER A 1226 41.13 -43.17 42.37
N SER A 1227 42.24 -43.64 42.95
CA SER A 1227 42.53 -43.49 44.38
C SER A 1227 43.41 -42.27 44.65
N ASN A 1228 44.52 -42.20 43.92
CA ASN A 1228 45.45 -41.08 44.03
C ASN A 1228 44.87 -39.78 43.49
N PRO A 1229 45.12 -38.66 44.20
CA PRO A 1229 44.70 -37.35 43.72
C PRO A 1229 45.58 -36.85 42.58
N GLU A 1230 46.89 -36.85 42.80
CA GLU A 1230 47.86 -36.38 41.81
C GLU A 1230 47.90 -37.28 40.59
N LEU A 1231 47.78 -38.59 40.82
CA LEU A 1231 47.78 -39.58 39.73
C LEU A 1231 46.46 -39.57 38.95
N ALA A 1232 45.46 -38.91 39.52
CA ALA A 1232 44.21 -38.61 38.80
C ALA A 1232 44.34 -37.25 38.13
N ALA A 1233 45.17 -36.38 38.71
CA ALA A 1233 45.43 -35.03 38.17
C ALA A 1233 46.38 -35.05 36.97
N ILE A 1234 46.60 -36.25 36.42
CA ILE A 1234 47.40 -36.44 35.23
C ILE A 1234 46.54 -37.09 34.13
N PHE A 1235 45.63 -37.98 34.53
CA PHE A 1235 44.64 -38.56 33.62
C PHE A 1235 43.62 -37.49 33.21
N GLU A 1236 43.34 -36.58 34.14
CA GLU A 1236 42.51 -35.39 33.90
C GLU A 1236 43.12 -34.51 32.80
N SER A 1237 44.41 -34.22 32.93
CA SER A 1237 45.15 -33.30 32.06
C SER A 1237 44.82 -33.41 30.58
N ILE A 1238 44.99 -34.60 30.02
CA ILE A 1238 44.85 -34.79 28.57
C ILE A 1238 43.78 -35.82 28.17
N GLN A 1239 42.98 -35.46 27.17
CA GLN A 1239 42.02 -36.34 26.46
C GLN A 1239 41.14 -35.56 25.49
N SER B 26 23.22 45.27 -15.22
CA SER B 26 22.71 46.67 -15.20
C SER B 26 22.45 47.20 -16.61
N ALA B 27 21.28 47.83 -16.80
CA ALA B 27 20.90 48.47 -18.07
C ALA B 27 20.62 47.48 -19.21
N SER B 28 20.92 47.91 -20.44
CA SER B 28 20.80 47.07 -21.64
C SER B 28 21.90 46.01 -21.71
N TYR B 29 22.80 46.04 -20.73
CA TYR B 29 23.81 44.98 -20.55
C TYR B 29 23.17 43.71 -19.99
N HIS B 30 22.28 43.86 -19.01
CA HIS B 30 21.58 42.72 -18.40
C HIS B 30 20.67 42.04 -19.43
N ILE B 31 19.95 42.85 -20.20
CA ILE B 31 19.03 42.35 -21.20
C ILE B 31 19.77 41.53 -22.27
N SER B 32 20.96 42.00 -22.66
CA SER B 32 21.78 41.33 -23.66
C SER B 32 22.40 40.04 -23.15
N ASN B 33 22.51 39.90 -21.83
CA ASN B 33 22.93 38.65 -21.21
C ASN B 33 21.86 37.57 -21.38
N LEU B 34 20.60 37.97 -21.28
CA LEU B 34 19.47 37.06 -21.48
C LEU B 34 19.27 36.72 -22.95
N LEU B 35 19.29 37.74 -23.81
CA LEU B 35 19.15 37.55 -25.26
C LEU B 35 20.26 36.68 -25.86
N GLU B 36 21.41 36.65 -25.19
CA GLU B 36 22.47 35.70 -25.50
C GLU B 36 22.01 34.29 -25.15
N LYS B 37 21.50 34.15 -23.94
CA LYS B 37 21.13 32.84 -23.41
C LYS B 37 19.70 32.43 -23.81
N MET B 38 19.09 33.21 -24.70
CA MET B 38 17.79 32.84 -25.28
C MET B 38 17.95 32.19 -26.65
N THR B 39 19.19 32.14 -27.15
CA THR B 39 19.56 31.29 -28.28
C THR B 39 20.78 30.47 -27.87
N SER B 40 20.77 30.02 -26.62
CA SER B 40 21.92 29.33 -26.04
C SER B 40 21.96 27.86 -26.43
N SER B 41 21.29 27.51 -27.53
CA SER B 41 21.35 26.17 -28.12
C SER B 41 20.93 25.05 -27.15
N ASP B 42 20.57 25.42 -25.92
CA ASP B 42 20.19 24.48 -24.88
C ASP B 42 18.71 24.63 -24.54
N LYS B 43 18.01 23.51 -24.44
CA LYS B 43 16.63 23.51 -23.94
C LYS B 43 16.54 24.22 -22.59
N ASP B 44 17.55 24.00 -21.74
CA ASP B 44 17.56 24.51 -20.37
C ASP B 44 17.78 26.01 -20.26
N PHE B 45 18.84 26.54 -20.87
CA PHE B 45 19.12 27.98 -20.81
C PHE B 45 18.03 28.80 -21.49
N ARG B 46 17.47 28.29 -22.58
CA ARG B 46 16.38 28.96 -23.27
C ARG B 46 15.16 29.05 -22.38
N PHE B 47 14.89 27.99 -21.62
CA PHE B 47 13.77 27.95 -20.68
C PHE B 47 13.94 28.95 -19.55
N MET B 48 15.08 28.89 -18.85
CA MET B 48 15.36 29.76 -17.72
C MET B 48 15.35 31.24 -18.10
N ALA B 49 16.16 31.59 -19.09
CA ALA B 49 16.25 32.96 -19.57
C ALA B 49 14.89 33.55 -19.91
N THR B 50 14.04 32.78 -20.58
CA THR B 50 12.69 33.22 -20.93
C THR B 50 11.74 33.20 -19.72
N ASN B 51 12.02 32.33 -18.76
CA ASN B 51 11.26 32.29 -17.51
C ASN B 51 11.70 33.39 -16.56
N ASP B 52 13.00 33.71 -16.59
CA ASP B 52 13.53 34.85 -15.85
C ASP B 52 12.85 36.12 -16.34
N LEU B 53 12.86 36.30 -17.66
CA LEU B 53 12.32 37.46 -18.35
C LEU B 53 10.82 37.67 -18.06
N MET B 54 10.09 36.59 -17.85
CA MET B 54 8.65 36.69 -17.57
C MET B 54 8.36 37.12 -16.14
N THR B 55 8.96 36.43 -15.17
CA THR B 55 8.80 36.78 -13.76
C THR B 55 9.50 38.12 -13.48
N GLU B 56 10.08 38.69 -14.52
CA GLU B 56 10.68 40.01 -14.46
C GLU B 56 9.66 41.06 -14.88
N LEU B 57 8.79 40.69 -15.81
CA LEU B 57 7.99 41.67 -16.56
C LEU B 57 6.77 42.26 -15.86
N GLN B 58 6.12 41.47 -15.01
CA GLN B 58 5.24 42.06 -14.00
C GLN B 58 6.17 42.61 -12.91
N LYS B 59 5.65 43.52 -12.09
CA LYS B 59 6.48 44.39 -11.21
C LYS B 59 7.39 45.33 -12.04
N ASP B 60 8.51 45.75 -11.46
CA ASP B 60 9.47 46.57 -12.17
C ASP B 60 10.42 45.65 -12.95
N SER B 61 10.57 45.94 -14.24
CA SER B 61 11.46 45.18 -15.11
C SER B 61 12.91 45.49 -14.79
N ILE B 62 13.40 46.58 -15.38
CA ILE B 62 14.76 47.11 -15.23
C ILE B 62 15.02 48.08 -16.38
N LYS B 63 14.73 47.64 -17.60
CA LYS B 63 15.01 48.41 -18.81
C LYS B 63 13.94 48.31 -19.89
N LEU B 64 13.74 49.44 -20.56
CA LEU B 64 12.93 49.50 -21.78
C LEU B 64 13.55 50.53 -22.71
N ASP B 65 14.76 50.25 -23.17
CA ASP B 65 15.44 51.10 -24.16
C ASP B 65 14.70 50.98 -25.48
N ASP B 66 14.89 51.96 -26.37
CA ASP B 66 14.43 51.82 -27.74
C ASP B 66 15.22 50.73 -28.48
N ASP B 67 16.44 50.48 -28.01
CA ASP B 67 17.25 49.36 -28.46
C ASP B 67 16.68 48.05 -27.89
N SER B 68 16.45 48.04 -26.58
CA SER B 68 16.06 46.81 -25.87
C SER B 68 14.55 46.60 -25.75
N GLU B 69 13.78 47.18 -26.66
CA GLU B 69 12.35 46.89 -26.78
C GLU B 69 12.14 45.98 -27.97
N ARG B 70 12.59 46.43 -29.14
CA ARG B 70 12.54 45.66 -30.37
C ARG B 70 13.34 44.39 -30.25
N LYS B 71 14.40 44.44 -29.44
CA LYS B 71 15.28 43.29 -29.24
C LYS B 71 14.64 42.16 -28.43
N VAL B 72 13.59 42.49 -27.66
CA VAL B 72 12.88 41.49 -26.88
C VAL B 72 11.57 41.08 -27.56
N VAL B 73 11.07 41.91 -28.45
CA VAL B 73 9.94 41.52 -29.32
C VAL B 73 10.44 40.54 -30.38
N LYS B 74 11.53 40.90 -31.07
CA LYS B 74 12.14 40.03 -32.10
C LYS B 74 12.49 38.65 -31.54
N MET B 75 13.13 38.62 -30.37
CA MET B 75 13.58 37.36 -29.78
C MET B 75 12.42 36.46 -29.37
N ILE B 76 11.43 37.01 -28.66
CA ILE B 76 10.29 36.22 -28.20
C ILE B 76 9.59 35.53 -29.36
N LEU B 77 9.34 36.28 -30.44
CA LEU B 77 8.65 35.75 -31.59
C LEU B 77 9.42 34.65 -32.35
N LYS B 78 10.74 34.62 -32.19
CA LYS B 78 11.56 33.54 -32.71
C LYS B 78 11.38 32.28 -31.85
N LEU B 79 11.14 32.49 -30.56
CA LEU B 79 10.96 31.39 -29.62
C LEU B 79 9.55 30.81 -29.69
N LEU B 80 8.69 31.45 -30.49
CA LEU B 80 7.37 30.90 -30.78
C LEU B 80 7.49 29.66 -31.66
N GLU B 81 8.49 29.66 -32.54
CA GLU B 81 8.76 28.52 -33.41
C GLU B 81 9.87 27.61 -32.90
N ASP B 82 10.28 27.81 -31.64
CA ASP B 82 11.33 26.99 -31.02
C ASP B 82 10.97 25.51 -31.04
N LYS B 83 11.96 24.66 -31.29
CA LYS B 83 11.74 23.22 -31.38
C LYS B 83 11.33 22.56 -30.07
N ASN B 84 11.80 23.09 -28.94
CA ASN B 84 11.36 22.63 -27.63
C ASN B 84 9.95 23.14 -27.27
N GLY B 85 9.12 22.23 -26.77
CA GLY B 85 7.74 22.54 -26.44
C GLY B 85 7.57 23.39 -25.20
N GLU B 86 8.32 23.05 -24.15
CA GLU B 86 8.23 23.75 -22.86
C GLU B 86 8.62 25.23 -22.95
N VAL B 87 9.66 25.50 -23.74
CA VAL B 87 10.07 26.87 -24.07
C VAL B 87 8.95 27.58 -24.83
N GLN B 88 8.34 26.87 -25.77
CA GLN B 88 7.25 27.39 -26.59
C GLN B 88 6.11 27.97 -25.75
N ASN B 89 5.56 27.18 -24.84
CA ASN B 89 4.52 27.67 -23.95
C ASN B 89 5.00 28.88 -23.15
N LEU B 90 6.22 28.80 -22.62
CA LEU B 90 6.84 29.92 -21.92
C LEU B 90 6.92 31.14 -22.81
N ALA B 91 7.44 30.95 -24.03
CA ALA B 91 7.52 32.03 -25.00
C ALA B 91 6.19 32.74 -25.18
N VAL B 92 5.10 31.98 -25.16
CA VAL B 92 3.77 32.56 -25.39
C VAL B 92 3.24 33.30 -24.15
N LYS B 93 3.05 32.58 -23.05
CA LYS B 93 2.47 33.14 -21.81
C LYS B 93 3.18 34.44 -21.36
N CYS B 94 4.41 34.62 -21.82
CA CYS B 94 5.21 35.81 -21.54
C CYS B 94 4.79 37.03 -22.37
N LEU B 95 3.95 36.82 -23.39
CA LEU B 95 3.40 37.92 -24.19
C LEU B 95 2.53 38.84 -23.34
N GLY B 96 1.57 38.26 -22.62
CA GLY B 96 0.68 39.02 -21.75
C GLY B 96 1.34 40.17 -21.00
N PRO B 97 2.31 39.86 -20.13
CA PRO B 97 3.08 40.85 -19.39
C PRO B 97 3.90 41.78 -20.28
N LEU B 98 4.36 41.30 -21.43
CA LEU B 98 5.17 42.12 -22.34
C LEU B 98 4.32 43.19 -23.02
N VAL B 99 3.10 42.81 -23.40
CA VAL B 99 2.17 43.70 -24.13
C VAL B 99 1.99 45.03 -23.42
N SER B 100 1.70 44.97 -22.12
CA SER B 100 1.46 46.17 -21.32
C SER B 100 2.72 47.04 -21.15
N LYS B 101 3.82 46.42 -20.73
CA LYS B 101 5.04 47.15 -20.38
C LYS B 101 6.01 47.28 -21.55
N VAL B 102 5.55 47.89 -22.65
CA VAL B 102 6.37 48.15 -23.84
C VAL B 102 5.79 49.31 -24.67
N LYS B 103 6.50 49.71 -25.72
CA LYS B 103 6.09 50.80 -26.61
C LYS B 103 4.74 50.53 -27.29
N GLU B 104 4.06 51.60 -27.70
CA GLU B 104 2.76 51.53 -28.39
C GLU B 104 2.87 50.93 -29.79
N TYR B 105 3.97 51.25 -30.49
CA TYR B 105 4.24 50.67 -31.81
C TYR B 105 4.53 49.16 -31.71
N GLN B 106 5.25 48.78 -30.65
CA GLN B 106 5.71 47.41 -30.45
C GLN B 106 4.59 46.39 -30.24
N VAL B 107 3.49 46.82 -29.63
CA VAL B 107 2.30 45.98 -29.47
C VAL B 107 1.70 45.66 -30.83
N GLU B 108 1.76 46.63 -31.73
CA GLU B 108 1.25 46.46 -33.08
C GLU B 108 2.17 45.60 -33.93
N THR B 109 3.48 45.62 -33.63
CA THR B 109 4.42 44.72 -34.30
C THR B 109 4.14 43.27 -33.88
N ILE B 110 3.91 43.07 -32.58
CA ILE B 110 3.57 41.76 -32.01
C ILE B 110 2.35 41.17 -32.71
N VAL B 111 1.27 41.96 -32.78
CA VAL B 111 0.04 41.53 -33.42
C VAL B 111 0.28 41.20 -34.90
N ASP B 112 0.97 42.09 -35.61
CA ASP B 112 1.17 41.95 -37.07
C ASP B 112 1.97 40.70 -37.49
N THR B 113 2.88 40.24 -36.63
CA THR B 113 3.61 39.00 -36.90
C THR B 113 2.78 37.81 -36.43
N LEU B 114 1.88 38.03 -35.47
CA LEU B 114 1.01 36.96 -34.99
C LEU B 114 -0.06 36.52 -36.00
N CYS B 115 -0.60 37.49 -36.74
CA CYS B 115 -1.63 37.22 -37.76
C CYS B 115 -1.04 36.66 -39.06
N THR B 116 0.09 37.21 -39.49
CA THR B 116 0.79 36.72 -40.67
C THR B 116 1.30 35.29 -40.43
N ASN B 117 1.35 34.90 -39.16
CA ASN B 117 1.67 33.54 -38.77
C ASN B 117 0.46 32.61 -38.78
N MET B 118 -0.74 33.17 -38.93
CA MET B 118 -1.98 32.39 -38.93
C MET B 118 -2.25 31.70 -40.27
N LEU B 119 -1.49 32.06 -41.31
CA LEU B 119 -1.57 31.38 -42.62
C LEU B 119 -0.97 29.98 -42.58
N SER B 120 -0.01 29.78 -41.67
CA SER B 120 0.65 28.49 -41.43
C SER B 120 1.64 28.07 -42.51
N ASP B 121 2.88 28.52 -42.35
CA ASP B 121 4.01 27.95 -43.09
C ASP B 121 4.32 26.57 -42.48
N LYS B 122 4.19 26.48 -41.16
CA LYS B 122 4.27 25.22 -40.43
C LYS B 122 2.98 25.01 -39.64
N GLU B 123 2.43 23.80 -39.73
CA GLU B 123 1.10 23.50 -39.17
C GLU B 123 0.96 23.82 -37.68
N GLN B 124 2.08 23.75 -36.96
CA GLN B 124 2.12 24.05 -35.54
C GLN B 124 1.96 25.55 -35.27
N LEU B 125 2.61 26.37 -36.09
CA LEU B 125 2.65 27.82 -35.90
C LEU B 125 1.28 28.48 -35.84
N ARG B 126 0.34 27.99 -36.64
CA ARG B 126 -1.02 28.52 -36.70
C ARG B 126 -1.78 28.35 -35.38
N ASP B 127 -1.43 27.31 -34.63
CA ASP B 127 -2.12 26.98 -33.37
C ASP B 127 -1.49 27.60 -32.14
N ILE B 128 -0.18 27.87 -32.20
CA ILE B 128 0.52 28.53 -31.11
C ILE B 128 0.44 30.07 -31.21
N SER B 129 0.15 30.56 -32.42
CA SER B 129 -0.03 31.98 -32.66
C SER B 129 -1.42 32.44 -32.23
N SER B 130 -2.41 31.57 -32.38
CA SER B 130 -3.76 31.87 -31.93
C SER B 130 -3.79 32.04 -30.41
N ILE B 131 -2.96 31.27 -29.72
CA ILE B 131 -2.84 31.37 -28.27
C ILE B 131 -2.18 32.71 -27.91
N GLY B 132 -1.47 33.30 -28.87
CA GLY B 132 -0.88 34.62 -28.72
C GLY B 132 -1.97 35.67 -28.58
N LEU B 133 -2.84 35.75 -29.58
CA LEU B 133 -3.96 36.67 -29.55
C LEU B 133 -4.93 36.40 -28.39
N LYS B 134 -5.36 35.14 -28.25
CA LYS B 134 -6.20 34.72 -27.11
C LYS B 134 -5.73 35.33 -25.80
N THR B 135 -4.43 35.60 -25.70
CA THR B 135 -3.82 36.10 -24.47
C THR B 135 -3.33 37.54 -24.57
N VAL B 136 -3.18 38.06 -25.79
CA VAL B 136 -2.91 39.48 -25.99
C VAL B 136 -4.17 40.28 -25.65
N ILE B 137 -5.31 39.80 -26.13
CA ILE B 137 -6.61 40.36 -25.75
C ILE B 137 -6.88 40.12 -24.26
N GLY B 138 -6.24 39.08 -23.71
CA GLY B 138 -6.35 38.73 -22.30
C GLY B 138 -5.58 39.61 -21.33
N GLU B 139 -4.80 40.55 -21.87
CA GLU B 139 -4.08 41.53 -21.05
C GLU B 139 -4.19 42.94 -21.63
N LEU B 140 -5.42 43.35 -21.97
CA LEU B 140 -5.69 44.69 -22.48
C LEU B 140 -6.93 45.27 -21.82
N PRO B 141 -6.84 46.54 -21.36
CA PRO B 141 -7.98 47.30 -20.84
C PRO B 141 -9.27 47.12 -21.66
N PRO B 142 -10.40 46.79 -21.00
CA PRO B 142 -11.70 46.54 -21.65
C PRO B 142 -12.29 47.78 -22.34
N GLY B 146 -13.07 50.97 -20.47
CA GLY B 146 -12.41 51.20 -21.75
C GLY B 146 -11.22 52.13 -21.66
N SER B 147 -10.29 51.98 -22.61
CA SER B 147 -9.06 52.79 -22.69
C SER B 147 -8.74 53.20 -24.13
N ALA B 148 -7.78 54.11 -24.30
CA ALA B 148 -7.43 54.65 -25.62
C ALA B 148 -6.50 53.76 -26.45
N LEU B 149 -5.47 53.20 -25.81
CA LEU B 149 -4.47 52.35 -26.48
C LEU B 149 -5.07 51.05 -27.02
N ALA B 150 -5.84 50.38 -26.18
CA ALA B 150 -6.44 49.09 -26.48
C ALA B 150 -7.23 49.11 -27.78
N ALA B 151 -8.00 50.19 -27.97
CA ALA B 151 -8.84 50.36 -29.15
C ALA B 151 -8.05 50.27 -30.45
N ASN B 152 -6.88 50.91 -30.48
CA ASN B 152 -6.07 50.95 -31.69
C ASN B 152 -5.29 49.66 -31.97
N VAL B 153 -5.10 48.85 -30.92
CA VAL B 153 -4.52 47.51 -31.06
C VAL B 153 -5.52 46.59 -31.73
N CYS B 154 -6.79 46.69 -31.30
CA CYS B 154 -7.86 45.88 -31.84
C CYS B 154 -8.27 46.30 -33.27
N LYS B 155 -8.04 47.56 -33.60
CA LYS B 155 -8.31 48.05 -34.96
C LYS B 155 -7.46 47.31 -36.00
N LYS B 156 -6.19 47.11 -35.67
CA LYS B 156 -5.26 46.39 -36.55
C LYS B 156 -5.60 44.90 -36.67
N ILE B 157 -6.05 44.30 -35.56
CA ILE B 157 -6.44 42.88 -35.55
C ILE B 157 -7.67 42.63 -36.41
N THR B 158 -8.73 43.39 -36.15
CA THR B 158 -10.05 43.16 -36.75
C THR B 158 -10.02 43.26 -38.27
N GLY B 159 -9.30 44.25 -38.80
CA GLY B 159 -9.12 44.41 -40.24
C GLY B 159 -8.40 43.23 -40.85
N ARG B 160 -7.43 42.69 -40.11
CA ARG B 160 -6.67 41.51 -40.56
C ARG B 160 -7.43 40.20 -40.32
N LEU B 161 -8.38 40.22 -39.39
CA LEU B 161 -9.31 39.10 -39.21
C LEU B 161 -10.39 39.11 -40.29
N THR B 162 -10.94 40.28 -40.58
CA THR B 162 -12.00 40.45 -41.60
C THR B 162 -11.63 39.74 -42.90
N SER B 163 -10.37 39.87 -43.30
CA SER B 163 -9.82 39.19 -44.49
C SER B 163 -9.75 37.68 -44.32
N ALA B 164 -9.40 37.24 -43.11
CA ALA B 164 -9.21 35.83 -42.79
C ALA B 164 -10.51 35.04 -42.76
N ILE B 165 -11.57 35.65 -42.24
CA ILE B 165 -12.87 34.97 -42.12
C ILE B 165 -13.55 34.71 -43.48
N ALA B 166 -13.41 35.66 -44.40
CA ALA B 166 -14.10 35.59 -45.71
C ALA B 166 -13.35 34.76 -46.76
N LYS B 167 -12.93 33.55 -46.37
CA LYS B 167 -12.26 32.59 -47.25
C LYS B 167 -12.82 31.20 -47.00
N GLN B 168 -13.86 30.82 -47.75
CA GLN B 168 -14.41 29.45 -47.68
C GLN B 168 -13.39 28.41 -48.13
N GLU B 169 -12.47 28.84 -49.01
CA GLU B 169 -11.47 27.98 -49.65
C GLU B 169 -10.55 27.19 -48.71
N ASP B 170 -10.08 27.84 -47.64
CA ASP B 170 -9.22 27.15 -46.67
C ASP B 170 -9.80 27.23 -45.25
N VAL B 171 -10.63 26.24 -44.91
CA VAL B 171 -11.35 26.16 -43.62
C VAL B 171 -10.40 25.93 -42.45
N SER B 172 -10.91 26.13 -41.23
CA SER B 172 -10.14 26.06 -39.99
C SER B 172 -9.08 27.17 -39.88
N VAL B 173 -8.97 27.96 -40.94
CA VAL B 173 -8.37 29.29 -40.87
C VAL B 173 -9.54 30.23 -40.64
N GLN B 174 -10.72 29.78 -41.07
CA GLN B 174 -11.98 30.41 -40.72
C GLN B 174 -12.31 30.17 -39.23
N LEU B 175 -12.19 28.92 -38.79
CA LEU B 175 -12.56 28.52 -37.43
C LEU B 175 -11.62 29.00 -36.33
N GLU B 176 -10.36 29.27 -36.69
CA GLU B 176 -9.38 29.80 -35.75
C GLU B 176 -9.42 31.34 -35.70
N ALA B 177 -9.77 31.97 -36.82
CA ALA B 177 -9.94 33.41 -36.85
C ALA B 177 -11.25 33.84 -36.20
N LEU B 178 -12.31 33.07 -36.46
CA LEU B 178 -13.66 33.35 -35.93
C LEU B 178 -13.75 33.27 -34.42
N ASP B 179 -12.87 32.49 -33.79
CA ASP B 179 -12.87 32.38 -32.34
C ASP B 179 -12.18 33.58 -31.70
N ILE B 180 -11.12 34.08 -32.34
CA ILE B 180 -10.46 35.32 -31.89
C ILE B 180 -11.39 36.50 -32.09
N MET B 181 -12.12 36.49 -33.20
CA MET B 181 -13.18 37.44 -33.46
C MET B 181 -14.18 37.47 -32.29
N ALA B 182 -14.53 36.30 -31.79
CA ALA B 182 -15.45 36.18 -30.66
C ALA B 182 -14.77 36.52 -29.32
N ASP B 183 -13.56 36.00 -29.11
CA ASP B 183 -12.77 36.26 -27.90
C ASP B 183 -12.38 37.74 -27.76
N MET B 184 -12.54 38.49 -28.85
CA MET B 184 -12.28 39.92 -28.85
C MET B 184 -13.57 40.70 -28.59
N LEU B 185 -14.55 40.52 -29.48
CA LEU B 185 -15.84 41.23 -29.41
C LEU B 185 -16.48 41.32 -28.03
N SER B 186 -16.35 40.25 -27.25
CA SER B 186 -16.97 40.17 -25.92
C SER B 186 -16.26 41.07 -24.93
N ARG B 187 -14.93 41.18 -25.07
CA ARG B 187 -14.14 42.03 -24.18
C ARG B 187 -13.95 43.41 -24.78
N GLN B 188 -13.14 43.52 -25.83
CA GLN B 188 -13.00 44.78 -26.57
C GLN B 188 -14.18 44.97 -27.52
N GLY B 189 -15.29 45.47 -26.96
CA GLY B 189 -16.53 45.59 -27.70
C GLY B 189 -16.64 46.91 -28.41
N GLY B 190 -16.99 47.94 -27.64
CA GLY B 190 -17.28 49.27 -28.19
C GLY B 190 -16.08 50.06 -28.67
N LEU B 191 -14.91 49.44 -28.64
CA LEU B 191 -13.68 50.10 -29.06
C LEU B 191 -13.51 49.97 -30.57
N LEU B 192 -14.44 49.25 -31.19
CA LEU B 192 -14.44 48.99 -32.62
C LEU B 192 -15.70 49.50 -33.32
N VAL B 193 -16.44 50.38 -32.64
CA VAL B 193 -17.80 50.76 -33.07
C VAL B 193 -17.92 51.23 -34.52
N ASN B 194 -16.85 51.84 -35.04
CA ASN B 194 -16.86 52.29 -36.43
C ASN B 194 -16.33 51.24 -37.42
N PHE B 195 -15.81 50.12 -36.89
CA PHE B 195 -15.43 48.96 -37.69
C PHE B 195 -16.60 48.01 -37.87
N HIS B 196 -17.57 48.12 -36.97
CA HIS B 196 -18.68 47.17 -36.83
C HIS B 196 -19.36 46.67 -38.12
N PRO B 197 -19.69 47.58 -39.06
CA PRO B 197 -20.34 47.09 -40.29
C PRO B 197 -19.47 46.27 -41.25
N SER B 198 -18.14 46.36 -41.12
CA SER B 198 -17.22 45.56 -41.94
C SER B 198 -17.32 44.11 -41.49
N ILE B 199 -17.44 43.93 -40.18
CA ILE B 199 -17.53 42.62 -39.56
C ILE B 199 -18.79 41.92 -40.05
N LEU B 200 -19.91 42.64 -40.05
CA LEU B 200 -21.18 42.05 -40.44
C LEU B 200 -21.13 41.53 -41.86
N THR B 201 -20.74 42.39 -42.81
CA THR B 201 -20.76 42.02 -44.24
C THR B 201 -19.85 40.83 -44.57
N CYS B 202 -18.91 40.52 -43.67
CA CYS B 202 -18.07 39.36 -43.81
C CYS B 202 -18.65 38.15 -43.07
N LEU B 203 -19.41 38.39 -42.01
CA LEU B 203 -19.98 37.32 -41.19
C LEU B 203 -21.23 36.68 -41.79
N LEU B 204 -22.06 37.48 -42.45
CA LEU B 204 -23.33 36.99 -43.00
C LEU B 204 -23.20 35.92 -44.10
N PRO B 205 -22.17 36.01 -44.96
CA PRO B 205 -22.02 34.93 -45.93
C PRO B 205 -21.24 33.74 -45.38
N GLN B 206 -21.23 33.58 -44.06
CA GLN B 206 -20.63 32.40 -43.43
C GLN B 206 -21.71 31.52 -42.83
N LEU B 207 -22.96 31.97 -42.90
CA LEU B 207 -24.09 31.16 -42.52
C LEU B 207 -24.50 30.22 -43.67
N THR B 208 -23.64 30.16 -44.68
CA THR B 208 -23.85 29.26 -45.82
C THR B 208 -22.77 28.17 -45.81
N SER B 209 -21.59 28.52 -45.29
CA SER B 209 -20.45 27.60 -45.24
C SER B 209 -20.86 26.13 -45.07
N PRO B 210 -20.37 25.25 -45.97
CA PRO B 210 -20.65 23.82 -45.91
C PRO B 210 -20.25 23.18 -44.58
N ARG B 211 -19.27 23.74 -43.88
CA ARG B 211 -18.92 23.28 -42.54
C ARG B 211 -19.86 23.87 -41.49
N LEU B 212 -20.54 23.01 -40.77
CA LEU B 212 -21.48 23.41 -39.72
C LEU B 212 -20.80 24.08 -38.52
N ALA B 213 -19.53 23.73 -38.28
CA ALA B 213 -18.75 24.37 -37.22
C ALA B 213 -18.51 25.86 -37.51
N VAL B 214 -18.36 26.21 -38.78
CA VAL B 214 -18.20 27.60 -39.20
C VAL B 214 -19.48 28.40 -38.93
N ARG B 215 -20.63 27.78 -39.19
CA ARG B 215 -21.93 28.40 -38.92
C ARG B 215 -22.20 28.52 -37.41
N LYS B 216 -21.84 27.47 -36.66
CA LYS B 216 -21.90 27.50 -35.20
C LYS B 216 -21.06 28.66 -34.64
N ARG B 217 -19.82 28.79 -35.13
CA ARG B 217 -18.88 29.79 -34.64
C ARG B 217 -19.29 31.22 -35.00
N THR B 218 -19.95 31.37 -36.15
CA THR B 218 -20.44 32.67 -36.61
C THR B 218 -21.62 33.11 -35.74
N ILE B 219 -22.57 32.20 -35.52
CA ILE B 219 -23.70 32.49 -34.65
C ILE B 219 -23.22 32.85 -33.24
N ILE B 220 -22.07 32.30 -32.84
CA ILE B 220 -21.42 32.67 -31.57
C ILE B 220 -20.92 34.13 -31.65
N ALA B 221 -20.18 34.44 -32.73
CA ALA B 221 -19.57 35.76 -32.94
C ALA B 221 -20.60 36.88 -33.08
N LEU B 222 -21.68 36.60 -33.79
CA LEU B 222 -22.77 37.56 -33.95
C LEU B 222 -23.48 37.80 -32.62
N GLY B 223 -23.45 36.79 -31.74
CA GLY B 223 -24.00 36.91 -30.40
C GLY B 223 -23.18 37.81 -29.48
N HIS B 224 -22.07 38.32 -30.00
CA HIS B 224 -21.26 39.29 -29.27
C HIS B 224 -21.37 40.66 -29.92
N LEU B 225 -21.32 40.70 -31.26
CA LEU B 225 -21.55 41.90 -32.06
C LEU B 225 -22.87 42.55 -31.66
N VAL B 226 -23.85 41.73 -31.30
CA VAL B 226 -25.16 42.21 -30.85
C VAL B 226 -25.05 43.11 -29.61
N MET B 227 -24.28 42.68 -28.61
CA MET B 227 -24.06 43.48 -27.39
C MET B 227 -23.46 44.86 -27.64
N SER B 228 -22.49 44.93 -28.54
CA SER B 228 -21.66 46.12 -28.74
C SER B 228 -22.25 47.16 -29.69
N CYS B 229 -22.81 46.70 -30.80
CA CYS B 229 -23.15 47.54 -31.96
C CYS B 229 -24.33 48.49 -31.77
N GLY B 230 -24.23 49.64 -32.43
CA GLY B 230 -25.34 50.59 -32.49
C GLY B 230 -26.49 50.01 -33.30
N ASN B 231 -27.70 50.43 -32.97
CA ASN B 231 -28.92 49.85 -33.55
C ASN B 231 -29.25 50.19 -35.01
N ILE B 232 -28.23 50.38 -35.85
CA ILE B 232 -28.45 50.40 -37.30
C ILE B 232 -27.85 49.17 -37.96
N VAL B 233 -26.77 48.64 -37.38
CA VAL B 233 -26.15 47.44 -37.92
C VAL B 233 -26.82 46.19 -37.32
N PHE B 234 -27.48 46.39 -36.19
CA PHE B 234 -28.37 45.40 -35.60
C PHE B 234 -29.61 45.30 -36.47
N VAL B 235 -30.16 46.43 -36.86
CA VAL B 235 -31.35 46.44 -37.71
C VAL B 235 -31.02 45.93 -39.11
N ASP B 236 -29.74 46.03 -39.48
CA ASP B 236 -29.24 45.44 -40.72
C ASP B 236 -29.24 43.91 -40.64
N LEU B 237 -28.82 43.40 -39.49
CA LEU B 237 -28.69 41.96 -39.26
C LEU B 237 -30.05 41.25 -39.18
N ILE B 238 -30.95 41.77 -38.34
CA ILE B 238 -32.29 41.22 -38.23
C ILE B 238 -32.94 41.20 -39.61
N GLU B 239 -32.83 42.34 -40.31
CA GLU B 239 -33.34 42.50 -41.68
C GLU B 239 -32.90 41.37 -42.60
N HIS B 240 -31.60 41.08 -42.59
CA HIS B 240 -31.03 40.03 -43.42
C HIS B 240 -31.61 38.69 -43.05
N LEU B 241 -31.66 38.41 -41.76
CA LEU B 241 -32.21 37.15 -41.26
C LEU B 241 -33.66 36.94 -41.68
N LEU B 242 -34.48 37.97 -41.57
CA LEU B 242 -35.86 37.88 -42.01
C LEU B 242 -36.00 37.56 -43.49
N SER B 243 -35.11 38.10 -44.32
CA SER B 243 -35.22 37.94 -45.76
C SER B 243 -34.77 36.55 -46.22
N GLU B 244 -33.68 36.05 -45.66
CA GLU B 244 -33.22 34.70 -45.96
C GLU B 244 -34.10 33.62 -45.31
N LEU B 245 -34.87 34.04 -44.31
CA LEU B 245 -35.97 33.24 -43.84
C LEU B 245 -37.09 33.27 -44.86
N SER B 246 -37.51 34.48 -45.25
CA SER B 246 -38.61 34.67 -46.21
C SER B 246 -38.40 33.88 -47.50
N LYS B 247 -37.20 33.96 -48.07
CA LYS B 247 -36.84 33.07 -49.16
C LYS B 247 -35.96 31.97 -48.58
N ASN B 248 -36.58 30.86 -48.20
CA ASN B 248 -35.79 29.72 -47.72
C ASN B 248 -35.18 28.94 -48.88
N ASP B 249 -33.93 29.30 -49.20
CA ASP B 249 -33.19 28.68 -50.28
C ASP B 249 -32.94 27.20 -50.01
N SER B 250 -32.92 26.82 -48.73
CA SER B 250 -32.71 25.44 -48.28
C SER B 250 -33.10 25.24 -46.83
N MET B 251 -33.52 24.02 -46.48
CA MET B 251 -33.81 23.65 -45.08
C MET B 251 -32.52 23.58 -44.25
N SER B 252 -31.41 23.26 -44.91
CA SER B 252 -30.11 23.17 -44.26
C SER B 252 -29.58 24.56 -43.86
N THR B 253 -29.91 25.57 -44.67
CA THR B 253 -29.58 26.95 -44.32
C THR B 253 -30.54 27.47 -43.28
N THR B 254 -31.84 27.24 -43.48
CA THR B 254 -32.87 27.83 -42.65
C THR B 254 -32.98 27.19 -41.26
N ARG B 255 -32.28 26.09 -41.03
CA ARG B 255 -32.18 25.57 -39.67
C ARG B 255 -31.18 26.40 -38.88
N THR B 256 -29.99 26.59 -39.45
CA THR B 256 -28.94 27.41 -38.82
C THR B 256 -29.31 28.90 -38.82
N TYR B 257 -30.34 29.25 -39.56
CA TYR B 257 -30.81 30.63 -39.60
C TYR B 257 -31.60 31.01 -38.36
N ILE B 258 -32.61 30.22 -38.01
CA ILE B 258 -33.39 30.48 -36.79
C ILE B 258 -32.71 29.91 -35.54
N GLN B 259 -31.65 29.13 -35.76
CA GLN B 259 -30.74 28.76 -34.69
C GLN B 259 -29.99 30.02 -34.24
N CYS B 260 -29.66 30.85 -35.21
CA CYS B 260 -29.04 32.16 -35.00
C CYS B 260 -30.02 33.16 -34.37
N ILE B 261 -31.23 33.22 -34.93
CA ILE B 261 -32.29 34.10 -34.43
C ILE B 261 -32.53 33.84 -32.93
N ALA B 262 -32.27 32.60 -32.52
CA ALA B 262 -32.42 32.20 -31.14
C ALA B 262 -31.30 32.77 -30.28
N ALA B 263 -30.07 32.77 -30.81
CA ALA B 263 -28.90 33.24 -30.08
C ALA B 263 -28.96 34.73 -29.84
N ILE B 264 -29.51 35.46 -30.79
CA ILE B 264 -29.67 36.90 -30.70
C ILE B 264 -30.59 37.26 -29.52
N SER B 265 -31.65 36.49 -29.36
CA SER B 265 -32.57 36.64 -28.22
C SER B 265 -31.94 36.32 -26.86
N ARG B 266 -30.95 35.42 -26.86
CA ARG B 266 -30.20 35.13 -25.64
C ARG B 266 -29.36 36.32 -25.23
N GLN B 267 -28.71 36.94 -26.21
CA GLN B 267 -27.64 37.90 -25.96
C GLN B 267 -28.09 39.34 -25.73
N ALA B 268 -29.31 39.66 -26.12
CA ALA B 268 -29.84 41.01 -25.96
C ALA B 268 -31.24 40.97 -25.34
N GLY B 269 -32.26 40.88 -26.18
CA GLY B 269 -33.65 40.82 -25.72
C GLY B 269 -34.32 42.17 -25.78
N HIS B 270 -33.89 43.09 -24.91
CA HIS B 270 -34.31 44.48 -25.01
C HIS B 270 -34.12 44.99 -26.45
N ARG B 271 -33.03 44.54 -27.07
CA ARG B 271 -32.70 44.93 -28.44
C ARG B 271 -33.61 44.25 -29.46
N ILE B 272 -33.87 42.96 -29.29
CA ILE B 272 -34.72 42.22 -30.24
C ILE B 272 -36.20 42.39 -29.91
N GLY B 273 -36.49 43.13 -28.85
CA GLY B 273 -37.85 43.32 -28.37
C GLY B 273 -38.79 43.90 -29.41
N GLU B 274 -38.41 45.06 -29.96
CA GLU B 274 -39.28 45.80 -30.88
C GLU B 274 -39.60 45.03 -32.18
N TYR B 275 -38.64 44.27 -32.66
CA TYR B 275 -38.74 43.63 -33.97
C TYR B 275 -39.54 42.33 -33.99
N LEU B 276 -39.85 41.80 -32.82
CA LEU B 276 -40.35 40.43 -32.72
C LEU B 276 -41.78 40.20 -33.24
N GLU B 277 -42.52 41.28 -33.51
CA GLU B 277 -43.87 41.16 -34.09
C GLU B 277 -43.87 40.77 -35.57
N LYS B 278 -42.74 40.99 -36.25
CA LYS B 278 -42.57 40.60 -37.65
C LYS B 278 -41.62 39.39 -37.77
N ILE B 279 -41.20 38.88 -36.60
CA ILE B 279 -40.36 37.68 -36.48
C ILE B 279 -41.20 36.45 -36.14
N ILE B 280 -42.08 36.60 -35.15
CA ILE B 280 -42.85 35.49 -34.56
C ILE B 280 -43.72 34.69 -35.53
N PRO B 281 -44.34 35.35 -36.55
CA PRO B 281 -45.02 34.50 -37.52
C PRO B 281 -44.08 33.62 -38.35
N LEU B 282 -43.00 34.18 -38.88
CA LEU B 282 -42.00 33.40 -39.63
C LEU B 282 -41.48 32.20 -38.85
N VAL B 283 -41.41 32.36 -37.54
CA VAL B 283 -40.99 31.27 -36.65
C VAL B 283 -42.05 30.17 -36.65
N VAL B 284 -43.29 30.53 -36.31
CA VAL B 284 -44.41 29.58 -36.25
C VAL B 284 -44.56 28.83 -37.57
N LYS B 285 -44.69 29.59 -38.66
CA LYS B 285 -44.88 29.04 -40.02
C LYS B 285 -43.96 27.86 -40.33
N PHE B 286 -42.76 27.89 -39.76
CA PHE B 286 -41.71 26.96 -40.13
C PHE B 286 -41.66 25.69 -39.30
N CYS B 287 -41.93 25.81 -38.00
CA CYS B 287 -41.98 24.62 -37.14
C CYS B 287 -43.13 23.72 -37.57
N ASN B 288 -44.11 24.33 -38.24
CA ASN B 288 -45.26 23.60 -38.77
C ASN B 288 -44.89 22.50 -39.77
N VAL B 289 -43.96 22.77 -40.68
CA VAL B 289 -43.52 21.76 -41.68
C VAL B 289 -42.57 20.76 -41.02
N ASP B 290 -42.99 19.50 -41.04
CA ASP B 290 -42.47 18.42 -40.19
C ASP B 290 -40.98 18.12 -40.35
N ASP B 291 -40.17 18.71 -39.48
CA ASP B 291 -38.73 18.51 -39.46
C ASP B 291 -38.20 18.47 -38.03
N ASP B 292 -37.79 17.29 -37.60
CA ASP B 292 -37.35 17.03 -36.23
C ASP B 292 -36.36 18.07 -35.71
N GLU B 293 -35.40 18.43 -36.55
CA GLU B 293 -34.38 19.40 -36.19
C GLU B 293 -34.94 20.83 -36.11
N LEU B 294 -35.72 21.21 -37.13
CA LEU B 294 -36.25 22.56 -37.24
C LEU B 294 -37.21 22.89 -36.11
N ARG B 295 -38.03 21.91 -35.73
CA ARG B 295 -38.96 22.08 -34.63
C ARG B 295 -38.21 22.36 -33.34
N GLU B 296 -37.05 21.72 -33.17
CA GLU B 296 -36.22 22.00 -32.01
C GLU B 296 -35.78 23.47 -32.02
N TYR B 297 -34.98 23.84 -33.02
CA TYR B 297 -34.43 25.20 -33.12
C TYR B 297 -35.50 26.29 -33.19
N CYS B 298 -36.72 25.89 -33.56
CA CYS B 298 -37.83 26.82 -33.64
C CYS B 298 -38.44 27.08 -32.25
N ILE B 299 -38.63 26.03 -31.47
CA ILE B 299 -39.09 26.17 -30.09
C ILE B 299 -37.94 26.67 -29.21
N GLN B 300 -36.71 26.39 -29.62
CA GLN B 300 -35.52 26.99 -28.98
C GLN B 300 -35.64 28.51 -28.92
N ALA B 301 -36.10 29.10 -30.03
CA ALA B 301 -36.36 30.53 -30.12
C ALA B 301 -37.42 30.94 -29.11
N PHE B 302 -38.59 30.31 -29.17
CA PHE B 302 -39.69 30.60 -28.24
C PHE B 302 -39.29 30.69 -26.77
N GLU B 303 -38.31 29.89 -26.35
CA GLU B 303 -37.83 29.95 -24.98
C GLU B 303 -37.12 31.29 -24.72
N SER B 304 -36.10 31.57 -25.54
CA SER B 304 -35.34 32.84 -25.47
C SER B 304 -36.24 34.04 -25.76
N PHE B 305 -37.41 33.79 -26.35
CA PHE B 305 -38.40 34.83 -26.54
C PHE B 305 -39.14 35.14 -25.25
N VAL B 306 -39.76 34.12 -24.65
CA VAL B 306 -40.61 34.33 -23.47
C VAL B 306 -39.81 34.66 -22.21
N ARG B 307 -38.49 34.60 -22.31
CA ARG B 307 -37.63 34.95 -21.17
C ARG B 307 -36.99 36.32 -21.29
N ARG B 308 -36.68 36.76 -22.51
CA ARG B 308 -36.00 38.03 -22.68
C ARG B 308 -36.87 39.15 -23.27
N CYS B 309 -38.05 38.83 -23.76
CA CYS B 309 -38.97 39.85 -24.25
C CYS B 309 -40.33 39.76 -23.57
N PRO B 310 -40.34 39.44 -22.25
CA PRO B 310 -41.44 38.78 -21.55
C PRO B 310 -42.87 39.28 -21.80
N LYS B 311 -43.03 40.37 -22.56
CA LYS B 311 -44.32 41.03 -22.72
C LYS B 311 -45.33 40.46 -23.75
N GLU B 312 -44.86 39.92 -24.87
CA GLU B 312 -45.72 39.53 -26.02
C GLU B 312 -47.13 38.95 -25.75
N VAL B 313 -47.27 38.24 -24.63
CA VAL B 313 -48.52 37.58 -24.22
C VAL B 313 -49.22 36.80 -25.39
N TYR B 314 -48.75 35.56 -25.59
CA TYR B 314 -49.16 34.70 -26.69
C TYR B 314 -49.64 33.32 -26.21
N PRO B 315 -50.88 32.94 -26.59
CA PRO B 315 -51.37 31.61 -26.24
C PRO B 315 -50.80 30.51 -27.12
N HIS B 316 -50.38 30.86 -28.35
CA HIS B 316 -49.85 29.88 -29.30
C HIS B 316 -48.67 29.13 -28.74
N VAL B 317 -47.72 29.87 -28.17
CA VAL B 317 -46.51 29.29 -27.61
C VAL B 317 -46.86 28.14 -26.65
N SER B 318 -48.03 28.22 -26.02
CA SER B 318 -48.57 27.10 -25.21
C SER B 318 -49.08 25.96 -26.09
N THR B 319 -50.02 26.26 -26.98
CA THR B 319 -50.65 25.27 -27.86
C THR B 319 -49.62 24.61 -28.81
N ILE B 320 -48.70 25.41 -29.36
CA ILE B 320 -47.65 24.91 -30.25
C ILE B 320 -46.71 23.96 -29.50
N ILE B 321 -46.77 24.00 -28.17
CA ILE B 321 -46.05 23.04 -27.34
C ILE B 321 -46.93 21.87 -26.92
N ASN B 322 -48.14 22.19 -26.47
CA ASN B 322 -49.07 21.19 -25.98
C ASN B 322 -49.36 20.01 -26.93
N ILE B 323 -48.98 20.17 -28.20
CA ILE B 323 -49.04 19.05 -29.15
C ILE B 323 -47.64 18.44 -29.32
N CYS B 324 -46.63 19.30 -29.51
CA CYS B 324 -45.29 18.84 -29.84
C CYS B 324 -44.47 18.37 -28.62
N LEU B 325 -45.17 18.14 -27.52
CA LEU B 325 -44.55 17.53 -26.35
C LEU B 325 -44.77 16.03 -26.37
N LYS B 326 -45.91 15.61 -26.93
CA LYS B 326 -46.26 14.19 -27.10
C LYS B 326 -45.88 13.67 -28.49
N TYR B 327 -44.76 14.18 -28.99
CA TYR B 327 -44.28 13.92 -30.34
C TYR B 327 -43.32 12.74 -30.32
N LEU B 328 -43.86 11.53 -30.22
CA LEU B 328 -43.09 10.32 -30.44
C LEU B 328 -43.77 9.45 -31.49
N THR B 329 -42.96 8.83 -32.34
CA THR B 329 -43.47 7.86 -33.31
C THR B 329 -42.88 6.50 -32.94
N TYR B 330 -41.87 6.10 -33.70
CA TYR B 330 -40.96 5.00 -33.34
C TYR B 330 -39.85 4.92 -34.40
N ASP B 367 -33.75 7.24 -32.69
CA ASP B 367 -34.75 8.20 -33.16
C ASP B 367 -34.15 9.59 -33.29
N MET B 368 -33.63 10.11 -32.18
CA MET B 368 -33.16 11.50 -32.03
C MET B 368 -34.17 12.58 -32.49
N SER B 369 -35.41 12.39 -32.07
CA SER B 369 -36.43 13.44 -32.10
C SER B 369 -36.89 13.73 -30.67
N TRP B 370 -36.17 13.17 -29.69
CA TRP B 370 -36.39 13.49 -28.27
C TRP B 370 -36.08 14.95 -28.02
N LYS B 371 -35.25 15.51 -28.89
CA LYS B 371 -34.88 16.92 -28.86
C LYS B 371 -36.07 17.84 -29.15
N VAL B 372 -37.18 17.28 -29.62
CA VAL B 372 -38.40 18.05 -29.82
C VAL B 372 -39.17 18.15 -28.52
N ARG B 373 -39.32 17.02 -27.84
CA ARG B 373 -39.99 16.97 -26.53
C ARG B 373 -39.24 17.80 -25.49
N ARG B 374 -37.91 17.69 -25.50
CA ARG B 374 -37.03 18.43 -24.59
C ARG B 374 -37.16 19.94 -24.78
N ALA B 375 -37.39 20.36 -26.02
CA ALA B 375 -37.58 21.77 -26.36
C ALA B 375 -38.92 22.26 -25.85
N ALA B 376 -39.96 21.48 -26.12
CA ALA B 376 -41.34 21.82 -25.72
C ALA B 376 -41.50 21.87 -24.20
N ALA B 377 -40.79 20.98 -23.51
CA ALA B 377 -40.82 20.90 -22.06
C ALA B 377 -40.17 22.13 -21.41
N LYS B 378 -38.98 22.47 -21.90
CA LYS B 378 -38.19 23.57 -21.37
C LYS B 378 -38.81 24.94 -21.65
N CYS B 379 -39.68 24.99 -22.65
CA CYS B 379 -40.34 26.24 -23.03
C CYS B 379 -41.55 26.55 -22.15
N LEU B 380 -42.33 25.52 -21.80
CA LEU B 380 -43.44 25.70 -20.86
C LEU B 380 -42.92 26.03 -19.48
N ASP B 381 -41.79 25.42 -19.13
CA ASP B 381 -41.04 25.70 -17.90
C ASP B 381 -40.74 27.20 -17.77
N ALA B 382 -40.62 27.87 -18.91
CA ALA B 382 -40.41 29.32 -18.98
C ALA B 382 -41.74 30.08 -19.07
N VAL B 383 -42.67 29.57 -19.88
CA VAL B 383 -44.00 30.19 -20.03
C VAL B 383 -44.70 30.33 -18.69
N VAL B 384 -44.67 29.26 -17.89
CA VAL B 384 -45.23 29.27 -16.55
C VAL B 384 -44.54 30.27 -15.64
N SER B 385 -43.21 30.24 -15.63
CA SER B 385 -42.39 31.06 -14.73
C SER B 385 -42.52 32.58 -14.93
N THR B 386 -42.57 33.02 -16.18
CA THR B 386 -42.63 34.45 -16.49
C THR B 386 -43.97 35.06 -16.10
N ARG B 387 -45.04 34.44 -16.56
CA ARG B 387 -46.37 34.99 -16.40
C ARG B 387 -47.08 34.37 -15.18
N HIS B 388 -46.93 35.03 -14.04
CA HIS B 388 -47.54 34.60 -12.77
C HIS B 388 -49.07 34.71 -12.81
N GLU B 389 -49.57 35.71 -13.53
CA GLU B 389 -50.98 36.02 -13.61
C GLU B 389 -51.80 34.95 -14.33
N MET B 390 -51.13 34.19 -15.20
CA MET B 390 -51.76 33.12 -15.97
C MET B 390 -51.97 31.86 -15.15
N LEU B 391 -51.41 31.82 -13.94
CA LEU B 391 -51.37 30.59 -13.15
C LEU B 391 -52.70 29.86 -13.02
N PRO B 392 -53.79 30.55 -12.61
CA PRO B 392 -55.10 29.89 -12.52
C PRO B 392 -55.51 29.15 -13.80
N GLU B 393 -55.03 29.62 -14.95
CA GLU B 393 -55.31 28.99 -16.24
C GLU B 393 -54.39 27.79 -16.47
N PHE B 394 -53.12 27.91 -16.08
CA PHE B 394 -52.16 26.81 -16.25
C PHE B 394 -52.62 25.50 -15.62
N TYR B 395 -53.18 25.58 -14.41
CA TYR B 395 -53.70 24.40 -13.72
C TYR B 395 -54.82 23.70 -14.47
N LYS B 396 -55.35 24.37 -15.50
CA LYS B 396 -56.42 23.84 -16.32
C LYS B 396 -55.90 23.50 -17.71
N THR B 397 -54.99 24.32 -18.23
CA THR B 397 -54.47 24.11 -19.58
C THR B 397 -53.14 23.33 -19.63
N VAL B 398 -52.11 23.84 -18.93
CA VAL B 398 -50.78 23.21 -18.91
C VAL B 398 -50.71 22.02 -17.94
N SER B 399 -50.85 22.32 -16.65
CA SER B 399 -50.72 21.34 -15.54
C SER B 399 -51.45 20.00 -15.65
N PRO B 400 -52.77 20.02 -15.93
CA PRO B 400 -53.51 18.77 -15.71
C PRO B 400 -53.04 17.66 -16.63
N ALA B 401 -52.89 18.01 -17.90
CA ALA B 401 -52.43 17.08 -18.90
C ALA B 401 -50.93 17.28 -19.05
N LEU B 402 -50.52 17.39 -20.30
CA LEU B 402 -49.13 17.26 -20.74
C LEU B 402 -48.09 16.87 -19.69
N ILE B 403 -47.73 17.81 -18.82
CA ILE B 403 -46.68 17.58 -17.82
C ILE B 403 -46.99 16.48 -16.81
N SER B 404 -48.24 16.36 -16.37
CA SER B 404 -48.63 15.23 -15.52
C SER B 404 -48.63 13.91 -16.30
N ARG B 405 -49.24 13.87 -17.48
CA ARG B 405 -49.19 12.65 -18.29
C ARG B 405 -47.75 12.27 -18.57
N PHE B 406 -47.02 13.15 -19.24
CA PHE B 406 -45.66 12.84 -19.68
C PHE B 406 -44.62 12.76 -18.57
N LYS B 407 -45.00 12.17 -17.43
CA LYS B 407 -44.04 11.78 -16.40
C LYS B 407 -43.20 10.60 -16.85
N GLU B 408 -43.58 9.96 -17.97
CA GLU B 408 -42.77 8.95 -18.64
C GLU B 408 -42.11 9.63 -19.83
N ARG B 409 -41.14 8.95 -20.45
CA ARG B 409 -40.44 9.50 -21.61
C ARG B 409 -39.20 8.69 -21.96
N GLU B 410 -38.24 9.37 -22.58
CA GLU B 410 -36.91 8.85 -22.89
C GLU B 410 -36.17 8.64 -21.57
N GLU B 411 -35.72 9.74 -20.95
CA GLU B 411 -35.20 9.76 -19.57
C GLU B 411 -34.87 11.18 -19.12
N ASN B 412 -33.92 11.81 -19.80
CA ASN B 412 -33.47 13.16 -19.42
C ASN B 412 -34.45 14.27 -19.82
N VAL B 413 -35.31 13.96 -20.79
CA VAL B 413 -36.43 14.83 -21.15
C VAL B 413 -37.47 14.82 -20.02
N LYS B 414 -37.72 13.64 -19.46
CA LYS B 414 -38.58 13.45 -18.29
C LYS B 414 -38.22 14.44 -17.17
N ALA B 415 -36.92 14.60 -16.91
CA ALA B 415 -36.42 15.52 -15.89
C ALA B 415 -36.83 16.97 -16.15
N ASP B 416 -36.79 17.35 -17.43
CA ASP B 416 -37.23 18.69 -17.85
C ASP B 416 -38.75 18.82 -17.80
N VAL B 417 -39.43 17.69 -17.68
CA VAL B 417 -40.87 17.68 -17.48
C VAL B 417 -41.13 17.82 -15.97
N PHE B 418 -40.25 17.23 -15.16
CA PHE B 418 -40.32 17.42 -13.71
C PHE B 418 -40.01 18.86 -13.35
N HIS B 419 -38.94 19.38 -13.95
CA HIS B 419 -38.46 20.75 -13.72
C HIS B 419 -39.54 21.77 -14.07
N ALA B 420 -40.40 21.39 -15.00
CA ALA B 420 -41.53 22.21 -15.40
C ALA B 420 -42.59 22.23 -14.30
N TYR B 421 -43.00 21.05 -13.84
CA TYR B 421 -44.03 20.97 -12.80
C TYR B 421 -43.57 21.55 -11.46
N LEU B 422 -42.26 21.52 -11.21
CA LEU B 422 -41.67 22.16 -10.03
C LEU B 422 -41.78 23.69 -10.15
N SER B 423 -41.56 24.21 -11.36
CA SER B 423 -41.69 25.63 -11.61
C SER B 423 -43.12 26.07 -11.42
N LEU B 424 -44.07 25.23 -11.85
CA LEU B 424 -45.48 25.50 -11.64
C LEU B 424 -45.83 25.58 -10.16
N LEU B 425 -45.25 24.67 -9.38
CA LEU B 425 -45.47 24.65 -7.94
C LEU B 425 -44.86 25.87 -7.29
N LYS B 426 -43.68 26.27 -7.77
CA LYS B 426 -42.98 27.44 -7.22
C LYS B 426 -43.73 28.75 -7.44
N GLN B 427 -44.58 28.78 -8.46
CA GLN B 427 -45.37 29.97 -8.75
C GLN B 427 -46.58 30.09 -7.82
N THR B 428 -47.16 28.94 -7.46
CA THR B 428 -48.27 28.86 -6.50
C THR B 428 -47.85 29.21 -5.07
N ARG B 429 -46.56 29.07 -4.78
CA ARG B 429 -45.96 29.37 -3.47
C ARG B 429 -46.39 30.76 -2.96
N PRO B 430 -47.29 30.79 -1.96
CA PRO B 430 -47.95 32.03 -1.54
C PRO B 430 -46.99 33.07 -0.97
N GLU B 445 -62.78 29.59 -6.68
CA GLU B 445 -61.80 28.71 -7.31
C GLU B 445 -60.40 29.30 -7.28
N THR B 446 -59.70 29.03 -6.18
CA THR B 446 -58.32 29.51 -5.97
C THR B 446 -57.25 28.56 -6.55
N PRO B 447 -56.12 29.13 -7.01
CA PRO B 447 -54.92 28.41 -7.43
C PRO B 447 -54.68 27.08 -6.71
N LEU B 448 -54.55 27.13 -5.39
CA LEU B 448 -54.24 25.95 -4.60
C LEU B 448 -55.33 24.88 -4.62
N THR B 449 -56.60 25.29 -4.74
CA THR B 449 -57.70 24.32 -4.75
C THR B 449 -57.71 23.49 -6.03
N MET B 450 -57.10 24.02 -7.08
CA MET B 450 -56.91 23.27 -8.32
C MET B 450 -55.86 22.20 -8.09
N LEU B 451 -54.80 22.59 -7.40
CA LEU B 451 -53.73 21.69 -7.00
C LEU B 451 -54.28 20.58 -6.10
N GLN B 452 -55.18 20.95 -5.17
CA GLN B 452 -55.78 19.99 -4.25
C GLN B 452 -56.67 18.99 -4.96
N SER B 453 -57.20 19.38 -6.12
CA SER B 453 -57.98 18.49 -6.98
C SER B 453 -57.13 17.78 -8.03
N GLN B 454 -55.90 18.27 -8.19
CA GLN B 454 -54.92 17.65 -9.08
C GLN B 454 -54.04 16.66 -8.32
N VAL B 455 -54.10 16.71 -6.99
CA VAL B 455 -53.26 15.88 -6.13
C VAL B 455 -53.46 14.35 -6.29
N PRO B 456 -54.71 13.88 -6.56
CA PRO B 456 -54.87 12.42 -6.72
C PRO B 456 -54.25 11.89 -8.01
N ASN B 457 -54.33 12.69 -9.07
CA ASN B 457 -53.78 12.35 -10.37
C ASN B 457 -52.24 12.33 -10.31
N ILE B 458 -51.68 13.30 -9.60
CA ILE B 458 -50.23 13.50 -9.53
C ILE B 458 -49.52 12.41 -8.72
N VAL B 459 -50.15 11.96 -7.63
CA VAL B 459 -49.63 10.85 -6.84
C VAL B 459 -49.52 9.59 -7.70
N LYS B 460 -50.57 9.29 -8.46
CA LYS B 460 -50.63 8.10 -9.31
C LYS B 460 -49.56 8.15 -10.40
N ALA B 461 -49.33 9.35 -10.92
CA ALA B 461 -48.28 9.55 -11.89
C ALA B 461 -46.92 9.24 -11.28
N LEU B 462 -46.72 9.68 -10.04
CA LEU B 462 -45.44 9.52 -9.33
C LEU B 462 -45.20 8.10 -8.81
N HIS B 463 -46.23 7.51 -8.23
CA HIS B 463 -46.17 6.14 -7.70
C HIS B 463 -45.56 5.17 -8.71
N LYS B 464 -46.05 5.25 -9.94
CA LYS B 464 -45.53 4.49 -11.07
C LYS B 464 -44.03 4.69 -11.27
N GLN B 465 -43.58 5.93 -11.12
CA GLN B 465 -42.20 6.33 -11.42
C GLN B 465 -41.19 6.03 -10.32
N MET B 466 -41.65 6.00 -9.07
CA MET B 466 -40.77 5.88 -7.90
C MET B 466 -39.98 4.58 -7.81
N LYS B 467 -40.12 3.74 -8.84
CA LYS B 467 -39.40 2.46 -8.87
C LYS B 467 -38.34 2.38 -9.98
N GLU B 468 -38.38 3.32 -10.93
CA GLU B 468 -37.47 3.29 -12.07
C GLU B 468 -36.01 3.13 -11.63
N LYS B 469 -35.30 2.23 -12.31
CA LYS B 469 -33.89 1.94 -11.99
C LYS B 469 -33.07 3.21 -12.01
N SER B 470 -33.50 4.17 -12.81
CA SER B 470 -32.88 5.48 -12.90
C SER B 470 -32.87 6.16 -11.53
N VAL B 471 -31.74 6.76 -11.18
CA VAL B 471 -31.61 7.48 -9.92
C VAL B 471 -32.30 8.83 -10.05
N LYS B 472 -31.97 9.57 -11.11
CA LYS B 472 -32.50 10.91 -11.35
C LYS B 472 -34.03 10.94 -11.43
N THR B 473 -34.60 9.97 -12.15
CA THR B 473 -36.04 9.84 -12.29
C THR B 473 -36.67 9.66 -10.91
N ARG B 474 -36.01 8.88 -10.05
CA ARG B 474 -36.44 8.72 -8.67
C ARG B 474 -36.17 9.96 -7.83
N GLN B 475 -35.02 10.60 -8.05
CA GLN B 475 -34.64 11.78 -7.28
C GLN B 475 -35.62 12.92 -7.49
N CYS B 476 -36.11 13.06 -8.72
CA CYS B 476 -37.09 14.10 -9.06
C CYS B 476 -38.43 13.89 -8.37
N CYS B 477 -38.79 12.63 -8.11
CA CYS B 477 -40.04 12.30 -7.44
C CYS B 477 -40.10 12.85 -6.02
N PHE B 478 -39.01 12.69 -5.29
CA PHE B 478 -38.96 13.10 -3.91
C PHE B 478 -38.97 14.63 -3.78
N ASN B 479 -38.22 15.30 -4.66
CA ASN B 479 -38.21 16.77 -4.74
C ASN B 479 -39.57 17.34 -5.13
N MET B 480 -40.31 16.55 -5.89
CA MET B 480 -41.65 16.89 -6.31
C MET B 480 -42.56 16.92 -5.08
N LEU B 481 -42.52 15.86 -4.28
CA LEU B 481 -43.39 15.73 -3.12
C LEU B 481 -42.97 16.67 -1.99
N THR B 482 -41.67 16.80 -1.75
CA THR B 482 -41.11 17.74 -0.76
C THR B 482 -41.70 19.12 -0.98
N GLU B 483 -41.62 19.60 -2.22
CA GLU B 483 -42.23 20.87 -2.61
C GLU B 483 -43.76 20.83 -2.53
N LEU B 484 -44.36 19.73 -3.00
CA LEU B 484 -45.81 19.59 -2.97
C LEU B 484 -46.33 19.73 -1.55
N VAL B 485 -45.75 18.96 -0.64
CA VAL B 485 -46.12 18.99 0.77
C VAL B 485 -45.84 20.39 1.35
N ASN B 486 -44.80 21.05 0.85
CA ASN B 486 -44.41 22.39 1.30
C ASN B 486 -45.40 23.48 0.91
N VAL B 487 -46.05 23.30 -0.24
CA VAL B 487 -47.04 24.25 -0.74
C VAL B 487 -48.42 23.99 -0.11
N LEU B 488 -48.77 22.72 0.06
CA LEU B 488 -50.02 22.33 0.71
C LEU B 488 -49.76 21.51 1.97
N PRO B 489 -49.91 22.15 3.15
CA PRO B 489 -49.75 21.44 4.43
C PRO B 489 -50.83 20.38 4.65
N GLY B 490 -50.55 19.16 4.18
CA GLY B 490 -51.47 18.04 4.35
C GLY B 490 -52.09 17.59 3.04
N ALA B 491 -51.32 17.69 1.96
CA ALA B 491 -51.79 17.38 0.61
C ALA B 491 -51.95 15.90 0.33
N LEU B 492 -51.36 15.05 1.17
CA LEU B 492 -51.31 13.61 0.92
C LEU B 492 -51.94 12.75 2.02
N THR B 493 -52.93 13.30 2.74
CA THR B 493 -53.57 12.57 3.83
C THR B 493 -54.11 11.22 3.34
N GLN B 494 -54.77 11.22 2.18
CA GLN B 494 -55.36 10.00 1.62
C GLN B 494 -54.36 9.08 0.91
N HIS B 495 -53.16 9.60 0.64
CA HIS B 495 -52.25 8.93 -0.30
C HIS B 495 -50.98 8.36 0.32
N ILE B 496 -50.88 8.44 1.64
CA ILE B 496 -49.76 7.85 2.38
C ILE B 496 -49.60 6.35 2.07
N PRO B 497 -50.72 5.56 2.11
CA PRO B 497 -50.65 4.12 1.86
C PRO B 497 -49.99 3.71 0.55
N VAL B 498 -50.17 4.50 -0.51
CA VAL B 498 -49.55 4.17 -1.79
C VAL B 498 -48.14 4.74 -1.93
N LEU B 499 -47.84 5.80 -1.17
CA LEU B 499 -46.57 6.52 -1.31
C LEU B 499 -45.40 5.99 -0.48
N VAL B 500 -45.69 5.56 0.74
CA VAL B 500 -44.68 4.96 1.62
C VAL B 500 -43.95 3.78 0.93
N PRO B 501 -44.71 2.82 0.34
CA PRO B 501 -44.07 1.69 -0.33
C PRO B 501 -42.99 2.11 -1.34
N GLY B 502 -43.17 3.28 -1.94
CA GLY B 502 -42.19 3.86 -2.85
C GLY B 502 -40.95 4.40 -2.12
N ILE B 503 -41.18 5.04 -0.97
CA ILE B 503 -40.10 5.68 -0.19
C ILE B 503 -39.12 4.65 0.36
N ILE B 504 -39.64 3.49 0.75
CA ILE B 504 -38.80 2.42 1.24
C ILE B 504 -37.86 1.97 0.14
N PHE B 505 -38.40 1.69 -1.04
CA PHE B 505 -37.62 1.12 -2.14
C PHE B 505 -36.36 1.89 -2.46
N SER B 506 -36.45 3.22 -2.41
CA SER B 506 -35.31 4.09 -2.71
C SER B 506 -34.35 4.20 -1.53
N LEU B 507 -34.83 3.84 -0.35
CA LEU B 507 -34.02 3.89 0.86
C LEU B 507 -33.14 2.66 1.04
N ASN B 508 -33.34 1.65 0.18
CA ASN B 508 -32.69 0.35 0.35
C ASN B 508 -31.62 -0.04 -0.69
N ASP B 509 -32.06 -0.30 -1.92
CA ASP B 509 -31.19 -0.98 -2.89
C ASP B 509 -31.02 -0.26 -4.23
N LYS B 510 -30.06 -0.77 -5.02
CA LYS B 510 -29.52 -0.09 -6.21
C LYS B 510 -28.80 1.15 -5.68
N SER B 511 -27.56 0.92 -5.26
CA SER B 511 -26.90 1.74 -4.24
C SER B 511 -25.82 2.71 -4.75
N SER B 512 -25.03 3.23 -3.78
CA SER B 512 -24.19 4.44 -3.92
C SER B 512 -25.02 5.73 -4.16
N SER B 513 -26.33 5.60 -3.93
CA SER B 513 -27.32 6.66 -4.13
C SER B 513 -27.29 7.65 -2.97
N SER B 514 -26.10 7.94 -2.43
CA SER B 514 -25.96 8.83 -1.27
C SER B 514 -26.81 10.10 -1.41
N ASN B 515 -26.88 10.62 -2.64
CA ASN B 515 -27.78 11.71 -2.95
C ASN B 515 -29.24 11.33 -2.81
N LEU B 516 -29.64 10.25 -3.48
CA LEU B 516 -31.04 9.79 -3.49
C LEU B 516 -31.58 9.44 -2.10
N LYS B 517 -30.72 8.92 -1.24
CA LYS B 517 -31.15 8.58 0.12
C LYS B 517 -31.51 9.84 0.90
N ILE B 518 -30.58 10.80 0.95
CA ILE B 518 -30.81 12.09 1.63
C ILE B 518 -32.15 12.67 1.16
N ASP B 519 -32.32 12.76 -0.15
CA ASP B 519 -33.54 13.23 -0.78
C ASP B 519 -34.80 12.54 -0.29
N ALA B 520 -34.77 11.21 -0.24
CA ALA B 520 -35.89 10.40 0.21
C ALA B 520 -36.19 10.64 1.68
N LEU B 521 -35.14 10.76 2.47
CA LEU B 521 -35.26 11.06 3.90
C LEU B 521 -35.82 12.46 4.14
N SER B 522 -35.22 13.47 3.49
CA SER B 522 -35.72 14.85 3.54
C SER B 522 -37.18 14.92 3.14
N CYS B 523 -37.54 14.18 2.09
CA CYS B 523 -38.92 14.09 1.60
C CYS B 523 -39.85 13.44 2.62
N LEU B 524 -39.44 12.29 3.15
CA LEU B 524 -40.21 11.59 4.16
C LEU B 524 -40.46 12.53 5.34
N TYR B 525 -39.41 13.19 5.80
CA TYR B 525 -39.48 14.11 6.94
C TYR B 525 -40.51 15.20 6.73
N VAL B 526 -40.47 15.86 5.58
CA VAL B 526 -41.40 16.93 5.26
C VAL B 526 -42.83 16.42 5.36
N ILE B 527 -43.06 15.20 4.88
CA ILE B 527 -44.36 14.54 4.96
C ILE B 527 -44.77 14.30 6.43
N LEU B 528 -43.85 13.76 7.23
CA LEU B 528 -44.10 13.47 8.64
C LEU B 528 -44.41 14.70 9.48
N CYS B 529 -43.85 15.84 9.06
CA CYS B 529 -44.02 17.10 9.76
C CYS B 529 -45.35 17.78 9.48
N ASN B 530 -45.93 17.49 8.31
CA ASN B 530 -47.12 18.19 7.83
C ASN B 530 -48.39 17.35 7.76
N HIS B 531 -48.44 16.25 8.52
CA HIS B 531 -49.60 15.37 8.51
C HIS B 531 -49.93 14.83 9.90
N SER B 532 -51.18 14.41 10.08
CA SER B 532 -51.67 13.90 11.37
C SER B 532 -50.87 12.71 11.83
N PRO B 533 -50.59 12.63 13.14
CA PRO B 533 -49.92 11.45 13.70
C PRO B 533 -50.77 10.20 13.47
N GLN B 534 -52.06 10.42 13.24
CA GLN B 534 -53.01 9.41 12.77
C GLN B 534 -52.46 8.61 11.59
N VAL B 535 -52.22 9.30 10.49
CA VAL B 535 -52.12 8.67 9.17
C VAL B 535 -50.89 7.80 8.93
N PHE B 536 -49.92 7.85 9.83
CA PHE B 536 -48.68 7.08 9.69
C PHE B 536 -48.64 5.78 10.52
N HIS B 537 -49.51 5.70 11.53
CA HIS B 537 -49.57 4.52 12.40
C HIS B 537 -49.62 3.19 11.61
N PRO B 538 -50.64 3.01 10.74
CA PRO B 538 -50.74 1.76 9.96
C PRO B 538 -49.54 1.43 9.07
N HIS B 539 -48.52 2.28 9.10
CA HIS B 539 -47.32 2.05 8.29
C HIS B 539 -46.04 1.99 9.12
N VAL B 540 -46.08 2.52 10.33
CA VAL B 540 -44.90 2.55 11.21
C VAL B 540 -44.14 1.22 11.12
N GLN B 541 -44.90 0.12 11.20
CA GLN B 541 -44.42 -1.25 10.97
C GLN B 541 -43.29 -1.30 9.94
N ALA B 542 -43.60 -0.86 8.71
CA ALA B 542 -42.66 -0.95 7.59
C ALA B 542 -41.67 0.21 7.53
N LEU B 543 -41.90 1.25 8.34
CA LEU B 543 -41.09 2.48 8.30
C LEU B 543 -39.84 2.52 9.19
N VAL B 544 -39.94 1.99 10.41
CA VAL B 544 -38.82 2.02 11.37
C VAL B 544 -37.56 1.26 10.91
N PRO B 545 -37.71 -0.01 10.44
CA PRO B 545 -36.56 -0.83 10.04
C PRO B 545 -35.60 -0.21 9.00
N PRO B 546 -36.14 0.44 7.93
CA PRO B 546 -35.22 1.07 6.99
C PRO B 546 -34.59 2.38 7.49
N VAL B 547 -35.33 3.17 8.27
CA VAL B 547 -34.82 4.43 8.84
C VAL B 547 -33.66 4.19 9.82
N VAL B 548 -33.87 3.29 10.78
CA VAL B 548 -32.83 2.80 11.69
C VAL B 548 -31.60 2.37 10.89
N ALA B 549 -31.83 1.57 9.86
CA ALA B 549 -30.78 1.11 8.95
C ALA B 549 -29.99 2.29 8.34
N CYS B 550 -30.66 3.43 8.21
CA CYS B 550 -30.00 4.61 7.70
C CYS B 550 -29.15 5.28 8.77
N VAL B 551 -29.63 5.27 10.01
CA VAL B 551 -28.93 5.91 11.13
C VAL B 551 -27.52 5.32 11.28
N GLY B 552 -27.44 3.99 11.22
CA GLY B 552 -26.17 3.30 11.14
C GLY B 552 -25.68 3.26 9.71
N ASP B 553 -25.09 4.36 9.27
CA ASP B 553 -24.56 4.46 7.92
C ASP B 553 -23.17 5.07 7.95
N PRO B 554 -22.23 4.47 7.20
CA PRO B 554 -20.85 4.96 7.13
C PRO B 554 -20.76 6.47 6.87
N PHE B 555 -21.62 6.95 5.97
CA PHE B 555 -21.59 8.33 5.48
C PHE B 555 -22.40 9.25 6.38
N TYR B 556 -21.73 10.27 6.94
CA TYR B 556 -22.30 11.15 7.96
C TYR B 556 -23.49 11.99 7.49
N LYS B 557 -23.50 12.35 6.21
CA LYS B 557 -24.55 13.23 5.69
C LYS B 557 -25.92 12.53 5.61
N ILE B 558 -25.90 11.20 5.47
CA ILE B 558 -27.12 10.40 5.61
C ILE B 558 -27.47 10.25 7.10
N THR B 559 -26.46 10.06 7.94
CA THR B 559 -26.67 9.83 9.36
C THR B 559 -27.42 10.99 10.03
N SER B 560 -27.01 12.23 9.74
CA SER B 560 -27.62 13.39 10.39
C SER B 560 -29.01 13.71 9.86
N GLU B 561 -29.29 13.29 8.62
CA GLU B 561 -30.61 13.43 8.03
C GLU B 561 -31.54 12.30 8.46
N ALA B 562 -30.96 11.19 8.89
CA ALA B 562 -31.72 10.05 9.37
C ALA B 562 -32.27 10.33 10.76
N LEU B 563 -31.42 10.92 11.60
CA LEU B 563 -31.79 11.30 12.96
C LEU B 563 -32.76 12.47 12.98
N LEU B 564 -32.80 13.22 11.88
CA LEU B 564 -33.76 14.29 11.73
C LEU B 564 -35.15 13.70 11.47
N VAL B 565 -35.20 12.57 10.77
CA VAL B 565 -36.45 11.84 10.54
C VAL B 565 -36.90 11.13 11.80
N THR B 566 -35.97 10.40 12.42
CA THR B 566 -36.23 9.65 13.65
C THR B 566 -36.84 10.55 14.73
N GLN B 567 -36.25 11.72 14.94
CA GLN B 567 -36.75 12.71 15.89
C GLN B 567 -38.25 13.00 15.67
N GLN B 568 -38.63 13.18 14.41
CA GLN B 568 -40.02 13.48 14.07
C GLN B 568 -40.91 12.25 14.13
N LEU B 569 -40.39 11.09 13.73
CA LEU B 569 -41.12 9.82 13.87
C LEU B 569 -41.50 9.56 15.32
N VAL B 570 -40.62 9.97 16.23
CA VAL B 570 -40.87 9.89 17.68
C VAL B 570 -42.10 10.71 18.06
N LYS B 571 -42.28 11.86 17.41
CA LYS B 571 -43.49 12.66 17.58
C LYS B 571 -44.75 11.89 17.14
N VAL B 572 -44.63 11.12 16.05
CA VAL B 572 -45.75 10.39 15.45
C VAL B 572 -46.26 9.24 16.31
N ILE B 573 -45.34 8.52 16.96
CA ILE B 573 -45.64 7.31 17.71
C ILE B 573 -46.42 7.55 19.03
N ARG B 574 -45.92 8.46 19.86
CA ARG B 574 -46.54 8.77 21.15
C ARG B 574 -46.77 10.28 21.26
N PRO B 575 -47.74 10.80 20.49
CA PRO B 575 -47.94 12.23 20.23
C PRO B 575 -47.85 13.19 21.43
N LEU B 576 -48.59 12.91 22.50
CA LEU B 576 -48.63 13.77 23.71
C LEU B 576 -49.22 15.16 23.46
N ASP B 577 -49.25 15.56 22.19
CA ASP B 577 -49.90 16.78 21.74
C ASP B 577 -51.41 16.55 21.83
N GLN B 578 -51.90 15.59 21.05
CA GLN B 578 -53.30 15.18 21.05
C GLN B 578 -53.44 13.66 21.25
N PRO B 579 -53.48 13.21 22.53
CA PRO B 579 -53.56 11.80 22.95
C PRO B 579 -54.37 10.87 22.02
N SER B 580 -53.73 9.77 21.64
CA SER B 580 -54.29 8.81 20.68
C SER B 580 -53.86 7.37 21.00
N SER B 581 -54.51 6.42 20.34
CA SER B 581 -54.34 5.00 20.66
C SER B 581 -53.43 4.30 19.65
N PHE B 582 -52.19 4.05 20.05
CA PHE B 582 -51.20 3.34 19.23
C PHE B 582 -50.10 2.68 20.05
N ASP B 583 -49.69 1.50 19.61
CA ASP B 583 -48.68 0.71 20.31
C ASP B 583 -47.27 1.31 20.15
N ALA B 584 -46.86 2.05 21.17
CA ALA B 584 -45.54 2.69 21.20
C ALA B 584 -44.43 1.70 21.50
N THR B 585 -44.72 0.72 22.34
CA THR B 585 -43.73 -0.24 22.88
C THR B 585 -42.84 -1.02 21.89
N PRO B 586 -43.41 -1.60 20.81
CA PRO B 586 -42.63 -2.56 20.03
C PRO B 586 -41.52 -1.99 19.14
N TYR B 587 -41.09 -0.76 19.43
CA TYR B 587 -40.06 -0.08 18.62
C TYR B 587 -38.95 0.58 19.43
N ILE B 588 -39.20 0.84 20.71
CA ILE B 588 -38.27 1.58 21.58
C ILE B 588 -36.83 1.02 21.58
N LYS B 589 -36.69 -0.30 21.61
CA LYS B 589 -35.38 -0.96 21.55
C LYS B 589 -34.63 -0.60 20.27
N ASP B 590 -35.29 -0.75 19.12
CA ASP B 590 -34.72 -0.40 17.82
C ASP B 590 -34.36 1.09 17.73
N LEU B 591 -35.28 1.96 18.17
CA LEU B 591 -35.10 3.41 18.07
C LEU B 591 -34.09 3.99 19.06
N PHE B 592 -33.95 3.35 20.21
CA PHE B 592 -33.00 3.82 21.21
C PHE B 592 -31.57 3.38 20.89
N THR B 593 -31.41 2.10 20.56
CA THR B 593 -30.09 1.51 20.32
C THR B 593 -29.34 2.16 19.16
N CYS B 594 -30.04 2.43 18.06
CA CYS B 594 -29.43 3.10 16.92
C CYS B 594 -29.09 4.57 17.19
N THR B 595 -29.72 5.17 18.21
CA THR B 595 -29.53 6.59 18.51
C THR B 595 -28.43 6.87 19.53
N ILE B 596 -28.37 6.10 20.61
CA ILE B 596 -27.28 6.27 21.57
C ILE B 596 -25.93 5.90 20.95
N LYS B 597 -25.96 5.01 19.96
CA LYS B 597 -24.75 4.64 19.20
C LYS B 597 -24.11 5.85 18.51
N ARG B 598 -24.95 6.83 18.16
CA ARG B 598 -24.49 8.06 17.50
C ARG B 598 -24.36 9.23 18.49
N LEU B 599 -24.85 9.04 19.72
CA LEU B 599 -24.75 10.06 20.76
C LEU B 599 -23.49 9.84 21.61
N LYS B 600 -23.21 8.58 21.93
CA LYS B 600 -22.00 8.19 22.64
C LYS B 600 -20.78 8.39 21.74
N ALA B 601 -21.03 8.47 20.44
CA ALA B 601 -20.00 8.51 19.38
C ALA B 601 -18.68 9.22 19.76
N ALA B 602 -18.79 10.44 20.30
CA ALA B 602 -17.63 11.27 20.66
C ALA B 602 -16.36 11.05 19.81
N ASP B 603 -16.55 11.00 18.49
CA ASP B 603 -15.47 10.77 17.54
C ASP B 603 -15.82 11.35 16.17
N ILE B 604 -17.04 11.07 15.71
CA ILE B 604 -17.46 11.37 14.35
C ILE B 604 -18.04 12.79 14.15
N ASP B 605 -18.40 13.10 12.90
CA ASP B 605 -18.75 14.45 12.46
C ASP B 605 -19.72 15.17 13.37
N GLN B 606 -19.48 16.47 13.56
CA GLN B 606 -20.22 17.28 14.53
C GLN B 606 -21.66 17.61 14.13
N GLU B 607 -22.01 17.37 12.87
CA GLU B 607 -23.37 17.55 12.43
C GLU B 607 -24.26 16.44 12.96
N VAL B 608 -23.65 15.33 13.34
CA VAL B 608 -24.37 14.17 13.88
C VAL B 608 -24.44 14.23 15.41
N LYS B 609 -23.32 14.59 16.05
CA LYS B 609 -23.27 14.80 17.51
C LYS B 609 -24.44 15.69 17.97
N GLU B 610 -24.65 16.82 17.29
CA GLU B 610 -25.76 17.73 17.59
C GLU B 610 -27.14 17.15 17.25
N ARG B 611 -27.21 16.37 16.16
CA ARG B 611 -28.47 15.80 15.70
C ARG B 611 -28.84 14.51 16.42
N ALA B 612 -27.86 13.91 17.08
CA ALA B 612 -28.10 12.75 17.93
C ALA B 612 -28.74 13.18 19.24
N ILE B 613 -28.51 14.42 19.63
CA ILE B 613 -29.07 15.00 20.85
C ILE B 613 -30.48 15.55 20.63
N SER B 614 -30.68 16.19 19.48
CA SER B 614 -32.00 16.68 19.09
C SER B 614 -32.99 15.51 18.97
N CYS B 615 -32.48 14.38 18.49
CA CYS B 615 -33.27 13.16 18.33
C CYS B 615 -33.48 12.44 19.66
N MET B 616 -32.40 12.25 20.42
CA MET B 616 -32.49 11.61 21.73
C MET B 616 -33.40 12.39 22.68
N GLY B 617 -33.17 13.70 22.73
CA GLY B 617 -33.98 14.62 23.54
C GLY B 617 -35.47 14.36 23.35
N GLN B 618 -35.85 14.00 22.13
CA GLN B 618 -37.24 13.75 21.80
C GLN B 618 -37.70 12.38 22.30
N ILE B 619 -36.82 11.38 22.19
CA ILE B 619 -37.17 10.02 22.59
C ILE B 619 -37.47 9.96 24.08
N ILE B 620 -36.64 10.63 24.87
CA ILE B 620 -36.87 10.71 26.31
C ILE B 620 -38.20 11.43 26.58
N CYS B 621 -38.37 12.60 25.97
CA CYS B 621 -39.57 13.40 26.14
C CYS B 621 -40.85 12.62 25.83
N ASN B 622 -40.85 11.87 24.74
CA ASN B 622 -42.05 11.17 24.28
C ASN B 622 -42.14 9.71 24.73
N LEU B 623 -40.99 9.10 24.98
CA LEU B 623 -40.92 7.71 25.41
C LEU B 623 -39.96 7.59 26.59
N GLY B 624 -40.35 8.15 27.73
CA GLY B 624 -39.57 8.05 28.96
C GLY B 624 -40.24 7.09 29.94
N ASP B 625 -41.52 6.86 29.70
CA ASP B 625 -42.34 5.98 30.53
C ASP B 625 -42.14 4.50 30.22
N ASN B 626 -41.75 4.20 28.98
CA ASN B 626 -41.46 2.82 28.55
C ASN B 626 -39.96 2.56 28.37
N LEU B 627 -39.15 3.57 28.69
CA LEU B 627 -37.71 3.49 28.57
C LEU B 627 -37.15 2.60 29.69
N GLY B 628 -36.12 1.83 29.36
CA GLY B 628 -35.54 0.87 30.29
C GLY B 628 -34.64 1.48 31.34
N SER B 629 -34.17 0.62 32.24
CA SER B 629 -33.25 0.97 33.33
C SER B 629 -31.97 1.66 32.85
N ASP B 630 -31.88 1.88 31.55
CA ASP B 630 -30.78 2.60 30.94
C ASP B 630 -31.07 4.10 30.76
N LEU B 631 -32.30 4.52 31.04
CA LEU B 631 -32.66 5.96 31.03
C LEU B 631 -31.79 6.84 31.94
N PRO B 632 -31.63 6.49 33.23
CA PRO B 632 -30.88 7.36 34.14
C PRO B 632 -29.41 7.57 33.76
N ASN B 633 -28.70 6.51 33.37
CA ASN B 633 -27.30 6.67 32.99
C ASN B 633 -27.11 7.27 31.60
N THR B 634 -28.21 7.34 30.84
CA THR B 634 -28.24 8.05 29.55
C THR B 634 -28.27 9.56 29.80
N LEU B 635 -28.91 9.95 30.89
CA LEU B 635 -28.99 11.35 31.28
C LEU B 635 -27.61 11.87 31.69
N GLN B 636 -26.79 11.00 32.27
CA GLN B 636 -25.40 11.35 32.59
C GLN B 636 -24.59 11.65 31.31
N ILE B 637 -25.04 11.09 30.18
CA ILE B 637 -24.46 11.39 28.87
C ILE B 637 -24.75 12.85 28.51
N PHE B 638 -26.00 13.28 28.75
CA PHE B 638 -26.44 14.65 28.49
C PHE B 638 -25.71 15.70 29.31
N LEU B 639 -25.40 15.35 30.56
CA LEU B 639 -24.69 16.25 31.46
C LEU B 639 -23.27 16.47 30.97
N GLU B 640 -22.62 15.39 30.53
CA GLU B 640 -21.27 15.47 29.99
C GLU B 640 -21.26 16.21 28.64
N ARG B 641 -22.32 16.01 27.86
CA ARG B 641 -22.51 16.70 26.58
C ARG B 641 -22.79 18.19 26.77
N LEU B 642 -23.15 18.57 28.01
CA LEU B 642 -23.44 19.96 28.37
C LEU B 642 -22.18 20.76 28.73
N LYS B 643 -21.12 20.05 29.13
CA LYS B 643 -19.84 20.67 29.49
C LYS B 643 -19.10 21.18 28.28
N ASN B 644 -19.45 20.66 27.11
CA ASN B 644 -18.75 20.90 25.85
C ASN B 644 -19.03 22.27 25.21
N GLU B 645 -18.05 22.81 24.49
CA GLU B 645 -18.21 24.10 23.83
C GLU B 645 -18.97 23.98 22.50
N ILE B 646 -19.00 22.77 21.95
CA ILE B 646 -19.64 22.51 20.65
C ILE B 646 -21.04 21.91 20.82
N THR B 647 -21.27 21.30 21.97
CA THR B 647 -22.47 20.49 22.21
C THR B 647 -23.52 21.16 23.09
N ARG B 648 -23.12 22.17 23.86
CA ARG B 648 -23.96 22.72 24.93
C ARG B 648 -25.26 23.40 24.48
N LEU B 649 -25.17 24.20 23.42
CA LEU B 649 -26.32 24.98 22.96
C LEU B 649 -27.49 24.09 22.54
N THR B 650 -27.17 22.97 21.88
CA THR B 650 -28.15 21.99 21.42
C THR B 650 -28.72 21.18 22.57
N THR B 651 -27.88 20.90 23.57
CA THR B 651 -28.28 20.14 24.77
C THR B 651 -29.21 20.96 25.67
N VAL B 652 -28.92 22.26 25.80
CA VAL B 652 -29.73 23.18 26.59
C VAL B 652 -31.20 23.11 26.16
N LYS B 653 -31.50 23.47 24.90
CA LYS B 653 -32.88 23.42 24.41
C LYS B 653 -33.38 22.01 24.06
N ALA B 654 -32.55 21.01 24.31
CA ALA B 654 -33.00 19.63 24.34
C ALA B 654 -33.48 19.28 25.74
N LEU B 655 -32.81 19.83 26.76
CA LEU B 655 -33.25 19.70 28.16
C LEU B 655 -34.46 20.58 28.45
N THR B 656 -34.51 21.74 27.79
CA THR B 656 -35.67 22.61 27.81
C THR B 656 -36.92 21.83 27.40
N LEU B 657 -36.72 20.89 26.47
CA LEU B 657 -37.82 20.06 25.99
C LEU B 657 -38.26 19.04 27.03
N ILE B 658 -37.33 18.19 27.46
CA ILE B 658 -37.63 17.12 28.42
C ILE B 658 -38.34 17.66 29.66
N ALA B 659 -37.73 18.64 30.31
CA ALA B 659 -38.31 19.27 31.51
C ALA B 659 -39.57 20.06 31.15
N GLY B 660 -40.72 19.42 31.31
CA GLY B 660 -41.98 20.01 30.88
C GLY B 660 -42.64 19.13 29.83
N SER B 661 -42.12 17.91 29.69
CA SER B 661 -42.79 16.87 28.94
C SER B 661 -44.04 16.43 29.71
N PRO B 662 -45.13 16.12 28.98
CA PRO B 662 -46.38 15.67 29.59
C PRO B 662 -46.17 14.55 30.61
N LEU B 663 -45.27 13.62 30.30
CA LEU B 663 -44.80 12.66 31.29
C LEU B 663 -43.84 13.43 32.19
N LYS B 664 -44.20 13.62 33.45
CA LYS B 664 -43.29 14.24 34.39
C LYS B 664 -42.11 13.27 34.54
N ILE B 665 -40.98 13.62 33.94
CA ILE B 665 -39.82 12.73 33.94
C ILE B 665 -38.74 13.23 34.92
N ASP B 666 -38.21 12.29 35.69
CA ASP B 666 -37.32 12.57 36.82
C ASP B 666 -35.94 13.03 36.36
N LEU B 667 -35.69 14.34 36.52
CA LEU B 667 -34.38 14.93 36.20
C LEU B 667 -33.53 15.18 37.44
N ARG B 668 -34.00 14.72 38.60
CA ARG B 668 -33.31 14.91 39.87
C ARG B 668 -31.83 14.46 39.84
N PRO B 669 -31.52 13.32 39.17
CA PRO B 669 -30.13 12.87 39.03
C PRO B 669 -29.12 13.97 38.67
N VAL B 670 -29.41 14.71 37.59
CA VAL B 670 -28.49 15.74 37.08
C VAL B 670 -28.69 17.11 37.73
N LEU B 671 -29.95 17.47 37.95
CA LEU B 671 -30.31 18.79 38.47
C LEU B 671 -29.31 19.35 39.47
N GLY B 672 -29.05 18.59 40.54
CA GLY B 672 -28.15 19.00 41.60
C GLY B 672 -26.90 19.71 41.11
N GLU B 673 -26.06 18.98 40.37
CA GLU B 673 -24.82 19.54 39.84
C GLU B 673 -25.01 20.22 38.48
N GLY B 674 -26.17 19.99 37.87
CA GLY B 674 -26.49 20.53 36.55
C GLY B 674 -26.77 22.03 36.52
N VAL B 675 -27.67 22.47 37.39
CA VAL B 675 -28.10 23.88 37.47
C VAL B 675 -26.93 24.87 37.61
N PRO B 676 -25.99 24.64 38.55
CA PRO B 676 -24.82 25.53 38.62
C PRO B 676 -24.06 25.65 37.30
N ILE B 677 -24.12 24.61 36.45
CA ILE B 677 -23.48 24.64 35.14
C ILE B 677 -24.15 25.67 34.23
N LEU B 678 -25.48 25.76 34.33
CA LEU B 678 -26.27 26.68 33.52
C LEU B 678 -26.14 28.14 33.94
N ALA B 679 -25.75 28.38 35.19
CA ALA B 679 -25.37 29.70 35.66
C ALA B 679 -24.11 30.16 34.92
N SER B 680 -23.13 29.25 34.84
CA SER B 680 -21.86 29.48 34.15
C SER B 680 -22.03 29.92 32.69
N PHE B 681 -23.14 29.51 32.06
CA PHE B 681 -23.41 29.85 30.66
C PHE B 681 -23.90 31.29 30.46
N LEU B 682 -24.55 31.84 31.50
CA LEU B 682 -25.16 33.18 31.43
C LEU B 682 -24.15 34.31 31.31
N ARG B 683 -22.88 33.99 31.52
CA ARG B 683 -21.77 34.94 31.38
C ARG B 683 -21.27 35.00 29.95
N LYS B 684 -21.35 33.87 29.25
CA LYS B 684 -20.51 33.59 28.09
C LYS B 684 -20.88 34.31 26.77
N ASN B 685 -21.60 35.42 26.90
CA ASN B 685 -21.97 36.33 25.79
C ASN B 685 -22.25 35.72 24.40
N GLN B 686 -23.21 34.81 24.35
CA GLN B 686 -23.88 34.42 23.12
C GLN B 686 -25.36 34.71 23.32
N ARG B 687 -25.95 35.49 22.42
CA ARG B 687 -27.38 35.76 22.47
C ARG B 687 -28.16 34.44 22.55
N ALA B 688 -27.96 33.59 21.54
CA ALA B 688 -28.68 32.33 21.39
C ALA B 688 -28.57 31.40 22.60
N LEU B 689 -27.51 31.56 23.38
CA LEU B 689 -27.28 30.74 24.57
C LEU B 689 -27.90 31.37 25.81
N LYS B 690 -27.60 32.65 26.05
CA LYS B 690 -28.20 33.40 27.15
C LYS B 690 -29.71 33.13 27.24
N LEU B 691 -30.40 33.32 26.10
CA LEU B 691 -31.85 33.14 26.01
C LEU B 691 -32.30 31.70 26.12
N GLY B 692 -31.50 30.78 25.59
CA GLY B 692 -31.83 29.36 25.66
C GLY B 692 -31.70 28.82 27.06
N THR B 693 -30.69 29.33 27.78
CA THR B 693 -30.45 28.97 29.15
C THR B 693 -31.56 29.50 30.05
N LEU B 694 -31.79 30.81 30.01
CA LEU B 694 -32.83 31.46 30.80
C LEU B 694 -34.20 30.81 30.63
N SER B 695 -34.46 30.33 29.41
CA SER B 695 -35.74 29.69 29.09
C SER B 695 -35.75 28.26 29.61
N ALA B 696 -34.56 27.64 29.65
CA ALA B 696 -34.42 26.30 30.21
C ALA B 696 -34.55 26.32 31.73
N LEU B 697 -33.77 27.19 32.36
CA LEU B 697 -33.77 27.37 33.82
C LEU B 697 -35.16 27.70 34.39
N ASP B 698 -36.05 28.16 33.52
CA ASP B 698 -37.42 28.44 33.93
C ASP B 698 -38.19 27.14 34.17
N ILE B 699 -38.47 26.39 33.10
CA ILE B 699 -39.15 25.10 33.25
C ILE B 699 -38.27 24.03 33.89
N LEU B 700 -37.21 24.47 34.55
CA LEU B 700 -36.47 23.63 35.50
C LEU B 700 -36.91 24.01 36.90
N ILE B 701 -36.81 25.30 37.22
CA ILE B 701 -37.31 25.87 38.48
C ILE B 701 -38.81 25.65 38.61
N LYS B 702 -39.53 25.83 37.51
CA LYS B 702 -40.99 25.79 37.51
C LYS B 702 -41.51 24.40 37.86
N ASN B 703 -40.96 23.40 37.20
CA ASN B 703 -41.45 22.02 37.34
C ASN B 703 -40.78 21.25 38.47
N TYR B 704 -39.45 21.34 38.57
CA TYR B 704 -38.70 20.55 39.54
C TYR B 704 -38.15 21.40 40.69
N SER B 705 -39.08 22.08 41.37
CA SER B 705 -38.77 23.13 42.35
C SER B 705 -38.13 22.65 43.65
N ASP B 706 -38.45 21.45 44.09
CA ASP B 706 -37.97 20.94 45.38
C ASP B 706 -36.45 20.72 45.43
N SER B 707 -35.84 20.43 44.28
CA SER B 707 -34.43 20.07 44.22
C SER B 707 -33.44 21.23 44.42
N LEU B 708 -33.97 22.46 44.43
CA LEU B 708 -33.16 23.67 44.53
C LEU B 708 -32.64 23.92 45.93
N THR B 709 -31.41 24.42 46.04
CA THR B 709 -30.81 24.80 47.33
C THR B 709 -30.47 26.29 47.40
N ALA B 710 -30.42 26.83 48.61
CA ALA B 710 -30.00 28.21 48.86
C ALA B 710 -28.47 28.41 48.67
N ALA B 711 -27.92 27.72 47.67
CA ALA B 711 -26.54 27.87 47.23
C ALA B 711 -26.46 27.48 45.76
N MET B 712 -27.40 26.63 45.34
CA MET B 712 -27.66 26.37 43.93
C MET B 712 -28.19 27.65 43.30
N ILE B 713 -29.23 28.19 43.93
CA ILE B 713 -29.94 29.36 43.42
C ILE B 713 -29.22 30.67 43.70
N ASP B 714 -28.64 30.79 44.90
CA ASP B 714 -27.87 31.97 45.28
C ASP B 714 -26.61 32.12 44.42
N ALA B 715 -26.40 31.16 43.53
CA ALA B 715 -25.31 31.18 42.55
C ALA B 715 -25.81 31.73 41.21
N VAL B 716 -27.05 31.37 40.85
CA VAL B 716 -27.70 31.84 39.63
C VAL B 716 -27.90 33.36 39.68
N LEU B 717 -28.25 33.85 40.86
CA LEU B 717 -28.52 35.27 41.08
C LEU B 717 -27.27 36.14 41.00
N ASP B 718 -26.11 35.54 41.29
CA ASP B 718 -24.81 36.21 41.17
C ASP B 718 -24.49 36.59 39.72
N GLU B 719 -25.12 35.89 38.77
CA GLU B 719 -24.82 36.01 37.36
C GLU B 719 -25.88 36.81 36.59
N LEU B 720 -26.94 37.21 37.28
CA LEU B 720 -28.09 37.86 36.64
C LEU B 720 -28.03 39.38 36.41
N PRO B 721 -27.40 40.15 37.33
CA PRO B 721 -27.32 41.61 37.16
C PRO B 721 -26.84 42.16 35.81
N PRO B 722 -25.85 41.52 35.14
CA PRO B 722 -25.48 42.05 33.84
C PRO B 722 -26.53 41.85 32.75
N LEU B 723 -27.40 40.85 32.94
CA LEU B 723 -28.48 40.54 32.00
C LEU B 723 -29.55 41.63 31.96
N ILE B 724 -30.04 42.00 33.13
CA ILE B 724 -30.97 43.12 33.26
C ILE B 724 -30.21 44.39 32.87
N SER B 725 -30.37 44.80 31.62
CA SER B 725 -29.59 45.89 31.03
C SER B 725 -30.41 46.59 29.96
N GLU B 726 -30.59 47.90 30.11
CA GLU B 726 -31.43 48.67 29.18
C GLU B 726 -30.88 48.71 27.75
N SER B 727 -29.69 48.15 27.55
CA SER B 727 -29.08 48.06 26.23
C SER B 727 -29.80 47.01 25.39
N ASP B 728 -30.28 45.95 26.04
CA ASP B 728 -31.07 44.91 25.37
C ASP B 728 -32.39 44.66 26.09
N MET B 729 -33.49 44.95 25.39
CA MET B 729 -34.82 44.85 26.00
C MET B 729 -35.29 43.42 26.16
N HIS B 730 -35.22 42.64 25.08
CA HIS B 730 -35.75 41.28 25.09
C HIS B 730 -34.98 40.31 26.00
N VAL B 731 -33.68 40.53 26.15
CA VAL B 731 -32.89 39.71 27.06
C VAL B 731 -33.35 39.97 28.49
N SER B 732 -33.43 41.26 28.84
CA SER B 732 -33.84 41.66 30.18
C SER B 732 -35.26 41.22 30.52
N GLN B 733 -36.16 41.27 29.53
CA GLN B 733 -37.57 40.94 29.78
C GLN B 733 -37.84 39.44 29.86
N MET B 734 -36.91 38.63 29.35
CA MET B 734 -36.99 37.20 29.53
C MET B 734 -36.26 36.81 30.81
N ALA B 735 -35.39 37.72 31.27
CA ALA B 735 -34.64 37.56 32.51
C ALA B 735 -35.47 37.96 33.73
N ILE B 736 -36.06 39.15 33.68
CA ILE B 736 -37.04 39.57 34.67
C ILE B 736 -38.10 38.48 34.83
N SER B 737 -38.57 37.97 33.70
CA SER B 737 -39.54 36.87 33.68
C SER B 737 -39.09 35.67 34.52
N PHE B 738 -37.79 35.37 34.50
CA PHE B 738 -37.22 34.28 35.29
C PHE B 738 -37.41 34.55 36.77
N LEU B 739 -37.11 35.78 37.17
CA LEU B 739 -37.22 36.19 38.57
C LEU B 739 -38.67 36.20 39.06
N THR B 740 -39.62 36.38 38.15
CA THR B 740 -41.03 36.22 38.46
C THR B 740 -41.32 34.77 38.90
N THR B 741 -40.78 33.80 38.15
CA THR B 741 -40.96 32.38 38.45
C THR B 741 -40.19 31.99 39.71
N LEU B 742 -39.01 32.57 39.88
CA LEU B 742 -38.17 32.26 41.02
C LEU B 742 -38.80 32.73 42.33
N ALA B 743 -39.33 33.95 42.33
CA ALA B 743 -39.97 34.53 43.50
C ALA B 743 -41.35 33.93 43.79
N LYS B 744 -41.95 33.33 42.76
CA LYS B 744 -43.29 32.77 42.89
C LYS B 744 -43.31 31.30 43.32
N VAL B 745 -42.16 30.61 43.24
CA VAL B 745 -42.07 29.21 43.68
C VAL B 745 -41.12 28.96 44.84
N TYR B 746 -39.99 29.67 44.87
CA TYR B 746 -38.98 29.49 45.93
C TYR B 746 -38.69 30.80 46.68
N PRO B 747 -39.71 31.39 47.32
CA PRO B 747 -39.64 32.77 47.79
C PRO B 747 -38.98 32.90 49.15
N SER B 748 -37.70 32.58 49.22
CA SER B 748 -36.96 32.68 50.49
C SER B 748 -35.60 33.35 50.31
N SER B 749 -34.84 32.87 49.32
CA SER B 749 -33.43 33.23 49.12
C SER B 749 -33.24 34.50 48.28
N LEU B 750 -34.26 35.36 48.29
CA LEU B 750 -34.27 36.56 47.47
C LEU B 750 -33.59 37.76 48.15
N SER B 751 -32.94 37.51 49.29
CA SER B 751 -32.13 38.51 49.97
C SER B 751 -30.91 38.91 49.14
N LYS B 752 -30.59 38.08 48.15
CA LYS B 752 -29.50 38.33 47.22
C LYS B 752 -29.94 39.27 46.11
N ILE B 753 -31.25 39.42 45.95
CA ILE B 753 -31.85 40.37 44.99
C ILE B 753 -31.50 41.81 45.36
N SER B 754 -31.48 42.10 46.65
CA SER B 754 -31.19 43.44 47.15
C SER B 754 -29.77 43.88 46.85
N GLY B 755 -28.99 42.98 46.27
CA GLY B 755 -27.64 43.28 45.79
C GLY B 755 -27.68 44.16 44.56
N SER B 756 -27.13 43.68 43.46
CA SER B 756 -27.11 44.46 42.23
C SER B 756 -28.12 43.96 41.20
N ILE B 757 -29.02 43.09 41.63
CA ILE B 757 -30.14 42.66 40.79
C ILE B 757 -31.23 43.72 40.84
N LEU B 758 -31.48 44.26 42.03
CA LEU B 758 -32.45 45.34 42.22
C LEU B 758 -31.89 46.70 41.76
N ASN B 759 -30.58 46.89 41.92
CA ASN B 759 -29.89 48.10 41.44
C ASN B 759 -30.16 48.34 39.96
N GLU B 760 -29.92 47.32 39.16
CA GLU B 760 -30.00 47.41 37.70
C GLU B 760 -31.44 47.29 37.18
N LEU B 761 -32.31 46.69 38.00
CA LEU B 761 -33.74 46.66 37.72
C LEU B 761 -34.32 48.07 37.58
N ILE B 762 -33.96 48.94 38.51
CA ILE B 762 -34.36 50.35 38.48
C ILE B 762 -33.75 51.05 37.28
N GLY B 763 -32.62 50.55 36.82
CA GLY B 763 -31.97 51.04 35.61
C GLY B 763 -32.85 50.89 34.37
N LEU B 764 -33.77 49.94 34.42
CA LEU B 764 -34.74 49.76 33.35
C LEU B 764 -35.94 50.69 33.48
N VAL B 765 -36.38 50.94 34.72
CA VAL B 765 -37.56 51.74 34.97
C VAL B 765 -37.32 53.19 34.58
N ARG B 766 -36.16 53.73 34.96
CA ARG B 766 -35.79 55.11 34.65
C ARG B 766 -35.40 55.29 33.18
N SER B 767 -35.16 54.18 32.48
CA SER B 767 -34.70 54.18 31.08
C SER B 767 -35.75 54.66 30.07
N PRO B 768 -35.31 55.48 29.10
CA PRO B 768 -36.17 55.97 28.02
C PRO B 768 -36.53 54.89 27.00
N LEU B 769 -35.70 53.85 26.90
CA LEU B 769 -35.84 52.79 25.90
C LEU B 769 -36.73 51.62 26.33
N LEU B 770 -37.23 51.67 27.56
CA LEU B 770 -38.16 50.66 28.07
C LEU B 770 -39.41 50.57 27.21
N GLN B 771 -39.68 49.38 26.68
CA GLN B 771 -40.87 49.14 25.86
C GLN B 771 -42.00 48.60 26.73
N GLY B 772 -43.24 48.82 26.30
CA GLY B 772 -44.44 48.38 27.03
C GLY B 772 -44.46 46.90 27.40
N GLY B 773 -43.69 46.10 26.67
CA GLY B 773 -43.61 44.65 26.90
C GLY B 773 -42.78 44.29 28.12
N ALA B 774 -41.51 44.67 28.12
CA ALA B 774 -40.60 44.41 29.25
C ALA B 774 -41.20 44.88 30.57
N LEU B 775 -41.84 46.05 30.55
CA LEU B 775 -42.46 46.64 31.74
C LEU B 775 -43.62 45.81 32.28
N SER B 776 -44.42 45.24 31.37
CA SER B 776 -45.50 44.33 31.76
C SER B 776 -44.95 43.23 32.65
N ALA B 777 -43.89 42.55 32.18
CA ALA B 777 -43.24 41.47 32.91
C ALA B 777 -42.59 41.96 34.21
N MET B 778 -42.25 43.25 34.25
CA MET B 778 -41.58 43.86 35.40
C MET B 778 -42.56 44.16 36.53
N LEU B 779 -43.75 44.64 36.18
CA LEU B 779 -44.83 44.86 37.15
C LEU B 779 -45.20 43.54 37.79
N ASP B 780 -45.13 42.47 36.99
CA ASP B 780 -45.35 41.12 37.49
C ASP B 780 -44.29 40.75 38.53
N PHE B 781 -43.03 41.11 38.27
CA PHE B 781 -41.96 40.81 39.21
C PHE B 781 -42.16 41.51 40.54
N PHE B 782 -42.39 42.83 40.49
CA PHE B 782 -42.57 43.61 41.72
C PHE B 782 -43.72 43.09 42.59
N GLN B 783 -44.87 42.86 41.97
CA GLN B 783 -46.01 42.27 42.67
C GLN B 783 -45.61 40.96 43.37
N ALA B 784 -44.99 40.05 42.62
CA ALA B 784 -44.59 38.75 43.17
C ALA B 784 -43.39 38.83 44.13
N LEU B 785 -42.71 39.97 44.16
CA LEU B 785 -41.59 40.16 45.08
C LEU B 785 -42.06 40.43 46.51
N VAL B 786 -42.96 41.42 46.66
CA VAL B 786 -43.40 41.88 47.99
C VAL B 786 -44.32 40.93 48.77
N VAL B 787 -45.16 40.17 48.05
CA VAL B 787 -46.04 39.18 48.68
C VAL B 787 -45.22 38.16 49.50
N THR B 788 -43.90 38.27 49.37
CA THR B 788 -42.97 37.50 50.19
C THR B 788 -42.23 38.43 51.13
N GLY B 789 -41.76 39.56 50.58
CA GLY B 789 -41.10 40.60 51.36
C GLY B 789 -39.88 40.15 52.14
N THR B 790 -38.81 39.84 51.42
CA THR B 790 -37.54 39.46 52.04
C THR B 790 -36.81 40.73 52.51
N ASN B 791 -36.21 40.67 53.70
CA ASN B 791 -35.60 41.83 54.37
C ASN B 791 -34.87 42.78 53.41
N ASN B 792 -35.18 44.07 53.56
CA ASN B 792 -34.70 45.17 52.69
C ASN B 792 -35.53 45.35 51.40
N LEU B 793 -36.48 44.45 51.14
CA LEU B 793 -37.30 44.50 49.92
C LEU B 793 -38.79 44.28 50.23
N GLY B 794 -39.33 45.14 51.10
CA GLY B 794 -40.76 45.17 51.38
C GLY B 794 -41.40 46.34 50.64
N TYR B 795 -42.71 46.50 50.84
CA TYR B 795 -43.50 47.50 50.13
C TYR B 795 -43.00 48.94 50.32
N MET B 796 -42.68 49.30 51.56
CA MET B 796 -42.16 50.62 51.87
C MET B 796 -40.70 50.75 51.38
N ASP B 797 -39.97 49.64 51.45
CA ASP B 797 -38.58 49.58 50.98
C ASP B 797 -38.48 49.90 49.49
N LEU B 798 -39.27 49.18 48.69
CA LEU B 798 -39.21 49.29 47.23
C LEU B 798 -39.83 50.56 46.68
N LEU B 799 -40.78 51.14 47.40
CA LEU B 799 -41.44 52.35 46.95
C LEU B 799 -40.46 53.52 46.91
N ARG B 800 -39.59 53.62 47.91
CA ARG B 800 -38.61 54.71 47.97
C ARG B 800 -37.42 54.45 47.04
N MET B 801 -37.36 53.24 46.49
CA MET B 801 -36.35 52.89 45.49
C MET B 801 -36.72 53.43 44.10
N LEU B 802 -38.02 53.56 43.87
CA LEU B 802 -38.57 54.01 42.59
C LEU B 802 -38.77 55.51 42.55
N THR B 803 -39.07 56.09 43.70
CA THR B 803 -39.34 57.52 43.82
C THR B 803 -38.07 58.31 44.13
N GLY B 804 -37.31 57.83 45.12
CA GLY B 804 -36.05 58.44 45.54
C GLY B 804 -35.31 59.16 44.43
N PRO B 805 -34.97 58.42 43.35
CA PRO B 805 -34.41 58.98 42.12
C PRO B 805 -35.03 60.31 41.69
N VAL B 806 -36.35 60.36 41.54
CA VAL B 806 -37.03 61.56 41.05
C VAL B 806 -37.24 62.59 42.17
N TYR B 807 -36.95 62.19 43.41
CA TYR B 807 -37.04 63.09 44.56
C TYR B 807 -35.71 63.82 44.84
N SER B 808 -35.01 64.20 43.76
CA SER B 808 -33.78 64.98 43.78
C SER B 808 -33.70 65.82 42.51
N GLN B 809 -33.69 65.14 41.38
CA GLN B 809 -33.61 65.75 40.05
C GLN B 809 -34.91 66.48 39.69
N THR B 814 -36.29 62.19 35.11
CA THR B 814 -36.20 63.41 34.32
C THR B 814 -36.25 63.15 32.80
N HIS B 815 -36.39 61.88 32.42
CA HIS B 815 -36.41 61.52 30.99
C HIS B 815 -37.82 61.29 30.41
N LYS B 816 -38.75 62.08 30.96
CA LYS B 816 -40.02 62.50 30.34
C LYS B 816 -41.12 61.47 30.07
N GLN B 817 -40.73 60.26 29.69
CA GLN B 817 -41.71 59.17 29.57
C GLN B 817 -41.52 58.18 30.72
N SER B 818 -40.43 58.35 31.46
CA SER B 818 -40.09 57.48 32.59
C SER B 818 -40.83 57.86 33.88
N TYR B 819 -41.67 58.89 33.81
CA TYR B 819 -42.56 59.19 34.92
C TYR B 819 -43.74 58.24 34.89
N TYR B 820 -44.30 58.05 33.69
CA TYR B 820 -45.39 57.10 33.48
C TYR B 820 -44.93 55.68 33.80
N SER B 821 -43.68 55.37 33.44
CA SER B 821 -43.09 54.05 33.68
C SER B 821 -43.06 53.68 35.17
N ILE B 822 -42.61 54.62 36.00
CA ILE B 822 -42.57 54.43 37.46
C ILE B 822 -43.99 54.51 38.03
N ALA B 823 -44.82 55.37 37.45
CA ALA B 823 -46.19 55.57 37.93
C ALA B 823 -47.00 54.28 37.92
N LYS B 824 -46.88 53.50 36.86
CA LYS B 824 -47.55 52.20 36.81
C LYS B 824 -46.89 51.26 37.81
N CYS B 825 -45.56 51.31 37.84
CA CYS B 825 -44.77 50.41 38.66
C CYS B 825 -45.18 50.53 40.13
N VAL B 826 -45.03 51.73 40.68
CA VAL B 826 -45.37 52.03 42.08
C VAL B 826 -46.82 51.69 42.42
N ALA B 827 -47.69 51.67 41.41
CA ALA B 827 -49.13 51.46 41.59
C ALA B 827 -49.52 50.00 41.49
N ALA B 828 -48.81 49.23 40.67
CA ALA B 828 -48.99 47.79 40.61
C ALA B 828 -48.42 47.19 41.88
N LEU B 829 -47.38 47.84 42.39
CA LEU B 829 -46.78 47.50 43.68
C LEU B 829 -47.79 47.72 44.80
N THR B 830 -48.60 48.78 44.67
CA THR B 830 -49.63 49.13 45.65
C THR B 830 -50.73 48.09 45.74
N ARG B 831 -51.32 47.72 44.60
CA ARG B 831 -52.40 46.73 44.57
C ARG B 831 -51.94 45.34 45.01
N ALA B 832 -50.62 45.19 45.21
CA ALA B 832 -50.05 43.97 45.75
C ALA B 832 -50.00 43.97 47.28
N CYS B 833 -50.11 45.17 47.86
CA CYS B 833 -50.15 45.35 49.33
C CYS B 833 -51.27 46.28 49.76
N PRO B 834 -52.38 45.71 50.28
CA PRO B 834 -53.45 46.57 50.77
C PRO B 834 -53.13 47.20 52.13
N LYS B 835 -51.84 47.34 52.45
CA LYS B 835 -51.39 48.23 53.52
C LYS B 835 -51.44 49.66 52.97
N GLU B 836 -52.67 50.15 52.84
CA GLU B 836 -52.93 51.36 52.08
C GLU B 836 -53.75 52.45 52.80
N GLY B 837 -53.81 53.61 52.16
CA GLY B 837 -54.14 54.84 52.83
C GLY B 837 -52.90 55.71 52.79
N PRO B 838 -51.86 55.36 53.58
CA PRO B 838 -50.67 56.22 53.75
C PRO B 838 -49.93 56.58 52.46
N ALA B 839 -49.66 55.59 51.62
CA ALA B 839 -48.96 55.84 50.35
C ALA B 839 -49.74 56.81 49.46
N VAL B 840 -51.06 56.88 49.69
CA VAL B 840 -51.92 57.85 49.03
C VAL B 840 -52.01 59.14 49.85
N VAL B 841 -52.33 59.00 51.15
CA VAL B 841 -52.37 60.14 52.09
C VAL B 841 -51.08 60.97 52.09
N GLY B 842 -49.93 60.28 52.19
CA GLY B 842 -48.64 60.94 52.11
C GLY B 842 -48.30 61.39 50.70
N GLN B 843 -49.11 60.97 49.72
CA GLN B 843 -48.87 61.27 48.30
C GLN B 843 -49.29 62.69 47.93
N PHE B 844 -50.57 63.00 48.13
CA PHE B 844 -51.07 64.32 47.77
C PHE B 844 -50.78 65.40 48.81
N ILE B 845 -50.44 64.97 50.03
CA ILE B 845 -49.87 65.89 51.04
C ILE B 845 -48.40 66.18 50.66
N GLN B 846 -47.95 65.55 49.59
CA GLN B 846 -46.69 65.89 48.90
C GLN B 846 -47.01 66.55 47.55
N ASP B 847 -48.26 66.97 47.38
CA ASP B 847 -48.75 67.45 46.10
C ASP B 847 -49.41 68.82 46.24
N VAL B 848 -50.25 68.96 47.27
CA VAL B 848 -50.86 70.27 47.56
C VAL B 848 -49.90 71.10 48.39
N LYS B 849 -48.92 70.45 49.01
CA LYS B 849 -47.82 71.16 49.65
C LYS B 849 -46.90 71.67 48.56
N ASN B 850 -47.48 72.38 47.60
CA ASN B 850 -46.75 72.94 46.45
C ASN B 850 -45.66 73.90 46.92
N SER B 851 -45.92 74.54 48.06
CA SER B 851 -44.88 75.17 48.83
C SER B 851 -43.93 74.03 49.22
N ARG B 852 -42.73 74.07 48.63
CA ARG B 852 -41.65 73.07 48.84
C ARG B 852 -41.70 71.84 47.91
N SER B 853 -42.66 71.81 46.98
CA SER B 853 -42.78 70.70 46.03
C SER B 853 -42.32 71.09 44.62
N THR B 854 -41.48 70.25 44.02
CA THR B 854 -40.97 70.50 42.66
C THR B 854 -42.11 70.35 41.67
N ASP B 855 -41.78 70.54 40.39
CA ASP B 855 -42.69 70.17 39.33
C ASP B 855 -42.65 68.66 39.21
N SER B 856 -41.45 68.11 39.01
CA SER B 856 -41.21 66.67 38.98
C SER B 856 -42.04 65.95 40.02
N ILE B 857 -41.82 66.31 41.29
CA ILE B 857 -42.45 65.61 42.40
C ILE B 857 -43.97 65.76 42.34
N ARG B 858 -44.46 66.88 41.82
CA ARG B 858 -45.89 67.09 41.67
C ARG B 858 -46.42 66.27 40.50
N LEU B 859 -45.53 65.92 39.57
CA LEU B 859 -45.90 65.19 38.35
C LEU B 859 -46.13 63.71 38.63
N LEU B 860 -45.10 63.05 39.17
CA LEU B 860 -45.17 61.66 39.58
C LEU B 860 -46.30 61.41 40.59
N ALA B 861 -46.53 62.38 41.48
CA ALA B 861 -47.57 62.26 42.50
C ALA B 861 -48.95 62.09 41.89
N LEU B 862 -49.27 62.93 40.91
CA LEU B 862 -50.57 62.89 40.24
C LEU B 862 -50.73 61.63 39.38
N LEU B 863 -49.64 61.21 38.74
CA LEU B 863 -49.65 60.01 37.90
C LEU B 863 -49.75 58.74 38.73
N SER B 864 -49.18 58.78 39.93
CA SER B 864 -49.25 57.63 40.83
C SER B 864 -50.66 57.45 41.37
N LEU B 865 -51.30 58.56 41.72
CA LEU B 865 -52.69 58.54 42.14
C LEU B 865 -53.57 58.05 40.98
N GLY B 866 -53.29 58.56 39.79
CA GLY B 866 -53.97 58.11 38.57
C GLY B 866 -53.91 56.61 38.44
N GLU B 867 -52.70 56.06 38.41
CA GLU B 867 -52.52 54.62 38.22
C GLU B 867 -52.92 53.70 39.39
N VAL B 868 -52.90 54.21 40.62
CA VAL B 868 -53.43 53.45 41.76
C VAL B 868 -54.96 53.48 41.73
N GLY B 869 -55.51 54.63 41.38
CA GLY B 869 -56.95 54.82 41.32
C GLY B 869 -57.66 53.98 40.27
N HIS B 870 -56.87 53.34 39.40
CA HIS B 870 -57.40 52.54 38.30
C HIS B 870 -58.05 51.23 38.77
N HIS B 871 -57.39 50.54 39.68
CA HIS B 871 -57.84 49.22 40.08
C HIS B 871 -58.30 49.18 41.53
N ILE B 872 -58.27 50.34 42.18
CA ILE B 872 -58.77 50.46 43.55
C ILE B 872 -59.67 51.68 43.70
N ASP B 873 -60.77 51.51 44.43
CA ASP B 873 -61.73 52.58 44.72
C ASP B 873 -61.17 53.56 45.76
N LEU B 874 -60.81 54.76 45.31
CA LEU B 874 -60.32 55.81 46.20
C LEU B 874 -61.37 56.88 46.42
N SER B 875 -62.62 56.45 46.62
CA SER B 875 -63.77 57.33 46.71
C SER B 875 -63.65 58.34 47.86
N GLY B 876 -63.21 57.86 49.02
CA GLY B 876 -62.89 58.70 50.16
C GLY B 876 -61.58 59.45 49.93
N GLN B 877 -60.54 59.08 50.68
CA GLN B 877 -59.22 59.71 50.59
C GLN B 877 -59.24 61.23 50.79
N LEU B 878 -60.12 61.67 51.68
CA LEU B 878 -60.41 63.08 51.95
C LEU B 878 -59.93 64.09 50.90
N GLU B 879 -58.71 64.58 51.04
CA GLU B 879 -58.28 65.77 50.31
C GLU B 879 -58.17 65.63 48.78
N LEU B 880 -57.89 64.41 48.28
CA LEU B 880 -57.48 64.24 46.88
C LEU B 880 -58.47 64.65 45.79
N LYS B 881 -59.76 64.35 45.95
CA LYS B 881 -60.71 64.67 44.91
C LYS B 881 -60.72 66.17 44.60
N SER B 882 -60.14 66.95 45.51
CA SER B 882 -59.99 68.39 45.35
C SER B 882 -58.56 68.79 44.95
N VAL B 883 -57.58 68.24 45.67
CA VAL B 883 -56.15 68.44 45.39
C VAL B 883 -55.78 68.22 43.91
N ILE B 884 -56.58 67.40 43.23
CA ILE B 884 -56.44 67.17 41.78
C ILE B 884 -57.05 68.35 41.02
N LEU B 885 -58.28 68.74 41.35
CA LEU B 885 -58.85 69.95 40.79
C LEU B 885 -58.03 71.19 41.15
N GLU B 886 -56.97 71.00 41.94
CA GLU B 886 -56.05 72.09 42.26
C GLU B 886 -55.05 72.26 41.14
N ALA B 887 -54.21 71.25 40.93
CA ALA B 887 -53.16 71.30 39.92
C ALA B 887 -53.71 71.55 38.51
N PHE B 888 -55.04 71.55 38.38
CA PHE B 888 -55.73 71.95 37.15
C PHE B 888 -55.42 73.39 36.80
N SER B 889 -55.27 74.23 37.82
CA SER B 889 -55.05 75.67 37.66
C SER B 889 -53.57 76.02 37.85
N SER B 890 -52.70 75.15 37.35
CA SER B 890 -51.24 75.29 37.50
C SER B 890 -50.62 76.09 36.34
N PRO B 891 -49.43 76.69 36.58
CA PRO B 891 -48.62 77.23 35.49
C PRO B 891 -48.09 76.14 34.56
N SER B 892 -47.64 75.03 35.14
CA SER B 892 -47.07 73.90 34.40
C SER B 892 -48.13 73.11 33.64
N GLU B 893 -47.95 73.05 32.32
CA GLU B 893 -48.84 72.30 31.45
C GLU B 893 -48.69 70.80 31.65
N GLU B 894 -47.44 70.36 31.80
CA GLU B 894 -47.15 68.94 32.05
C GLU B 894 -47.93 68.48 33.27
N VAL B 895 -48.06 69.38 34.26
CA VAL B 895 -48.82 69.14 35.49
C VAL B 895 -50.33 69.15 35.27
N LYS B 896 -50.85 70.13 34.54
CA LYS B 896 -52.26 70.15 34.16
C LYS B 896 -52.62 68.85 33.43
N SER B 897 -51.73 68.43 32.53
CA SER B 897 -51.90 67.21 31.76
C SER B 897 -52.11 66.01 32.67
N ALA B 898 -51.16 65.79 33.58
CA ALA B 898 -51.18 64.64 34.48
C ALA B 898 -52.31 64.72 35.49
N ALA B 899 -52.72 65.94 35.84
CA ALA B 899 -53.80 66.15 36.78
C ALA B 899 -55.16 65.84 36.15
N SER B 900 -55.27 66.07 34.85
CA SER B 900 -56.50 65.75 34.11
C SER B 900 -56.62 64.25 33.91
N TYR B 901 -55.50 63.62 33.58
CA TYR B 901 -55.42 62.17 33.49
C TYR B 901 -55.73 61.51 34.84
N ALA B 902 -55.28 62.14 35.92
CA ALA B 902 -55.47 61.58 37.26
C ALA B 902 -56.95 61.39 37.59
N LEU B 903 -57.71 62.48 37.54
CA LEU B 903 -59.15 62.46 37.79
C LEU B 903 -59.88 61.50 36.83
N GLY B 904 -59.21 61.18 35.72
CA GLY B 904 -59.73 60.21 34.77
C GLY B 904 -59.60 58.80 35.31
N SER B 905 -58.36 58.39 35.58
CA SER B 905 -58.06 57.04 35.99
C SER B 905 -58.69 56.64 37.33
N ILE B 906 -58.87 57.61 38.21
CA ILE B 906 -59.46 57.39 39.54
C ILE B 906 -60.98 57.21 39.45
N SER B 907 -61.57 57.76 38.39
CA SER B 907 -62.99 57.59 38.10
C SER B 907 -63.32 56.13 37.84
N VAL B 908 -62.49 55.47 37.04
CA VAL B 908 -62.68 54.07 36.65
C VAL B 908 -62.83 53.15 37.85
N GLY B 909 -61.98 53.34 38.86
CA GLY B 909 -61.98 52.52 40.07
C GLY B 909 -63.31 52.49 40.81
N ASN B 910 -64.03 53.60 40.76
CA ASN B 910 -65.38 53.68 41.31
C ASN B 910 -66.25 54.44 40.31
N LEU B 911 -66.67 53.71 39.28
CA LEU B 911 -67.44 54.27 38.19
C LEU B 911 -68.76 54.93 38.64
N PRO B 912 -69.57 54.21 39.45
CA PRO B 912 -70.91 54.69 39.79
C PRO B 912 -70.97 55.98 40.57
N GLU B 913 -69.82 56.58 40.88
CA GLU B 913 -69.86 57.82 41.65
C GLU B 913 -69.08 58.97 41.05
N TYR B 914 -67.83 58.73 40.69
CA TYR B 914 -66.99 59.77 40.11
C TYR B 914 -67.59 60.34 38.83
N LEU B 915 -68.24 59.48 38.05
CA LEU B 915 -68.72 59.85 36.72
C LEU B 915 -69.97 60.73 36.76
N PRO B 916 -70.98 60.40 37.60
CA PRO B 916 -72.05 61.39 37.79
C PRO B 916 -71.55 62.72 38.38
N PHE B 917 -70.26 62.82 38.65
CA PHE B 917 -69.62 64.05 39.15
C PHE B 917 -68.85 64.76 38.05
N VAL B 918 -68.02 64.01 37.32
CA VAL B 918 -67.28 64.55 36.18
C VAL B 918 -68.26 65.18 35.19
N LEU B 919 -69.40 64.54 34.97
CA LEU B 919 -70.42 65.07 34.09
C LEU B 919 -71.07 66.34 34.65
N GLN B 920 -71.07 66.48 35.97
CA GLN B 920 -71.60 67.70 36.57
C GLN B 920 -70.61 68.83 36.38
N GLU B 921 -69.33 68.54 36.63
CA GLU B 921 -68.26 69.55 36.59
C GLU B 921 -68.08 70.26 35.24
N ILE B 922 -68.38 69.55 34.16
CA ILE B 922 -68.24 70.12 32.82
C ILE B 922 -69.37 71.11 32.51
N THR B 923 -70.58 70.77 32.92
CA THR B 923 -71.72 71.66 32.76
C THR B 923 -71.64 72.81 33.78
N SER B 924 -71.25 72.46 35.01
CA SER B 924 -71.19 73.41 36.14
C SER B 924 -70.17 74.54 35.96
N GLN B 925 -68.90 74.25 36.23
CA GLN B 925 -67.85 75.26 36.10
C GLN B 925 -67.06 75.11 34.80
N PRO B 926 -67.19 76.11 33.90
CA PRO B 926 -66.52 76.10 32.59
C PRO B 926 -65.06 76.59 32.60
N LYS B 927 -64.62 77.11 33.75
CA LYS B 927 -63.25 77.57 33.95
C LYS B 927 -62.24 76.45 33.68
N ARG B 928 -62.59 75.22 34.08
CA ARG B 928 -61.83 74.03 33.68
C ARG B 928 -62.68 73.07 32.83
N GLN B 929 -63.63 73.62 32.09
CA GLN B 929 -64.43 72.87 31.13
C GLN B 929 -63.55 71.97 30.26
N TYR B 930 -62.50 72.56 29.68
CA TYR B 930 -61.60 71.85 28.79
C TYR B 930 -60.99 70.62 29.46
N LEU B 931 -60.23 70.84 30.53
CA LEU B 931 -59.44 69.79 31.16
C LEU B 931 -60.27 68.64 31.71
N LEU B 932 -61.51 68.95 32.11
CA LEU B 932 -62.40 67.92 32.63
C LEU B 932 -62.88 66.98 31.53
N LEU B 933 -63.00 67.51 30.32
CA LEU B 933 -63.38 66.69 29.17
C LEU B 933 -62.30 65.67 28.83
N HIS B 934 -61.04 66.07 28.92
CA HIS B 934 -59.93 65.14 28.72
C HIS B 934 -59.93 64.05 29.79
N SER B 935 -60.42 64.38 30.98
CA SER B 935 -60.63 63.40 32.04
C SER B 935 -61.70 62.40 31.62
N LEU B 936 -62.78 62.92 31.02
CA LEU B 936 -63.88 62.11 30.48
C LEU B 936 -63.36 61.18 29.38
N LYS B 937 -62.65 61.76 28.42
CA LYS B 937 -62.01 61.04 27.32
C LYS B 937 -61.15 59.88 27.82
N GLU B 938 -60.48 60.09 28.95
CA GLU B 938 -59.70 59.05 29.60
C GLU B 938 -60.58 57.93 30.15
N ILE B 939 -61.71 58.29 30.75
CA ILE B 939 -62.62 57.29 31.32
C ILE B 939 -63.14 56.35 30.24
N ILE B 940 -63.75 56.92 29.20
CA ILE B 940 -64.37 56.12 28.14
C ILE B 940 -63.37 55.08 27.60
N SER B 941 -62.10 55.47 27.51
CA SER B 941 -61.09 54.60 26.95
C SER B 941 -60.56 53.51 27.88
N SER B 942 -60.54 53.78 29.20
CA SER B 942 -59.92 52.83 30.14
C SER B 942 -60.87 52.26 31.21
N ALA B 943 -62.16 52.55 31.10
CA ALA B 943 -63.16 51.93 31.96
C ALA B 943 -63.55 50.57 31.38
N SER B 944 -64.39 49.83 32.10
CA SER B 944 -64.92 48.58 31.57
C SER B 944 -66.21 48.83 30.80
N VAL B 945 -66.19 48.51 29.50
CA VAL B 945 -67.33 48.69 28.59
C VAL B 945 -68.63 48.13 29.18
N VAL B 946 -68.47 47.22 30.13
CA VAL B 946 -69.55 46.55 30.82
C VAL B 946 -70.23 47.51 31.81
N GLY B 947 -69.41 48.22 32.59
CA GLY B 947 -69.89 49.13 33.64
C GLY B 947 -70.23 50.53 33.17
N LEU B 948 -69.71 50.89 31.99
CA LEU B 948 -69.99 52.17 31.37
C LEU B 948 -71.30 52.12 30.57
N LYS B 949 -71.68 50.91 30.16
CA LYS B 949 -72.96 50.65 29.47
C LYS B 949 -74.14 51.33 30.19
N PRO B 950 -74.27 51.12 31.52
CA PRO B 950 -75.28 51.83 32.33
C PRO B 950 -75.28 53.37 32.22
N TYR B 951 -74.34 53.95 31.49
CA TYR B 951 -74.23 55.41 31.43
C TYR B 951 -74.09 56.03 30.04
N VAL B 952 -73.79 55.20 29.03
CA VAL B 952 -73.56 55.69 27.65
C VAL B 952 -74.55 56.79 27.22
N GLU B 953 -75.83 56.54 27.47
CA GLU B 953 -76.91 57.48 27.14
C GLU B 953 -76.78 58.82 27.86
N ASN B 954 -76.35 58.77 29.11
CA ASN B 954 -76.15 59.96 29.92
C ASN B 954 -74.98 60.79 29.39
N ILE B 955 -73.98 60.11 28.85
CA ILE B 955 -72.77 60.77 28.35
C ILE B 955 -73.04 61.49 27.03
N TRP B 956 -73.72 60.80 26.12
CA TRP B 956 -74.02 61.31 24.78
C TRP B 956 -74.71 62.67 24.80
N ALA B 957 -75.69 62.79 25.68
CA ALA B 957 -76.49 64.00 25.81
C ALA B 957 -75.71 65.19 26.36
N LEU B 958 -74.68 64.91 27.16
CA LEU B 958 -73.83 65.97 27.71
C LEU B 958 -72.85 66.53 26.69
N LEU B 959 -72.46 65.68 25.74
CA LEU B 959 -71.51 66.06 24.69
C LEU B 959 -72.14 67.02 23.68
N LEU B 960 -73.37 66.74 23.30
CA LEU B 960 -74.10 67.58 22.35
C LEU B 960 -74.39 68.95 22.91
N LYS B 961 -74.63 69.01 24.22
CA LYS B 961 -74.80 70.26 24.94
C LYS B 961 -73.58 71.17 24.83
N HIS B 962 -72.45 70.59 24.41
CA HIS B 962 -71.19 71.32 24.34
C HIS B 962 -70.51 71.34 22.96
N CYS B 963 -71.26 70.96 21.91
CA CYS B 963 -70.79 71.10 20.53
C CYS B 963 -70.65 72.57 20.14
N GLU B 964 -71.38 73.44 20.85
CA GLU B 964 -71.09 74.87 20.87
C GLU B 964 -69.63 75.04 21.33
N CYS B 965 -68.79 75.56 20.45
CA CYS B 965 -67.37 75.66 20.78
C CYS B 965 -67.02 76.91 21.58
N ALA B 966 -66.78 76.72 22.88
CA ALA B 966 -66.20 77.76 23.71
C ALA B 966 -64.81 78.10 23.15
N GLU B 967 -63.95 77.09 23.10
CA GLU B 967 -62.69 77.15 22.36
C GLU B 967 -62.80 76.09 21.27
N GLU B 968 -61.96 76.19 20.24
CA GLU B 968 -61.95 75.17 19.17
C GLU B 968 -61.42 73.83 19.69
N GLY B 969 -60.49 73.89 20.64
CA GLY B 969 -59.94 72.71 21.30
C GLY B 969 -60.95 71.94 22.13
N THR B 970 -61.93 72.64 22.68
CA THR B 970 -63.03 72.01 23.38
C THR B 970 -63.77 71.09 22.40
N ARG B 971 -64.03 71.60 21.20
CA ARG B 971 -64.78 70.87 20.17
C ARG B 971 -64.13 69.54 19.79
N ASN B 972 -62.87 69.59 19.34
CA ASN B 972 -62.10 68.39 18.98
C ASN B 972 -62.08 67.31 20.05
N VAL B 973 -62.09 67.71 21.31
CA VAL B 973 -62.07 66.78 22.45
C VAL B 973 -63.42 66.10 22.59
N VAL B 974 -64.51 66.86 22.49
CA VAL B 974 -65.86 66.32 22.53
C VAL B 974 -66.03 65.37 21.36
N VAL B 975 -65.56 65.81 20.19
CA VAL B 975 -65.56 65.00 18.98
C VAL B 975 -64.88 63.65 19.23
N GLU B 976 -63.63 63.70 19.67
CA GLU B 976 -62.86 62.49 19.97
C GLU B 976 -63.58 61.64 21.02
N CYS B 977 -64.35 62.28 21.89
CA CYS B 977 -65.11 61.56 22.92
C CYS B 977 -66.31 60.85 22.33
N LEU B 978 -66.98 61.50 21.38
CA LEU B 978 -68.12 60.89 20.68
C LEU B 978 -67.65 59.67 19.89
N GLY B 979 -66.53 59.80 19.19
CA GLY B 979 -65.92 58.70 18.47
C GLY B 979 -65.67 57.52 19.39
N LYS B 980 -64.97 57.77 20.50
CA LYS B 980 -64.63 56.73 21.46
C LYS B 980 -65.85 56.03 22.04
N LEU B 981 -66.98 56.73 22.05
CA LEU B 981 -68.24 56.17 22.53
C LEU B 981 -68.90 55.27 21.50
N THR B 982 -68.76 55.62 20.22
CA THR B 982 -69.46 54.93 19.13
C THR B 982 -68.84 53.57 18.77
N LEU B 983 -67.62 53.30 19.26
CA LEU B 983 -67.07 51.95 19.20
C LEU B 983 -67.91 51.01 20.08
N ILE B 984 -68.40 51.56 21.19
CA ILE B 984 -69.36 50.89 22.05
C ILE B 984 -70.75 51.14 21.49
N ASP B 985 -71.52 50.07 21.28
CA ASP B 985 -72.88 50.15 20.71
C ASP B 985 -72.96 51.00 19.42
N PRO B 986 -72.43 50.45 18.31
CA PRO B 986 -72.47 51.22 17.07
C PRO B 986 -73.78 51.05 16.31
N GLU B 987 -74.63 50.12 16.74
CA GLU B 987 -75.86 49.79 16.02
C GLU B 987 -77.02 50.72 16.37
N THR B 988 -76.95 51.31 17.56
CA THR B 988 -77.93 52.31 18.00
C THR B 988 -77.41 53.72 17.74
N LEU B 989 -76.10 53.90 17.83
CA LEU B 989 -75.48 55.22 17.82
C LEU B 989 -75.04 55.71 16.43
N LEU B 990 -74.59 54.78 15.57
CA LEU B 990 -74.18 55.12 14.20
C LEU B 990 -75.34 55.73 13.38
N PRO B 991 -76.54 55.09 13.40
CA PRO B 991 -77.64 55.71 12.66
C PRO B 991 -78.27 56.89 13.42
N ARG B 992 -77.85 57.08 14.68
CA ARG B 992 -78.31 58.23 15.48
C ARG B 992 -77.65 59.53 15.02
N LEU B 993 -76.38 59.44 14.63
CA LEU B 993 -75.61 60.60 14.17
C LEU B 993 -76.12 61.18 12.85
N LYS B 994 -76.56 60.30 11.94
CA LYS B 994 -77.18 60.70 10.67
C LYS B 994 -78.42 61.57 10.87
N GLY B 995 -78.77 61.82 12.13
CA GLY B 995 -79.92 62.65 12.51
C GLY B 995 -79.57 64.13 12.65
N TYR B 996 -78.40 64.42 13.22
CA TYR B 996 -77.90 65.79 13.32
C TYR B 996 -77.38 66.24 11.95
N LEU B 997 -77.14 65.25 11.09
CA LEU B 997 -76.74 65.42 9.71
C LEU B 997 -77.72 66.30 8.92
N ILE B 998 -78.99 66.22 9.29
CA ILE B 998 -80.09 66.70 8.47
C ILE B 998 -80.75 67.99 9.01
N SER B 999 -80.51 68.30 10.29
CA SER B 999 -81.16 69.46 10.94
C SER B 999 -80.23 70.37 11.76
N GLY B 1000 -79.01 69.91 12.03
CA GLY B 1000 -78.01 70.70 12.75
C GLY B 1000 -77.66 71.98 12.01
N SER B 1001 -77.37 73.04 12.77
CA SER B 1001 -77.12 74.36 12.19
C SER B 1001 -75.80 74.46 11.42
N SER B 1002 -74.68 74.56 12.14
CA SER B 1002 -73.37 74.73 11.50
C SER B 1002 -72.32 73.87 12.18
N TYR B 1003 -71.93 74.25 13.39
CA TYR B 1003 -70.89 73.56 14.16
C TYR B 1003 -71.33 72.17 14.58
N ALA B 1004 -72.64 71.98 14.77
CA ALA B 1004 -73.23 70.68 15.08
C ALA B 1004 -72.99 69.68 13.96
N ARG B 1005 -72.88 70.20 12.73
CA ARG B 1005 -72.52 69.40 11.57
C ARG B 1005 -71.01 69.25 11.38
N SER B 1006 -70.23 70.20 11.92
CA SER B 1006 -68.77 70.07 11.97
C SER B 1006 -68.36 68.84 12.78
N SER B 1007 -69.04 68.65 13.92
CA SER B 1007 -68.75 67.58 14.86
C SER B 1007 -69.20 66.22 14.33
N VAL B 1008 -70.48 66.10 13.98
CA VAL B 1008 -71.08 64.83 13.61
C VAL B 1008 -70.27 64.04 12.56
N VAL B 1009 -69.64 64.76 11.63
CA VAL B 1009 -68.79 64.15 10.60
C VAL B 1009 -67.38 63.82 11.12
N THR B 1010 -66.79 64.74 11.91
CA THR B 1010 -65.47 64.52 12.49
C THR B 1010 -65.51 63.39 13.52
N ALA B 1011 -66.73 63.07 13.96
CA ALA B 1011 -66.95 61.98 14.91
C ALA B 1011 -66.66 60.63 14.26
N VAL B 1012 -67.13 60.47 13.03
CA VAL B 1012 -66.99 59.21 12.29
C VAL B 1012 -65.54 58.93 11.88
N LYS B 1013 -64.70 59.96 11.96
CA LYS B 1013 -63.28 59.86 11.64
C LYS B 1013 -62.49 58.98 12.62
N PHE B 1014 -62.99 58.83 13.84
CA PHE B 1014 -62.33 57.97 14.85
C PHE B 1014 -62.69 56.49 14.75
N THR B 1015 -63.76 56.21 13.99
CA THR B 1015 -64.22 54.84 13.78
C THR B 1015 -63.27 54.09 12.85
N ILE B 1016 -62.78 54.82 11.86
CA ILE B 1016 -61.91 54.28 10.81
C ILE B 1016 -60.50 54.01 11.36
N SER B 1017 -60.37 52.93 12.12
CA SER B 1017 -59.09 52.58 12.71
C SER B 1017 -58.19 51.88 11.69
N ASP B 1018 -56.89 51.80 12.02
CA ASP B 1018 -55.84 51.32 11.12
C ASP B 1018 -56.15 49.98 10.44
N HIS B 1019 -55.98 48.88 11.17
CA HIS B 1019 -56.21 47.52 10.66
C HIS B 1019 -57.68 47.05 10.86
N PRO B 1020 -58.01 45.79 10.51
CA PRO B 1020 -59.41 45.32 10.58
C PRO B 1020 -60.01 45.31 11.99
N GLN B 1021 -61.09 46.08 12.17
CA GLN B 1021 -61.75 46.22 13.47
C GLN B 1021 -63.25 45.98 13.38
N PRO B 1022 -63.84 45.31 14.40
CA PRO B 1022 -65.22 44.80 14.33
C PRO B 1022 -66.31 45.87 14.42
N ILE B 1023 -66.20 46.89 13.59
CA ILE B 1023 -67.24 47.90 13.42
C ILE B 1023 -67.50 48.12 11.92
N ASP B 1024 -66.56 47.64 11.10
CA ASP B 1024 -66.59 47.80 9.63
C ASP B 1024 -67.77 47.15 8.88
N PRO B 1025 -68.23 45.95 9.29
CA PRO B 1025 -69.39 45.35 8.62
C PRO B 1025 -70.59 46.31 8.53
N LEU B 1026 -70.79 47.08 9.60
CA LEU B 1026 -71.87 48.08 9.66
C LEU B 1026 -71.47 49.37 8.94
N LEU B 1027 -70.20 49.74 9.05
CA LEU B 1027 -69.69 51.00 8.52
C LEU B 1027 -69.91 51.20 7.02
N LYS B 1028 -69.66 50.16 6.22
CA LYS B 1028 -69.75 50.26 4.76
C LYS B 1028 -71.10 50.80 4.29
N ASN B 1029 -72.17 50.36 4.96
CA ASN B 1029 -73.52 50.86 4.69
C ASN B 1029 -73.71 52.27 5.24
N CYS B 1030 -73.13 52.51 6.42
CA CYS B 1030 -73.28 53.76 7.14
C CYS B 1030 -72.48 54.89 6.51
N ILE B 1031 -71.27 54.56 6.07
CA ILE B 1031 -70.35 55.52 5.47
C ILE B 1031 -70.95 56.19 4.23
N GLY B 1032 -71.82 55.47 3.53
CA GLY B 1032 -72.45 55.94 2.30
C GLY B 1032 -73.33 57.16 2.49
N ASP B 1033 -74.37 57.03 3.31
CA ASP B 1033 -75.26 58.15 3.62
C ASP B 1033 -74.55 59.23 4.44
N PHE B 1034 -73.43 58.86 5.06
CA PHE B 1034 -72.56 59.79 5.77
C PHE B 1034 -71.65 60.59 4.83
N LEU B 1035 -71.56 60.16 3.57
CA LEU B 1035 -70.70 60.81 2.59
C LEU B 1035 -71.41 61.27 1.33
N LYS B 1036 -72.17 60.37 0.68
CA LYS B 1036 -72.67 60.56 -0.70
C LYS B 1036 -73.38 61.90 -0.97
N THR B 1037 -73.75 62.60 0.10
CA THR B 1037 -74.43 63.90 0.01
C THR B 1037 -73.77 65.00 0.88
N LEU B 1038 -72.78 64.60 1.69
CA LEU B 1038 -72.24 65.43 2.78
C LEU B 1038 -71.38 66.64 2.37
N GLU B 1039 -70.91 66.69 1.14
CA GLU B 1039 -69.91 67.68 0.72
C GLU B 1039 -70.45 69.10 0.54
N ASP B 1040 -71.72 69.18 0.12
CA ASP B 1040 -72.36 70.44 -0.31
C ASP B 1040 -72.66 71.50 0.76
N PRO B 1041 -72.92 71.08 2.02
CA PRO B 1041 -72.97 72.03 3.14
C PRO B 1041 -71.86 73.09 3.10
N ASP B 1042 -72.17 74.26 3.64
CA ASP B 1042 -71.33 75.44 3.49
C ASP B 1042 -70.19 75.52 4.52
N LEU B 1043 -69.60 76.71 4.63
CA LEU B 1043 -68.58 77.06 5.64
C LEU B 1043 -67.41 76.07 5.85
N ASN B 1044 -67.15 75.76 7.12
CA ASN B 1044 -66.05 74.90 7.55
C ASN B 1044 -66.35 73.42 7.31
N VAL B 1045 -67.64 73.08 7.21
CA VAL B 1045 -68.10 71.70 6.99
C VAL B 1045 -67.45 71.07 5.76
N ARG B 1046 -67.08 71.93 4.80
CA ARG B 1046 -66.48 71.50 3.54
C ARG B 1046 -65.11 70.86 3.74
N ARG B 1047 -64.24 71.56 4.48
CA ARG B 1047 -62.89 71.07 4.75
C ARG B 1047 -62.91 69.73 5.47
N VAL B 1048 -63.67 69.66 6.57
CA VAL B 1048 -63.75 68.46 7.40
C VAL B 1048 -64.48 67.32 6.69
N ALA B 1049 -65.28 67.65 5.68
CA ALA B 1049 -65.93 66.65 4.84
C ALA B 1049 -64.88 65.87 4.05
N LEU B 1050 -63.91 66.58 3.50
CA LEU B 1050 -62.83 65.98 2.71
C LEU B 1050 -61.84 65.21 3.56
N VAL B 1051 -61.38 65.81 4.66
CA VAL B 1051 -60.39 65.18 5.55
C VAL B 1051 -60.85 63.81 6.03
N THR B 1052 -62.17 63.67 6.25
CA THR B 1052 -62.76 62.40 6.67
C THR B 1052 -62.69 61.36 5.55
N PHE B 1053 -62.73 61.84 4.31
CA PHE B 1053 -62.61 60.98 3.15
C PHE B 1053 -61.16 60.53 2.91
N ASN B 1054 -60.23 61.43 3.23
CA ASN B 1054 -58.79 61.14 3.14
C ASN B 1054 -58.36 60.05 4.11
N SER B 1055 -58.90 60.11 5.33
CA SER B 1055 -58.64 59.11 6.36
C SER B 1055 -59.25 57.76 5.96
N ALA B 1056 -60.40 57.82 5.30
CA ALA B 1056 -61.08 56.62 4.82
C ALA B 1056 -60.27 55.95 3.71
N ALA B 1057 -59.88 56.74 2.71
CA ALA B 1057 -59.10 56.24 1.60
C ALA B 1057 -57.72 55.71 2.02
N HIS B 1058 -57.12 56.32 3.03
CA HIS B 1058 -55.78 55.95 3.51
C HIS B 1058 -55.72 54.58 4.18
N ASN B 1059 -56.51 54.42 5.26
CA ASN B 1059 -56.45 53.23 6.10
C ASN B 1059 -57.21 52.03 5.55
N LYS B 1060 -58.53 52.18 5.38
CA LYS B 1060 -59.39 51.09 4.97
C LYS B 1060 -60.21 51.47 3.72
N PRO B 1061 -59.60 51.36 2.53
CA PRO B 1061 -60.23 51.79 1.28
C PRO B 1061 -61.47 50.98 0.91
N SER B 1062 -61.57 49.77 1.45
CA SER B 1062 -62.70 48.87 1.17
C SER B 1062 -64.04 49.35 1.74
N LEU B 1063 -64.16 50.65 1.93
CA LEU B 1063 -65.40 51.29 2.35
C LEU B 1063 -65.73 52.40 1.36
N ILE B 1064 -64.85 52.56 0.37
CA ILE B 1064 -64.88 53.70 -0.54
C ILE B 1064 -65.14 53.31 -2.01
N ARG B 1065 -64.36 52.34 -2.51
CA ARG B 1065 -64.32 51.99 -3.93
C ARG B 1065 -65.69 51.64 -4.54
N ASP B 1066 -66.54 50.99 -3.74
CA ASP B 1066 -67.89 50.63 -4.18
C ASP B 1066 -68.91 51.77 -3.99
N LEU B 1067 -68.41 52.98 -3.76
CA LEU B 1067 -69.22 54.19 -3.66
C LEU B 1067 -68.70 55.29 -4.59
N LEU B 1068 -67.46 55.12 -5.05
CA LEU B 1068 -66.71 56.13 -5.82
C LEU B 1068 -67.51 56.96 -6.83
N ASP B 1069 -68.48 56.32 -7.49
CA ASP B 1069 -69.23 56.93 -8.59
C ASP B 1069 -69.79 58.32 -8.29
N THR B 1070 -70.52 58.46 -7.18
CA THR B 1070 -71.15 59.72 -6.81
C THR B 1070 -70.12 60.69 -6.20
N VAL B 1071 -69.15 60.13 -5.48
CA VAL B 1071 -68.19 60.92 -4.71
C VAL B 1071 -67.20 61.67 -5.61
N LEU B 1072 -66.62 60.95 -6.58
CA LEU B 1072 -65.54 61.50 -7.42
C LEU B 1072 -65.84 62.85 -8.07
N PRO B 1073 -66.97 63.00 -8.79
CA PRO B 1073 -67.30 64.31 -9.39
C PRO B 1073 -67.59 65.40 -8.37
N HIS B 1074 -68.06 65.03 -7.18
CA HIS B 1074 -68.22 65.95 -6.05
C HIS B 1074 -66.86 66.48 -5.61
N LEU B 1075 -65.87 65.58 -5.58
CA LEU B 1075 -64.52 65.89 -5.11
C LEU B 1075 -63.81 66.91 -6.00
N TYR B 1076 -63.99 66.79 -7.31
CA TYR B 1076 -63.28 67.63 -8.27
C TYR B 1076 -63.70 69.10 -8.26
N ASN B 1077 -64.96 69.37 -7.90
CA ASN B 1077 -65.50 70.73 -7.89
C ASN B 1077 -64.91 71.66 -6.82
N GLU B 1078 -64.39 71.06 -5.75
CA GLU B 1078 -63.72 71.81 -4.69
C GLU B 1078 -62.32 72.27 -5.10
N THR B 1079 -61.68 71.50 -5.98
CA THR B 1079 -60.37 71.86 -6.53
C THR B 1079 -60.42 72.92 -7.63
N LYS B 1080 -61.64 73.24 -8.08
CA LYS B 1080 -61.87 74.39 -8.97
C LYS B 1080 -61.80 75.64 -8.10
N VAL B 1081 -60.90 76.56 -8.48
CA VAL B 1081 -60.69 77.79 -7.73
C VAL B 1081 -61.96 78.64 -7.72
N ARG B 1082 -62.44 78.96 -6.51
CA ARG B 1082 -63.67 79.72 -6.34
C ARG B 1082 -63.34 81.17 -6.00
N LYS B 1083 -63.98 82.10 -6.71
CA LYS B 1083 -63.70 83.53 -6.53
C LYS B 1083 -64.59 84.20 -5.51
N GLU B 1084 -65.73 83.58 -5.20
CA GLU B 1084 -66.64 84.08 -4.17
C GLU B 1084 -66.02 83.99 -2.76
N LEU B 1085 -64.86 83.35 -2.68
CA LEU B 1085 -64.14 83.19 -1.43
C LEU B 1085 -62.75 83.82 -1.52
N ILE B 1086 -62.64 84.82 -2.38
CA ILE B 1086 -61.41 85.60 -2.53
C ILE B 1086 -61.70 87.06 -2.16
N ARG B 1087 -60.99 87.56 -1.15
CA ARG B 1087 -61.20 88.93 -0.66
C ARG B 1087 -59.92 89.76 -0.68
N GLU B 1088 -60.00 90.96 -0.10
CA GLU B 1088 -58.88 91.90 -0.09
C GLU B 1088 -58.63 92.50 1.29
N VAL B 1089 -57.36 92.74 1.58
CA VAL B 1089 -56.94 93.38 2.83
C VAL B 1089 -55.87 94.40 2.44
N GLU B 1090 -56.12 95.68 2.74
CA GLU B 1090 -55.21 96.74 2.33
C GLU B 1090 -54.07 96.98 3.31
N MET B 1091 -52.86 97.12 2.76
CA MET B 1091 -51.66 97.42 3.53
C MET B 1091 -50.75 98.38 2.75
N LYS B 1095 -50.96 94.94 -0.77
CA LYS B 1095 -52.24 94.35 -0.39
C LYS B 1095 -52.25 92.81 -0.52
N HIS B 1096 -52.40 92.13 0.62
CA HIS B 1096 -52.49 90.65 0.66
C HIS B 1096 -53.87 90.17 0.25
N THR B 1097 -53.90 89.13 -0.58
CA THR B 1097 -55.15 88.54 -1.06
C THR B 1097 -55.45 87.25 -0.30
N VAL B 1098 -56.47 87.30 0.55
CA VAL B 1098 -56.90 86.17 1.35
C VAL B 1098 -57.79 85.25 0.52
N ASP B 1099 -57.42 83.98 0.45
CA ASP B 1099 -58.19 82.97 -0.26
C ASP B 1099 -58.90 82.10 0.77
N ASP B 1100 -60.08 82.54 1.22
CA ASP B 1100 -60.85 81.83 2.25
C ASP B 1100 -61.01 80.35 1.93
N GLY B 1101 -61.41 80.05 0.69
CA GLY B 1101 -61.58 78.68 0.24
C GLY B 1101 -60.35 78.14 -0.47
N LEU B 1102 -59.21 78.22 0.20
CA LEU B 1102 -57.95 77.62 -0.28
C LEU B 1102 -57.70 76.33 0.49
N ASP B 1103 -58.14 76.30 1.74
CA ASP B 1103 -58.06 75.11 2.58
C ASP B 1103 -59.00 74.01 2.08
N ILE B 1104 -60.20 74.40 1.66
CA ILE B 1104 -61.16 73.43 1.10
C ILE B 1104 -60.61 72.82 -0.19
N ARG B 1105 -59.58 73.46 -0.74
CA ARG B 1105 -58.89 73.00 -1.93
C ARG B 1105 -57.64 72.22 -1.55
N LYS B 1106 -56.93 72.70 -0.54
CA LYS B 1106 -55.69 72.09 -0.05
C LYS B 1106 -55.94 70.69 0.52
N ALA B 1107 -57.19 70.40 0.88
CA ALA B 1107 -57.58 69.08 1.36
C ALA B 1107 -58.12 68.23 0.22
N ALA B 1108 -58.86 68.85 -0.68
CA ALA B 1108 -59.37 68.16 -1.87
C ALA B 1108 -58.21 67.65 -2.73
N PHE B 1109 -57.17 68.47 -2.84
CA PHE B 1109 -55.94 68.09 -3.56
C PHE B 1109 -55.15 67.04 -2.79
N GLU B 1110 -55.22 67.08 -1.46
CA GLU B 1110 -54.59 66.06 -0.62
C GLU B 1110 -55.36 64.75 -0.76
N CYS B 1111 -56.66 64.85 -1.09
CA CYS B 1111 -57.48 63.67 -1.36
C CYS B 1111 -57.00 62.93 -2.60
N MET B 1112 -56.92 63.66 -3.71
CA MET B 1112 -56.49 63.12 -5.00
C MET B 1112 -55.18 62.33 -4.89
N TYR B 1113 -54.28 62.79 -4.04
CA TYR B 1113 -52.99 62.12 -3.83
C TYR B 1113 -53.15 60.75 -3.14
N THR B 1114 -54.10 60.68 -2.21
CA THR B 1114 -54.32 59.46 -1.44
C THR B 1114 -55.13 58.44 -2.25
N LEU B 1115 -55.84 58.93 -3.27
CA LEU B 1115 -56.63 58.06 -4.14
C LEU B 1115 -55.78 57.20 -5.08
N LEU B 1116 -54.46 57.38 -5.01
CA LEU B 1116 -53.55 56.57 -5.80
C LEU B 1116 -52.79 55.57 -4.92
N ASP B 1117 -53.31 55.36 -3.71
CA ASP B 1117 -52.77 54.37 -2.78
C ASP B 1117 -52.96 52.97 -3.37
N SER B 1118 -54.20 52.64 -3.71
CA SER B 1118 -54.55 51.37 -4.33
C SER B 1118 -55.71 51.54 -5.31
N CYS B 1119 -56.20 52.78 -5.43
CA CYS B 1119 -57.39 53.08 -6.24
C CYS B 1119 -57.06 53.60 -7.65
N LEU B 1120 -55.96 53.10 -8.21
CA LEU B 1120 -55.64 53.30 -9.62
C LEU B 1120 -56.70 52.59 -10.47
N ASP B 1121 -57.36 51.61 -9.86
CA ASP B 1121 -58.38 50.77 -10.48
C ASP B 1121 -59.61 51.55 -10.95
N ARG B 1122 -60.49 51.89 -10.01
CA ARG B 1122 -61.83 52.39 -10.34
C ARG B 1122 -61.94 53.92 -10.35
N LEU B 1123 -60.90 54.58 -10.84
CA LEU B 1123 -60.91 56.03 -11.06
C LEU B 1123 -60.48 56.34 -12.50
N ASP B 1124 -61.27 57.15 -13.19
CA ASP B 1124 -60.98 57.53 -14.59
C ASP B 1124 -59.78 58.49 -14.66
N ILE B 1125 -58.68 57.99 -15.21
CA ILE B 1125 -57.38 58.67 -15.19
C ILE B 1125 -57.37 60.02 -15.91
N PHE B 1126 -58.22 60.17 -16.92
CA PHE B 1126 -58.24 61.39 -17.75
C PHE B 1126 -59.08 62.53 -17.16
N GLU B 1127 -60.16 62.15 -16.47
CA GLU B 1127 -60.96 63.11 -15.69
C GLU B 1127 -60.05 63.72 -14.61
N PHE B 1128 -59.20 62.86 -14.04
CA PHE B 1128 -58.28 63.17 -12.97
C PHE B 1128 -57.23 64.22 -13.38
N LEU B 1129 -56.50 63.95 -14.47
CA LEU B 1129 -55.40 64.81 -14.92
C LEU B 1129 -55.82 66.20 -15.36
N ASN B 1130 -57.12 66.39 -15.60
CA ASN B 1130 -57.69 67.72 -15.86
C ASN B 1130 -57.53 68.65 -14.67
N HIS B 1131 -57.89 68.14 -13.48
CA HIS B 1131 -57.82 68.90 -12.25
C HIS B 1131 -56.46 68.73 -11.58
N VAL B 1132 -55.56 68.04 -12.28
CA VAL B 1132 -54.14 68.03 -11.91
C VAL B 1132 -53.51 69.29 -12.49
N GLU B 1133 -53.82 69.58 -13.75
CA GLU B 1133 -53.30 70.76 -14.46
C GLU B 1133 -53.83 72.08 -13.88
N ASP B 1134 -55.01 72.02 -13.26
CA ASP B 1134 -55.57 73.13 -12.48
C ASP B 1134 -54.66 73.45 -11.31
N GLY B 1135 -53.96 72.43 -10.82
CA GLY B 1135 -53.15 72.52 -9.61
C GLY B 1135 -51.72 72.99 -9.78
N LEU B 1136 -51.11 72.65 -10.91
CA LEU B 1136 -49.75 73.09 -11.19
C LEU B 1136 -49.67 74.61 -11.31
N LYS B 1137 -50.81 75.24 -11.53
CA LYS B 1137 -50.92 76.70 -11.68
C LYS B 1137 -51.29 77.39 -10.36
N ASP B 1138 -51.64 76.59 -9.35
CA ASP B 1138 -52.25 77.10 -8.11
C ASP B 1138 -51.24 77.74 -7.14
N HIS B 1139 -51.58 77.69 -5.85
CA HIS B 1139 -50.82 78.30 -4.77
C HIS B 1139 -49.64 77.43 -4.32
N TYR B 1140 -48.58 78.08 -3.86
CA TYR B 1140 -47.29 77.46 -3.49
C TYR B 1140 -47.37 76.07 -2.85
N ASP B 1141 -48.26 75.90 -1.87
CA ASP B 1141 -48.42 74.61 -1.18
C ASP B 1141 -49.05 73.54 -2.07
N ILE B 1142 -50.08 73.93 -2.84
CA ILE B 1142 -50.80 73.03 -3.73
C ILE B 1142 -49.90 72.58 -4.88
N LYS B 1143 -49.17 73.53 -5.48
CA LYS B 1143 -48.13 73.23 -6.45
C LYS B 1143 -47.32 72.03 -5.95
N MET B 1144 -46.75 72.17 -4.75
CA MET B 1144 -45.88 71.16 -4.14
C MET B 1144 -46.48 69.76 -4.12
N LEU B 1145 -47.75 69.66 -3.72
CA LEU B 1145 -48.46 68.38 -3.69
C LEU B 1145 -48.67 67.81 -5.08
N THR B 1146 -48.98 68.69 -6.03
CA THR B 1146 -49.20 68.29 -7.41
C THR B 1146 -47.89 67.84 -8.06
N PHE B 1147 -46.79 68.49 -7.71
CA PHE B 1147 -45.45 68.06 -8.13
C PHE B 1147 -45.14 66.64 -7.64
N LEU B 1148 -45.42 66.39 -6.36
CA LEU B 1148 -45.15 65.10 -5.72
C LEU B 1148 -46.09 63.98 -6.20
N MET B 1149 -47.15 64.35 -6.91
CA MET B 1149 -48.08 63.39 -7.52
C MET B 1149 -47.47 62.73 -8.76
N LEU B 1150 -46.98 63.57 -9.68
CA LEU B 1150 -46.39 63.12 -10.94
C LEU B 1150 -45.15 62.23 -10.74
N VAL B 1151 -44.43 62.44 -9.64
CA VAL B 1151 -43.27 61.60 -9.31
C VAL B 1151 -43.71 60.14 -9.20
N ARG B 1152 -44.97 59.93 -8.82
CA ARG B 1152 -45.58 58.60 -8.80
C ARG B 1152 -46.21 58.21 -10.14
N LEU B 1153 -46.85 59.17 -10.81
CA LEU B 1153 -47.48 58.93 -12.11
C LEU B 1153 -46.49 58.62 -13.24
N SER B 1154 -45.32 58.11 -12.87
CA SER B 1154 -44.32 57.67 -13.84
C SER B 1154 -44.01 56.20 -13.63
N THR B 1155 -43.85 55.81 -12.37
CA THR B 1155 -43.80 54.39 -12.00
C THR B 1155 -45.19 53.78 -12.19
N LEU B 1156 -46.21 54.58 -11.93
CA LEU B 1156 -47.59 54.24 -12.29
C LEU B 1156 -47.89 54.78 -13.69
N CYS B 1157 -48.97 54.25 -14.30
CA CYS B 1157 -49.33 54.47 -15.71
C CYS B 1157 -48.50 55.50 -16.50
N PRO B 1158 -47.41 55.04 -17.16
CA PRO B 1158 -46.55 55.94 -17.94
C PRO B 1158 -47.28 56.54 -19.14
N SER B 1159 -48.23 55.78 -19.68
CA SER B 1159 -49.01 56.17 -20.85
C SER B 1159 -49.89 57.40 -20.60
N ALA B 1160 -50.46 57.50 -19.40
CA ALA B 1160 -51.41 58.57 -19.06
C ALA B 1160 -50.82 59.96 -19.20
N VAL B 1161 -49.56 60.10 -18.81
CA VAL B 1161 -48.84 61.37 -18.86
C VAL B 1161 -48.25 61.64 -20.24
N LEU B 1162 -47.82 60.56 -20.92
CA LEU B 1162 -47.18 60.65 -22.22
C LEU B 1162 -48.12 61.15 -23.33
N GLN B 1163 -49.42 61.23 -23.00
CA GLN B 1163 -50.45 61.73 -23.93
C GLN B 1163 -50.74 63.22 -23.69
N ARG B 1164 -50.85 63.61 -22.42
CA ARG B 1164 -51.05 65.00 -22.04
C ARG B 1164 -49.78 65.63 -21.47
N LEU B 1165 -48.64 65.25 -22.05
CA LEU B 1165 -47.32 65.73 -21.62
C LEU B 1165 -47.02 67.13 -22.20
N ASP B 1166 -47.63 67.44 -23.33
CA ASP B 1166 -47.50 68.76 -23.96
C ASP B 1166 -48.02 69.89 -23.04
N ARG B 1167 -49.13 69.63 -22.35
CA ARG B 1167 -49.80 70.66 -21.56
C ARG B 1167 -49.45 70.62 -20.06
N LEU B 1168 -48.67 69.62 -19.64
CA LEU B 1168 -48.26 69.49 -18.25
C LEU B 1168 -46.87 70.05 -17.98
N VAL B 1169 -45.98 69.93 -18.96
CA VAL B 1169 -44.63 70.45 -18.84
C VAL B 1169 -44.61 71.97 -19.04
N GLU B 1170 -45.71 72.50 -19.58
CA GLU B 1170 -45.88 73.95 -19.75
C GLU B 1170 -45.95 74.72 -18.40
N PRO B 1171 -46.77 74.24 -17.44
CA PRO B 1171 -46.69 74.80 -16.08
C PRO B 1171 -45.34 74.53 -15.41
N LEU B 1172 -44.77 73.36 -15.64
CA LEU B 1172 -43.44 73.00 -15.12
C LEU B 1172 -42.34 73.91 -15.66
N ARG B 1173 -42.46 74.28 -16.94
CA ARG B 1173 -41.53 75.19 -17.59
C ARG B 1173 -41.50 76.56 -16.89
N ALA B 1174 -42.68 77.13 -16.69
CA ALA B 1174 -42.81 78.49 -16.15
C ALA B 1174 -42.19 78.65 -14.76
N THR B 1175 -42.45 77.66 -13.90
CA THR B 1175 -41.94 77.63 -12.52
C THR B 1175 -40.42 77.82 -12.47
N CYS B 1176 -39.71 77.03 -13.27
CA CYS B 1176 -38.25 77.05 -13.31
C CYS B 1176 -37.70 78.29 -14.01
N THR B 1177 -38.55 78.94 -14.81
CA THR B 1177 -38.12 80.08 -15.62
C THR B 1177 -38.28 81.42 -14.90
N THR B 1178 -39.33 81.55 -14.08
CA THR B 1178 -39.60 82.80 -13.38
C THR B 1178 -38.45 83.25 -12.48
N LYS B 1179 -37.82 84.33 -12.88
CA LYS B 1179 -36.78 84.96 -12.09
C LYS B 1179 -37.39 85.61 -10.87
N VAL B 1180 -36.70 85.53 -9.74
CA VAL B 1180 -37.09 86.26 -8.55
C VAL B 1180 -36.48 87.64 -8.68
N LYS B 1181 -37.32 88.67 -8.55
CA LYS B 1181 -36.86 90.06 -8.63
C LYS B 1181 -35.82 90.36 -7.54
N ALA B 1182 -34.68 90.95 -7.94
CA ALA B 1182 -33.57 91.20 -7.02
C ALA B 1182 -33.93 92.08 -5.83
N ASN B 1183 -35.10 92.73 -5.91
CA ASN B 1183 -35.71 93.47 -4.81
C ASN B 1183 -36.05 92.53 -3.65
N SER B 1184 -36.55 91.34 -3.97
CA SER B 1184 -37.05 90.37 -2.98
C SER B 1184 -36.02 89.99 -1.89
N VAL B 1185 -36.54 89.68 -0.71
CA VAL B 1185 -35.73 89.42 0.47
C VAL B 1185 -35.06 88.04 0.44
N LYS B 1186 -33.92 87.94 1.12
CA LYS B 1186 -33.08 86.72 1.19
C LYS B 1186 -33.82 85.38 1.33
N GLN B 1187 -34.92 85.39 2.08
CA GLN B 1187 -35.75 84.19 2.28
C GLN B 1187 -36.49 83.79 1.00
N GLU B 1188 -37.02 84.79 0.30
CA GLU B 1188 -37.77 84.56 -0.94
C GLU B 1188 -36.95 83.82 -2.00
N PHE B 1189 -35.64 84.05 -2.00
CA PHE B 1189 -34.71 83.30 -2.87
C PHE B 1189 -34.68 81.81 -2.52
N GLU B 1190 -34.50 81.50 -1.22
CA GLU B 1190 -34.44 80.12 -0.76
C GLU B 1190 -35.77 79.42 -0.92
N LYS B 1191 -36.87 80.16 -0.79
CA LYS B 1191 -38.20 79.57 -0.87
C LYS B 1191 -38.67 79.36 -2.32
N GLN B 1192 -37.93 79.92 -3.26
CA GLN B 1192 -38.18 79.67 -4.69
C GLN B 1192 -37.26 78.59 -5.27
N ASP B 1193 -35.98 78.65 -4.92
CA ASP B 1193 -35.03 77.62 -5.33
C ASP B 1193 -35.19 76.33 -4.50
N GLU B 1194 -36.21 76.32 -3.65
CA GLU B 1194 -36.66 75.11 -2.98
C GLU B 1194 -37.86 74.58 -3.75
N LEU B 1195 -38.55 75.50 -4.43
CA LEU B 1195 -39.71 75.15 -5.25
C LEU B 1195 -39.27 74.79 -6.66
N LYS B 1196 -38.08 75.25 -7.05
CA LYS B 1196 -37.46 74.83 -8.31
C LYS B 1196 -37.05 73.37 -8.22
N ARG B 1197 -36.19 73.05 -7.25
CA ARG B 1197 -35.61 71.70 -7.11
C ARG B 1197 -36.60 70.64 -6.65
N SER B 1198 -37.78 71.07 -6.19
CA SER B 1198 -38.86 70.15 -5.85
C SER B 1198 -39.89 70.06 -7.00
N ALA B 1199 -39.68 70.87 -8.03
CA ALA B 1199 -40.48 70.83 -9.26
C ALA B 1199 -39.69 70.15 -10.38
N MET B 1200 -38.36 70.18 -10.27
CA MET B 1200 -37.48 69.52 -11.23
C MET B 1200 -37.43 68.02 -10.99
N ARG B 1201 -37.60 67.61 -9.72
CA ARG B 1201 -37.69 66.21 -9.36
C ARG B 1201 -38.97 65.60 -9.94
N ALA B 1202 -39.97 66.46 -10.15
CA ALA B 1202 -41.23 66.08 -10.78
C ALA B 1202 -41.09 65.99 -12.30
N VAL B 1203 -40.10 66.68 -12.85
CA VAL B 1203 -39.72 66.53 -14.25
C VAL B 1203 -38.89 65.25 -14.39
N ALA B 1204 -37.75 65.20 -13.70
CA ALA B 1204 -36.84 64.06 -13.69
C ALA B 1204 -37.56 62.71 -13.76
N ALA B 1205 -38.65 62.60 -13.02
CA ALA B 1205 -39.42 61.37 -12.93
C ALA B 1205 -40.04 60.97 -14.27
N LEU B 1206 -40.83 61.87 -14.86
CA LEU B 1206 -41.68 61.51 -15.99
C LEU B 1206 -40.97 61.32 -17.34
N LEU B 1207 -39.68 61.65 -17.41
CA LEU B 1207 -38.89 61.33 -18.61
C LEU B 1207 -38.22 59.97 -18.45
N THR B 1208 -37.59 59.77 -17.30
CA THR B 1208 -36.74 58.60 -17.05
C THR B 1208 -37.49 57.27 -17.15
N ILE B 1209 -38.70 57.22 -16.60
CA ILE B 1209 -39.40 55.95 -16.39
C ILE B 1209 -40.32 55.45 -17.55
N PRO B 1210 -41.00 56.37 -18.29
CA PRO B 1210 -41.85 55.92 -19.41
C PRO B 1210 -41.07 55.22 -20.52
N GLU B 1211 -40.04 55.88 -21.06
CA GLU B 1211 -39.03 55.28 -21.95
C GLU B 1211 -38.16 56.36 -22.62
N ALA B 1212 -38.82 57.23 -23.39
CA ALA B 1212 -38.18 58.28 -24.16
C ALA B 1212 -39.29 59.06 -24.85
N GLU B 1213 -39.22 60.39 -24.74
CA GLU B 1213 -40.20 61.25 -25.36
C GLU B 1213 -39.59 62.57 -25.78
N LYS B 1214 -40.05 63.05 -26.93
CA LYS B 1214 -39.70 64.37 -27.40
C LYS B 1214 -40.97 65.06 -27.86
N SER B 1215 -41.76 65.49 -26.88
CA SER B 1215 -42.88 66.39 -27.12
C SER B 1215 -42.30 67.79 -27.34
N PRO B 1216 -42.75 68.48 -28.41
CA PRO B 1216 -42.17 69.73 -28.93
C PRO B 1216 -41.52 70.64 -27.88
N LEU B 1217 -42.20 70.83 -26.74
CA LEU B 1217 -41.73 71.75 -25.70
C LEU B 1217 -40.84 71.07 -24.65
N MET B 1218 -41.06 69.78 -24.43
CA MET B 1218 -40.23 69.01 -23.52
C MET B 1218 -38.87 68.69 -24.14
N SER B 1219 -38.91 68.34 -25.43
CA SER B 1219 -37.70 68.13 -26.21
C SER B 1219 -36.80 69.37 -26.18
N GLU B 1220 -37.42 70.54 -26.28
CA GLU B 1220 -36.69 71.82 -26.23
C GLU B 1220 -36.33 72.25 -24.80
N PHE B 1221 -36.97 71.63 -23.81
CA PHE B 1221 -36.62 71.84 -22.41
C PHE B 1221 -35.24 71.23 -22.17
N GLN B 1222 -35.04 70.01 -22.67
CA GLN B 1222 -33.76 69.31 -22.60
C GLN B 1222 -32.56 70.17 -23.03
N SER B 1223 -32.82 71.18 -23.86
CA SER B 1223 -31.79 72.13 -24.27
C SER B 1223 -31.44 73.08 -23.13
N GLN B 1224 -32.46 73.60 -22.46
CA GLN B 1224 -32.29 74.58 -21.39
C GLN B 1224 -31.64 73.99 -20.13
N ILE B 1225 -31.72 72.67 -19.96
CA ILE B 1225 -31.00 71.98 -18.87
C ILE B 1225 -29.55 71.69 -19.25
N SER B 1226 -29.17 72.08 -20.47
CA SER B 1226 -27.78 72.04 -20.91
C SER B 1226 -27.25 73.47 -21.04
N SER B 1227 -28.15 74.39 -21.39
CA SER B 1227 -27.78 75.76 -21.74
C SER B 1227 -27.73 76.71 -20.54
N ASN B 1228 -28.78 76.72 -19.72
CA ASN B 1228 -28.90 77.69 -18.63
C ASN B 1228 -28.04 77.38 -17.41
N PRO B 1229 -27.57 78.45 -16.71
CA PRO B 1229 -26.80 78.29 -15.47
C PRO B 1229 -27.61 77.74 -14.29
N GLU B 1230 -28.84 78.24 -14.10
CA GLU B 1230 -29.69 77.84 -12.98
C GLU B 1230 -30.28 76.46 -13.20
N LEU B 1231 -30.78 76.24 -14.43
CA LEU B 1231 -31.52 75.04 -14.79
C LEU B 1231 -30.65 73.78 -14.71
N ALA B 1232 -29.41 73.88 -15.19
CA ALA B 1232 -28.47 72.76 -15.15
C ALA B 1232 -27.98 72.48 -13.72
N ALA B 1233 -28.07 73.49 -12.86
CA ALA B 1233 -27.61 73.40 -11.48
C ALA B 1233 -28.52 72.55 -10.58
N ILE B 1234 -29.66 72.11 -11.12
CA ILE B 1234 -30.57 71.26 -10.37
C ILE B 1234 -30.32 69.77 -10.67
N PHE B 1235 -29.30 69.50 -11.49
CA PHE B 1235 -28.73 68.17 -11.62
C PHE B 1235 -27.85 67.88 -10.40
N GLU B 1236 -27.35 68.95 -9.78
CA GLU B 1236 -26.56 68.86 -8.55
C GLU B 1236 -27.46 68.62 -7.33
N SER B 1237 -28.74 68.96 -7.45
CA SER B 1237 -29.73 68.69 -6.39
C SER B 1237 -30.41 67.34 -6.56
N ILE B 1238 -30.02 66.59 -7.59
CA ILE B 1238 -30.65 65.31 -7.93
C ILE B 1238 -29.69 64.11 -7.82
N GLN B 1239 -28.44 64.39 -7.44
CA GLN B 1239 -27.36 63.39 -7.34
C GLN B 1239 -27.67 62.28 -6.34
N THR C 41 -40.21 117.72 10.00
CA THR C 41 -39.76 116.35 10.40
C THR C 41 -40.74 115.68 11.37
N ASP C 42 -41.94 116.24 11.49
CA ASP C 42 -42.96 115.69 12.39
C ASP C 42 -44.30 115.39 11.70
N GLU C 43 -44.37 115.66 10.39
CA GLU C 43 -45.47 115.14 9.57
C GLU C 43 -44.93 114.25 8.45
N THR C 44 -43.85 113.55 8.78
CA THR C 44 -43.32 112.45 7.96
C THR C 44 -42.98 111.29 8.91
N TRP C 45 -42.68 111.64 10.16
CA TRP C 45 -42.49 110.67 11.25
C TRP C 45 -43.82 110.08 11.72
N GLN C 46 -44.90 110.86 11.61
CA GLN C 46 -46.27 110.37 11.91
C GLN C 46 -47.03 109.96 10.65
N LYS C 47 -46.43 110.17 9.49
CA LYS C 47 -46.90 109.58 8.24
C LYS C 47 -46.39 108.14 8.12
N LEU C 48 -45.45 107.79 9.00
CA LEU C 48 -44.93 106.43 9.12
C LEU C 48 -45.44 105.74 10.39
N LYS C 49 -45.55 106.50 11.48
CA LYS C 49 -46.05 105.99 12.78
C LYS C 49 -47.49 105.47 12.70
N GLU C 50 -48.21 105.86 11.65
CA GLU C 50 -49.55 105.36 11.37
C GLU C 50 -49.68 104.80 9.95
N ALA C 51 -48.56 104.33 9.40
CA ALA C 51 -48.52 103.62 8.12
C ALA C 51 -47.78 102.29 8.27
N VAL C 52 -46.73 102.28 9.08
CA VAL C 52 -46.06 101.05 9.52
C VAL C 52 -47.07 100.21 10.30
N GLU C 53 -47.96 100.89 11.02
CA GLU C 53 -49.02 100.25 11.78
C GLU C 53 -50.28 100.00 10.93
N ALA C 54 -50.13 100.12 9.61
CA ALA C 54 -51.20 99.81 8.66
C ALA C 54 -50.89 98.55 7.86
N ILE C 55 -49.59 98.24 7.74
CA ILE C 55 -49.13 96.96 7.22
C ILE C 55 -48.96 95.97 8.39
N GLN C 56 -48.84 96.52 9.59
CA GLN C 56 -49.12 95.79 10.81
C GLN C 56 -50.60 96.00 11.09
N ASN C 57 -51.22 95.10 11.86
CA ASN C 57 -52.64 95.20 12.22
C ASN C 57 -53.64 94.98 11.08
N SER C 58 -53.13 95.00 9.83
CA SER C 58 -53.94 94.83 8.62
C SER C 58 -55.06 95.88 8.48
N THR C 59 -54.81 97.08 8.97
CA THR C 59 -55.78 98.17 8.95
C THR C 59 -55.70 98.95 7.64
N SER C 60 -56.86 99.16 7.04
CA SER C 60 -56.97 99.78 5.71
C SER C 60 -57.05 101.30 5.75
N ILE C 61 -55.95 101.95 5.39
CA ILE C 61 -55.93 103.40 5.18
C ILE C 61 -56.30 103.73 3.73
N LYS C 62 -56.84 104.93 3.50
CA LYS C 62 -57.37 105.34 2.19
C LYS C 62 -56.28 105.62 1.15
N TYR C 63 -55.29 106.41 1.56
CA TYR C 63 -54.23 107.00 0.72
C TYR C 63 -54.00 106.39 -0.68
N ASN C 64 -53.08 105.41 -0.73
CA ASN C 64 -52.41 104.95 -1.96
C ASN C 64 -50.92 104.76 -1.60
N LEU C 65 -50.47 103.51 -1.61
CA LEU C 65 -49.05 103.18 -1.33
C LEU C 65 -48.14 103.73 -2.43
N GLU C 66 -48.70 103.87 -3.62
CA GLU C 66 -48.03 104.49 -4.75
C GLU C 66 -48.28 106.01 -4.73
N GLU C 67 -48.34 106.58 -3.53
CA GLU C 67 -48.42 108.03 -3.31
C GLU C 67 -47.32 108.46 -2.34
N LEU C 68 -47.38 107.92 -1.12
CA LEU C 68 -46.38 108.19 -0.09
C LEU C 68 -45.04 107.56 -0.44
N TYR C 69 -45.09 106.52 -1.27
CA TYR C 69 -43.90 105.84 -1.80
C TYR C 69 -42.67 106.75 -1.88
N GLN C 70 -42.85 107.92 -2.48
CA GLN C 70 -41.79 108.92 -2.60
C GLN C 70 -41.84 109.96 -1.48
N ALA C 71 -43.05 110.37 -1.10
CA ALA C 71 -43.27 111.38 -0.06
C ALA C 71 -42.63 111.03 1.29
N VAL C 72 -42.38 109.73 1.49
CA VAL C 72 -41.72 109.25 2.71
C VAL C 72 -40.18 109.23 2.57
N GLU C 73 -39.72 109.28 1.32
CA GLU C 73 -38.29 109.22 1.03
C GLU C 73 -37.61 110.58 1.06
N ASN C 74 -38.40 111.63 1.37
CA ASN C 74 -37.87 112.98 1.50
C ASN C 74 -37.23 113.23 2.87
N LEU C 75 -37.83 112.65 3.92
CA LEU C 75 -37.28 112.69 5.27
C LEU C 75 -36.31 111.52 5.47
N CYS C 76 -35.96 110.88 4.35
CA CYS C 76 -35.08 109.73 4.34
C CYS C 76 -34.29 109.69 3.02
N SER C 77 -33.57 110.77 2.74
CA SER C 77 -32.76 110.86 1.52
C SER C 77 -31.27 110.70 1.84
N TYR C 78 -30.72 111.67 2.55
CA TYR C 78 -29.39 111.59 3.15
C TYR C 78 -29.43 112.33 4.48
N LYS C 79 -28.27 112.50 5.12
CA LYS C 79 -28.15 113.19 6.42
C LYS C 79 -28.88 112.47 7.55
N ILE C 80 -30.21 112.59 7.56
CA ILE C 80 -31.07 111.87 8.49
C ILE C 80 -30.91 110.35 8.26
N SER C 81 -30.00 109.76 9.03
CA SER C 81 -29.53 108.39 8.81
C SER C 81 -29.87 107.42 9.95
N ALA C 82 -29.24 107.60 11.11
CA ALA C 82 -29.41 106.71 12.27
C ALA C 82 -30.62 107.08 13.15
N ASN C 83 -31.24 108.22 12.84
CA ASN C 83 -32.44 108.71 13.54
C ASN C 83 -33.66 107.82 13.32
N LEU C 84 -33.69 107.14 12.17
CA LEU C 84 -34.87 106.38 11.73
C LEU C 84 -34.82 104.91 12.17
N TYR C 85 -33.63 104.39 12.41
CA TYR C 85 -33.46 102.97 12.76
C TYR C 85 -34.05 102.58 14.11
N LYS C 86 -33.77 103.36 15.15
CA LYS C 86 -34.26 103.08 16.51
C LYS C 86 -35.78 103.22 16.64
N GLN C 87 -36.39 104.02 15.76
CA GLN C 87 -37.84 104.15 15.69
C GLN C 87 -38.47 102.96 14.93
N LEU C 88 -37.82 102.56 13.84
CA LEU C 88 -38.29 101.44 13.03
C LEU C 88 -38.13 100.11 13.78
N ARG C 89 -37.17 100.08 14.71
CA ARG C 89 -36.95 98.91 15.54
C ARG C 89 -37.99 98.77 16.65
N GLN C 90 -38.19 99.85 17.40
CA GLN C 90 -38.98 99.80 18.63
C GLN C 90 -40.46 100.14 18.46
N ILE C 91 -40.92 100.24 17.21
CA ILE C 91 -42.36 100.31 16.91
C ILE C 91 -42.81 98.98 16.28
N CYS C 92 -41.84 98.24 15.77
CA CYS C 92 -42.04 96.84 15.39
C CYS C 92 -41.92 95.96 16.62
N GLU C 93 -40.95 96.26 17.50
CA GLU C 93 -40.76 95.52 18.74
C GLU C 93 -41.99 95.60 19.63
N ASP C 94 -42.69 96.72 19.59
CA ASP C 94 -43.94 96.89 20.33
C ASP C 94 -45.05 95.99 19.80
N HIS C 95 -44.89 95.52 18.55
CA HIS C 95 -45.88 94.64 17.93
C HIS C 95 -45.55 93.16 18.04
N ILE C 96 -44.28 92.81 17.80
CA ILE C 96 -43.83 91.43 17.96
C ILE C 96 -43.99 90.97 19.41
N LYS C 97 -43.66 91.85 20.36
CA LYS C 97 -43.86 91.59 21.79
C LYS C 97 -45.33 91.43 22.19
N ALA C 98 -46.24 91.88 21.35
CA ALA C 98 -47.67 91.84 21.67
C ALA C 98 -48.37 90.55 21.23
N GLN C 99 -47.60 89.60 20.71
CA GLN C 99 -48.15 88.35 20.17
C GLN C 99 -48.13 87.18 21.16
N ILE C 100 -47.11 87.12 22.03
CA ILE C 100 -47.03 86.08 23.04
C ILE C 100 -48.20 86.19 24.02
N HIS C 101 -48.76 87.40 24.15
CA HIS C 101 -49.90 87.66 25.01
C HIS C 101 -51.14 86.83 24.65
N GLN C 102 -51.02 85.91 23.68
CA GLN C 102 -52.13 85.05 23.27
C GLN C 102 -51.70 83.69 22.68
N PHE C 103 -50.47 83.29 22.96
CA PHE C 103 -49.97 81.94 22.64
C PHE C 103 -49.77 81.19 23.94
N ARG C 104 -49.67 81.96 25.01
CA ARG C 104 -49.56 81.45 26.37
C ARG C 104 -50.89 81.63 27.09
N GLU C 105 -51.96 81.12 26.49
CA GLU C 105 -53.23 81.02 27.18
C GLU C 105 -53.34 79.62 27.81
N ASP C 106 -54.56 79.15 28.03
CA ASP C 106 -54.81 77.85 28.70
C ASP C 106 -54.67 76.66 27.74
N SER C 107 -55.36 76.73 26.60
CA SER C 107 -55.54 75.57 25.74
C SER C 107 -54.50 75.44 24.64
N LEU C 108 -53.90 74.26 24.54
CA LEU C 108 -53.11 73.92 23.36
C LEU C 108 -53.81 72.88 22.49
N ASP C 109 -53.57 71.60 22.79
CA ASP C 109 -53.71 70.51 21.83
C ASP C 109 -52.71 70.86 20.71
N SER C 110 -51.54 70.23 20.77
CA SER C 110 -50.37 70.71 20.03
C SER C 110 -50.56 71.01 18.53
N VAL C 111 -51.48 70.33 17.85
CA VAL C 111 -51.73 70.57 16.42
C VAL C 111 -52.34 71.95 16.12
N LEU C 112 -53.32 72.36 16.93
CA LEU C 112 -53.95 73.68 16.81
C LEU C 112 -53.01 74.79 17.21
N PHE C 113 -52.13 74.48 18.17
CA PHE C 113 -51.10 75.39 18.63
C PHE C 113 -50.04 75.62 17.53
N LEU C 114 -49.65 74.56 16.83
CA LEU C 114 -48.70 74.67 15.73
C LEU C 114 -49.29 75.49 14.59
N LYS C 115 -50.59 75.31 14.36
CA LYS C 115 -51.32 76.06 13.33
C LYS C 115 -51.47 77.53 13.69
N LYS C 116 -51.21 77.86 14.95
CA LYS C 116 -51.30 79.24 15.44
C LYS C 116 -49.95 79.96 15.30
N ILE C 117 -48.86 79.25 15.54
CA ILE C 117 -47.52 79.81 15.30
C ILE C 117 -47.28 79.96 13.80
N ASP C 118 -47.71 78.97 13.02
CA ASP C 118 -47.52 79.00 11.58
C ASP C 118 -48.12 80.27 10.97
N ARG C 119 -49.39 80.54 11.29
CA ARG C 119 -50.07 81.73 10.80
C ARG C 119 -49.38 83.02 11.26
N CYS C 120 -48.89 83.02 12.50
CA CYS C 120 -48.12 84.15 13.01
C CYS C 120 -46.84 84.37 12.22
N TRP C 121 -46.06 83.31 11.96
CA TRP C 121 -44.78 83.47 11.27
C TRP C 121 -44.92 83.89 9.81
N GLN C 122 -45.99 83.44 9.16
CA GLN C 122 -46.29 83.87 7.79
C GLN C 122 -46.60 85.37 7.78
N ASN C 123 -47.23 85.84 8.86
CA ASN C 123 -47.60 87.25 9.03
C ASN C 123 -46.44 88.17 9.41
N HIS C 124 -45.58 87.76 10.33
CA HIS C 124 -44.40 88.56 10.67
C HIS C 124 -43.42 88.64 9.50
N CYS C 125 -43.40 87.60 8.67
CA CYS C 125 -42.54 87.56 7.48
C CYS C 125 -42.99 88.57 6.42
N ARG C 126 -44.30 88.67 6.21
CA ARG C 126 -44.86 89.62 5.25
C ARG C 126 -45.00 91.04 5.82
N GLN C 127 -44.65 91.21 7.09
CA GLN C 127 -44.59 92.52 7.70
C GLN C 127 -43.22 93.13 7.43
N MET C 128 -42.17 92.36 7.69
CA MET C 128 -40.82 92.78 7.38
C MET C 128 -40.57 92.81 5.86
N ILE C 129 -41.47 92.19 5.11
CA ILE C 129 -41.48 92.27 3.64
C ILE C 129 -42.13 93.58 3.17
N MET C 130 -43.32 93.89 3.71
CA MET C 130 -44.10 95.06 3.32
C MET C 130 -43.42 96.38 3.70
N ILE C 131 -42.62 96.33 4.77
CA ILE C 131 -41.81 97.47 5.21
C ILE C 131 -40.64 97.74 4.25
N ARG C 132 -39.89 96.71 3.91
CA ARG C 132 -38.73 96.88 3.07
C ARG C 132 -39.12 97.07 1.59
N SER C 133 -40.21 96.43 1.15
CA SER C 133 -40.58 96.41 -0.27
C SER C 133 -41.26 97.69 -0.79
N ILE C 134 -42.24 98.21 -0.04
CA ILE C 134 -42.86 99.49 -0.38
C ILE C 134 -41.83 100.63 -0.28
N PHE C 135 -40.96 100.55 0.75
CA PHE C 135 -39.81 101.46 0.84
C PHE C 135 -38.64 100.86 0.07
N LEU C 136 -38.83 100.69 -1.24
CA LEU C 136 -37.83 100.11 -2.13
C LEU C 136 -36.54 100.93 -2.13
N PHE C 137 -36.67 102.26 -2.09
CA PHE C 137 -35.50 103.14 -2.01
C PHE C 137 -35.11 103.46 -0.55
N LEU C 138 -35.77 102.82 0.42
CA LEU C 138 -35.32 102.83 1.81
C LEU C 138 -34.19 101.81 1.98
N ASP C 139 -34.09 100.89 1.01
CA ASP C 139 -33.05 99.86 1.03
C ASP C 139 -32.18 99.87 -0.24
N ARG C 140 -32.29 100.93 -1.04
CA ARG C 140 -31.53 101.08 -2.29
C ARG C 140 -30.22 101.87 -2.16
N THR C 141 -30.08 102.62 -1.08
CA THR C 141 -28.85 103.39 -0.81
C THR C 141 -28.37 103.25 0.64
N TYR C 142 -29.11 103.84 1.56
CA TYR C 142 -28.71 103.91 2.97
C TYR C 142 -29.90 103.68 3.90
N LEU C 149 -28.54 102.26 7.23
CA LEU C 149 -29.72 101.48 7.56
C LEU C 149 -29.51 100.00 7.24
N PRO C 150 -29.18 99.20 8.27
CA PRO C 150 -29.13 97.74 8.19
C PRO C 150 -30.46 97.17 7.71
N SER C 151 -30.42 96.06 6.99
CA SER C 151 -31.63 95.47 6.41
C SER C 151 -32.70 95.30 7.49
N ILE C 152 -33.90 95.79 7.19
CA ILE C 152 -35.04 95.74 8.11
C ILE C 152 -35.40 94.29 8.44
N TRP C 153 -35.33 93.43 7.42
CA TRP C 153 -35.68 92.03 7.55
C TRP C 153 -34.78 91.32 8.56
N ASP C 154 -33.47 91.45 8.38
CA ASP C 154 -32.48 90.83 9.28
C ASP C 154 -32.69 91.24 10.74
N MET C 155 -33.16 92.47 10.94
CA MET C 155 -33.50 92.97 12.28
C MET C 155 -34.77 92.29 12.81
N GLY C 156 -35.80 92.26 11.97
CA GLY C 156 -37.10 91.67 12.33
C GLY C 156 -37.06 90.18 12.59
N LEU C 157 -36.03 89.53 12.06
CA LEU C 157 -35.79 88.12 12.33
C LEU C 157 -35.26 87.93 13.74
N GLU C 158 -34.43 88.87 14.19
CA GLU C 158 -33.85 88.81 15.53
C GLU C 158 -34.86 89.18 16.62
N LEU C 159 -35.78 90.10 16.29
CA LEU C 159 -36.87 90.46 17.20
C LEU C 159 -37.73 89.23 17.45
N PHE C 160 -38.28 88.67 16.37
CA PHE C 160 -39.10 87.47 16.40
C PHE C 160 -38.36 86.30 17.07
N ARG C 161 -37.04 86.23 16.87
CA ARG C 161 -36.21 85.22 17.50
C ARG C 161 -36.25 85.35 19.01
N ALA C 162 -36.02 86.55 19.51
CA ALA C 162 -35.93 86.77 20.96
C ALA C 162 -37.29 86.96 21.61
N HIS C 163 -38.27 87.42 20.83
CA HIS C 163 -39.56 87.81 21.39
C HIS C 163 -40.77 86.94 21.01
N ILE C 164 -40.54 85.80 20.38
CA ILE C 164 -41.59 84.77 20.26
C ILE C 164 -41.04 83.34 20.37
N ILE C 165 -40.14 82.97 19.45
CA ILE C 165 -39.66 81.59 19.32
C ILE C 165 -38.70 81.16 20.43
N SER C 166 -38.18 82.13 21.18
CA SER C 166 -37.17 81.85 22.18
C SER C 166 -37.75 81.59 23.56
N ASP C 167 -36.89 81.05 24.44
CA ASP C 167 -37.02 81.07 25.91
C ASP C 167 -38.32 80.52 26.54
N GLN C 168 -39.29 80.21 25.70
CA GLN C 168 -40.62 79.96 26.16
C GLN C 168 -40.90 78.48 26.41
N LYS C 169 -42.05 78.20 27.01
CA LYS C 169 -42.69 76.89 26.89
C LYS C 169 -43.14 76.75 25.43
N VAL C 170 -43.37 77.91 24.80
CA VAL C 170 -43.68 78.07 23.37
C VAL C 170 -42.71 77.34 22.45
N GLN C 171 -41.41 77.55 22.64
CA GLN C 171 -40.39 76.86 21.85
C GLN C 171 -40.55 75.36 22.05
N ASN C 172 -40.23 74.88 23.25
CA ASN C 172 -40.38 73.46 23.54
C ASN C 172 -41.82 73.04 23.89
N LYS C 173 -42.78 73.61 23.16
CA LYS C 173 -44.10 73.00 23.02
C LYS C 173 -44.55 73.18 21.57
N THR C 174 -43.77 73.95 20.83
CA THR C 174 -43.83 73.96 19.38
C THR C 174 -42.95 72.83 18.88
N ILE C 175 -41.70 72.81 19.32
CA ILE C 175 -40.79 71.73 18.99
C ILE C 175 -41.38 70.39 19.47
N ASP C 176 -41.98 70.41 20.66
CA ASP C 176 -42.75 69.28 21.18
C ASP C 176 -43.81 68.83 20.17
N GLY C 177 -44.60 69.79 19.68
CA GLY C 177 -45.68 69.54 18.72
C GLY C 177 -45.17 68.89 17.46
N ILE C 178 -44.21 69.53 16.79
CA ILE C 178 -43.57 69.00 15.60
C ILE C 178 -43.13 67.54 15.82
N LEU C 179 -42.31 67.33 16.85
CA LEU C 179 -41.77 66.01 17.18
C LEU C 179 -42.81 64.94 17.48
N LEU C 180 -43.96 65.36 18.00
CA LEU C 180 -45.06 64.46 18.32
C LEU C 180 -45.81 64.10 17.05
N LEU C 181 -45.70 64.95 16.03
CA LEU C 181 -46.35 64.69 14.75
C LEU C 181 -45.53 63.74 13.90
N ILE C 182 -44.24 64.03 13.71
CA ILE C 182 -43.33 63.08 13.06
C ILE C 182 -43.49 61.71 13.72
N GLU C 183 -43.40 61.69 15.06
CA GLU C 183 -43.56 60.49 15.89
C GLU C 183 -44.83 59.70 15.54
N ARG C 184 -45.83 60.38 14.98
CA ARG C 184 -47.02 59.69 14.50
C ARG C 184 -46.91 59.27 13.03
N GLU C 185 -46.58 60.23 12.17
CA GLU C 185 -46.49 59.98 10.72
C GLU C 185 -45.53 58.85 10.42
N ARG C 186 -44.64 58.55 11.37
CA ARG C 186 -43.64 57.52 11.19
C ARG C 186 -44.28 56.14 11.21
N ASN C 187 -45.06 55.84 12.25
CA ASN C 187 -45.75 54.57 12.31
C ASN C 187 -47.05 54.54 11.48
N GLY C 188 -47.98 55.46 11.74
CA GLY C 188 -49.31 55.39 11.14
C GLY C 188 -49.82 56.63 10.42
N GLU C 189 -50.50 57.50 11.19
CA GLU C 189 -51.38 58.58 10.69
C GLU C 189 -50.86 59.49 9.59
N ALA C 190 -51.80 60.11 8.87
CA ALA C 190 -51.50 61.19 7.93
C ALA C 190 -51.37 62.47 8.76
N ILE C 191 -50.57 63.42 8.29
CA ILE C 191 -49.98 64.38 9.20
C ILE C 191 -50.27 65.88 8.97
N ASP C 192 -50.54 66.29 7.74
CA ASP C 192 -50.60 67.73 7.35
C ASP C 192 -49.17 68.24 7.10
N ARG C 193 -48.53 67.62 6.12
CA ARG C 193 -47.07 67.72 5.89
C ARG C 193 -46.54 69.13 5.62
N SER C 194 -47.39 70.00 5.07
CA SER C 194 -47.00 71.37 4.71
C SER C 194 -46.63 72.25 5.92
N LEU C 195 -47.41 72.11 7.00
CA LEU C 195 -47.18 72.80 8.27
C LEU C 195 -45.75 72.56 8.76
N LEU C 196 -45.37 71.29 8.85
CA LEU C 196 -44.03 70.91 9.30
C LEU C 196 -42.92 71.57 8.48
N ARG C 197 -43.15 71.74 7.17
CA ARG C 197 -42.13 72.32 6.30
C ARG C 197 -41.92 73.80 6.60
N SER C 198 -43.03 74.52 6.77
CA SER C 198 -43.01 75.96 7.06
C SER C 198 -42.41 76.27 8.42
N LEU C 199 -42.77 75.47 9.43
CA LEU C 199 -42.23 75.62 10.77
C LEU C 199 -40.74 75.30 10.83
N LEU C 200 -40.33 74.29 10.07
CA LEU C 200 -38.91 73.95 9.99
C LEU C 200 -38.18 74.88 9.01
N SER C 201 -38.92 75.48 8.08
CA SER C 201 -38.37 76.60 7.32
C SER C 201 -38.13 77.75 8.29
N MET C 202 -39.09 77.95 9.19
CA MET C 202 -38.97 79.00 10.20
C MET C 202 -37.77 78.77 11.09
N LEU C 203 -37.80 77.71 11.88
CA LEU C 203 -36.71 77.40 12.78
C LEU C 203 -35.35 77.50 12.10
N SER C 204 -35.32 77.31 10.78
CA SER C 204 -34.07 77.38 10.00
C SER C 204 -33.77 78.79 9.47
N ASP C 205 -34.82 79.57 9.21
CA ASP C 205 -34.68 80.98 8.87
C ASP C 205 -34.24 81.77 10.10
N LEU C 206 -34.83 81.42 11.24
CA LEU C 206 -34.57 82.06 12.52
C LEU C 206 -33.23 81.63 13.16
N GLN C 207 -32.66 80.54 12.64
CA GLN C 207 -31.38 79.99 13.12
C GLN C 207 -31.51 79.20 14.43
N ILE C 208 -32.50 78.31 14.46
CA ILE C 208 -32.75 77.44 15.60
C ILE C 208 -32.68 75.96 15.20
N TYR C 209 -33.08 75.67 13.95
CA TYR C 209 -33.19 74.31 13.46
C TYR C 209 -31.97 73.46 13.77
N GLN C 210 -30.80 73.92 13.30
CA GLN C 210 -29.56 73.13 13.39
C GLN C 210 -29.12 72.95 14.84
N ASP C 211 -29.94 73.47 15.75
CA ASP C 211 -29.56 73.63 17.14
C ASP C 211 -30.58 73.02 18.11
N SER C 212 -31.75 73.66 18.23
CA SER C 212 -32.75 73.33 19.25
C SER C 212 -33.84 72.32 18.81
N PHE C 213 -33.82 71.94 17.54
CA PHE C 213 -34.68 70.87 17.00
C PHE C 213 -33.87 69.64 16.58
N GLU C 214 -32.89 69.82 15.71
CA GLU C 214 -32.18 68.70 15.06
C GLU C 214 -31.74 67.59 16.02
N GLN C 215 -30.82 67.89 16.94
CA GLN C 215 -30.33 66.90 17.90
C GLN C 215 -31.48 66.22 18.60
N ARG C 216 -32.34 67.03 19.22
CA ARG C 216 -33.50 66.54 19.94
C ARG C 216 -34.41 65.65 19.07
N PHE C 217 -34.39 65.90 17.75
CA PHE C 217 -35.13 65.09 16.78
C PHE C 217 -34.41 63.79 16.45
N LEU C 218 -33.08 63.87 16.30
CA LEU C 218 -32.25 62.69 16.08
C LEU C 218 -32.18 61.87 17.36
N GLU C 219 -32.18 62.55 18.50
CA GLU C 219 -32.24 61.92 19.80
C GLU C 219 -33.37 60.90 19.77
N GLU C 220 -34.55 61.37 19.37
CA GLU C 220 -35.77 60.57 19.33
C GLU C 220 -35.70 59.49 18.24
N THR C 221 -35.28 59.90 17.03
CA THR C 221 -35.13 58.97 15.91
C THR C 221 -34.21 57.82 16.32
N ASN C 222 -33.03 58.16 16.81
CA ASN C 222 -32.01 57.18 17.21
C ASN C 222 -32.54 56.13 18.17
N ARG C 223 -33.41 56.53 19.08
CA ARG C 223 -33.96 55.60 20.06
C ARG C 223 -35.15 54.81 19.52
N LEU C 224 -35.87 55.38 18.55
CA LEU C 224 -36.97 54.66 17.90
C LEU C 224 -36.45 53.48 17.09
N TYR C 225 -35.45 53.77 16.25
CA TYR C 225 -34.85 52.73 15.42
C TYR C 225 -33.89 51.83 16.20
N ALA C 226 -33.64 52.19 17.46
CA ALA C 226 -32.97 51.28 18.38
C ALA C 226 -33.95 50.19 18.77
N ALA C 227 -35.17 50.59 19.12
CA ALA C 227 -36.22 49.66 19.51
C ALA C 227 -36.76 48.87 18.32
N GLU C 228 -37.01 49.54 17.21
CA GLU C 228 -37.52 48.90 15.99
C GLU C 228 -36.62 47.77 15.48
N GLY C 229 -35.31 48.04 15.42
CA GLY C 229 -34.33 47.03 15.05
C GLY C 229 -34.37 45.85 16.00
N GLN C 230 -34.20 46.13 17.28
CA GLN C 230 -34.29 45.14 18.35
C GLN C 230 -35.53 44.25 18.19
N LYS C 231 -36.71 44.88 18.15
CA LYS C 231 -37.97 44.14 18.15
C LYS C 231 -38.17 43.31 16.89
N LEU C 232 -38.22 43.98 15.74
CA LEU C 232 -38.51 43.29 14.48
C LEU C 232 -37.47 42.26 14.08
N MET C 233 -36.27 42.40 14.63
CA MET C 233 -35.21 41.41 14.41
C MET C 233 -35.49 40.15 15.23
N GLN C 234 -35.87 40.33 16.50
CA GLN C 234 -36.17 39.19 17.36
C GLN C 234 -37.53 38.58 17.06
N GLU C 235 -38.37 39.32 16.36
CA GLU C 235 -39.73 38.88 16.08
C GLU C 235 -39.82 38.13 14.75
N ARG C 236 -39.25 38.73 13.70
CA ARG C 236 -39.51 38.28 12.33
C ARG C 236 -38.28 37.78 11.56
N GLU C 237 -38.54 37.09 10.45
CA GLU C 237 -37.49 36.46 9.64
C GLU C 237 -36.75 37.43 8.73
N VAL C 238 -35.51 37.07 8.37
CA VAL C 238 -34.62 37.93 7.56
C VAL C 238 -35.25 38.56 6.32
N PRO C 239 -35.79 37.74 5.38
CA PRO C 239 -36.19 38.32 4.09
C PRO C 239 -37.37 39.26 4.20
N GLU C 240 -38.14 39.13 5.27
CA GLU C 240 -39.25 40.03 5.53
C GLU C 240 -38.75 41.27 6.29
N TYR C 241 -37.73 41.08 7.11
CA TYR C 241 -37.13 42.18 7.85
C TYR C 241 -36.49 43.19 6.90
N LEU C 242 -35.88 42.69 5.84
CA LEU C 242 -35.19 43.55 4.88
C LEU C 242 -36.14 44.38 4.03
N HIS C 243 -37.29 43.82 3.68
CA HIS C 243 -38.31 44.58 2.95
C HIS C 243 -38.97 45.64 3.85
N HIS C 244 -38.51 45.70 5.10
CA HIS C 244 -38.97 46.71 6.05
C HIS C 244 -37.93 47.80 6.21
N VAL C 245 -36.67 47.40 6.36
CA VAL C 245 -35.55 48.33 6.39
C VAL C 245 -35.52 49.14 5.10
N ASN C 246 -35.98 48.55 4.00
CA ASN C 246 -36.04 49.26 2.74
C ASN C 246 -37.30 50.10 2.57
N LYS C 247 -38.24 49.96 3.50
CA LYS C 247 -39.42 50.81 3.53
C LYS C 247 -39.16 51.98 4.46
N ARG C 248 -38.34 51.74 5.49
CA ARG C 248 -37.95 52.78 6.43
C ARG C 248 -36.99 53.74 5.76
N LEU C 249 -35.83 53.22 5.37
CA LEU C 249 -34.85 54.02 4.67
C LEU C 249 -35.48 54.79 3.51
N GLU C 250 -36.58 54.28 2.98
CA GLU C 250 -37.27 54.95 1.90
C GLU C 250 -38.09 56.12 2.40
N GLU C 251 -38.77 55.92 3.53
CA GLU C 251 -39.61 56.95 4.15
C GLU C 251 -38.76 58.12 4.68
N GLU C 252 -37.52 57.83 5.05
CA GLU C 252 -36.61 58.84 5.59
C GLU C 252 -36.05 59.80 4.55
N ALA C 253 -35.65 59.29 3.39
CA ALA C 253 -35.24 60.17 2.29
C ALA C 253 -36.44 60.96 1.76
N ASP C 254 -37.64 60.39 1.94
CA ASP C 254 -38.89 61.05 1.59
C ASP C 254 -39.26 62.09 2.63
N ARG C 255 -38.80 61.87 3.86
CA ARG C 255 -38.94 62.82 4.96
C ARG C 255 -37.99 63.97 4.69
N LEU C 256 -36.78 63.62 4.29
CA LEU C 256 -35.67 64.55 4.18
C LEU C 256 -35.82 65.55 3.03
N ILE C 257 -36.71 65.25 2.07
CA ILE C 257 -36.96 66.22 1.00
C ILE C 257 -38.26 67.01 1.24
N THR C 258 -39.24 66.36 1.85
CA THR C 258 -40.58 66.92 1.93
C THR C 258 -40.72 68.04 2.97
N TYR C 259 -39.83 68.07 3.98
CA TYR C 259 -39.87 69.14 4.98
C TYR C 259 -38.60 69.46 5.77
N LEU C 260 -37.79 68.45 6.06
CA LEU C 260 -36.56 68.66 6.83
C LEU C 260 -35.48 69.39 6.02
N ASP C 261 -34.57 70.06 6.73
CA ASP C 261 -33.51 70.83 6.10
C ASP C 261 -32.35 69.92 5.69
N GLN C 262 -31.43 70.45 4.89
CA GLN C 262 -30.39 69.64 4.28
C GLN C 262 -29.18 69.33 5.18
N THR C 263 -29.17 69.88 6.39
CA THR C 263 -28.10 69.58 7.37
C THR C 263 -28.32 68.23 8.03
N THR C 264 -29.51 67.69 7.83
CA THR C 264 -29.92 66.45 8.48
C THR C 264 -29.62 65.25 7.57
N GLN C 265 -29.44 65.52 6.28
CA GLN C 265 -29.06 64.52 5.29
C GLN C 265 -28.02 63.56 5.85
N LYS C 266 -26.81 64.06 6.05
CA LYS C 266 -25.68 63.25 6.53
C LYS C 266 -26.07 62.44 7.77
N SER C 267 -26.81 63.07 8.67
CA SER C 267 -27.14 62.46 9.96
C SER C 267 -28.27 61.42 9.88
N LEU C 268 -29.47 61.86 9.51
CA LEU C 268 -30.67 61.02 9.57
C LEU C 268 -30.48 59.67 8.88
N ILE C 269 -30.08 59.71 7.61
CA ILE C 269 -29.84 58.49 6.83
C ILE C 269 -28.83 57.58 7.53
N ALA C 270 -27.74 58.16 8.05
CA ALA C 270 -26.72 57.37 8.76
C ALA C 270 -27.16 56.91 10.15
N THR C 271 -28.22 57.51 10.68
CA THR C 271 -28.77 57.11 11.97
C THR C 271 -29.60 55.86 11.79
N VAL C 272 -30.57 55.93 10.87
CA VAL C 272 -31.44 54.80 10.55
C VAL C 272 -30.64 53.59 10.08
N GLU C 273 -29.57 53.84 9.32
CA GLU C 273 -28.65 52.79 8.90
C GLU C 273 -27.98 52.13 10.10
N LYS C 274 -27.19 52.91 10.83
CA LYS C 274 -26.46 52.42 12.01
C LYS C 274 -27.36 51.74 13.04
N GLN C 275 -28.68 51.88 12.88
CA GLN C 275 -29.61 51.30 13.85
C GLN C 275 -30.36 50.06 13.34
N LEU C 276 -30.56 49.97 12.03
CA LEU C 276 -31.28 48.83 11.46
C LEU C 276 -30.34 47.85 10.76
N LEU C 277 -29.37 48.39 10.02
CA LEU C 277 -28.39 47.57 9.32
C LEU C 277 -27.12 47.40 10.16
N GLY C 278 -26.35 48.48 10.28
CA GLY C 278 -25.21 48.54 11.20
C GLY C 278 -25.58 48.03 12.58
N GLU C 279 -24.69 47.23 13.16
CA GLU C 279 -24.93 46.60 14.47
C GLU C 279 -26.11 45.61 14.42
N HIS C 280 -26.34 45.06 13.23
CA HIS C 280 -27.22 43.91 13.06
C HIS C 280 -26.69 43.05 11.93
N LEU C 281 -25.76 43.60 11.15
CA LEU C 281 -25.14 42.89 10.02
C LEU C 281 -24.76 41.46 10.39
N THR C 282 -23.90 41.32 11.40
CA THR C 282 -23.37 40.01 11.79
C THR C 282 -24.50 39.00 12.04
N ALA C 283 -25.54 39.45 12.73
CA ALA C 283 -26.68 38.58 13.07
C ALA C 283 -27.64 38.36 11.91
N ILE C 284 -27.73 39.32 10.99
CA ILE C 284 -28.62 39.21 9.82
C ILE C 284 -28.14 38.10 8.88
N LEU C 285 -26.83 38.04 8.66
CA LEU C 285 -26.24 36.99 7.84
C LEU C 285 -26.31 35.64 8.55
N GLN C 286 -25.95 35.64 9.83
CA GLN C 286 -25.90 34.44 10.66
C GLN C 286 -27.25 33.70 10.73
N LYS C 287 -28.33 34.44 10.51
CA LYS C 287 -29.70 33.93 10.66
C LYS C 287 -30.28 33.45 9.36
N GLY C 288 -29.99 34.17 8.27
CA GLY C 288 -30.63 33.88 7.00
C GLY C 288 -29.82 34.04 5.73
N LEU C 289 -28.50 34.10 5.83
CA LEU C 289 -27.68 34.11 4.61
C LEU C 289 -27.64 32.73 3.98
N ASN C 290 -27.32 31.73 4.81
CA ASN C 290 -27.42 30.35 4.36
C ASN C 290 -28.82 30.11 3.81
N ASN C 291 -29.84 30.45 4.62
CA ASN C 291 -31.24 30.30 4.23
C ASN C 291 -31.58 30.94 2.87
N LEU C 292 -30.75 31.88 2.41
CA LEU C 292 -30.95 32.55 1.13
C LEU C 292 -30.10 31.97 0.01
N LEU C 293 -28.93 31.43 0.37
CA LEU C 293 -28.01 30.84 -0.60
C LEU C 293 -28.36 29.38 -0.90
N ASP C 294 -28.97 28.71 0.07
CA ASP C 294 -29.46 27.35 -0.11
C ASP C 294 -30.70 27.30 -1.01
N GLU C 295 -31.28 28.46 -1.30
CA GLU C 295 -32.59 28.53 -1.90
C GLU C 295 -32.60 29.21 -3.26
N ASN C 296 -31.42 29.60 -3.74
CA ASN C 296 -31.29 30.40 -4.96
C ASN C 296 -32.23 31.60 -4.95
N ARG C 297 -32.33 32.26 -3.79
CA ARG C 297 -33.20 33.41 -3.65
C ARG C 297 -32.57 34.66 -4.28
N ILE C 298 -32.46 34.68 -5.61
CA ILE C 298 -31.93 35.83 -6.33
C ILE C 298 -32.57 37.13 -5.88
N GLN C 299 -33.87 37.07 -5.61
CA GLN C 299 -34.65 38.23 -5.22
C GLN C 299 -34.15 38.91 -3.95
N ASP C 300 -34.22 38.18 -2.84
CA ASP C 300 -33.88 38.72 -1.52
C ASP C 300 -32.38 38.97 -1.34
N LEU C 301 -31.57 38.28 -2.13
CA LEU C 301 -30.12 38.46 -2.12
C LEU C 301 -29.73 39.79 -2.72
N SER C 302 -30.35 40.13 -3.85
CA SER C 302 -30.07 41.38 -4.55
C SER C 302 -30.27 42.61 -3.66
N LEU C 303 -31.36 42.60 -2.92
CA LEU C 303 -31.68 43.64 -1.95
C LEU C 303 -30.66 43.65 -0.81
N LEU C 304 -30.44 42.48 -0.21
CA LEU C 304 -29.48 42.33 0.87
C LEU C 304 -28.18 43.05 0.53
N TYR C 305 -27.59 42.68 -0.60
CA TYR C 305 -26.34 43.29 -1.05
C TYR C 305 -26.43 44.80 -1.12
N GLN C 306 -27.54 45.31 -1.65
CA GLN C 306 -27.70 46.75 -1.81
C GLN C 306 -27.79 47.42 -0.45
N LEU C 307 -28.45 46.78 0.50
CA LEU C 307 -28.55 47.31 1.86
C LEU C 307 -27.22 47.28 2.59
N PHE C 308 -26.45 46.21 2.42
CA PHE C 308 -25.14 46.09 3.04
C PHE C 308 -24.11 47.01 2.36
N SER C 309 -24.58 47.79 1.39
CA SER C 309 -23.75 48.77 0.71
C SER C 309 -23.89 50.15 1.33
N ARG C 310 -25.10 50.52 1.71
CA ARG C 310 -25.38 51.80 2.37
C ARG C 310 -24.50 52.03 3.60
N VAL C 311 -24.34 51.01 4.44
CA VAL C 311 -23.45 51.08 5.61
C VAL C 311 -22.09 50.43 5.29
N ARG C 312 -21.01 50.97 5.88
CA ARG C 312 -19.68 50.78 5.30
C ARG C 312 -18.98 49.42 5.51
N GLY C 313 -19.02 48.92 6.75
CA GLY C 313 -18.34 47.67 7.10
C GLY C 313 -18.96 46.43 6.47
N GLY C 314 -20.07 46.65 5.77
CA GLY C 314 -20.97 45.58 5.31
C GLY C 314 -20.53 44.74 4.15
N VAL C 315 -20.32 45.37 2.99
CA VAL C 315 -19.87 44.64 1.81
C VAL C 315 -18.77 43.65 2.21
N GLN C 316 -17.88 44.08 3.11
CA GLN C 316 -16.77 43.26 3.60
C GLN C 316 -17.26 42.01 4.34
N VAL C 317 -18.26 42.20 5.20
CA VAL C 317 -18.80 41.10 6.01
C VAL C 317 -19.44 40.03 5.13
N LEU C 318 -20.21 40.47 4.13
CA LEU C 318 -20.88 39.58 3.18
C LEU C 318 -19.87 38.79 2.36
N LEU C 319 -18.81 39.47 1.95
CA LEU C 319 -17.70 38.88 1.20
C LEU C 319 -17.04 37.76 2.00
N GLN C 320 -16.72 38.03 3.25
CA GLN C 320 -16.06 37.04 4.11
C GLN C 320 -16.99 35.88 4.44
N GLN C 321 -18.30 36.13 4.34
CA GLN C 321 -19.32 35.11 4.63
C GLN C 321 -19.68 34.28 3.39
N TRP C 322 -19.63 34.94 2.24
CA TRP C 322 -19.83 34.28 0.95
C TRP C 322 -18.79 33.19 0.77
N ILE C 323 -17.52 33.58 0.87
CA ILE C 323 -16.41 32.65 0.79
C ILE C 323 -16.65 31.47 1.74
N GLU C 324 -16.94 31.78 3.00
CA GLU C 324 -17.10 30.73 4.00
C GLU C 324 -18.21 29.74 3.64
N TYR C 325 -19.20 30.21 2.87
CA TYR C 325 -20.30 29.36 2.40
C TYR C 325 -19.85 28.49 1.23
N ILE C 326 -19.32 29.13 0.19
CA ILE C 326 -18.83 28.44 -1.00
C ILE C 326 -17.80 27.36 -0.63
N LYS C 327 -16.91 27.67 0.32
CA LYS C 327 -15.93 26.71 0.81
C LYS C 327 -16.59 25.49 1.42
N ALA C 328 -17.71 25.70 2.09
CA ALA C 328 -18.40 24.65 2.83
C ALA C 328 -19.25 23.75 1.94
N PHE C 329 -19.99 24.37 1.01
CA PHE C 329 -20.84 23.63 0.06
C PHE C 329 -19.98 22.85 -0.92
N GLY C 330 -18.82 23.43 -1.27
CA GLY C 330 -17.87 22.82 -2.19
C GLY C 330 -17.24 21.55 -1.62
N SER C 331 -16.67 21.66 -0.42
CA SER C 331 -16.13 20.51 0.29
C SER C 331 -17.22 19.51 0.65
N THR C 332 -18.48 19.94 0.55
CA THR C 332 -19.64 19.06 0.66
C THR C 332 -19.77 18.16 -0.58
N ILE C 333 -19.27 18.64 -1.71
CA ILE C 333 -19.29 17.86 -2.95
C ILE C 333 -17.98 17.07 -3.17
N VAL C 334 -16.84 17.75 -3.09
CA VAL C 334 -15.57 17.13 -3.51
C VAL C 334 -14.83 16.29 -2.48
N ILE C 335 -15.11 16.49 -1.19
CA ILE C 335 -14.43 15.72 -0.14
C ILE C 335 -14.96 14.29 -0.04
N ASN C 336 -16.28 14.15 0.04
CA ASN C 336 -16.88 12.82 0.23
C ASN C 336 -16.95 11.95 -1.04
N PRO C 337 -16.30 10.78 -1.00
CA PRO C 337 -16.17 9.88 -2.15
C PRO C 337 -17.46 9.13 -2.51
N GLU C 338 -18.50 9.25 -1.70
CA GLU C 338 -19.81 8.72 -2.05
C GLU C 338 -20.45 9.56 -3.15
N LYS C 339 -20.04 10.82 -3.21
CA LYS C 339 -20.51 11.76 -4.23
C LYS C 339 -19.81 11.57 -5.59
N ASP C 340 -18.70 10.83 -5.58
CA ASP C 340 -17.86 10.61 -6.77
C ASP C 340 -18.68 10.22 -7.99
N LYS C 341 -19.86 9.67 -7.73
CA LYS C 341 -20.75 9.21 -8.78
C LYS C 341 -21.21 10.38 -9.66
N THR C 342 -21.58 11.50 -9.02
CA THR C 342 -22.15 12.65 -9.72
C THR C 342 -21.31 13.94 -9.60
N MET C 343 -20.12 13.84 -9.00
CA MET C 343 -19.28 15.00 -8.65
C MET C 343 -19.25 16.14 -9.66
N VAL C 344 -18.67 15.87 -10.83
CA VAL C 344 -18.46 16.89 -11.85
C VAL C 344 -19.75 17.64 -12.16
N GLN C 345 -20.85 16.90 -12.22
CA GLN C 345 -22.15 17.49 -12.54
C GLN C 345 -22.58 18.47 -11.47
N GLU C 346 -22.39 18.10 -10.21
CA GLU C 346 -22.75 18.96 -9.08
C GLU C 346 -21.91 20.23 -9.06
N LEU C 347 -20.64 20.08 -9.41
CA LEU C 347 -19.69 21.18 -9.46
C LEU C 347 -20.10 22.21 -10.50
N LEU C 348 -20.38 21.73 -11.71
CA LEU C 348 -20.85 22.56 -12.82
C LEU C 348 -22.14 23.30 -12.49
N ASP C 349 -23.04 22.61 -11.78
CA ASP C 349 -24.31 23.19 -11.35
C ASP C 349 -24.06 24.33 -10.38
N PHE C 350 -23.23 24.07 -9.39
CA PHE C 350 -22.91 25.01 -8.34
C PHE C 350 -22.37 26.32 -8.91
N LYS C 351 -21.40 26.22 -9.81
CA LYS C 351 -20.74 27.42 -10.34
C LYS C 351 -21.72 28.31 -11.10
N ASP C 352 -22.58 27.68 -11.90
CA ASP C 352 -23.62 28.37 -12.67
C ASP C 352 -24.59 29.09 -11.74
N LYS C 353 -24.79 28.52 -10.55
CA LYS C 353 -25.64 29.14 -9.50
C LYS C 353 -24.88 30.24 -8.77
N VAL C 354 -23.58 30.06 -8.59
CA VAL C 354 -22.75 31.09 -7.98
C VAL C 354 -22.65 32.27 -8.94
N ASP C 355 -22.33 31.99 -10.20
CA ASP C 355 -22.22 33.02 -11.25
C ASP C 355 -23.50 33.84 -11.36
N HIS C 356 -24.62 33.14 -11.48
CA HIS C 356 -25.93 33.76 -11.67
C HIS C 356 -26.30 34.71 -10.54
N ILE C 357 -25.81 34.45 -9.32
CA ILE C 357 -26.11 35.38 -8.22
C ILE C 357 -25.18 36.58 -8.18
N ILE C 358 -23.93 36.44 -8.64
CA ILE C 358 -23.08 37.63 -8.77
C ILE C 358 -23.58 38.44 -9.97
N ASP C 359 -24.21 37.74 -10.91
CA ASP C 359 -24.75 38.36 -12.10
C ASP C 359 -25.81 39.38 -11.72
N ILE C 360 -26.87 38.92 -11.05
CA ILE C 360 -27.95 39.79 -10.64
C ILE C 360 -27.63 40.52 -9.32
N CYS C 361 -27.43 39.74 -8.26
CA CYS C 361 -27.43 40.24 -6.89
C CYS C 361 -26.29 41.18 -6.53
N PHE C 362 -25.06 40.82 -6.91
CA PHE C 362 -23.89 41.63 -6.57
C PHE C 362 -23.48 42.54 -7.73
N LEU C 363 -24.39 42.69 -8.68
CA LEU C 363 -24.22 43.60 -9.82
C LEU C 363 -22.90 43.40 -10.58
N LYS C 364 -22.38 42.17 -10.53
CA LYS C 364 -21.09 41.80 -11.12
C LYS C 364 -19.91 42.46 -10.41
N ASN C 365 -20.00 42.56 -9.09
CA ASN C 365 -18.91 43.11 -8.27
C ASN C 365 -17.63 42.28 -8.41
N GLU C 366 -16.65 42.84 -9.11
CA GLU C 366 -15.35 42.20 -9.33
C GLU C 366 -14.66 41.76 -8.04
N LYS C 367 -15.23 42.19 -6.91
CA LYS C 367 -14.75 41.84 -5.58
C LYS C 367 -15.15 40.41 -5.23
N PHE C 368 -16.37 40.06 -5.63
CA PHE C 368 -17.00 38.77 -5.31
C PHE C 368 -16.55 37.64 -6.23
N ILE C 369 -16.77 37.81 -7.52
CA ILE C 369 -16.30 36.85 -8.51
C ILE C 369 -14.81 36.52 -8.26
N ASN C 370 -14.07 37.50 -7.75
CA ASN C 370 -12.67 37.33 -7.40
C ASN C 370 -12.47 36.51 -6.13
N ALA C 371 -13.54 36.39 -5.34
CA ALA C 371 -13.47 35.71 -4.05
C ALA C 371 -14.00 34.28 -4.13
N MET C 372 -14.90 34.03 -5.07
CA MET C 372 -15.37 32.68 -5.36
C MET C 372 -14.33 31.90 -6.16
N LYS C 373 -13.67 32.59 -7.10
CA LYS C 373 -12.56 32.03 -7.87
C LYS C 373 -11.40 31.62 -6.97
N GLU C 374 -11.15 32.41 -5.94
CA GLU C 374 -10.14 32.07 -4.95
C GLU C 374 -10.64 30.94 -4.03
N ALA C 375 -11.93 30.95 -3.74
CA ALA C 375 -12.53 29.93 -2.88
C ALA C 375 -12.57 28.56 -3.54
N PHE C 376 -12.86 28.54 -4.84
CA PHE C 376 -12.88 27.29 -5.61
C PHE C 376 -11.50 26.63 -5.59
N GLU C 377 -10.47 27.36 -6.04
CA GLU C 377 -9.07 26.91 -5.93
C GLU C 377 -8.82 26.26 -4.56
N THR C 378 -9.57 26.68 -3.55
CA THR C 378 -9.35 26.18 -2.19
C THR C 378 -10.08 24.86 -1.94
N PHE C 379 -11.35 24.77 -2.33
CA PHE C 379 -12.13 23.55 -2.03
C PHE C 379 -12.02 22.42 -3.04
N ILE C 380 -11.78 22.78 -4.31
CA ILE C 380 -11.66 21.80 -5.38
C ILE C 380 -10.36 20.99 -5.28
N ASN C 381 -9.37 21.53 -4.57
CA ASN C 381 -8.07 20.88 -4.41
C ASN C 381 -7.98 20.08 -3.12
N LYS C 382 -8.89 20.37 -2.20
CA LYS C 382 -8.93 19.74 -0.87
C LYS C 382 -8.78 18.22 -0.93
N ARG C 383 -9.58 17.57 -1.78
CA ARG C 383 -9.36 16.16 -2.12
C ARG C 383 -8.38 16.11 -3.30
N PRO C 384 -7.26 15.39 -3.13
CA PRO C 384 -6.12 15.45 -4.06
C PRO C 384 -6.42 15.24 -5.55
N ASN C 385 -6.54 13.98 -5.98
CA ASN C 385 -6.48 13.64 -7.41
C ASN C 385 -7.83 13.36 -8.08
N LYS C 386 -8.74 12.77 -7.33
CA LYS C 386 -10.05 12.35 -7.85
C LYS C 386 -10.82 13.45 -8.60
N PRO C 387 -10.71 14.73 -8.18
CA PRO C 387 -11.34 15.79 -8.96
C PRO C 387 -10.79 15.87 -10.38
N ALA C 388 -9.49 16.09 -10.52
CA ALA C 388 -8.85 16.12 -11.82
C ALA C 388 -9.25 14.91 -12.66
N GLU C 389 -9.28 13.75 -12.01
CA GLU C 389 -9.58 12.47 -12.66
C GLU C 389 -11.01 12.44 -13.19
N LEU C 390 -11.95 12.86 -12.35
CA LEU C 390 -13.37 12.80 -12.67
C LEU C 390 -13.80 13.77 -13.77
N ILE C 391 -13.15 14.93 -13.83
CA ILE C 391 -13.34 15.89 -14.91
C ILE C 391 -13.09 15.21 -16.25
N ALA C 392 -12.00 14.44 -16.32
CA ALA C 392 -11.61 13.73 -17.53
C ALA C 392 -12.67 12.69 -17.93
N LYS C 393 -13.05 11.84 -16.98
CA LYS C 393 -14.05 10.81 -17.24
C LYS C 393 -15.37 11.42 -17.68
N TYR C 394 -15.62 12.65 -17.23
CA TYR C 394 -16.80 13.41 -17.60
C TYR C 394 -16.78 13.90 -19.04
N VAL C 395 -15.63 14.41 -19.51
CA VAL C 395 -15.52 14.88 -20.90
C VAL C 395 -15.50 13.73 -21.89
N ASP C 396 -14.95 12.59 -21.46
CA ASP C 396 -15.02 11.35 -22.21
C ASP C 396 -16.50 10.95 -22.34
N SER C 397 -17.20 10.99 -21.21
CA SER C 397 -18.63 10.67 -21.15
C SER C 397 -19.42 11.33 -22.28
N LYS C 398 -19.21 12.63 -22.47
CA LYS C 398 -19.97 13.40 -23.45
C LYS C 398 -19.38 13.42 -24.86
N LEU C 399 -18.07 13.19 -24.98
CA LEU C 399 -17.45 13.11 -26.30
C LEU C 399 -17.55 11.71 -26.91
N ARG C 400 -18.35 10.86 -26.27
CA ARG C 400 -18.60 9.48 -26.72
C ARG C 400 -19.61 9.43 -27.87
N ALA C 401 -19.86 8.23 -28.36
CA ALA C 401 -21.01 7.97 -29.22
C ALA C 401 -22.31 8.19 -28.44
N GLY C 402 -22.23 8.06 -27.11
CA GLY C 402 -23.36 8.30 -26.20
C GLY C 402 -23.80 9.76 -26.15
N ASN C 403 -25.10 9.97 -26.36
CA ASN C 403 -25.64 11.31 -26.65
C ASN C 403 -26.31 11.97 -25.45
N THR C 407 -26.21 18.04 -30.56
CA THR C 407 -26.16 19.49 -30.76
C THR C 407 -24.79 20.02 -30.38
N ASP C 408 -24.03 20.46 -31.38
CA ASP C 408 -22.71 21.06 -31.15
C ASP C 408 -22.81 22.53 -30.75
N GLU C 409 -24.00 22.92 -30.29
CA GLU C 409 -24.21 24.20 -29.60
C GLU C 409 -24.34 23.96 -28.09
N GLU C 410 -24.88 22.80 -27.71
CA GLU C 410 -24.94 22.42 -26.30
C GLU C 410 -23.78 21.46 -25.93
N LEU C 411 -23.04 21.02 -26.95
CA LEU C 411 -21.81 20.24 -26.74
C LEU C 411 -20.61 21.18 -26.71
N GLU C 412 -20.80 22.42 -27.18
CA GLU C 412 -19.72 23.41 -27.17
C GLU C 412 -19.71 24.21 -25.86
N LYS C 413 -20.88 24.66 -25.43
CA LYS C 413 -21.06 25.41 -24.19
C LYS C 413 -20.80 24.51 -22.96
N MET C 414 -21.01 23.21 -23.13
CA MET C 414 -20.77 22.22 -22.07
C MET C 414 -19.35 21.65 -22.11
N LEU C 415 -18.43 22.41 -22.69
CA LEU C 415 -17.00 22.14 -22.63
C LEU C 415 -16.30 23.38 -22.08
N ASP C 416 -16.81 24.55 -22.48
CA ASP C 416 -16.33 25.84 -21.98
C ASP C 416 -16.64 26.01 -20.50
N LYS C 417 -17.75 25.41 -20.05
CA LYS C 417 -18.10 25.43 -18.64
C LYS C 417 -17.25 24.46 -17.83
N ILE C 418 -16.69 23.45 -18.50
CA ILE C 418 -15.72 22.55 -17.86
C ILE C 418 -14.37 23.25 -17.71
N MET C 419 -13.82 23.72 -18.83
CA MET C 419 -12.56 24.46 -18.81
C MET C 419 -12.52 25.44 -17.66
N ILE C 420 -13.58 26.23 -17.54
CA ILE C 420 -13.68 27.30 -16.55
C ILE C 420 -13.62 26.76 -15.10
N ILE C 421 -14.02 25.50 -14.92
CA ILE C 421 -13.91 24.86 -13.61
C ILE C 421 -12.63 24.02 -13.51
N PHE C 422 -12.10 23.64 -14.67
CA PHE C 422 -10.91 22.80 -14.76
C PHE C 422 -9.68 23.56 -14.30
N ARG C 423 -9.65 24.86 -14.58
CA ARG C 423 -8.48 25.67 -14.22
C ARG C 423 -8.29 25.85 -12.71
N PHE C 424 -9.28 25.43 -11.92
CA PHE C 424 -9.17 25.48 -10.47
C PHE C 424 -8.38 24.30 -9.89
N ILE C 425 -8.20 23.27 -10.70
CA ILE C 425 -7.45 22.08 -10.30
C ILE C 425 -5.96 22.43 -10.20
N TYR C 426 -5.36 22.12 -9.05
CA TYR C 426 -3.91 22.23 -8.90
C TYR C 426 -3.23 20.86 -9.04
N GLY C 427 -3.58 20.19 -10.13
CA GLY C 427 -2.99 18.90 -10.49
C GLY C 427 -3.35 18.65 -11.94
N LYS C 428 -2.92 19.57 -12.80
CA LYS C 428 -3.35 19.61 -14.20
C LYS C 428 -2.92 18.37 -14.97
N ASP C 429 -1.74 17.87 -14.64
CA ASP C 429 -1.15 16.69 -15.30
C ASP C 429 -2.03 15.45 -15.25
N VAL C 430 -2.78 15.29 -14.16
CA VAL C 430 -3.66 14.13 -13.94
C VAL C 430 -4.87 14.14 -14.87
N PHE C 431 -5.21 15.30 -15.41
CA PHE C 431 -6.32 15.39 -16.35
C PHE C 431 -6.00 14.73 -17.70
N GLU C 432 -4.85 15.09 -18.29
CA GLU C 432 -4.45 14.47 -19.55
C GLU C 432 -4.07 13.02 -19.36
N ALA C 433 -3.27 12.75 -18.32
CA ALA C 433 -2.89 11.38 -18.01
C ALA C 433 -4.09 10.42 -18.11
N PHE C 434 -5.27 10.90 -17.72
CA PHE C 434 -6.50 10.12 -17.85
C PHE C 434 -7.18 10.32 -19.19
N TYR C 435 -7.16 11.54 -19.70
CA TYR C 435 -7.78 11.88 -20.98
C TYR C 435 -7.16 11.13 -22.16
N LYS C 436 -5.84 10.93 -22.10
CA LYS C 436 -5.09 10.28 -23.15
C LYS C 436 -5.62 8.88 -23.46
N LYS C 437 -5.75 8.05 -22.43
CA LYS C 437 -6.20 6.66 -22.57
C LYS C 437 -7.70 6.54 -22.85
N ASP C 438 -8.45 7.55 -22.41
CA ASP C 438 -9.85 7.68 -22.78
C ASP C 438 -9.95 8.06 -24.26
N LEU C 439 -9.06 8.94 -24.73
CA LEU C 439 -8.98 9.33 -26.14
C LEU C 439 -8.46 8.17 -26.99
N ALA C 440 -7.57 7.37 -26.40
CA ALA C 440 -7.06 6.17 -27.05
C ALA C 440 -8.24 5.33 -27.52
N LYS C 441 -9.09 4.94 -26.57
CA LYS C 441 -10.27 4.15 -26.89
C LYS C 441 -11.20 4.82 -27.91
N ARG C 442 -11.54 6.08 -27.70
CA ARG C 442 -12.45 6.80 -28.59
C ARG C 442 -11.93 6.95 -30.02
N LEU C 443 -10.64 6.73 -30.21
CA LEU C 443 -10.03 6.84 -31.53
C LEU C 443 -9.72 5.49 -32.18
N LEU C 444 -9.73 4.43 -31.37
CA LEU C 444 -9.35 3.10 -31.83
C LEU C 444 -10.47 2.08 -31.70
N VAL C 445 -11.12 2.05 -30.55
CA VAL C 445 -12.06 0.98 -30.20
C VAL C 445 -13.51 1.50 -30.03
N GLY C 446 -14.16 1.80 -31.15
CA GLY C 446 -15.51 2.37 -31.13
C GLY C 446 -15.47 3.88 -31.24
N LYS C 447 -16.24 4.42 -32.16
CA LYS C 447 -16.13 5.85 -32.56
C LYS C 447 -16.50 6.90 -31.49
N SER C 448 -16.27 8.17 -31.85
CA SER C 448 -16.50 9.30 -30.95
C SER C 448 -17.88 9.91 -31.16
N ALA C 449 -17.98 11.24 -31.05
CA ALA C 449 -19.23 11.95 -31.26
C ALA C 449 -19.17 12.83 -32.50
N SER C 450 -17.97 13.31 -32.81
CA SER C 450 -17.74 14.21 -33.94
C SER C 450 -16.23 14.38 -34.18
N VAL C 451 -15.82 14.28 -35.44
CA VAL C 451 -14.45 14.63 -35.84
C VAL C 451 -14.18 16.06 -35.37
N ASP C 452 -15.18 16.92 -35.53
CA ASP C 452 -15.15 18.32 -35.08
C ASP C 452 -15.04 18.47 -33.57
N ALA C 453 -16.08 18.03 -32.84
CA ALA C 453 -16.13 18.13 -31.38
C ALA C 453 -14.91 17.52 -30.70
N GLU C 454 -14.26 16.59 -31.40
CA GLU C 454 -13.02 15.97 -30.94
C GLU C 454 -11.85 16.94 -31.11
N LYS C 455 -11.80 17.59 -32.28
CA LYS C 455 -10.75 18.55 -32.58
C LYS C 455 -11.06 19.93 -31.99
N SER C 456 -12.33 20.18 -31.70
CA SER C 456 -12.77 21.41 -31.04
C SER C 456 -12.27 21.44 -29.60
N MET C 457 -12.17 20.25 -29.00
CA MET C 457 -11.62 20.10 -27.68
C MET C 457 -10.14 20.45 -27.67
N LEU C 458 -9.41 20.03 -28.70
CA LEU C 458 -7.99 20.32 -28.82
C LEU C 458 -7.65 21.81 -28.83
N SER C 459 -8.55 22.62 -29.40
CA SER C 459 -8.38 24.07 -29.45
C SER C 459 -8.38 24.68 -28.05
N LYS C 460 -9.42 24.35 -27.28
CA LYS C 460 -9.63 24.89 -25.94
C LYS C 460 -8.66 24.28 -24.93
N LEU C 461 -8.21 23.07 -25.20
CA LEU C 461 -7.33 22.36 -24.28
C LEU C 461 -5.87 22.75 -24.50
N LYS C 462 -5.53 23.28 -25.66
CA LYS C 462 -4.15 23.74 -25.88
C LYS C 462 -3.94 25.22 -25.52
N HIS C 463 -5.05 25.93 -25.25
CA HIS C 463 -4.96 27.16 -24.48
C HIS C 463 -4.96 26.79 -23.01
N GLU C 464 -4.28 27.58 -22.19
CA GLU C 464 -4.07 27.31 -20.76
C GLU C 464 -3.50 25.91 -20.45
N CYS C 465 -2.73 25.38 -21.41
CA CYS C 465 -2.01 24.11 -21.28
C CYS C 465 -0.74 24.10 -22.14
N GLY C 466 -0.72 24.97 -23.14
CA GLY C 466 0.46 25.16 -23.98
C GLY C 466 0.56 24.18 -25.13
N ALA C 467 1.79 24.00 -25.64
CA ALA C 467 2.06 23.04 -26.69
C ALA C 467 2.60 21.74 -26.11
N ALA C 468 3.02 21.79 -24.84
CA ALA C 468 3.62 20.64 -24.17
C ALA C 468 2.56 19.63 -23.72
N PHE C 469 1.41 20.14 -23.30
CA PHE C 469 0.31 19.32 -22.75
C PHE C 469 -0.58 18.78 -23.87
N THR C 470 -0.31 19.23 -25.10
CA THR C 470 -1.08 18.85 -26.28
C THR C 470 -0.20 18.19 -27.36
N SER C 471 1.09 18.00 -27.06
CA SER C 471 2.04 17.39 -27.99
C SER C 471 1.66 15.94 -28.33
N LYS C 472 1.41 15.14 -27.29
CA LYS C 472 0.97 13.77 -27.46
C LYS C 472 -0.36 13.73 -28.22
N LEU C 473 -1.28 14.63 -27.85
CA LEU C 473 -2.59 14.74 -28.50
C LEU C 473 -2.47 15.06 -29.99
N GLU C 474 -1.98 16.26 -30.31
CA GLU C 474 -1.75 16.66 -31.71
C GLU C 474 -0.99 15.56 -32.48
N GLY C 475 -0.19 14.79 -31.76
CA GLY C 475 0.59 13.70 -32.33
C GLY C 475 -0.23 12.44 -32.54
N MET C 476 -1.09 12.14 -31.58
CA MET C 476 -1.98 10.98 -31.67
C MET C 476 -2.92 11.11 -32.87
N PHE C 477 -3.28 12.35 -33.21
CA PHE C 477 -4.12 12.60 -34.37
C PHE C 477 -3.33 12.52 -35.68
N LYS C 478 -2.08 12.98 -35.66
CA LYS C 478 -1.20 12.87 -36.84
C LYS C 478 -0.78 11.41 -37.06
N ASP C 479 -0.95 10.60 -36.02
CA ASP C 479 -0.72 9.15 -36.09
C ASP C 479 -1.88 8.42 -36.75
N MET C 480 -3.07 9.05 -36.73
CA MET C 480 -4.27 8.46 -37.31
C MET C 480 -4.39 8.81 -38.78
N GLU C 481 -4.22 10.10 -39.08
CA GLU C 481 -4.27 10.63 -40.44
C GLU C 481 -3.18 10.03 -41.31
N LEU C 482 -2.11 9.56 -40.68
CA LEU C 482 -0.99 8.92 -41.37
C LEU C 482 -1.18 7.39 -41.46
N SER C 483 -1.93 6.83 -40.53
CA SER C 483 -2.34 5.42 -40.59
C SER C 483 -3.34 5.24 -41.70
N LYS C 484 -4.26 6.20 -41.82
CA LYS C 484 -5.25 6.24 -42.90
C LYS C 484 -4.59 6.59 -44.23
N ASP C 485 -3.44 7.26 -44.14
CA ASP C 485 -2.68 7.69 -45.32
C ASP C 485 -1.92 6.51 -45.94
N ILE C 486 -1.85 5.40 -45.23
CA ILE C 486 -1.23 4.19 -45.77
C ILE C 486 -2.24 3.07 -46.04
N MET C 487 -3.52 3.33 -45.75
CA MET C 487 -4.57 2.38 -46.06
C MET C 487 -4.94 2.44 -47.54
N ILE C 488 -5.03 3.65 -48.09
CA ILE C 488 -5.28 3.84 -49.53
C ILE C 488 -4.04 3.47 -50.36
N GLN C 489 -2.87 3.54 -49.71
CA GLN C 489 -1.62 3.09 -50.33
C GLN C 489 -1.52 1.57 -50.31
N PHE C 490 -2.19 0.94 -49.34
CA PHE C 490 -2.21 -0.53 -49.23
C PHE C 490 -3.15 -1.12 -50.28
N LYS C 491 -4.44 -0.83 -50.15
CA LYS C 491 -5.47 -1.38 -51.04
C LYS C 491 -5.10 -1.23 -52.51
N GLN C 492 -4.57 -0.07 -52.88
CA GLN C 492 -4.16 0.20 -54.26
C GLN C 492 -2.96 -0.62 -54.70
N TYR C 493 -1.89 -0.57 -53.92
CA TYR C 493 -0.65 -1.25 -54.26
C TYR C 493 -0.79 -2.77 -54.15
N MET C 494 -1.81 -3.23 -53.40
CA MET C 494 -2.11 -4.65 -53.32
C MET C 494 -3.52 -4.95 -53.86
N GLN C 495 -3.87 -4.28 -54.96
CA GLN C 495 -5.05 -4.62 -55.76
C GLN C 495 -4.60 -5.41 -56.97
N ASN C 496 -3.28 -5.53 -57.14
CA ASN C 496 -2.69 -6.34 -58.19
C ASN C 496 -2.38 -7.75 -57.65
N GLN C 497 -1.63 -7.79 -56.55
CA GLN C 497 -1.43 -9.02 -55.77
C GLN C 497 -2.79 -9.53 -55.30
N ASN C 498 -3.71 -8.58 -55.16
CA ASN C 498 -5.16 -8.80 -55.13
C ASN C 498 -5.67 -9.99 -54.34
N VAL C 499 -5.52 -9.88 -53.02
CA VAL C 499 -6.29 -10.62 -52.01
C VAL C 499 -6.33 -12.17 -52.15
N PRO C 500 -5.31 -12.83 -51.58
CA PRO C 500 -5.46 -14.24 -51.18
C PRO C 500 -6.34 -14.38 -49.92
N GLY C 501 -6.42 -13.31 -49.13
CA GLY C 501 -7.33 -13.23 -47.98
C GLY C 501 -8.77 -13.00 -48.42
N ASN C 502 -9.69 -13.12 -47.46
CA ASN C 502 -11.12 -12.92 -47.73
C ASN C 502 -11.66 -11.71 -46.96
N ILE C 503 -10.91 -11.34 -45.94
CA ILE C 503 -11.24 -10.24 -45.03
C ILE C 503 -10.97 -8.88 -45.68
N GLU C 504 -11.77 -7.89 -45.30
CA GLU C 504 -11.52 -6.48 -45.60
C GLU C 504 -10.94 -5.81 -44.35
N LEU C 505 -9.67 -5.45 -44.39
CA LEU C 505 -8.93 -5.01 -43.19
C LEU C 505 -8.54 -3.52 -43.17
N THR C 506 -8.47 -2.96 -41.96
CA THR C 506 -7.99 -1.59 -41.74
C THR C 506 -7.09 -1.55 -40.50
N VAL C 507 -5.83 -1.18 -40.71
CA VAL C 507 -4.83 -1.20 -39.64
C VAL C 507 -4.52 0.22 -39.18
N ASN C 508 -4.22 0.36 -37.90
CA ASN C 508 -3.73 1.63 -37.37
C ASN C 508 -2.31 1.51 -36.84
N ILE C 509 -1.40 2.31 -37.40
CA ILE C 509 -0.01 2.34 -37.00
C ILE C 509 0.24 3.52 -36.06
N LEU C 510 0.67 3.21 -34.84
CA LEU C 510 0.85 4.23 -33.80
C LEU C 510 2.31 4.34 -33.40
N THR C 511 2.72 5.57 -33.07
CA THR C 511 4.08 5.84 -32.60
C THR C 511 4.18 5.47 -31.11
N MET C 512 4.99 4.46 -30.79
CA MET C 512 5.09 3.90 -29.44
C MET C 512 5.13 4.94 -28.33
N GLY C 513 6.03 5.90 -28.46
CA GLY C 513 6.21 6.97 -27.48
C GLY C 513 4.96 7.78 -27.19
N TYR C 514 4.25 8.19 -28.24
CA TYR C 514 3.07 9.05 -28.13
C TYR C 514 1.88 8.40 -27.42
N TRP C 515 1.80 7.07 -27.50
CA TRP C 515 0.65 6.30 -26.99
C TRP C 515 0.98 5.58 -25.68
N PRO C 516 -0.06 5.32 -24.83
CA PRO C 516 0.15 4.84 -23.46
C PRO C 516 0.89 3.50 -23.35
N THR C 517 1.43 3.22 -22.16
CA THR C 517 2.03 1.92 -21.85
C THR C 517 1.05 0.84 -22.27
N TYR C 518 1.43 0.06 -23.27
CA TYR C 518 0.53 -0.97 -23.80
C TYR C 518 0.98 -2.40 -23.53
N VAL C 519 0.01 -3.22 -23.15
CA VAL C 519 0.22 -4.63 -22.81
C VAL C 519 0.42 -5.46 -24.08
N PRO C 520 1.67 -5.88 -24.35
CA PRO C 520 1.92 -6.66 -25.55
C PRO C 520 1.52 -8.12 -25.33
N MET C 521 0.62 -8.64 -26.17
CA MET C 521 0.08 -9.98 -25.93
C MET C 521 -0.07 -10.83 -27.19
N GLU C 522 0.25 -12.12 -27.05
CA GLU C 522 0.27 -13.07 -28.17
C GLU C 522 -0.99 -13.94 -28.20
N VAL C 523 -1.46 -14.25 -29.40
CA VAL C 523 -2.57 -15.20 -29.61
C VAL C 523 -2.28 -16.17 -30.74
N HIS C 524 -2.95 -17.33 -30.73
CA HIS C 524 -2.93 -18.25 -31.85
C HIS C 524 -3.96 -17.79 -32.87
N LEU C 525 -3.47 -17.13 -33.91
CA LEU C 525 -4.32 -16.62 -34.99
C LEU C 525 -4.83 -17.78 -35.86
N PRO C 526 -6.03 -17.62 -36.46
CA PRO C 526 -6.50 -18.63 -37.41
C PRO C 526 -5.73 -18.53 -38.75
N PRO C 527 -5.20 -19.67 -39.24
CA PRO C 527 -4.29 -19.76 -40.40
C PRO C 527 -4.50 -18.71 -41.50
N GLU C 528 -5.75 -18.42 -41.85
CA GLU C 528 -6.06 -17.45 -42.91
C GLU C 528 -5.79 -15.98 -42.54
N MET C 529 -5.41 -15.73 -41.29
CA MET C 529 -5.11 -14.37 -40.82
C MET C 529 -3.61 -14.12 -40.63
N VAL C 530 -2.88 -15.15 -40.18
CA VAL C 530 -1.42 -15.04 -40.05
C VAL C 530 -0.79 -14.76 -41.42
N LYS C 531 -1.53 -15.07 -42.48
CA LYS C 531 -1.17 -14.68 -43.86
C LYS C 531 -1.37 -13.17 -44.04
N LEU C 532 -2.52 -12.66 -43.59
CA LEU C 532 -2.88 -11.24 -43.72
C LEU C 532 -1.98 -10.28 -42.94
N GLN C 533 -1.47 -10.73 -41.78
CA GLN C 533 -0.49 -9.96 -41.03
C GLN C 533 0.81 -9.84 -41.83
N GLU C 534 1.43 -10.98 -42.11
CA GLU C 534 2.73 -11.03 -42.81
C GLU C 534 2.73 -10.43 -44.22
N ILE C 535 1.55 -10.30 -44.81
CA ILE C 535 1.42 -9.69 -46.14
C ILE C 535 1.32 -8.15 -46.02
N PHE C 536 1.02 -7.69 -44.80
CA PHE C 536 0.97 -6.26 -44.48
C PHE C 536 2.27 -5.78 -43.83
N LYS C 537 2.78 -6.55 -42.88
CA LYS C 537 4.06 -6.24 -42.24
C LYS C 537 5.10 -5.96 -43.33
N THR C 538 5.23 -6.90 -44.27
CA THR C 538 6.16 -6.79 -45.39
C THR C 538 5.80 -5.65 -46.35
N PHE C 539 4.59 -5.11 -46.20
CA PHE C 539 4.22 -3.89 -46.90
C PHE C 539 4.79 -2.69 -46.16
N TYR C 540 4.64 -2.70 -44.84
CA TYR C 540 5.11 -1.59 -44.01
C TYR C 540 6.64 -1.58 -43.90
N LEU C 541 7.22 -2.70 -43.45
CA LEU C 541 8.67 -2.84 -43.35
C LEU C 541 9.33 -2.42 -44.66
N GLY C 542 8.79 -2.92 -45.76
CA GLY C 542 9.24 -2.57 -47.10
C GLY C 542 8.59 -1.30 -47.62
N LYS C 543 8.57 -0.26 -46.78
CA LYS C 543 8.12 1.07 -47.18
C LYS C 543 8.76 2.10 -46.26
N HIS C 544 8.33 2.13 -45.00
CA HIS C 544 9.00 2.91 -43.98
C HIS C 544 10.12 2.06 -43.38
N SER C 545 11.28 2.11 -44.03
CA SER C 545 12.41 1.25 -43.68
C SER C 545 13.14 1.72 -42.41
N GLY C 546 13.67 0.76 -41.66
CA GLY C 546 14.34 1.03 -40.39
C GLY C 546 13.41 0.92 -39.20
N ARG C 547 12.17 0.49 -39.47
CA ARG C 547 11.13 0.42 -38.44
C ARG C 547 10.67 -1.01 -38.21
N LYS C 548 10.16 -1.27 -37.00
CA LYS C 548 9.56 -2.56 -36.68
C LYS C 548 8.14 -2.37 -36.15
N LEU C 549 7.29 -3.38 -36.33
CA LEU C 549 5.91 -3.32 -35.84
C LEU C 549 5.70 -4.33 -34.73
N GLN C 550 5.21 -3.85 -33.59
CA GLN C 550 4.78 -4.74 -32.52
C GLN C 550 3.26 -4.79 -32.48
N TRP C 551 2.69 -5.88 -32.97
CA TRP C 551 1.25 -6.09 -32.92
C TRP C 551 0.79 -6.34 -31.49
N GLN C 552 -0.46 -5.99 -31.22
CA GLN C 552 -1.08 -6.27 -29.93
C GLN C 552 -2.60 -6.33 -30.02
N SER C 553 -3.15 -7.42 -29.50
CA SER C 553 -4.56 -7.75 -29.69
C SER C 553 -5.51 -7.06 -28.72
N THR C 554 -4.98 -6.36 -27.73
CA THR C 554 -5.81 -5.72 -26.70
C THR C 554 -6.74 -4.64 -27.29
N LEU C 555 -6.41 -4.16 -28.49
CA LEU C 555 -7.16 -3.09 -29.15
C LEU C 555 -7.87 -3.52 -30.43
N GLY C 556 -7.56 -4.73 -30.90
CA GLY C 556 -8.17 -5.28 -32.10
C GLY C 556 -9.65 -5.57 -31.95
N HIS C 557 -10.45 -4.92 -32.79
CA HIS C 557 -11.89 -5.18 -32.84
C HIS C 557 -12.34 -5.41 -34.28
N CYS C 558 -13.37 -6.23 -34.47
CA CYS C 558 -13.82 -6.61 -35.82
C CYS C 558 -15.32 -6.94 -35.92
N VAL C 559 -15.80 -7.05 -37.15
CA VAL C 559 -17.19 -7.38 -37.46
C VAL C 559 -17.25 -8.81 -38.02
N LEU C 560 -18.29 -9.57 -37.63
CA LEU C 560 -18.42 -10.99 -37.99
C LEU C 560 -19.61 -11.31 -38.89
N LYS C 561 -19.95 -12.60 -38.96
CA LYS C 561 -21.19 -13.08 -39.57
C LYS C 561 -21.73 -14.21 -38.69
N ALA C 562 -22.87 -13.94 -38.02
CA ALA C 562 -23.43 -14.86 -37.05
C ALA C 562 -24.66 -15.61 -37.58
N GLU C 563 -24.48 -16.91 -37.81
CA GLU C 563 -25.55 -17.77 -38.26
C GLU C 563 -26.47 -18.17 -37.10
N PHE C 564 -27.67 -17.61 -37.10
CA PHE C 564 -28.74 -18.01 -36.19
C PHE C 564 -30.01 -18.25 -36.99
N LYS C 565 -30.89 -19.11 -36.45
CA LYS C 565 -32.12 -19.49 -37.16
C LYS C 565 -32.92 -18.27 -37.63
N GLU C 566 -33.28 -18.28 -38.92
CA GLU C 566 -34.03 -17.20 -39.60
C GLU C 566 -33.17 -15.96 -39.93
N GLY C 567 -32.72 -15.25 -38.90
CA GLY C 567 -32.05 -13.96 -39.07
C GLY C 567 -30.54 -14.00 -39.05
N LYS C 568 -29.94 -13.47 -40.12
CA LYS C 568 -28.49 -13.35 -40.23
C LYS C 568 -28.05 -11.99 -39.69
N LYS C 569 -27.33 -12.00 -38.58
CA LYS C 569 -26.79 -10.76 -38.00
C LYS C 569 -25.26 -10.81 -37.91
N GLU C 570 -24.62 -9.65 -38.12
CA GLU C 570 -23.16 -9.55 -38.08
C GLU C 570 -22.67 -8.89 -36.78
N LEU C 571 -21.87 -9.63 -36.00
CA LEU C 571 -21.47 -9.21 -34.66
C LEU C 571 -20.17 -8.40 -34.65
N GLN C 572 -20.21 -7.21 -34.04
CA GLN C 572 -19.01 -6.40 -33.82
C GLN C 572 -18.37 -6.76 -32.49
N VAL C 573 -17.20 -7.38 -32.56
CA VAL C 573 -16.54 -7.90 -31.36
C VAL C 573 -15.02 -7.70 -31.40
N SER C 574 -14.38 -7.86 -30.24
CA SER C 574 -12.92 -7.76 -30.12
C SER C 574 -12.23 -9.05 -30.56
N LEU C 575 -10.92 -8.98 -30.76
CA LEU C 575 -10.12 -10.15 -31.14
C LEU C 575 -10.14 -11.26 -30.09
N PHE C 576 -10.29 -10.85 -28.83
CA PHE C 576 -10.45 -11.79 -27.72
C PHE C 576 -11.80 -12.47 -27.77
N GLN C 577 -12.82 -11.75 -28.26
CA GLN C 577 -14.15 -12.30 -28.44
C GLN C 577 -14.26 -13.12 -29.72
N THR C 578 -13.61 -12.64 -30.78
CA THR C 578 -13.73 -13.23 -32.11
C THR C 578 -12.92 -14.53 -32.28
N LEU C 579 -11.95 -14.76 -31.41
CA LEU C 579 -11.16 -15.98 -31.45
C LEU C 579 -11.83 -17.12 -30.70
N VAL C 580 -12.71 -16.77 -29.75
CA VAL C 580 -13.46 -17.75 -28.98
C VAL C 580 -14.54 -18.41 -29.83
N LEU C 581 -15.28 -17.59 -30.57
CA LEU C 581 -16.36 -18.08 -31.43
C LEU C 581 -15.85 -18.77 -32.69
N LEU C 582 -14.54 -18.72 -32.90
CA LEU C 582 -13.92 -19.16 -34.15
C LEU C 582 -13.47 -20.63 -34.13
N MET C 583 -13.52 -21.25 -32.96
CA MET C 583 -13.31 -22.70 -32.87
C MET C 583 -14.63 -23.47 -33.02
N PHE C 584 -15.75 -22.73 -32.94
CA PHE C 584 -17.10 -23.27 -33.12
C PHE C 584 -17.42 -23.71 -34.57
N ASN C 585 -16.61 -23.24 -35.51
CA ASN C 585 -16.72 -23.63 -36.91
C ASN C 585 -16.23 -25.05 -37.15
N GLU C 586 -15.05 -25.36 -36.59
CA GLU C 586 -14.37 -26.64 -36.78
C GLU C 586 -15.10 -27.76 -36.00
N GLY C 587 -14.90 -27.80 -34.68
CA GLY C 587 -15.70 -28.65 -33.80
C GLY C 587 -16.82 -27.81 -33.21
N GLU C 588 -17.59 -28.39 -32.29
CA GLU C 588 -18.62 -27.64 -31.56
C GLU C 588 -18.63 -27.99 -30.06
N GLU C 589 -19.07 -27.03 -29.24
CA GLU C 589 -19.29 -27.19 -27.79
C GLU C 589 -18.02 -27.54 -26.98
N PHE C 590 -17.39 -26.51 -26.41
CA PHE C 590 -16.09 -26.68 -25.72
C PHE C 590 -16.09 -26.27 -24.24
N SER C 591 -15.06 -26.72 -23.53
CA SER C 591 -14.86 -26.38 -22.11
C SER C 591 -13.63 -25.49 -21.92
N LEU C 592 -13.75 -24.51 -21.02
CA LEU C 592 -12.73 -23.48 -20.77
C LEU C 592 -11.29 -23.95 -20.98
N GLU C 593 -10.94 -25.08 -20.38
CA GLU C 593 -9.56 -25.58 -20.37
C GLU C 593 -9.00 -25.85 -21.77
N GLU C 594 -9.82 -26.46 -22.64
CA GLU C 594 -9.38 -26.79 -23.99
C GLU C 594 -9.36 -25.59 -24.93
N ILE C 595 -10.15 -24.57 -24.62
CA ILE C 595 -10.11 -23.30 -25.34
C ILE C 595 -8.83 -22.54 -25.00
N LYS C 596 -8.63 -22.28 -23.71
CA LYS C 596 -7.44 -21.58 -23.19
C LYS C 596 -6.14 -22.03 -23.87
N GLN C 597 -5.98 -23.34 -24.03
CA GLN C 597 -4.80 -23.92 -24.66
C GLN C 597 -4.78 -23.66 -26.17
N ALA C 598 -5.93 -23.82 -26.81
CA ALA C 598 -6.06 -23.68 -28.26
C ALA C 598 -6.01 -22.23 -28.75
N THR C 599 -6.48 -21.30 -27.93
CA THR C 599 -6.57 -19.89 -28.32
C THR C 599 -5.31 -19.08 -27.98
N GLY C 600 -4.78 -19.28 -26.76
CA GLY C 600 -3.59 -18.57 -26.30
C GLY C 600 -3.84 -17.44 -25.30
N ILE C 601 -5.12 -17.08 -25.12
CA ILE C 601 -5.53 -16.00 -24.23
C ILE C 601 -5.06 -16.25 -22.78
N GLU C 602 -4.63 -15.16 -22.12
CA GLU C 602 -4.27 -15.20 -20.71
C GLU C 602 -5.53 -15.33 -19.84
N ASP C 603 -5.43 -16.14 -18.79
CA ASP C 603 -6.57 -16.47 -17.92
C ASP C 603 -7.32 -15.24 -17.38
N GLY C 604 -6.59 -14.27 -16.83
CA GLY C 604 -7.16 -13.06 -16.26
C GLY C 604 -7.99 -12.23 -17.22
N GLU C 605 -7.67 -12.32 -18.51
CA GLU C 605 -8.41 -11.63 -19.57
C GLU C 605 -9.50 -12.53 -20.17
N LEU C 606 -9.27 -13.83 -20.12
CA LEU C 606 -10.24 -14.82 -20.63
C LEU C 606 -11.50 -14.84 -19.76
N ARG C 607 -11.29 -14.72 -18.44
CA ARG C 607 -12.39 -14.69 -17.46
C ARG C 607 -13.26 -13.44 -17.64
N ARG C 608 -12.65 -12.37 -18.17
CA ARG C 608 -13.35 -11.09 -18.35
C ARG C 608 -14.11 -11.01 -19.66
N THR C 609 -13.72 -11.83 -20.65
CA THR C 609 -14.37 -11.85 -21.97
C THR C 609 -15.53 -12.84 -22.01
N LEU C 610 -15.50 -13.82 -21.11
CA LEU C 610 -16.55 -14.85 -21.05
C LEU C 610 -17.72 -14.46 -20.14
N GLN C 611 -17.52 -13.45 -19.29
CA GLN C 611 -18.63 -12.82 -18.58
C GLN C 611 -19.46 -12.08 -19.61
N SER C 612 -18.78 -11.51 -20.60
CA SER C 612 -19.41 -11.02 -21.81
C SER C 612 -19.71 -12.22 -22.69
N LEU C 613 -20.62 -12.05 -23.65
CA LEU C 613 -21.08 -13.12 -24.55
C LEU C 613 -22.05 -14.09 -23.85
N ALA C 614 -21.71 -14.50 -22.63
CA ALA C 614 -22.52 -15.43 -21.86
C ALA C 614 -23.33 -14.75 -20.75
N CYS C 615 -22.68 -14.49 -19.61
CA CYS C 615 -23.34 -13.94 -18.42
C CYS C 615 -24.02 -12.59 -18.67
N GLY C 616 -23.44 -11.81 -19.57
CA GLY C 616 -23.93 -10.47 -19.86
C GLY C 616 -25.23 -10.43 -20.64
N LYS C 617 -25.56 -9.25 -21.15
CA LYS C 617 -26.79 -9.03 -21.89
C LYS C 617 -26.67 -9.52 -23.34
N ALA C 618 -25.54 -10.19 -23.64
CA ALA C 618 -25.20 -10.60 -25.01
C ALA C 618 -26.10 -11.71 -25.57
N ARG C 619 -26.61 -11.46 -26.79
CA ARG C 619 -27.55 -12.34 -27.48
C ARG C 619 -26.81 -13.39 -28.31
N VAL C 620 -25.89 -14.12 -27.68
CA VAL C 620 -25.03 -15.07 -28.40
C VAL C 620 -24.71 -16.40 -27.66
N LEU C 621 -24.04 -16.33 -26.52
CA LEU C 621 -23.54 -17.53 -25.84
C LEU C 621 -24.24 -17.89 -24.52
N ALA C 622 -23.99 -19.11 -24.06
CA ALA C 622 -24.46 -19.59 -22.76
C ALA C 622 -23.45 -20.56 -22.14
N LYS C 623 -23.30 -20.48 -20.82
CA LYS C 623 -22.36 -21.32 -20.08
C LYS C 623 -23.13 -22.24 -19.12
N ASN C 624 -22.68 -23.49 -18.99
CA ASN C 624 -23.38 -24.49 -18.17
C ASN C 624 -23.50 -24.12 -16.67
N PRO C 625 -22.41 -24.28 -15.88
CA PRO C 625 -22.50 -23.83 -14.48
C PRO C 625 -22.49 -22.29 -14.35
N LYS C 626 -23.67 -21.67 -14.48
CA LYS C 626 -23.81 -20.20 -14.56
C LYS C 626 -23.48 -19.45 -13.27
N GLY C 627 -23.30 -18.13 -13.39
CA GLY C 627 -23.06 -17.23 -12.27
C GLY C 627 -22.75 -15.84 -12.75
N LYS C 628 -21.71 -15.22 -12.17
CA LYS C 628 -21.16 -13.95 -12.66
C LYS C 628 -19.66 -14.05 -12.91
N ASP C 629 -19.09 -15.19 -12.52
CA ASP C 629 -17.69 -15.51 -12.81
C ASP C 629 -17.58 -16.97 -13.27
N ILE C 630 -16.35 -17.45 -13.49
CA ILE C 630 -16.14 -18.76 -14.11
C ILE C 630 -15.22 -19.67 -13.30
N GLU C 631 -15.63 -20.94 -13.15
CA GLU C 631 -14.81 -21.96 -12.49
C GLU C 631 -13.75 -22.52 -13.45
N ASP C 632 -13.41 -23.80 -13.30
CA ASP C 632 -12.34 -24.41 -14.10
C ASP C 632 -12.84 -25.40 -15.17
N GLY C 633 -13.66 -26.36 -14.76
CA GLY C 633 -14.21 -27.35 -15.69
C GLY C 633 -15.58 -26.95 -16.20
N ASP C 634 -15.63 -25.84 -16.93
CA ASP C 634 -16.89 -25.27 -17.40
C ASP C 634 -17.07 -25.42 -18.90
N LYS C 635 -18.20 -26.00 -19.29
CA LYS C 635 -18.52 -26.20 -20.71
C LYS C 635 -19.48 -25.13 -21.26
N PHE C 636 -19.32 -24.83 -22.55
CA PHE C 636 -20.06 -23.75 -23.22
C PHE C 636 -20.82 -24.26 -24.45
N ILE C 637 -22.07 -23.83 -24.58
CA ILE C 637 -22.92 -24.19 -25.71
C ILE C 637 -23.34 -22.94 -26.49
N CYS C 638 -23.49 -23.09 -27.80
CA CYS C 638 -23.98 -22.01 -28.65
C CYS C 638 -25.51 -21.91 -28.57
N ASN C 639 -26.04 -20.73 -28.90
CA ASN C 639 -27.48 -20.48 -28.82
C ASN C 639 -28.00 -19.62 -29.96
N ASP C 640 -29.10 -20.05 -30.58
CA ASP C 640 -29.79 -19.26 -31.61
C ASP C 640 -30.69 -18.21 -30.96
N ASP C 641 -30.38 -16.94 -31.20
CA ASP C 641 -31.14 -15.82 -30.65
C ASP C 641 -31.15 -14.58 -31.56
N PHE C 642 -32.31 -14.29 -32.14
CA PHE C 642 -32.54 -13.08 -32.94
C PHE C 642 -34.02 -12.71 -33.05
N LYS C 643 -34.53 -12.01 -32.03
CA LYS C 643 -35.84 -11.34 -32.08
C LYS C 643 -35.64 -9.82 -32.10
N HIS C 644 -34.39 -9.41 -32.35
CA HIS C 644 -33.98 -8.00 -32.44
C HIS C 644 -34.35 -7.42 -33.80
N LYS C 645 -34.37 -6.09 -33.91
CA LYS C 645 -34.74 -5.40 -35.16
C LYS C 645 -33.64 -5.37 -36.26
N LEU C 646 -32.68 -4.47 -36.13
CA LEU C 646 -31.56 -4.37 -37.09
C LEU C 646 -30.52 -5.47 -36.86
N PHE C 647 -29.71 -5.73 -37.88
CA PHE C 647 -28.88 -6.94 -37.92
C PHE C 647 -27.74 -6.93 -36.88
N ARG C 648 -26.77 -6.04 -37.08
CA ARG C 648 -25.52 -6.03 -36.29
C ARG C 648 -25.66 -5.57 -34.82
N ILE C 649 -24.99 -6.30 -33.92
CA ILE C 649 -25.00 -6.02 -32.48
C ILE C 649 -23.58 -5.99 -31.90
N LYS C 650 -23.21 -4.86 -31.29
CA LYS C 650 -21.89 -4.68 -30.68
C LYS C 650 -21.85 -5.30 -29.29
N ILE C 651 -20.95 -6.26 -29.11
CA ILE C 651 -20.73 -6.91 -27.82
C ILE C 651 -19.37 -6.46 -27.27
N ASN C 652 -18.80 -5.48 -27.95
CA ASN C 652 -17.48 -4.94 -27.64
C ASN C 652 -17.54 -3.92 -26.49
N GLN C 653 -18.12 -4.34 -25.36
CA GLN C 653 -18.19 -3.50 -24.17
C GLN C 653 -16.92 -3.61 -23.36
N ILE C 654 -16.42 -4.84 -23.20
CA ILE C 654 -15.25 -5.15 -22.38
C ILE C 654 -14.05 -4.26 -22.70
N GLN C 655 -14.03 -3.71 -23.91
CA GLN C 655 -12.87 -2.97 -24.39
C GLN C 655 -13.00 -1.45 -24.14
N MET C 656 -14.24 -0.98 -24.05
CA MET C 656 -14.51 0.43 -23.76
C MET C 656 -14.32 0.76 -22.29
N LYS C 657 -14.52 -0.24 -21.42
CA LYS C 657 -14.54 -0.04 -19.97
C LYS C 657 -13.16 -0.20 -19.32
N GLU C 658 -13.00 0.44 -18.16
CA GLU C 658 -11.72 0.64 -17.49
C GLU C 658 -11.54 -0.35 -16.33
N THR C 659 -10.50 -1.18 -16.39
CA THR C 659 -10.20 -2.11 -15.29
C THR C 659 -9.92 -1.37 -13.98
N VAL C 660 -10.27 -2.01 -12.87
CA VAL C 660 -10.06 -1.42 -11.55
C VAL C 660 -8.57 -1.35 -11.22
N GLU C 661 -7.80 -2.32 -11.70
CA GLU C 661 -6.34 -2.31 -11.59
C GLU C 661 -5.72 -1.33 -12.60
N GLU C 662 -6.48 -0.99 -13.63
CA GLU C 662 -6.04 -0.06 -14.66
C GLU C 662 -6.11 1.36 -14.14
N GLN C 663 -7.21 1.71 -13.47
CA GLN C 663 -7.38 3.02 -12.86
C GLN C 663 -6.32 3.24 -11.78
N ALA C 664 -6.05 2.20 -11.00
CA ALA C 664 -5.02 2.24 -9.98
C ALA C 664 -3.66 2.51 -10.60
N SER C 665 -3.33 1.77 -11.66
CA SER C 665 -2.03 1.83 -12.30
C SER C 665 -1.76 3.10 -13.09
N THR C 666 -2.82 3.71 -13.64
CA THR C 666 -2.67 4.89 -14.49
C THR C 666 -2.42 6.18 -13.71
N THR C 667 -2.94 6.23 -12.49
CA THR C 667 -2.61 7.30 -11.54
C THR C 667 -1.26 7.03 -10.90
N GLU C 668 -1.01 5.75 -10.61
CA GLU C 668 0.18 5.30 -9.88
C GLU C 668 1.47 5.61 -10.64
N ARG C 669 1.39 5.68 -11.96
CA ARG C 669 2.56 6.07 -12.75
C ARG C 669 2.52 7.56 -13.12
N VAL C 670 1.60 8.32 -12.51
CA VAL C 670 1.62 9.79 -12.62
C VAL C 670 2.45 10.38 -11.50
N PHE C 671 2.35 9.82 -10.29
CA PHE C 671 3.22 10.22 -9.19
C PHE C 671 4.66 9.91 -9.56
N GLN C 672 4.87 8.79 -10.26
CA GLN C 672 6.18 8.43 -10.81
C GLN C 672 6.56 9.28 -12.02
N ASP C 673 5.55 9.68 -12.80
CA ASP C 673 5.72 10.61 -13.93
C ASP C 673 6.23 11.96 -13.41
N ARG C 674 5.69 12.38 -12.28
CA ARG C 674 6.03 13.66 -11.64
C ARG C 674 7.48 13.75 -11.22
N GLN C 675 8.02 12.64 -10.72
CA GLN C 675 9.39 12.60 -10.22
C GLN C 675 10.40 13.06 -11.27
N TYR C 676 10.35 12.44 -12.44
CA TYR C 676 11.32 12.70 -13.51
C TYR C 676 11.25 14.14 -14.02
N GLN C 677 10.15 14.81 -13.72
CA GLN C 677 10.01 16.23 -14.04
C GLN C 677 10.87 17.09 -13.11
N ILE C 678 10.87 16.75 -11.83
CA ILE C 678 11.67 17.47 -10.82
C ILE C 678 13.17 17.26 -11.06
N ASP C 679 13.56 16.01 -11.30
CA ASP C 679 14.94 15.65 -11.68
C ASP C 679 15.40 16.44 -12.90
N ALA C 680 14.53 16.54 -13.90
CA ALA C 680 14.82 17.34 -15.08
C ALA C 680 14.66 18.83 -14.78
N ALA C 681 14.00 19.16 -13.66
CA ALA C 681 13.70 20.55 -13.32
C ALA C 681 14.73 21.21 -12.42
N ILE C 682 15.27 20.46 -11.47
CA ILE C 682 16.31 21.00 -10.58
C ILE C 682 17.60 21.19 -11.38
N VAL C 683 17.83 20.32 -12.37
CA VAL C 683 18.94 20.47 -13.29
C VAL C 683 18.86 21.82 -14.03
N ARG C 684 17.66 22.21 -14.49
CA ARG C 684 17.52 23.42 -15.31
C ARG C 684 17.64 24.75 -14.56
N ILE C 685 17.24 24.79 -13.29
CA ILE C 685 17.42 26.00 -12.46
C ILE C 685 18.86 26.16 -11.98
N MET C 686 19.50 25.03 -11.66
CA MET C 686 20.89 25.02 -11.22
C MET C 686 21.83 25.33 -12.37
N LYS C 687 21.48 24.88 -13.58
CA LYS C 687 22.24 25.22 -14.78
C LYS C 687 22.43 26.73 -14.89
N MET C 688 21.37 27.47 -14.58
CA MET C 688 21.37 28.93 -14.74
C MET C 688 22.28 29.61 -13.74
N ARG C 689 21.87 29.61 -12.47
CA ARG C 689 22.67 30.18 -11.40
C ARG C 689 23.46 29.05 -10.75
N LYS C 690 24.78 29.15 -10.85
CA LYS C 690 25.69 28.07 -10.44
C LYS C 690 25.58 27.75 -8.94
N THR C 691 25.14 28.74 -8.18
CA THR C 691 25.02 28.61 -6.73
C THR C 691 23.64 29.07 -6.26
N LEU C 692 22.97 28.22 -5.49
CA LEU C 692 21.65 28.52 -4.93
C LEU C 692 21.38 27.75 -3.64
N SER C 693 20.86 28.46 -2.63
CA SER C 693 20.54 27.86 -1.34
C SER C 693 19.27 27.01 -1.34
N HIS C 694 19.25 26.01 -0.46
CA HIS C 694 18.14 25.07 -0.31
C HIS C 694 16.79 25.75 -0.02
N ASN C 695 16.83 26.86 0.71
CA ASN C 695 15.63 27.62 1.02
C ASN C 695 15.05 28.29 -0.23
N LEU C 696 15.94 28.86 -1.04
CA LEU C 696 15.56 29.60 -2.24
C LEU C 696 15.50 28.74 -3.51
N LEU C 697 15.64 27.42 -3.36
CA LEU C 697 15.48 26.48 -4.48
C LEU C 697 14.07 25.87 -4.48
N VAL C 698 13.58 25.51 -3.30
CA VAL C 698 12.18 25.14 -3.09
C VAL C 698 11.29 26.32 -3.50
N SER C 699 11.91 27.50 -3.59
CA SER C 699 11.25 28.72 -4.07
C SER C 699 11.13 28.75 -5.59
N GLU C 700 12.02 28.03 -6.28
CA GLU C 700 11.95 27.92 -7.73
C GLU C 700 11.10 26.71 -8.12
N VAL C 701 11.51 25.53 -7.66
CA VAL C 701 10.84 24.27 -7.99
C VAL C 701 9.33 24.40 -7.87
N TYR C 702 8.85 24.81 -6.69
CA TYR C 702 7.42 24.99 -6.44
C TYR C 702 6.72 25.91 -7.43
N ASN C 703 7.34 27.04 -7.74
CA ASN C 703 6.75 28.01 -8.66
C ASN C 703 6.95 27.68 -10.13
N GLN C 704 7.68 26.62 -10.42
CA GLN C 704 7.95 26.19 -11.78
C GLN C 704 7.12 24.98 -12.20
N LEU C 705 6.77 24.14 -11.22
CA LEU C 705 5.98 22.94 -11.47
C LEU C 705 4.47 23.21 -11.35
N LYS C 706 3.70 22.51 -12.19
CA LYS C 706 2.26 22.73 -12.26
C LYS C 706 1.47 21.71 -11.45
N PHE C 707 2.11 21.17 -10.42
CA PHE C 707 1.50 20.19 -9.51
C PHE C 707 2.06 20.35 -8.08
N PRO C 708 1.42 19.71 -7.07
CA PRO C 708 1.78 19.94 -5.66
C PRO C 708 3.25 19.71 -5.27
N VAL C 709 3.71 18.45 -5.29
CA VAL C 709 5.05 18.10 -4.80
C VAL C 709 5.16 18.27 -3.27
N LYS C 710 6.05 17.50 -2.65
CA LYS C 710 6.31 17.62 -1.22
C LYS C 710 7.82 17.68 -0.95
N PRO C 711 8.26 18.40 0.10
CA PRO C 711 9.67 18.29 0.52
C PRO C 711 10.01 16.84 0.86
N ALA C 712 8.98 16.06 1.15
CA ALA C 712 9.07 14.61 1.33
C ALA C 712 9.50 13.88 0.06
N ASP C 713 9.33 14.54 -1.09
CA ASP C 713 9.69 13.99 -2.40
C ASP C 713 10.78 14.85 -3.07
N LEU C 714 10.96 16.06 -2.55
CA LEU C 714 11.90 17.02 -3.12
C LEU C 714 13.33 16.68 -2.72
N LYS C 715 13.54 16.39 -1.43
CA LYS C 715 14.86 16.06 -0.91
C LYS C 715 15.38 14.72 -1.43
N LYS C 716 14.48 13.74 -1.54
CA LYS C 716 14.82 12.42 -2.12
C LYS C 716 15.48 12.61 -3.47
N ARG C 717 14.96 13.58 -4.24
CA ARG C 717 15.49 13.93 -5.55
C ARG C 717 16.77 14.76 -5.45
N ILE C 718 16.81 15.67 -4.47
CA ILE C 718 18.00 16.47 -4.21
C ILE C 718 19.20 15.58 -3.93
N GLU C 719 19.04 14.63 -3.01
CA GLU C 719 20.14 13.75 -2.60
C GLU C 719 20.31 12.51 -3.50
N SER C 720 19.60 12.48 -4.62
CA SER C 720 19.85 11.46 -5.66
C SER C 720 20.42 12.11 -6.93
N LEU C 721 20.26 13.42 -7.04
CA LEU C 721 20.92 14.22 -8.07
C LEU C 721 22.39 14.46 -7.72
N ILE C 722 22.67 14.55 -6.42
CA ILE C 722 24.04 14.57 -5.90
C ILE C 722 24.77 13.29 -6.29
N ASP C 723 24.01 12.20 -6.38
CA ASP C 723 24.58 10.86 -6.51
C ASP C 723 24.80 10.35 -7.94
N ARG C 724 24.70 11.26 -8.92
CA ARG C 724 25.20 11.01 -10.26
C ARG C 724 26.12 12.16 -10.67
N ASP C 725 26.81 12.72 -9.67
CA ASP C 725 27.57 13.97 -9.78
C ASP C 725 26.96 15.00 -10.74
N TYR C 726 25.69 15.31 -10.51
CA TYR C 726 25.02 16.41 -11.18
C TYR C 726 25.16 17.67 -10.36
N MET C 727 25.45 17.52 -9.07
CA MET C 727 25.55 18.65 -8.14
C MET C 727 26.37 18.40 -6.87
N GLU C 728 26.66 19.49 -6.16
CA GLU C 728 27.47 19.49 -4.95
C GLU C 728 26.80 20.30 -3.83
N ARG C 729 27.30 20.16 -2.61
CA ARG C 729 26.72 20.78 -1.41
C ARG C 729 27.85 21.28 -0.51
N ASP C 730 28.06 22.59 -0.45
CA ASP C 730 29.11 23.16 0.42
C ASP C 730 28.86 24.58 0.93
N LYS C 731 29.94 25.22 1.37
CA LYS C 731 29.97 26.58 1.94
C LYS C 731 29.18 26.77 3.24
N GLU C 732 29.82 26.38 4.35
CA GLU C 732 29.36 26.68 5.71
C GLU C 732 28.03 26.06 6.15
N ASN C 733 27.27 25.53 5.19
CA ASN C 733 25.94 24.97 5.47
C ASN C 733 25.51 23.86 4.49
N PRO C 734 24.58 22.97 4.93
CA PRO C 734 23.93 22.05 4.01
C PRO C 734 22.97 22.79 3.07
N ASN C 735 23.06 24.11 3.08
CA ASN C 735 22.14 24.99 2.36
C ASN C 735 22.56 25.33 0.92
N GLN C 736 23.76 25.88 0.73
CA GLN C 736 24.22 26.30 -0.60
C GLN C 736 24.66 25.13 -1.48
N TYR C 737 24.12 25.09 -2.70
CA TYR C 737 24.44 24.05 -3.68
C TYR C 737 25.26 24.62 -4.85
N ASN C 738 26.24 23.82 -5.31
CA ASN C 738 27.07 24.18 -6.46
C ASN C 738 26.78 23.23 -7.61
N TYR C 739 26.80 23.73 -8.84
CA TYR C 739 26.36 22.93 -10.01
C TYR C 739 27.27 21.75 -10.38
N ILE C 740 28.54 22.04 -10.69
CA ILE C 740 29.49 21.07 -11.31
C ILE C 740 29.04 20.59 -12.70
N ALA C 741 29.91 20.79 -13.70
CA ALA C 741 29.59 20.56 -15.11
C ALA C 741 29.26 19.11 -15.46
N LYS D 10 -19.25 -23.05 -42.76
CA LYS D 10 -18.83 -22.42 -41.48
C LYS D 10 -19.91 -21.50 -40.92
N ARG D 11 -19.97 -21.41 -39.58
CA ARG D 11 -21.00 -20.62 -38.88
C ARG D 11 -20.58 -19.18 -38.53
N PHE D 12 -19.28 -18.97 -38.32
CA PHE D 12 -18.74 -17.64 -37.95
C PHE D 12 -17.59 -17.18 -38.84
N GLU D 13 -17.81 -16.09 -39.58
CA GLU D 13 -16.84 -15.58 -40.54
C GLU D 13 -16.60 -14.07 -40.40
N VAL D 14 -15.32 -13.69 -40.42
CA VAL D 14 -14.91 -12.30 -40.27
C VAL D 14 -15.12 -11.53 -41.58
N LYS D 15 -15.83 -10.41 -41.50
CA LYS D 15 -16.02 -9.55 -42.67
C LYS D 15 -15.12 -8.32 -42.64
N LYS D 16 -15.28 -7.49 -41.60
CA LYS D 16 -14.39 -6.35 -41.33
C LYS D 16 -13.39 -6.71 -40.23
N TRP D 17 -12.20 -6.13 -40.30
CA TRP D 17 -11.19 -6.34 -39.28
C TRP D 17 -10.36 -5.09 -39.03
N ASN D 18 -10.12 -4.81 -37.75
CA ASN D 18 -9.26 -3.72 -37.34
C ASN D 18 -8.21 -4.20 -36.35
N ALA D 19 -6.98 -4.30 -36.81
CA ALA D 19 -5.87 -4.61 -35.92
C ALA D 19 -5.02 -3.37 -35.74
N VAL D 20 -4.31 -3.29 -34.62
CA VAL D 20 -3.52 -2.12 -34.28
C VAL D 20 -2.07 -2.52 -34.01
N ALA D 21 -1.13 -1.73 -34.53
CA ALA D 21 0.29 -2.01 -34.36
C ALA D 21 1.07 -0.79 -33.89
N LEU D 22 1.87 -0.97 -32.84
CA LEU D 22 2.77 0.06 -32.37
C LEU D 22 4.09 -0.06 -33.11
N TRP D 23 4.73 1.08 -33.40
CA TRP D 23 6.04 1.06 -34.06
C TRP D 23 7.10 1.82 -33.29
N ALA D 24 8.24 1.16 -33.07
CA ALA D 24 9.43 1.79 -32.51
C ALA D 24 10.52 1.75 -33.57
N TRP D 25 11.71 2.25 -33.23
CA TRP D 25 12.85 2.16 -34.13
C TRP D 25 13.61 0.86 -33.86
N ASP D 26 13.98 0.15 -34.92
CA ASP D 26 14.67 -1.14 -34.81
C ASP D 26 16.15 -0.96 -34.41
N ILE D 27 16.47 -1.33 -33.17
CA ILE D 27 17.83 -1.14 -32.64
C ILE D 27 18.62 -2.47 -32.58
N VAL D 28 18.04 -3.53 -33.16
CA VAL D 28 18.52 -4.92 -33.02
C VAL D 28 18.63 -5.36 -31.55
N VAL D 29 17.92 -6.44 -31.21
CA VAL D 29 17.70 -6.86 -29.82
C VAL D 29 17.39 -5.68 -28.86
N ASP D 30 16.45 -4.85 -29.28
CA ASP D 30 15.97 -3.68 -28.51
C ASP D 30 16.99 -3.17 -27.50
N ASN D 31 18.13 -2.72 -28.00
CA ASN D 31 19.22 -2.30 -27.14
C ASN D 31 19.22 -0.81 -26.84
N CYS D 32 19.75 -0.42 -25.68
CA CYS D 32 19.95 0.98 -25.37
C CYS D 32 21.16 1.48 -26.15
N ALA D 33 20.92 2.27 -27.19
CA ALA D 33 21.99 2.71 -28.08
C ALA D 33 23.08 3.55 -27.39
N ILE D 34 22.84 3.95 -26.13
CA ILE D 34 23.80 4.75 -25.39
C ILE D 34 24.80 3.89 -24.60
N CYS D 35 24.29 2.89 -23.87
CA CYS D 35 25.15 2.04 -23.04
C CYS D 35 25.29 0.60 -23.54
N ARG D 36 24.45 0.21 -24.50
CA ARG D 36 24.33 -1.19 -24.98
C ARG D 36 24.25 -2.28 -23.87
N ASN D 37 23.05 -2.47 -23.34
CA ASN D 37 22.75 -3.57 -22.42
C ASN D 37 21.46 -4.30 -22.78
N HIS D 38 20.39 -3.53 -22.97
CA HIS D 38 19.06 -4.00 -23.37
C HIS D 38 18.11 -2.83 -23.16
N ILE D 39 16.92 -2.88 -23.76
CA ILE D 39 15.93 -1.80 -23.61
C ILE D 39 15.56 -1.66 -22.13
N MET D 40 15.48 -2.80 -21.46
CA MET D 40 15.27 -2.85 -20.03
C MET D 40 16.51 -3.49 -19.41
N ASP D 41 16.33 -4.19 -18.28
CA ASP D 41 17.41 -4.92 -17.60
C ASP D 41 18.56 -4.03 -17.11
N LEU D 42 18.22 -2.96 -16.39
CA LEU D 42 19.20 -2.03 -15.80
C LEU D 42 20.08 -1.37 -16.87
N CYS D 43 21.10 -0.63 -16.44
CA CYS D 43 22.04 0.01 -17.37
C CYS D 43 23.50 -0.25 -16.96
N ILE D 44 24.45 0.49 -17.54
CA ILE D 44 25.85 0.39 -17.14
C ILE D 44 26.10 1.10 -15.82
N GLU D 45 25.25 2.08 -15.50
CA GLU D 45 25.34 2.83 -14.25
C GLU D 45 24.39 2.25 -13.19
N CYS D 46 24.00 0.99 -13.38
CA CYS D 46 23.17 0.26 -12.42
C CYS D 46 23.66 -1.17 -12.22
N GLN D 47 24.39 -1.68 -13.22
CA GLN D 47 25.07 -2.97 -13.11
C GLN D 47 26.17 -2.88 -12.05
N ALA D 48 26.86 -1.73 -12.04
CA ALA D 48 27.91 -1.47 -11.05
C ALA D 48 27.52 -0.29 -10.15
N ASN D 49 27.66 -0.50 -8.84
CA ASN D 49 27.46 0.55 -7.84
C ASN D 49 28.83 1.01 -7.29
N GLN D 50 29.06 2.32 -7.24
CA GLN D 50 30.33 2.85 -6.69
C GLN D 50 30.19 3.97 -5.64
N ALA D 51 29.39 4.99 -5.96
CA ALA D 51 29.15 6.10 -5.05
C ALA D 51 27.76 6.02 -4.38
N SER D 52 26.80 5.41 -5.08
CA SER D 52 25.42 5.24 -4.60
C SER D 52 24.75 3.94 -5.10
N ALA D 53 23.65 3.55 -4.45
CA ALA D 53 22.85 2.41 -4.89
C ALA D 53 21.38 2.81 -5.16
N THR D 54 21.18 3.53 -6.26
CA THR D 54 19.86 4.09 -6.63
C THR D 54 19.21 3.37 -7.83
N SER D 55 19.28 2.04 -7.82
CA SER D 55 18.79 1.20 -8.92
C SER D 55 17.27 1.03 -8.97
N GLU D 56 16.61 1.39 -7.86
CA GLU D 56 15.15 1.32 -7.75
C GLU D 56 14.44 2.14 -8.83
N GLU D 57 14.92 3.37 -9.02
CA GLU D 57 14.32 4.32 -9.96
C GLU D 57 15.00 4.25 -11.35
N CYS D 58 15.05 3.05 -11.95
CA CYS D 58 15.67 2.87 -13.27
C CYS D 58 14.71 2.33 -14.34
N THR D 59 14.18 3.25 -15.14
CA THR D 59 13.31 2.89 -16.25
C THR D 59 13.79 3.48 -17.57
N VAL D 60 12.90 3.47 -18.55
CA VAL D 60 13.18 3.80 -19.93
C VAL D 60 12.65 5.19 -20.26
N ALA D 61 13.40 5.96 -21.05
CA ALA D 61 12.96 7.29 -21.48
C ALA D 61 12.59 7.32 -22.95
N TRP D 62 11.45 7.95 -23.25
CA TRP D 62 10.91 8.03 -24.60
C TRP D 62 10.97 9.44 -25.16
N GLY D 63 11.66 9.60 -26.29
CA GLY D 63 11.77 10.90 -26.95
C GLY D 63 10.64 11.20 -27.91
N VAL D 64 10.59 12.44 -28.41
CA VAL D 64 9.60 12.83 -29.42
C VAL D 64 9.98 12.20 -30.75
N CYS D 65 11.29 12.03 -30.97
CA CYS D 65 11.82 11.34 -32.13
C CYS D 65 11.54 9.83 -32.05
N ASN D 66 10.88 9.43 -30.96
CA ASN D 66 10.41 8.06 -30.74
C ASN D 66 11.49 7.01 -30.47
N HIS D 67 12.73 7.47 -30.31
CA HIS D 67 13.80 6.59 -29.86
C HIS D 67 13.66 6.33 -28.37
N ALA D 68 14.38 5.33 -27.88
CA ALA D 68 14.27 4.97 -26.48
C ALA D 68 15.63 4.58 -25.90
N PHE D 69 15.87 5.02 -24.67
CA PHE D 69 17.07 4.67 -23.92
C PHE D 69 16.71 4.56 -22.43
N HIS D 70 17.60 3.98 -21.63
CA HIS D 70 17.46 4.04 -20.17
C HIS D 70 17.43 5.51 -19.76
N PHE D 71 16.49 5.87 -18.89
CA PHE D 71 16.40 7.26 -18.45
C PHE D 71 17.79 7.77 -18.08
N HIS D 72 18.49 6.99 -17.26
CA HIS D 72 19.82 7.32 -16.76
C HIS D 72 20.84 7.61 -17.86
N CYS D 73 20.85 6.78 -18.91
CA CYS D 73 21.85 6.88 -19.96
C CYS D 73 21.71 8.09 -20.88
N ILE D 74 20.47 8.55 -21.06
CA ILE D 74 20.25 9.75 -21.85
C ILE D 74 20.38 11.00 -20.96
N SER D 75 19.96 10.88 -19.69
CA SER D 75 20.11 11.96 -18.72
C SER D 75 21.56 12.39 -18.63
N ARG D 76 22.45 11.41 -18.51
CA ARG D 76 23.89 11.66 -18.41
C ARG D 76 24.45 12.14 -19.74
N TRP D 77 23.77 11.79 -20.83
CA TRP D 77 24.16 12.25 -22.17
C TRP D 77 23.74 13.70 -22.40
N LEU D 78 22.90 14.22 -21.50
CA LEU D 78 22.48 15.63 -21.53
C LEU D 78 23.37 16.55 -20.68
N LYS D 79 24.43 15.98 -20.10
CA LYS D 79 25.49 16.75 -19.47
C LYS D 79 26.24 17.54 -20.56
N THR D 80 27.09 16.84 -21.32
CA THR D 80 27.90 17.45 -22.38
C THR D 80 27.08 17.82 -23.63
N ARG D 81 26.76 16.83 -24.45
CA ARG D 81 25.95 17.07 -25.65
C ARG D 81 24.45 17.08 -25.29
N GLN D 82 23.58 17.25 -26.29
CA GLN D 82 22.15 17.40 -26.02
C GLN D 82 21.23 17.28 -27.25
N VAL D 83 21.57 16.40 -28.19
CA VAL D 83 20.88 16.37 -29.48
C VAL D 83 20.59 14.99 -30.08
N CYS D 84 20.28 14.01 -29.22
CA CYS D 84 19.90 12.63 -29.62
C CYS D 84 20.82 11.95 -30.65
N PRO D 85 21.57 10.91 -30.23
CA PRO D 85 22.68 10.39 -31.03
C PRO D 85 22.28 9.61 -32.28
N LEU D 86 20.98 9.40 -32.48
CA LEU D 86 20.49 8.53 -33.56
C LEU D 86 19.81 9.27 -34.72
N ASP D 87 19.88 10.60 -34.71
CA ASP D 87 19.44 11.45 -35.82
C ASP D 87 20.16 12.79 -35.77
N ASN D 88 19.47 13.83 -35.31
CA ASN D 88 20.05 15.15 -35.07
C ASN D 88 19.11 16.03 -34.24
N ARG D 89 17.81 15.71 -34.27
CA ARG D 89 16.77 16.39 -33.49
C ARG D 89 17.20 16.68 -32.05
N GLU D 90 16.88 17.89 -31.57
CA GLU D 90 17.26 18.33 -30.23
C GLU D 90 16.78 17.39 -29.12
N TRP D 91 15.70 16.65 -29.40
CA TRP D 91 15.17 15.62 -28.50
C TRP D 91 14.41 16.19 -27.30
N GLU D 92 13.20 15.69 -27.09
CA GLU D 92 12.36 16.13 -25.97
C GLU D 92 12.35 15.07 -24.87
N PHE D 93 11.19 14.91 -24.23
CA PHE D 93 10.94 13.85 -23.25
C PHE D 93 9.44 13.58 -23.29
N GLN D 94 9.03 12.58 -24.07
CA GLN D 94 7.61 12.34 -24.27
C GLN D 94 7.02 11.17 -23.48
N LYS D 95 7.83 10.53 -22.65
CA LYS D 95 7.35 9.39 -21.86
C LYS D 95 8.36 8.96 -20.81
N TYR D 96 7.90 8.19 -19.83
CA TYR D 96 8.77 7.58 -18.83
C TYR D 96 8.29 6.18 -18.50
N GLY D 97 9.11 5.19 -18.82
CA GLY D 97 8.76 3.77 -18.67
C GLY D 97 8.48 3.16 -20.03
N HIS D 98 8.42 1.82 -20.10
CA HIS D 98 8.14 1.14 -21.36
C HIS D 98 6.65 1.25 -21.72
N ASN E 39 92.12 -18.70 61.39
CA ASN E 39 92.03 -18.47 59.91
C ASN E 39 90.84 -19.23 59.27
N TYR E 40 89.77 -19.39 60.04
CA TYR E 40 88.53 -20.01 59.56
C TYR E 40 87.77 -19.09 58.59
N THR E 41 88.14 -17.81 58.60
CA THR E 41 87.44 -16.77 57.82
C THR E 41 87.69 -16.87 56.31
N ASP E 42 88.95 -16.73 55.88
CA ASP E 42 89.27 -16.61 54.46
C ASP E 42 89.89 -17.83 53.80
N GLU E 43 89.87 -18.97 54.50
CA GLU E 43 90.30 -20.23 53.92
C GLU E 43 89.11 -20.95 53.28
N THR E 44 87.94 -20.80 53.90
CA THR E 44 86.68 -21.37 53.40
C THR E 44 86.16 -20.59 52.18
N TRP E 45 86.40 -19.28 52.18
CA TRP E 45 86.08 -18.39 51.05
C TRP E 45 86.69 -18.86 49.72
N GLN E 46 87.77 -19.64 49.81
CA GLN E 46 88.37 -20.28 48.63
C GLN E 46 88.66 -21.78 48.81
N LYS E 47 87.99 -22.39 49.79
CA LYS E 47 87.89 -23.86 49.86
C LYS E 47 86.83 -24.31 48.87
N LEU E 48 85.80 -23.47 48.71
CA LEU E 48 84.69 -23.74 47.80
C LEU E 48 84.97 -23.19 46.42
N LYS E 49 85.79 -22.13 46.36
CA LYS E 49 86.19 -21.53 45.08
C LYS E 49 87.14 -22.47 44.32
N GLU E 50 87.53 -23.56 44.99
CA GLU E 50 88.29 -24.65 44.37
C GLU E 50 87.40 -25.89 44.22
N ALA E 51 86.15 -25.77 44.69
CA ALA E 51 85.15 -26.83 44.53
C ALA E 51 84.19 -26.47 43.40
N VAL E 52 83.80 -25.19 43.34
CA VAL E 52 82.96 -24.68 42.26
C VAL E 52 83.76 -24.58 40.96
N GLU E 53 85.07 -24.34 41.09
CA GLU E 53 85.98 -24.29 39.94
C GLU E 53 86.38 -25.70 39.51
N ALA E 54 86.03 -26.69 40.34
CA ALA E 54 86.31 -28.09 40.08
C ALA E 54 85.19 -28.79 39.31
N ILE E 55 83.94 -28.47 39.67
CA ILE E 55 82.78 -29.08 39.02
C ILE E 55 82.41 -28.42 37.70
N GLN E 56 82.95 -27.23 37.45
CA GLN E 56 82.74 -26.53 36.19
C GLN E 56 83.72 -27.00 35.11
N ASN E 57 84.76 -27.70 35.52
CA ASN E 57 85.74 -28.26 34.59
C ASN E 57 85.86 -29.78 34.75
N SER E 58 84.96 -30.36 35.54
CA SER E 58 84.93 -31.78 35.88
C SER E 58 86.29 -32.37 36.28
N THR E 59 86.88 -31.78 37.33
CA THR E 59 88.15 -32.24 37.88
C THR E 59 87.97 -32.49 39.37
N SER E 60 88.13 -33.74 39.78
CA SER E 60 87.81 -34.18 41.14
C SER E 60 88.78 -33.62 42.18
N ILE E 61 88.22 -33.25 43.33
CA ILE E 61 89.02 -32.82 44.48
C ILE E 61 88.84 -33.80 45.63
N LYS E 62 89.52 -33.54 46.75
CA LYS E 62 89.48 -34.42 47.92
C LYS E 62 88.16 -34.34 48.69
N TYR E 63 87.82 -33.11 49.12
CA TYR E 63 86.66 -32.85 49.99
C TYR E 63 85.35 -33.29 49.36
N ASN E 64 84.40 -33.73 50.19
CA ASN E 64 83.11 -34.23 49.70
C ASN E 64 81.87 -33.51 50.26
N LEU E 65 80.70 -33.88 49.71
CA LEU E 65 79.40 -33.30 50.08
C LEU E 65 79.04 -33.44 51.56
N GLU E 66 79.84 -34.23 52.29
CA GLU E 66 79.61 -34.43 53.72
C GLU E 66 80.51 -33.51 54.54
N GLU E 67 81.64 -33.09 53.95
CA GLU E 67 82.61 -32.22 54.61
C GLU E 67 82.44 -30.75 54.22
N LEU E 68 82.25 -30.49 52.92
CA LEU E 68 82.04 -29.14 52.42
C LEU E 68 80.71 -28.57 52.89
N TYR E 69 79.69 -29.43 52.94
CA TYR E 69 78.36 -29.05 53.44
C TYR E 69 78.42 -28.63 54.91
N GLN E 70 79.39 -29.20 55.65
CA GLN E 70 79.58 -28.88 57.06
C GLN E 70 80.65 -27.81 57.27
N ALA E 71 81.34 -27.44 56.20
CA ALA E 71 82.30 -26.33 56.22
C ALA E 71 81.61 -25.00 55.88
N VAL E 72 80.39 -25.08 55.36
CA VAL E 72 79.58 -23.89 55.04
C VAL E 72 78.43 -23.69 56.02
N GLU E 73 78.04 -24.78 56.68
CA GLU E 73 76.97 -24.75 57.69
C GLU E 73 77.48 -24.05 58.96
N ASN E 74 78.78 -24.16 59.20
CA ASN E 74 79.44 -23.52 60.34
C ASN E 74 80.27 -22.28 59.94
N LEU E 75 80.18 -21.91 58.66
CA LEU E 75 80.78 -20.68 58.15
C LEU E 75 79.70 -19.58 58.06
N CYS E 76 78.55 -19.97 57.53
CA CYS E 76 77.38 -19.08 57.43
C CYS E 76 76.74 -18.86 58.80
N SER E 77 77.00 -17.68 59.37
CA SER E 77 76.30 -17.24 60.57
C SER E 77 75.19 -16.27 60.14
N TYR E 78 74.59 -15.59 61.11
CA TYR E 78 73.48 -14.67 60.84
C TYR E 78 73.91 -13.21 60.59
N LYS E 79 75.15 -13.02 60.12
CA LYS E 79 75.64 -11.67 59.81
C LYS E 79 76.64 -11.58 58.64
N ILE E 80 77.53 -12.56 58.52
CA ILE E 80 78.60 -12.52 57.50
C ILE E 80 78.20 -13.05 56.12
N SER E 81 77.00 -13.63 56.03
CA SER E 81 76.55 -14.32 54.81
C SER E 81 76.16 -13.41 53.65
N ALA E 82 76.26 -12.10 53.87
CA ALA E 82 75.95 -11.09 52.86
C ALA E 82 76.94 -11.08 51.70
N ASN E 83 78.23 -11.24 52.01
CA ASN E 83 79.27 -11.37 50.99
C ASN E 83 79.59 -12.83 50.62
N LEU E 84 78.55 -13.68 50.68
CA LEU E 84 78.66 -15.08 50.24
C LEU E 84 77.85 -15.26 48.96
N TYR E 85 76.60 -14.79 48.96
CA TYR E 85 75.77 -14.74 47.77
C TYR E 85 76.37 -13.76 46.76
N LYS E 86 77.02 -12.73 47.29
CA LYS E 86 77.79 -11.77 46.51
C LYS E 86 79.06 -12.42 45.94
N GLN E 87 79.61 -13.39 46.67
CA GLN E 87 80.78 -14.17 46.25
C GLN E 87 80.43 -15.26 45.23
N LEU E 88 79.33 -15.97 45.48
CA LEU E 88 78.88 -17.07 44.62
C LEU E 88 78.52 -16.55 43.22
N ARG E 89 77.82 -15.42 43.19
CA ARG E 89 77.51 -14.74 41.93
C ARG E 89 78.80 -14.35 41.22
N GLN E 90 79.77 -13.85 42.00
CA GLN E 90 81.05 -13.34 41.48
C GLN E 90 81.79 -14.32 40.56
N ILE E 91 81.72 -15.62 40.89
CA ILE E 91 82.38 -16.65 40.07
C ILE E 91 81.44 -17.32 39.07
N CYS E 92 80.14 -17.29 39.35
CA CYS E 92 79.15 -17.83 38.44
C CYS E 92 79.01 -16.99 37.18
N GLU E 93 79.29 -15.69 37.32
CA GLU E 93 79.39 -14.81 36.16
C GLU E 93 80.67 -15.10 35.38
N ASP E 94 81.77 -15.29 36.10
CA ASP E 94 83.10 -15.45 35.47
C ASP E 94 83.27 -16.74 34.67
N HIS E 95 82.40 -17.73 34.92
CA HIS E 95 82.41 -18.98 34.15
C HIS E 95 81.43 -18.96 32.97
N ILE E 96 80.21 -18.51 33.24
CA ILE E 96 79.18 -18.43 32.20
C ILE E 96 79.55 -17.40 31.13
N LYS E 97 80.11 -16.27 31.54
CA LYS E 97 80.58 -15.21 30.63
C LYS E 97 81.76 -15.64 29.76
N ALA E 98 82.40 -16.74 30.13
CA ALA E 98 83.49 -17.32 29.34
C ALA E 98 82.97 -18.35 28.32
N GLN E 99 81.70 -18.72 28.46
CA GLN E 99 81.11 -19.72 27.60
C GLN E 99 80.68 -19.13 26.25
N ILE E 100 80.29 -17.86 26.26
CA ILE E 100 79.84 -17.16 25.04
C ILE E 100 80.97 -16.98 24.01
N HIS E 101 82.20 -16.89 24.50
CA HIS E 101 83.37 -16.75 23.63
C HIS E 101 83.70 -18.08 22.94
N GLN E 102 83.08 -19.15 23.42
CA GLN E 102 83.22 -20.49 22.83
C GLN E 102 82.27 -20.65 21.63
N PHE E 103 81.10 -20.01 21.71
CA PHE E 103 80.04 -20.17 20.71
C PHE E 103 80.28 -19.44 19.40
N ARG E 104 80.98 -18.32 19.45
CA ARG E 104 81.14 -17.47 18.27
C ARG E 104 82.30 -17.95 17.39
N GLU E 105 81.99 -18.90 16.50
CA GLU E 105 83.00 -19.49 15.62
C GLU E 105 82.55 -19.49 14.14
N ASP E 106 82.92 -20.53 13.40
CA ASP E 106 82.74 -20.55 11.93
C ASP E 106 81.43 -21.17 11.44
N SER E 107 81.11 -22.38 11.92
CA SER E 107 79.97 -23.17 11.42
C SER E 107 78.61 -22.50 11.64
N LEU E 108 77.93 -22.21 10.53
CA LEU E 108 76.66 -21.47 10.53
C LEU E 108 75.42 -22.36 10.64
N ASP E 109 75.54 -23.63 10.22
CA ASP E 109 74.38 -24.53 10.12
C ASP E 109 73.72 -24.81 11.47
N SER E 110 72.44 -24.45 11.54
CA SER E 110 71.65 -24.49 12.76
C SER E 110 71.72 -25.83 13.49
N VAL E 111 71.55 -26.92 12.75
CA VAL E 111 71.46 -28.26 13.33
C VAL E 111 72.68 -28.60 14.20
N LEU E 112 73.83 -28.00 13.89
CA LEU E 112 75.02 -28.12 14.72
C LEU E 112 75.04 -27.11 15.85
N PHE E 113 74.66 -25.87 15.54
CA PHE E 113 74.65 -24.79 16.52
C PHE E 113 73.62 -25.01 17.63
N LEU E 114 72.48 -25.59 17.27
CA LEU E 114 71.43 -25.89 18.24
C LEU E 114 71.85 -27.00 19.20
N LYS E 115 72.51 -28.03 18.67
CA LYS E 115 73.05 -29.12 19.49
C LYS E 115 74.18 -28.62 20.41
N LYS E 116 74.67 -27.40 20.14
CA LYS E 116 75.71 -26.78 20.95
C LYS E 116 75.10 -26.02 22.13
N ILE E 117 74.16 -25.12 21.84
CA ILE E 117 73.39 -24.44 22.88
C ILE E 117 72.80 -25.48 23.82
N ASP E 118 72.30 -26.56 23.23
CA ASP E 118 71.69 -27.67 23.95
C ASP E 118 72.65 -28.23 25.00
N ARG E 119 73.84 -28.64 24.54
CA ARG E 119 74.85 -29.22 25.42
C ARG E 119 75.35 -28.22 26.47
N CYS E 120 75.33 -26.94 26.10
CA CYS E 120 75.69 -25.87 27.04
C CYS E 120 74.61 -25.68 28.11
N TRP E 121 73.34 -25.82 27.71
CA TRP E 121 72.24 -25.74 28.67
C TRP E 121 72.07 -27.05 29.46
N GLN E 122 72.34 -28.19 28.82
CA GLN E 122 72.33 -29.49 29.50
C GLN E 122 73.42 -29.57 30.57
N ASN E 123 74.59 -29.03 30.24
CA ASN E 123 75.70 -28.96 31.19
C ASN E 123 75.45 -27.96 32.31
N HIS E 124 75.29 -26.69 31.95
CA HIS E 124 75.04 -25.65 32.96
C HIS E 124 73.96 -26.08 33.93
N CYS E 125 72.80 -26.42 33.39
CA CYS E 125 71.65 -26.77 34.20
C CYS E 125 71.98 -27.93 35.13
N ARG E 126 72.77 -28.88 34.62
CA ARG E 126 73.13 -30.06 35.40
C ARG E 126 74.48 -29.92 36.11
N GLN E 127 74.90 -28.68 36.37
CA GLN E 127 76.03 -28.41 37.27
C GLN E 127 75.65 -27.40 38.36
N MET E 128 74.60 -26.62 38.10
CA MET E 128 73.98 -25.79 39.13
C MET E 128 73.29 -26.66 40.18
N ILE E 129 72.59 -27.70 39.72
CA ILE E 129 71.84 -28.61 40.60
C ILE E 129 72.81 -29.53 41.38
N MET E 130 74.06 -29.09 41.48
CA MET E 130 75.04 -29.68 42.36
C MET E 130 75.57 -28.63 43.32
N ILE E 131 75.64 -27.38 42.84
CA ILE E 131 75.99 -26.22 43.68
C ILE E 131 74.87 -25.91 44.69
N ARG E 132 73.62 -26.09 44.26
CA ARG E 132 72.46 -25.93 45.15
C ARG E 132 72.47 -26.98 46.29
N SER E 133 72.99 -28.17 46.00
CA SER E 133 73.09 -29.25 46.99
C SER E 133 74.33 -29.11 47.89
N ILE E 134 75.31 -28.33 47.46
CA ILE E 134 76.44 -27.94 48.33
C ILE E 134 76.02 -26.79 49.24
N PHE E 135 75.65 -25.66 48.63
CA PHE E 135 75.22 -24.48 49.37
C PHE E 135 73.77 -24.61 49.81
N LEU E 136 73.42 -25.82 50.28
CA LEU E 136 72.07 -26.16 50.70
C LEU E 136 71.66 -25.35 51.93
N PHE E 137 72.62 -25.09 52.82
CA PHE E 137 72.37 -24.35 54.05
C PHE E 137 72.36 -22.83 53.82
N LEU E 138 72.77 -22.41 52.63
CA LEU E 138 72.71 -21.00 52.26
C LEU E 138 71.27 -20.63 51.91
N ASP E 139 70.55 -21.57 51.31
CA ASP E 139 69.20 -21.33 50.84
C ASP E 139 68.14 -21.48 51.94
N ARG E 140 68.29 -22.53 52.76
CA ARG E 140 67.41 -22.78 53.92
C ARG E 140 67.28 -21.56 54.83
N THR E 141 68.41 -20.90 55.07
CA THR E 141 68.52 -19.80 56.03
C THR E 141 68.47 -18.40 55.41
N TYR E 142 69.58 -17.98 54.78
CA TYR E 142 69.73 -16.58 54.34
C TYR E 142 68.76 -16.12 53.24
N VAL E 143 68.81 -16.76 52.07
CA VAL E 143 68.04 -16.31 50.90
C VAL E 143 66.57 -16.75 50.88
N LEU E 144 66.21 -17.68 51.77
CA LEU E 144 64.81 -18.03 52.00
C LEU E 144 64.13 -16.83 52.67
N GLN E 145 64.88 -16.16 53.55
CA GLN E 145 64.39 -15.00 54.33
C GLN E 145 64.63 -13.64 53.66
N ASN E 146 65.45 -13.64 52.61
CA ASN E 146 65.59 -12.47 51.74
C ASN E 146 64.69 -12.65 50.51
N SER E 147 63.47 -12.11 50.59
CA SER E 147 62.47 -12.25 49.53
C SER E 147 62.82 -11.49 48.25
N MET E 148 63.53 -10.38 48.41
CA MET E 148 63.96 -9.55 47.28
C MET E 148 65.04 -10.26 46.44
N LEU E 149 65.89 -11.04 47.10
CA LEU E 149 66.97 -11.79 46.43
C LEU E 149 66.52 -13.18 46.00
N PRO E 150 66.78 -13.55 44.72
CA PRO E 150 66.32 -14.83 44.17
C PRO E 150 67.15 -16.03 44.67
N SER E 151 66.58 -17.23 44.57
CA SER E 151 67.24 -18.45 45.07
C SER E 151 68.53 -18.81 44.33
N ILE E 152 69.25 -19.82 44.82
CA ILE E 152 70.53 -20.23 44.24
C ILE E 152 70.38 -20.60 42.77
N TRP E 153 69.29 -21.32 42.46
CA TRP E 153 69.01 -21.78 41.10
C TRP E 153 68.48 -20.63 40.23
N ASP E 154 67.56 -19.85 40.78
CA ASP E 154 66.95 -18.69 40.09
C ASP E 154 68.03 -17.76 39.52
N MET E 155 69.07 -17.52 40.32
CA MET E 155 70.22 -16.74 39.89
C MET E 155 70.90 -17.44 38.71
N GLY E 156 71.08 -18.75 38.82
CA GLY E 156 71.76 -19.56 37.81
C GLY E 156 71.18 -19.38 36.42
N LEU E 157 69.85 -19.35 36.35
CA LEU E 157 69.14 -19.06 35.10
C LEU E 157 69.23 -17.58 34.77
N GLU E 158 69.15 -16.73 35.79
CA GLU E 158 69.17 -15.26 35.62
C GLU E 158 70.44 -14.79 34.94
N LEU E 159 71.52 -15.54 35.14
CA LEU E 159 72.79 -15.28 34.49
C LEU E 159 72.84 -15.85 33.07
N PHE E 160 72.06 -16.91 32.83
CA PHE E 160 72.01 -17.55 31.52
C PHE E 160 71.16 -16.73 30.54
N ARG E 161 70.08 -16.13 31.04
CA ARG E 161 69.25 -15.24 30.22
C ARG E 161 69.84 -13.82 30.10
N ALA E 162 71.07 -13.65 30.58
CA ALA E 162 71.75 -12.35 30.57
C ALA E 162 73.13 -12.38 29.89
N HIS E 163 73.74 -13.55 29.77
CA HIS E 163 75.11 -13.65 29.25
C HIS E 163 75.31 -14.64 28.10
N ILE E 164 74.39 -15.59 27.94
CA ILE E 164 74.52 -16.63 26.91
C ILE E 164 73.40 -16.61 25.86
N ILE E 165 72.15 -16.46 26.30
CA ILE E 165 71.03 -16.32 25.36
C ILE E 165 70.75 -14.84 25.20
N SER E 166 70.18 -14.23 26.26
CA SER E 166 69.98 -12.78 26.35
C SER E 166 69.68 -12.08 25.04
N ASP E 167 70.73 -11.56 24.39
CA ASP E 167 70.63 -10.81 23.14
C ASP E 167 71.81 -11.16 22.25
N GLN E 168 71.77 -10.68 21.00
CA GLN E 168 72.89 -10.78 20.05
C GLN E 168 72.97 -12.19 19.43
N LYS E 169 73.56 -12.28 18.23
CA LYS E 169 73.63 -13.51 17.43
C LYS E 169 73.12 -14.83 18.03
N VAL E 170 73.60 -15.21 19.22
CA VAL E 170 73.20 -16.47 19.87
C VAL E 170 71.69 -16.69 19.99
N GLN E 171 70.98 -15.68 20.46
CA GLN E 171 69.53 -15.79 20.66
C GLN E 171 68.80 -15.86 19.32
N ASN E 172 68.89 -14.79 18.54
CA ASN E 172 68.13 -14.69 17.30
C ASN E 172 68.45 -15.77 16.26
N LYS E 173 69.63 -16.37 16.34
CA LYS E 173 69.96 -17.48 15.44
C LYS E 173 69.52 -18.83 16.01
N THR E 174 69.22 -18.86 17.31
CA THR E 174 68.58 -20.03 17.94
C THR E 174 67.10 -20.05 17.58
N ILE E 175 66.43 -18.93 17.76
CA ILE E 175 65.04 -18.79 17.34
C ILE E 175 64.93 -19.03 15.83
N ASP E 176 65.93 -18.57 15.08
CA ASP E 176 66.04 -18.88 13.65
C ASP E 176 66.26 -20.37 13.37
N GLY E 177 67.06 -21.01 14.22
CA GLY E 177 67.35 -22.43 14.08
C GLY E 177 66.15 -23.29 14.47
N ILE E 178 65.53 -22.95 15.60
CA ILE E 178 64.34 -23.64 16.07
C ILE E 178 63.23 -23.58 15.02
N LEU E 179 63.02 -22.40 14.44
CA LEU E 179 62.00 -22.21 13.40
C LEU E 179 62.31 -22.92 12.10
N LEU E 180 63.59 -23.15 11.83
CA LEU E 180 64.01 -23.83 10.60
C LEU E 180 63.75 -25.34 10.66
N LEU E 181 64.01 -25.95 11.82
CA LEU E 181 63.66 -27.35 12.03
C LEU E 181 62.15 -27.52 11.90
N ILE E 182 61.41 -26.67 12.61
CA ILE E 182 59.96 -26.63 12.54
C ILE E 182 59.47 -26.53 11.10
N GLU E 183 60.07 -25.62 10.34
CA GLU E 183 59.74 -25.44 8.92
C GLU E 183 60.00 -26.70 8.11
N ARG E 184 61.13 -27.35 8.38
CA ARG E 184 61.49 -28.57 7.66
C ARG E 184 60.60 -29.73 8.06
N GLU E 185 60.12 -29.73 9.30
CA GLU E 185 59.25 -30.80 9.77
C GLU E 185 57.89 -30.74 9.11
N ARG E 186 57.46 -29.53 8.74
CA ARG E 186 56.17 -29.34 8.08
C ARG E 186 56.13 -29.96 6.67
N ASN E 187 57.29 -30.29 6.11
CA ASN E 187 57.36 -31.24 4.99
C ASN E 187 58.29 -32.43 5.26
N GLY E 188 58.49 -33.26 4.24
CA GLY E 188 59.18 -34.55 4.35
C GLY E 188 60.26 -34.70 5.41
N GLU E 189 61.07 -33.66 5.57
CA GLU E 189 62.28 -33.73 6.41
C GLU E 189 62.02 -34.12 7.87
N ALA E 190 62.94 -34.92 8.42
CA ALA E 190 62.88 -35.39 9.80
C ALA E 190 63.89 -34.64 10.67
N ILE E 191 63.42 -34.15 11.81
CA ILE E 191 64.23 -33.37 12.74
C ILE E 191 64.69 -34.22 13.91
N ASP E 192 65.35 -33.61 14.89
CA ASP E 192 65.57 -34.27 16.17
C ASP E 192 64.52 -33.78 17.17
N ARG E 193 63.40 -34.51 17.25
CA ARG E 193 62.27 -34.12 18.08
C ARG E 193 62.67 -33.75 19.51
N SER E 194 63.65 -34.46 20.06
CA SER E 194 64.14 -34.21 21.43
C SER E 194 64.98 -32.94 21.55
N LEU E 195 65.74 -32.63 20.49
CA LEU E 195 66.51 -31.39 20.48
C LEU E 195 65.60 -30.18 20.62
N LEU E 196 64.49 -30.20 19.88
CA LEU E 196 63.50 -29.13 19.97
C LEU E 196 62.79 -29.09 21.33
N ARG E 197 62.76 -30.23 22.02
CA ARG E 197 62.06 -30.33 23.31
C ARG E 197 62.78 -29.59 24.41
N SER E 198 64.09 -29.82 24.53
CA SER E 198 64.88 -29.20 25.59
C SER E 198 65.08 -27.72 25.32
N LEU E 199 65.29 -27.36 24.06
CA LEU E 199 65.48 -25.97 23.67
C LEU E 199 64.24 -25.10 23.89
N LEU E 200 63.05 -25.63 23.63
CA LEU E 200 61.83 -24.89 23.92
C LEU E 200 61.51 -24.90 25.42
N SER E 201 61.89 -26.00 26.09
CA SER E 201 61.80 -26.11 27.55
C SER E 201 62.71 -25.07 28.21
N MET E 202 63.89 -24.88 27.62
CA MET E 202 64.88 -23.91 28.07
C MET E 202 64.29 -22.49 28.00
N LEU E 203 63.64 -22.18 26.87
CA LEU E 203 62.98 -20.90 26.70
C LEU E 203 61.78 -20.78 27.65
N SER E 204 61.22 -21.92 28.04
CA SER E 204 60.15 -21.98 29.04
C SER E 204 60.72 -21.70 30.43
N ASP E 205 61.94 -22.17 30.67
CA ASP E 205 62.61 -21.99 31.95
C ASP E 205 63.31 -20.64 32.07
N LEU E 206 63.38 -19.88 30.96
CA LEU E 206 64.00 -18.57 30.96
C LEU E 206 63.01 -17.43 30.71
N GLN E 207 61.73 -17.78 30.57
CA GLN E 207 60.63 -16.83 30.33
C GLN E 207 60.69 -16.12 28.97
N ILE E 208 61.69 -16.45 28.15
CA ILE E 208 61.83 -15.91 26.81
C ILE E 208 60.85 -16.56 25.80
N TYR E 209 60.24 -17.69 26.20
CA TYR E 209 59.28 -18.38 25.33
C TYR E 209 58.12 -17.46 25.03
N GLN E 210 57.37 -17.09 26.07
CA GLN E 210 56.25 -16.16 25.96
C GLN E 210 56.54 -15.03 24.96
N ASP E 211 57.81 -14.65 24.92
CA ASP E 211 58.25 -13.43 24.27
C ASP E 211 58.84 -13.64 22.85
N SER E 212 60.09 -14.07 22.78
CA SER E 212 60.84 -14.14 21.51
C SER E 212 60.45 -15.26 20.57
N PHE E 213 59.55 -16.14 21.01
CA PHE E 213 59.13 -17.27 20.20
C PHE E 213 57.64 -17.27 19.84
N GLU E 214 56.76 -17.47 20.83
CA GLU E 214 55.33 -17.74 20.56
C GLU E 214 54.74 -16.84 19.49
N GLN E 215 54.76 -15.54 19.72
CA GLN E 215 54.11 -14.62 18.77
C GLN E 215 55.00 -14.28 17.56
N ARG E 216 56.12 -15.00 17.42
CA ARG E 216 56.89 -14.96 16.19
C ARG E 216 56.90 -16.33 15.52
N PHE E 217 56.57 -17.37 16.29
CA PHE E 217 56.31 -18.69 15.74
C PHE E 217 54.96 -18.68 15.03
N LEU E 218 53.92 -18.21 15.73
CA LEU E 218 52.58 -18.12 15.17
C LEU E 218 52.58 -17.28 13.89
N GLU E 219 53.23 -16.13 13.96
CA GLU E 219 53.41 -15.24 12.81
C GLU E 219 53.91 -16.00 11.58
N GLU E 220 54.82 -16.93 11.80
CA GLU E 220 55.40 -17.72 10.72
C GLU E 220 54.49 -18.89 10.35
N THR E 221 53.76 -19.41 11.34
CA THR E 221 52.81 -20.50 11.11
C THR E 221 51.60 -20.02 10.31
N ASN E 222 51.19 -18.78 10.58
CA ASN E 222 50.03 -18.19 9.90
C ASN E 222 50.26 -17.93 8.40
N ARG E 223 51.49 -17.59 8.03
CA ARG E 223 51.81 -17.37 6.62
C ARG E 223 52.08 -18.69 5.90
N LEU E 224 52.35 -19.76 6.65
CA LEU E 224 52.59 -21.07 6.04
C LEU E 224 51.28 -21.75 5.60
N TYR E 225 50.26 -21.68 6.45
CA TYR E 225 48.97 -22.28 6.13
C TYR E 225 48.08 -21.40 5.27
N ALA E 226 48.47 -20.12 5.12
CA ALA E 226 47.82 -19.22 4.19
C ALA E 226 48.14 -19.63 2.75
N ALA E 227 49.41 -19.96 2.50
CA ALA E 227 49.86 -20.42 1.19
C ALA E 227 49.24 -21.77 0.83
N GLU E 228 49.29 -22.72 1.77
CA GLU E 228 48.67 -24.04 1.60
C GLU E 228 47.17 -23.92 1.34
N GLY E 229 46.50 -23.13 2.18
CA GLY E 229 45.06 -22.95 2.12
C GLY E 229 44.57 -22.39 0.80
N GLN E 230 45.46 -21.74 0.06
CA GLN E 230 45.11 -21.13 -1.23
C GLN E 230 45.60 -21.97 -2.40
N LYS E 231 46.79 -22.55 -2.28
CA LYS E 231 47.38 -23.38 -3.31
C LYS E 231 46.63 -24.70 -3.44
N LEU E 232 46.50 -25.40 -2.31
CA LEU E 232 45.88 -26.72 -2.29
C LEU E 232 44.39 -26.72 -2.65
N MET E 233 43.72 -25.60 -2.37
CA MET E 233 42.30 -25.42 -2.69
C MET E 233 42.06 -25.38 -4.19
N GLN E 234 43.00 -24.80 -4.93
CA GLN E 234 42.89 -24.72 -6.38
C GLN E 234 43.74 -25.79 -7.04
N GLU E 235 44.34 -26.67 -6.25
CA GLU E 235 45.16 -27.75 -6.79
C GLU E 235 44.57 -29.14 -6.64
N ARG E 236 43.59 -29.30 -5.74
CA ARG E 236 42.94 -30.60 -5.56
C ARG E 236 41.42 -30.52 -5.35
N GLU E 237 40.78 -31.69 -5.28
CA GLU E 237 39.34 -31.80 -5.07
C GLU E 237 38.98 -31.87 -3.59
N VAL E 238 37.80 -31.37 -3.23
CA VAL E 238 37.32 -31.36 -1.84
C VAL E 238 37.59 -32.67 -1.07
N PRO E 239 37.20 -33.85 -1.63
CA PRO E 239 37.48 -35.07 -0.88
C PRO E 239 38.95 -35.19 -0.48
N GLU E 240 39.85 -34.84 -1.41
CA GLU E 240 41.29 -34.96 -1.19
C GLU E 240 41.87 -33.80 -0.39
N TYR E 241 41.21 -32.65 -0.45
CA TYR E 241 41.63 -31.49 0.34
C TYR E 241 41.27 -31.70 1.82
N LEU E 242 40.12 -32.31 2.07
CA LEU E 242 39.69 -32.65 3.42
C LEU E 242 40.53 -33.77 4.01
N HIS E 243 40.96 -34.72 3.18
CA HIS E 243 41.96 -35.73 3.59
C HIS E 243 43.15 -35.00 4.21
N HIS E 244 43.66 -34.01 3.48
CA HIS E 244 44.84 -33.23 3.87
C HIS E 244 44.67 -32.40 5.14
N VAL E 245 43.56 -31.66 5.24
CA VAL E 245 43.33 -30.77 6.38
C VAL E 245 43.22 -31.55 7.70
N ASN E 246 42.62 -32.74 7.64
CA ASN E 246 42.54 -33.58 8.82
C ASN E 246 43.93 -34.02 9.24
N LYS E 247 44.80 -34.34 8.27
CA LYS E 247 46.19 -34.70 8.56
C LYS E 247 46.92 -33.50 9.15
N ARG E 248 46.86 -32.37 8.44
CA ARG E 248 47.53 -31.16 8.89
C ARG E 248 47.16 -30.83 10.33
N LEU E 249 45.87 -30.80 10.63
CA LEU E 249 45.40 -30.55 11.98
C LEU E 249 45.92 -31.59 12.98
N GLU E 250 46.04 -32.84 12.56
CA GLU E 250 46.58 -33.90 13.41
C GLU E 250 48.02 -33.62 13.76
N GLU E 251 48.77 -33.05 12.82
CA GLU E 251 50.19 -32.75 13.02
C GLU E 251 50.39 -31.67 14.07
N GLU E 252 49.64 -30.57 13.96
CA GLU E 252 49.78 -29.44 14.86
C GLU E 252 49.37 -29.79 16.28
N ALA E 253 48.22 -30.44 16.44
CA ALA E 253 47.75 -30.89 17.74
C ALA E 253 48.68 -31.94 18.35
N ASP E 254 49.49 -32.56 17.51
CA ASP E 254 50.49 -33.57 17.92
C ASP E 254 51.85 -32.90 18.22
N ARG E 255 52.15 -31.84 17.47
CA ARG E 255 53.35 -31.04 17.66
C ARG E 255 53.20 -30.20 18.92
N LEU E 256 51.96 -29.88 19.25
CA LEU E 256 51.64 -29.12 20.44
C LEU E 256 52.05 -29.89 21.69
N ILE E 257 51.86 -31.21 21.69
CA ILE E 257 52.23 -32.05 22.83
C ILE E 257 53.73 -32.35 22.90
N THR E 258 54.31 -32.80 21.80
CA THR E 258 55.69 -33.31 21.80
C THR E 258 56.73 -32.30 22.31
N TYR E 259 56.75 -31.10 21.71
CA TYR E 259 57.77 -30.12 22.11
C TYR E 259 57.34 -28.67 22.36
N LEU E 260 56.21 -28.24 21.80
CA LEU E 260 55.71 -26.88 22.03
C LEU E 260 55.21 -26.68 23.46
N ASP E 261 55.08 -25.42 23.87
CA ASP E 261 54.61 -25.11 25.22
C ASP E 261 53.09 -24.96 25.27
N GLN E 262 52.51 -25.27 26.43
CA GLN E 262 51.07 -25.53 26.55
C GLN E 262 50.15 -24.30 26.52
N THR E 263 50.71 -23.11 26.65
CA THR E 263 49.92 -21.88 26.52
C THR E 263 49.48 -21.63 25.07
N THR E 264 50.24 -22.20 24.14
CA THR E 264 50.10 -21.93 22.72
C THR E 264 49.05 -22.80 21.99
N GLN E 265 48.42 -23.74 22.71
CA GLN E 265 47.39 -24.61 22.11
C GLN E 265 46.26 -23.80 21.49
N LYS E 266 45.47 -23.13 22.32
CA LYS E 266 44.31 -22.36 21.88
C LYS E 266 44.60 -21.42 20.69
N SER E 267 45.74 -20.74 20.74
CA SER E 267 46.08 -19.74 19.72
C SER E 267 46.86 -20.29 18.51
N LEU E 268 47.30 -21.55 18.55
CA LEU E 268 47.91 -22.19 17.37
C LEU E 268 46.88 -22.91 16.50
N ILE E 269 46.16 -23.85 17.12
CA ILE E 269 45.14 -24.65 16.46
C ILE E 269 44.07 -23.75 15.81
N ALA E 270 43.69 -22.67 16.50
CA ALA E 270 42.74 -21.71 15.95
C ALA E 270 43.34 -20.76 14.90
N THR E 271 44.59 -20.99 14.53
CA THR E 271 45.22 -20.31 13.39
C THR E 271 45.05 -21.15 12.12
N VAL E 272 45.29 -22.47 12.27
CA VAL E 272 45.19 -23.45 11.19
C VAL E 272 43.74 -23.59 10.70
N GLU E 273 42.82 -23.72 11.65
CA GLU E 273 41.39 -23.73 11.38
C GLU E 273 40.95 -22.44 10.70
N LYS E 274 41.54 -21.32 11.10
CA LYS E 274 41.26 -20.02 10.51
C LYS E 274 41.93 -19.87 9.14
N GLN E 275 42.78 -20.83 8.76
CA GLN E 275 43.50 -20.73 7.49
C GLN E 275 43.22 -21.85 6.50
N LEU E 276 42.90 -23.03 7.01
CA LEU E 276 42.57 -24.18 6.14
C LEU E 276 41.07 -24.41 6.03
N LEU E 277 40.32 -24.02 7.06
CA LEU E 277 38.87 -24.14 7.05
C LEU E 277 38.16 -22.78 7.05
N GLY E 278 38.41 -21.95 8.07
CA GLY E 278 37.93 -20.56 8.07
C GLY E 278 38.46 -19.85 6.84
N GLU E 279 37.64 -19.03 6.21
CA GLU E 279 38.02 -18.25 5.01
C GLU E 279 37.96 -19.06 3.71
N HIS E 280 37.54 -20.33 3.81
CA HIS E 280 37.36 -21.19 2.66
C HIS E 280 36.04 -21.97 2.68
N LEU E 281 35.28 -21.83 3.76
CA LEU E 281 34.04 -22.58 3.95
C LEU E 281 33.17 -22.53 2.70
N THR E 282 32.78 -21.32 2.30
CA THR E 282 31.83 -21.14 1.19
C THR E 282 32.36 -21.68 -0.13
N ALA E 283 33.67 -21.56 -0.34
CA ALA E 283 34.33 -22.06 -1.56
C ALA E 283 34.41 -23.58 -1.62
N ILE E 284 34.33 -24.24 -0.45
CA ILE E 284 34.29 -25.70 -0.39
C ILE E 284 32.90 -26.20 -0.78
N LEU E 285 31.87 -25.67 -0.14
CA LEU E 285 30.50 -26.06 -0.46
C LEU E 285 30.07 -25.53 -1.83
N GLN E 286 30.93 -24.71 -2.43
CA GLN E 286 30.69 -24.14 -3.74
C GLN E 286 31.00 -25.19 -4.81
N LYS E 287 32.16 -25.82 -4.68
CA LYS E 287 32.69 -26.70 -5.69
C LYS E 287 32.60 -28.17 -5.29
N GLY E 288 32.24 -28.43 -4.04
CA GLY E 288 32.28 -29.78 -3.50
C GLY E 288 30.97 -30.41 -3.05
N LEU E 289 30.09 -29.60 -2.45
CA LEU E 289 28.91 -30.14 -1.77
C LEU E 289 27.82 -30.71 -2.67
N ASN E 290 27.58 -30.05 -3.81
CA ASN E 290 26.66 -30.58 -4.81
C ASN E 290 27.13 -31.92 -5.36
N ASN E 291 28.44 -32.08 -5.49
CA ASN E 291 29.05 -33.32 -5.93
C ASN E 291 28.98 -34.40 -4.85
N LEU E 292 29.50 -34.08 -3.66
CA LEU E 292 29.61 -35.05 -2.57
C LEU E 292 28.27 -35.66 -2.16
N LEU E 293 27.18 -34.92 -2.36
CA LEU E 293 25.85 -35.42 -2.08
C LEU E 293 25.36 -36.39 -3.16
N ASP E 294 25.51 -36.02 -4.43
CA ASP E 294 25.03 -36.84 -5.54
C ASP E 294 25.62 -38.25 -5.52
N GLU E 295 26.95 -38.32 -5.57
CA GLU E 295 27.69 -39.58 -5.54
C GLU E 295 27.51 -40.34 -4.21
N ASN E 296 26.85 -39.70 -3.25
CA ASN E 296 26.64 -40.26 -1.91
C ASN E 296 27.91 -40.83 -1.30
N ARG E 297 28.87 -39.95 -0.99
CA ARG E 297 30.09 -40.36 -0.31
C ARG E 297 29.90 -40.17 1.19
N ILE E 298 29.24 -41.12 1.84
CA ILE E 298 29.06 -41.09 3.30
C ILE E 298 30.42 -41.01 4.01
N GLN E 299 31.47 -41.38 3.28
CA GLN E 299 32.85 -41.27 3.73
C GLN E 299 33.32 -39.81 3.91
N ASP E 300 33.43 -39.09 2.79
CA ASP E 300 33.95 -37.73 2.79
C ASP E 300 32.97 -36.71 3.37
N LEU E 301 31.69 -37.10 3.48
CA LEU E 301 30.67 -36.28 4.11
C LEU E 301 30.87 -36.23 5.62
N SER E 302 31.08 -37.40 6.20
CA SER E 302 31.34 -37.55 7.62
C SER E 302 32.53 -36.70 8.04
N LEU E 303 33.58 -36.73 7.22
CA LEU E 303 34.79 -35.95 7.44
C LEU E 303 34.51 -34.45 7.39
N LEU E 304 33.75 -34.03 6.39
CA LEU E 304 33.41 -32.61 6.21
C LEU E 304 32.69 -32.05 7.43
N TYR E 305 31.85 -32.87 8.05
CA TYR E 305 31.08 -32.47 9.22
C TYR E 305 31.96 -32.27 10.44
N GLN E 306 32.77 -33.28 10.74
CA GLN E 306 33.73 -33.21 11.86
C GLN E 306 34.57 -31.93 11.80
N LEU E 307 35.03 -31.59 10.60
CA LEU E 307 35.85 -30.40 10.38
C LEU E 307 35.06 -29.09 10.45
N PHE E 308 33.91 -29.04 9.80
CA PHE E 308 33.07 -27.84 9.78
C PHE E 308 32.42 -27.55 11.15
N SER E 309 32.66 -28.44 12.10
CA SER E 309 32.21 -28.26 13.48
C SER E 309 33.15 -27.33 14.23
N ARG E 310 34.41 -27.31 13.82
CA ARG E 310 35.48 -26.67 14.56
C ARG E 310 35.54 -25.15 14.38
N VAL E 311 34.84 -24.63 13.38
CA VAL E 311 34.80 -23.18 13.14
C VAL E 311 33.41 -22.59 13.43
N ARG E 312 33.40 -21.39 14.01
CA ARG E 312 32.17 -20.73 14.52
C ARG E 312 31.02 -20.77 13.51
N GLY E 313 31.23 -20.15 12.35
CA GLY E 313 30.19 -20.07 11.33
C GLY E 313 29.99 -21.35 10.54
N GLY E 314 30.73 -22.39 10.92
CA GLY E 314 30.76 -23.66 10.19
C GLY E 314 29.43 -24.38 10.07
N VAL E 315 29.06 -25.09 11.13
CA VAL E 315 27.85 -25.90 11.16
C VAL E 315 26.62 -25.20 10.56
N GLN E 316 26.45 -23.91 10.84
CA GLN E 316 25.29 -23.16 10.32
C GLN E 316 25.36 -22.90 8.81
N VAL E 317 26.57 -22.86 8.25
CA VAL E 317 26.77 -22.61 6.81
C VAL E 317 26.47 -23.86 5.99
N LEU E 318 26.80 -25.02 6.54
CA LEU E 318 26.44 -26.29 5.93
C LEU E 318 24.93 -26.49 5.99
N LEU E 319 24.32 -26.14 7.14
CA LEU E 319 22.87 -26.16 7.30
C LEU E 319 22.17 -25.36 6.21
N GLN E 320 22.68 -24.15 5.98
CA GLN E 320 22.20 -23.26 4.92
C GLN E 320 22.23 -23.94 3.56
N GLN E 321 23.38 -24.49 3.21
CA GLN E 321 23.62 -25.06 1.88
C GLN E 321 22.91 -26.41 1.69
N TRP E 322 22.78 -27.16 2.78
CA TRP E 322 22.10 -28.45 2.76
C TRP E 322 20.62 -28.31 2.47
N ILE E 323 19.99 -27.30 3.09
CA ILE E 323 18.61 -26.98 2.80
C ILE E 323 18.44 -26.73 1.30
N GLU E 324 19.24 -25.81 0.74
CA GLU E 324 19.06 -25.42 -0.66
C GLU E 324 19.58 -26.43 -1.67
N TYR E 325 20.07 -27.58 -1.19
CA TYR E 325 20.32 -28.75 -2.05
C TYR E 325 19.06 -29.63 -2.09
N ILE E 326 18.52 -29.93 -0.92
CA ILE E 326 17.28 -30.69 -0.82
C ILE E 326 16.20 -29.92 -1.59
N LYS E 327 15.93 -28.68 -1.19
CA LYS E 327 15.02 -27.81 -1.93
C LYS E 327 15.22 -27.92 -3.44
N ALA E 328 16.48 -28.14 -3.86
CA ALA E 328 16.82 -28.19 -5.28
C ALA E 328 16.56 -29.56 -5.90
N PHE E 329 17.05 -30.62 -5.26
CA PHE E 329 16.89 -31.97 -5.81
C PHE E 329 15.42 -32.40 -5.81
N GLY E 330 14.69 -32.00 -4.77
CA GLY E 330 13.27 -32.30 -4.64
C GLY E 330 12.40 -31.55 -5.63
N SER E 331 12.71 -30.27 -5.85
CA SER E 331 11.99 -29.45 -6.84
C SER E 331 12.26 -29.89 -8.27
N THR E 332 13.08 -30.92 -8.43
CA THR E 332 13.25 -31.55 -9.74
C THR E 332 12.46 -32.87 -9.82
N ILE E 333 12.22 -33.49 -8.66
CA ILE E 333 11.47 -34.74 -8.57
C ILE E 333 9.97 -34.55 -8.74
N VAL E 334 9.45 -33.38 -8.35
CA VAL E 334 7.99 -33.18 -8.26
C VAL E 334 7.35 -32.09 -9.13
N ILE E 335 8.17 -31.15 -9.64
CA ILE E 335 7.66 -30.05 -10.48
C ILE E 335 7.27 -30.51 -11.87
N ASN E 336 8.04 -31.46 -12.42
CA ASN E 336 7.79 -31.99 -13.76
C ASN E 336 6.88 -33.23 -13.77
N PRO E 337 5.83 -33.21 -14.62
CA PRO E 337 4.92 -34.36 -14.71
C PRO E 337 5.52 -35.53 -15.48
N GLU E 338 6.57 -35.27 -16.27
CA GLU E 338 7.25 -36.31 -17.03
C GLU E 338 7.93 -37.31 -16.10
N LYS E 339 7.74 -37.13 -14.79
CA LYS E 339 8.34 -37.99 -13.79
C LYS E 339 7.29 -38.54 -12.83
N ASP E 340 6.03 -38.51 -13.26
CA ASP E 340 4.90 -38.99 -12.44
C ASP E 340 4.89 -40.51 -12.28
N LYS E 341 5.22 -41.20 -13.37
CA LYS E 341 5.43 -42.65 -13.39
C LYS E 341 6.16 -43.09 -12.12
N THR E 342 7.34 -42.51 -11.91
CA THR E 342 8.22 -42.87 -10.81
C THR E 342 7.94 -42.05 -9.53
N MET E 343 7.94 -40.72 -9.67
CA MET E 343 7.93 -39.77 -8.53
C MET E 343 8.01 -40.41 -7.15
N VAL E 344 6.86 -40.65 -6.51
CA VAL E 344 6.78 -41.22 -5.17
C VAL E 344 7.91 -42.21 -4.88
N GLN E 345 8.15 -43.14 -5.80
CA GLN E 345 9.20 -44.16 -5.64
C GLN E 345 10.58 -43.54 -5.46
N GLU E 346 10.93 -42.58 -6.31
CA GLU E 346 12.22 -41.88 -6.24
C GLU E 346 12.26 -40.88 -5.07
N LEU E 347 11.08 -40.42 -4.66
CA LEU E 347 10.92 -39.54 -3.50
C LEU E 347 11.22 -40.32 -2.23
N LEU E 348 10.77 -41.57 -2.18
CA LEU E 348 11.07 -42.50 -1.09
C LEU E 348 12.55 -42.84 -1.03
N ASP E 349 13.13 -43.12 -2.18
CA ASP E 349 14.56 -43.46 -2.28
C ASP E 349 15.42 -42.32 -1.77
N PHE E 350 15.01 -41.08 -2.09
CA PHE E 350 15.71 -39.87 -1.68
C PHE E 350 15.65 -39.67 -0.16
N LYS E 351 14.45 -39.68 0.41
CA LYS E 351 14.26 -39.50 1.86
C LYS E 351 15.08 -40.51 2.68
N ASP E 352 15.28 -41.71 2.14
CA ASP E 352 16.07 -42.74 2.78
C ASP E 352 17.56 -42.40 2.74
N LYS E 353 18.00 -41.88 1.59
CA LYS E 353 19.39 -41.45 1.40
C LYS E 353 19.70 -40.27 2.30
N VAL E 354 18.75 -39.34 2.39
CA VAL E 354 18.89 -38.15 3.22
C VAL E 354 18.84 -38.49 4.72
N ASP E 355 18.17 -39.59 5.07
CA ASP E 355 18.17 -40.08 6.46
C ASP E 355 19.47 -40.75 6.82
N HIS E 356 19.99 -41.56 5.89
CA HIS E 356 21.24 -42.28 6.08
C HIS E 356 22.41 -41.32 6.31
N ILE E 357 22.39 -40.18 5.62
CA ILE E 357 23.45 -39.18 5.78
C ILE E 357 23.36 -38.45 7.12
N ILE E 358 22.14 -38.10 7.55
CA ILE E 358 21.97 -37.45 8.84
C ILE E 358 21.88 -38.44 9.99
N ASP E 359 22.17 -39.70 9.71
CA ASP E 359 22.32 -40.72 10.74
C ASP E 359 23.81 -40.92 10.98
N ILE E 360 24.58 -41.11 9.91
CA ILE E 360 25.98 -41.50 10.06
C ILE E 360 27.01 -40.38 9.81
N CYS E 361 26.82 -39.56 8.78
CA CYS E 361 27.72 -38.43 8.51
C CYS E 361 27.47 -37.33 9.52
N PHE E 362 26.20 -37.01 9.72
CA PHE E 362 25.80 -35.88 10.53
C PHE E 362 25.50 -36.28 11.96
N LEU E 363 26.08 -37.40 12.38
CA LEU E 363 26.01 -37.89 13.77
C LEU E 363 24.68 -37.53 14.47
N LYS E 364 23.58 -37.83 13.78
CA LYS E 364 22.22 -37.53 14.25
C LYS E 364 22.04 -36.13 14.87
N ASN E 365 22.40 -35.09 14.11
CA ASN E 365 22.20 -33.71 14.58
C ASN E 365 20.77 -33.24 14.38
N GLU E 366 20.10 -32.95 15.50
CA GLU E 366 18.71 -32.50 15.50
C GLU E 366 18.45 -31.21 14.72
N LYS E 367 19.50 -30.38 14.58
CA LYS E 367 19.41 -29.15 13.77
C LYS E 367 19.14 -29.48 12.30
N PHE E 368 19.73 -30.57 11.82
CA PHE E 368 19.65 -30.94 10.42
C PHE E 368 18.36 -31.66 10.05
N ILE E 369 17.95 -32.65 10.85
CA ILE E 369 16.67 -33.29 10.64
C ILE E 369 15.57 -32.22 10.55
N ASN E 370 15.67 -31.19 11.39
CA ASN E 370 14.74 -30.05 11.38
C ASN E 370 14.91 -29.13 10.18
N ALA E 371 16.12 -29.05 9.65
CA ALA E 371 16.34 -28.32 8.43
C ALA E 371 15.62 -29.04 7.29
N MET E 372 15.85 -30.35 7.21
CA MET E 372 15.34 -31.20 6.13
C MET E 372 13.83 -31.41 6.15
N LYS E 373 13.30 -31.78 7.31
CA LYS E 373 11.86 -31.92 7.51
C LYS E 373 11.14 -30.68 6.97
N GLU E 374 11.68 -29.52 7.29
CA GLU E 374 11.14 -28.25 6.84
C GLU E 374 11.40 -28.03 5.34
N ALA E 375 12.59 -28.43 4.88
CA ALA E 375 12.97 -28.30 3.47
C ALA E 375 12.21 -29.26 2.55
N PHE E 376 11.78 -30.39 3.12
CA PHE E 376 11.02 -31.39 2.39
C PHE E 376 9.61 -30.86 2.13
N GLU E 377 9.01 -30.25 3.16
CA GLU E 377 7.68 -29.65 3.02
C GLU E 377 7.70 -28.51 2.00
N THR E 378 8.82 -27.79 1.94
CA THR E 378 8.94 -26.65 1.05
C THR E 378 8.92 -27.06 -0.43
N PHE E 379 9.49 -28.22 -0.77
CA PHE E 379 9.51 -28.66 -2.18
C PHE E 379 8.34 -29.54 -2.59
N ILE E 380 7.91 -30.44 -1.70
CA ILE E 380 6.78 -31.34 -1.94
C ILE E 380 5.53 -30.58 -2.39
N ASN E 381 5.38 -29.36 -1.88
CA ASN E 381 4.17 -28.56 -2.10
C ASN E 381 4.30 -27.49 -3.17
N LYS E 382 5.47 -27.37 -3.78
CA LYS E 382 5.67 -26.41 -4.86
C LYS E 382 5.00 -26.90 -6.15
N ARG E 383 4.40 -28.09 -6.06
CA ARG E 383 3.52 -28.65 -7.10
C ARG E 383 2.12 -28.88 -6.50
N PRO E 384 1.11 -28.15 -7.01
CA PRO E 384 -0.21 -28.02 -6.38
C PRO E 384 -0.77 -29.30 -5.75
N ASN E 385 -1.21 -30.26 -6.56
CA ASN E 385 -2.01 -31.37 -6.02
C ASN E 385 -1.54 -32.76 -6.42
N LYS E 386 -0.87 -32.85 -7.55
CA LYS E 386 -0.41 -34.12 -8.11
C LYS E 386 0.46 -34.99 -7.16
N PRO E 387 1.35 -34.37 -6.36
CA PRO E 387 2.18 -35.22 -5.50
C PRO E 387 1.38 -35.94 -4.41
N ALA E 388 0.29 -35.32 -3.95
CA ALA E 388 -0.58 -35.94 -2.96
C ALA E 388 -1.33 -37.12 -3.59
N GLU E 389 -1.62 -36.99 -4.89
CA GLU E 389 -2.40 -37.96 -5.64
C GLU E 389 -1.60 -39.20 -6.05
N LEU E 390 -0.41 -38.99 -6.58
CA LEU E 390 0.46 -40.09 -6.98
C LEU E 390 0.88 -40.98 -5.79
N ILE E 391 0.70 -40.46 -4.57
CA ILE E 391 0.87 -41.24 -3.35
C ILE E 391 -0.27 -42.26 -3.23
N ALA E 392 -1.51 -41.78 -3.36
CA ALA E 392 -2.69 -42.64 -3.27
C ALA E 392 -2.65 -43.79 -4.28
N LYS E 393 -2.24 -43.48 -5.50
CA LYS E 393 -2.15 -44.48 -6.56
C LYS E 393 -0.98 -45.45 -6.33
N TYR E 394 -0.01 -45.04 -5.51
CA TYR E 394 1.11 -45.91 -5.18
C TYR E 394 0.67 -47.02 -4.22
N VAL E 395 0.04 -46.62 -3.11
CA VAL E 395 -0.42 -47.59 -2.11
C VAL E 395 -1.50 -48.52 -2.67
N ASP E 396 -2.38 -47.96 -3.51
CA ASP E 396 -3.42 -48.75 -4.18
C ASP E 396 -2.78 -49.90 -4.96
N SER E 397 -1.69 -49.61 -5.65
CA SER E 397 -0.94 -50.63 -6.39
C SER E 397 -0.14 -51.54 -5.46
N LYS E 398 0.18 -51.05 -4.26
CA LYS E 398 0.99 -51.82 -3.31
C LYS E 398 0.12 -52.67 -2.36
N LEU E 399 -1.16 -52.79 -2.70
CA LEU E 399 -2.09 -53.66 -1.99
C LEU E 399 -2.91 -54.52 -2.97
N ARG E 400 -2.48 -54.59 -4.22
CA ARG E 400 -3.25 -55.25 -5.28
C ARG E 400 -2.91 -56.72 -5.55
N ALA E 401 -3.75 -57.33 -6.40
CA ALA E 401 -3.57 -58.70 -6.90
C ALA E 401 -2.47 -58.76 -7.95
N GLU E 405 5.28 -59.57 -3.01
CA GLU E 405 4.17 -58.78 -2.46
C GLU E 405 3.65 -59.32 -1.13
N ALA E 406 3.86 -60.62 -0.89
CA ALA E 406 3.32 -61.30 0.30
C ALA E 406 4.08 -60.98 1.59
N THR E 407 5.39 -60.74 1.46
CA THR E 407 6.26 -60.44 2.61
C THR E 407 5.85 -59.11 3.26
N ASP E 408 5.08 -59.20 4.34
CA ASP E 408 4.66 -58.02 5.11
C ASP E 408 5.82 -57.36 5.88
N GLU E 409 6.93 -58.09 6.00
CA GLU E 409 8.14 -57.57 6.64
C GLU E 409 8.71 -56.42 5.79
N GLU E 410 8.54 -56.54 4.47
CA GLU E 410 8.96 -55.49 3.54
C GLU E 410 7.77 -54.67 3.02
N LEU E 411 6.56 -54.96 3.53
CA LEU E 411 5.35 -54.23 3.13
C LEU E 411 4.89 -53.21 4.18
N GLU E 412 4.98 -53.58 5.46
CA GLU E 412 4.68 -52.66 6.55
C GLU E 412 5.75 -51.55 6.57
N LYS E 413 6.99 -51.94 6.26
CA LYS E 413 8.11 -51.00 6.17
C LYS E 413 7.94 -50.05 4.99
N MET E 414 7.17 -50.47 3.98
CA MET E 414 6.83 -49.60 2.85
C MET E 414 5.82 -48.53 3.27
N LEU E 415 4.73 -48.96 3.88
CA LEU E 415 3.68 -48.06 4.35
C LEU E 415 4.21 -47.08 5.39
N ASP E 416 5.08 -47.58 6.27
CA ASP E 416 5.81 -46.75 7.23
C ASP E 416 6.45 -45.53 6.56
N LYS E 417 7.32 -45.81 5.60
CA LYS E 417 8.10 -44.77 4.92
C LYS E 417 7.28 -43.96 3.92
N ILE E 418 6.07 -44.44 3.62
CA ILE E 418 5.10 -43.67 2.82
C ILE E 418 4.38 -42.70 3.75
N MET E 419 3.93 -43.20 4.90
CA MET E 419 3.37 -42.32 5.92
C MET E 419 4.37 -41.22 6.23
N ILE E 420 5.61 -41.62 6.49
CA ILE E 420 6.72 -40.69 6.74
C ILE E 420 6.86 -39.58 5.70
N ILE E 421 6.37 -39.82 4.49
CA ILE E 421 6.35 -38.80 3.43
C ILE E 421 5.03 -38.05 3.39
N PHE E 422 3.94 -38.71 3.77
CA PHE E 422 2.59 -38.12 3.69
C PHE E 422 2.40 -36.89 4.59
N ARG E 423 3.06 -36.90 5.75
CA ARG E 423 2.91 -35.83 6.75
C ARG E 423 3.29 -34.43 6.24
N PHE E 424 3.98 -34.36 5.09
CA PHE E 424 4.45 -33.09 4.56
C PHE E 424 3.49 -32.38 3.59
N ILE E 425 2.35 -33.01 3.30
CA ILE E 425 1.44 -32.51 2.27
C ILE E 425 0.50 -31.39 2.75
N TYR E 426 0.51 -30.25 2.04
CA TYR E 426 -0.57 -29.27 2.12
C TYR E 426 -1.67 -29.78 1.21
N GLY E 427 -2.86 -30.00 1.75
CA GLY E 427 -3.95 -30.57 0.96
C GLY E 427 -3.93 -32.09 1.04
N LYS E 428 -4.18 -32.58 2.24
CA LYS E 428 -4.21 -34.01 2.50
C LYS E 428 -5.55 -34.59 2.04
N ASP E 429 -6.49 -33.70 1.73
CA ASP E 429 -7.81 -34.07 1.25
C ASP E 429 -7.75 -34.76 -0.13
N VAL E 430 -6.82 -34.33 -0.97
CA VAL E 430 -6.63 -34.89 -2.29
C VAL E 430 -6.33 -36.38 -2.16
N PHE E 431 -5.50 -36.73 -1.19
CA PHE E 431 -5.19 -38.14 -0.90
C PHE E 431 -6.38 -38.89 -0.31
N GLU E 432 -7.18 -38.20 0.51
CA GLU E 432 -8.33 -38.82 1.16
C GLU E 432 -9.25 -39.49 0.14
N ALA E 433 -9.78 -38.69 -0.80
CA ALA E 433 -10.73 -39.16 -1.80
C ALA E 433 -10.13 -40.18 -2.75
N PHE E 434 -8.96 -39.87 -3.31
CA PHE E 434 -8.30 -40.79 -4.23
C PHE E 434 -8.06 -42.17 -3.63
N TYR E 435 -7.72 -42.21 -2.34
CA TYR E 435 -7.58 -43.48 -1.64
C TYR E 435 -8.95 -44.11 -1.35
N LYS E 436 -9.95 -43.25 -1.11
CA LYS E 436 -11.30 -43.71 -0.81
C LYS E 436 -11.93 -44.38 -2.03
N LYS E 437 -11.74 -43.78 -3.19
CA LYS E 437 -12.28 -44.33 -4.43
C LYS E 437 -11.48 -45.54 -4.92
N ASP E 438 -10.19 -45.59 -4.58
CA ASP E 438 -9.36 -46.75 -4.89
C ASP E 438 -9.60 -47.89 -3.91
N LEU E 439 -10.16 -47.56 -2.75
CA LEU E 439 -10.59 -48.57 -1.78
C LEU E 439 -11.84 -49.25 -2.33
N ALA E 440 -12.69 -48.48 -2.98
CA ALA E 440 -13.87 -49.02 -3.63
C ALA E 440 -13.49 -50.11 -4.64
N LYS E 441 -12.56 -49.82 -5.54
CA LYS E 441 -12.04 -50.81 -6.47
C LYS E 441 -11.64 -52.10 -5.75
N ARG E 442 -10.83 -51.96 -4.70
CA ARG E 442 -10.30 -53.11 -3.97
C ARG E 442 -11.36 -53.86 -3.17
N LEU E 443 -12.40 -53.15 -2.73
CA LEU E 443 -13.39 -53.75 -1.84
C LEU E 443 -14.51 -54.51 -2.54
N LEU E 444 -14.83 -54.13 -3.78
CA LEU E 444 -15.97 -54.72 -4.48
C LEU E 444 -15.60 -55.48 -5.74
N VAL E 445 -14.48 -55.12 -6.36
CA VAL E 445 -14.04 -55.77 -7.58
C VAL E 445 -12.72 -56.51 -7.35
N GLY E 446 -12.82 -57.71 -6.80
CA GLY E 446 -11.64 -58.52 -6.50
C GLY E 446 -11.13 -58.27 -5.08
N LYS E 447 -10.31 -59.19 -4.58
CA LYS E 447 -9.80 -59.12 -3.21
C LYS E 447 -8.44 -58.42 -3.07
N SER E 448 -8.11 -58.01 -1.84
CA SER E 448 -6.83 -57.36 -1.54
C SER E 448 -5.71 -58.37 -1.32
N ALA E 449 -4.47 -57.92 -1.56
CA ALA E 449 -3.27 -58.75 -1.41
C ALA E 449 -3.20 -59.48 -0.06
N SER E 450 -3.53 -58.78 1.02
CA SER E 450 -3.63 -59.40 2.35
C SER E 450 -4.93 -58.99 3.07
N VAL E 451 -5.49 -59.95 3.81
CA VAL E 451 -6.76 -59.77 4.54
C VAL E 451 -6.61 -58.72 5.66
N ASP E 452 -5.52 -58.84 6.42
CA ASP E 452 -5.24 -57.94 7.55
C ASP E 452 -4.64 -56.59 7.12
N ALA E 453 -3.97 -56.58 5.97
CA ALA E 453 -3.22 -55.41 5.46
C ALA E 453 -4.07 -54.15 5.29
N GLU E 454 -5.37 -54.33 5.07
CA GLU E 454 -6.29 -53.20 4.92
C GLU E 454 -6.61 -52.57 6.29
N LYS E 455 -6.91 -53.43 7.26
CA LYS E 455 -7.21 -52.99 8.63
C LYS E 455 -5.93 -52.53 9.33
N SER E 456 -4.79 -53.01 8.82
CA SER E 456 -3.48 -52.54 9.26
C SER E 456 -3.21 -51.13 8.72
N MET E 457 -3.76 -50.84 7.54
CA MET E 457 -3.56 -49.54 6.91
C MET E 457 -4.57 -48.49 7.39
N LEU E 458 -5.74 -48.94 7.84
CA LEU E 458 -6.67 -48.05 8.52
C LEU E 458 -6.05 -47.56 9.83
N SER E 459 -5.50 -48.50 10.59
CA SER E 459 -4.83 -48.22 11.85
C SER E 459 -3.67 -47.27 11.65
N LYS E 460 -2.82 -47.58 10.67
CA LYS E 460 -1.68 -46.74 10.31
C LYS E 460 -2.06 -45.38 9.73
N LEU E 461 -3.36 -45.16 9.52
CA LEU E 461 -3.84 -43.91 8.93
C LEU E 461 -4.37 -42.89 9.93
N LYS E 462 -5.26 -43.33 10.80
CA LYS E 462 -6.01 -42.39 11.66
C LYS E 462 -5.16 -41.57 12.66
N HIS E 463 -3.84 -41.66 12.54
CA HIS E 463 -2.93 -40.71 13.20
C HIS E 463 -2.29 -39.81 12.12
N GLU E 464 -2.04 -38.55 12.50
CA GLU E 464 -1.65 -37.46 11.57
C GLU E 464 -2.53 -37.40 10.28
N CYS E 465 -3.82 -37.62 10.48
CA CYS E 465 -4.80 -37.75 9.41
C CYS E 465 -6.17 -37.21 9.84
N GLY E 466 -6.62 -37.64 11.02
CA GLY E 466 -7.89 -37.19 11.58
C GLY E 466 -8.74 -38.32 12.14
N ALA E 467 -9.69 -37.98 12.99
CA ALA E 467 -10.65 -38.96 13.52
C ALA E 467 -11.94 -38.96 12.69
N ALA E 468 -12.19 -37.85 11.98
CA ALA E 468 -13.33 -37.74 11.07
C ALA E 468 -12.92 -38.10 9.64
N PHE E 469 -11.61 -38.02 9.38
CA PHE E 469 -11.01 -38.38 8.10
C PHE E 469 -11.03 -39.90 7.97
N THR E 470 -11.28 -40.58 9.10
CA THR E 470 -11.35 -42.04 9.16
C THR E 470 -12.76 -42.58 9.37
N SER E 471 -13.62 -41.81 10.04
CA SER E 471 -15.00 -42.26 10.30
C SER E 471 -15.84 -42.37 9.01
N LYS E 472 -15.34 -41.74 7.94
CA LYS E 472 -15.90 -41.92 6.60
C LYS E 472 -15.21 -43.09 5.90
N LEU E 473 -13.95 -43.32 6.25
CA LEU E 473 -13.16 -44.43 5.71
C LEU E 473 -13.67 -45.79 6.20
N GLU E 474 -14.19 -45.81 7.43
CA GLU E 474 -14.74 -47.05 8.02
C GLU E 474 -16.27 -47.11 7.96
N GLY E 475 -16.90 -46.01 7.54
CA GLY E 475 -18.33 -45.99 7.28
C GLY E 475 -18.67 -46.90 6.11
N MET E 476 -17.67 -47.15 5.27
CA MET E 476 -17.77 -48.11 4.16
C MET E 476 -17.61 -49.53 4.67
N PHE E 477 -16.63 -49.73 5.55
CA PHE E 477 -16.38 -51.03 6.18
C PHE E 477 -17.57 -51.52 7.01
N LYS E 478 -18.31 -50.57 7.58
CA LYS E 478 -19.51 -50.87 8.34
C LYS E 478 -20.63 -51.34 7.41
N ASP E 479 -20.68 -50.75 6.21
CA ASP E 479 -21.64 -51.15 5.18
C ASP E 479 -21.33 -52.54 4.62
N MET E 480 -20.03 -52.87 4.57
CA MET E 480 -19.57 -54.16 4.09
C MET E 480 -20.04 -55.30 5.00
N GLU E 481 -20.06 -55.04 6.29
CA GLU E 481 -20.35 -56.06 7.29
C GLU E 481 -21.77 -56.01 7.83
N LEU E 482 -22.53 -54.99 7.44
CA LEU E 482 -23.95 -54.94 7.73
C LEU E 482 -24.72 -55.58 6.57
N SER E 483 -24.07 -55.66 5.41
CA SER E 483 -24.60 -56.32 4.22
C SER E 483 -24.47 -57.82 4.32
N LYS E 484 -23.24 -58.27 4.57
CA LYS E 484 -22.96 -59.70 4.73
C LYS E 484 -23.65 -60.26 5.98
N ASP E 485 -24.27 -59.39 6.78
CA ASP E 485 -25.11 -59.78 7.91
C ASP E 485 -26.58 -59.92 7.51
N ILE E 486 -27.02 -59.11 6.56
CA ILE E 486 -28.37 -59.25 5.99
C ILE E 486 -28.38 -60.26 4.83
N MET E 487 -27.19 -60.73 4.48
CA MET E 487 -27.03 -61.80 3.48
C MET E 487 -27.43 -63.15 4.04
N ILE E 488 -27.04 -63.45 5.28
CA ILE E 488 -27.39 -64.73 5.91
C ILE E 488 -28.90 -64.85 6.16
N GLN E 489 -29.57 -63.73 6.43
CA GLN E 489 -31.02 -63.70 6.63
C GLN E 489 -31.78 -63.81 5.31
N PHE E 490 -31.06 -63.58 4.21
CA PHE E 490 -31.59 -63.82 2.87
C PHE E 490 -31.27 -65.24 2.43
N LYS E 491 -30.09 -65.74 2.80
CA LYS E 491 -29.62 -67.08 2.44
C LYS E 491 -30.26 -68.20 3.24
N GLN E 492 -30.48 -67.97 4.54
CA GLN E 492 -31.05 -69.00 5.42
C GLN E 492 -32.58 -69.12 5.39
N TYR E 493 -33.24 -68.34 4.53
CA TYR E 493 -34.68 -68.49 4.34
C TYR E 493 -35.05 -69.16 3.01
N MET E 494 -34.55 -68.60 1.90
CA MET E 494 -35.08 -68.87 0.55
C MET E 494 -34.84 -70.25 -0.10
N GLN E 495 -33.81 -70.97 0.37
CA GLN E 495 -33.36 -72.24 -0.27
C GLN E 495 -34.32 -73.45 -0.16
N ASN E 496 -35.08 -73.52 0.94
CA ASN E 496 -36.10 -74.55 1.12
C ASN E 496 -37.38 -74.20 0.35
N GLN E 497 -37.62 -72.90 0.22
CA GLN E 497 -38.62 -72.34 -0.70
C GLN E 497 -38.11 -72.51 -2.14
N ASN E 498 -36.78 -72.54 -2.28
CA ASN E 498 -36.07 -73.03 -3.49
C ASN E 498 -36.16 -72.11 -4.72
N ILE E 503 -28.09 -69.84 -9.46
CA ILE E 503 -27.15 -68.73 -9.45
C ILE E 503 -26.87 -68.25 -8.02
N GLU E 504 -25.63 -68.45 -7.57
CA GLU E 504 -25.17 -68.01 -6.24
C GLU E 504 -24.98 -66.49 -6.22
N LEU E 505 -25.44 -65.87 -5.13
CA LEU E 505 -25.53 -64.41 -5.07
C LEU E 505 -25.09 -63.81 -3.73
N THR E 506 -24.05 -62.97 -3.77
CA THR E 506 -23.61 -62.21 -2.61
C THR E 506 -23.65 -60.70 -2.87
N VAL E 507 -24.70 -60.06 -2.34
CA VAL E 507 -24.92 -58.63 -2.50
C VAL E 507 -24.24 -57.84 -1.40
N ASN E 508 -23.63 -56.71 -1.78
CA ASN E 508 -23.10 -55.75 -0.83
C ASN E 508 -23.87 -54.44 -0.94
N ILE E 509 -24.78 -54.22 0.01
CA ILE E 509 -25.64 -53.04 0.02
C ILE E 509 -24.94 -51.86 0.73
N LEU E 510 -24.81 -50.75 0.00
CA LEU E 510 -23.99 -49.62 0.46
C LEU E 510 -24.82 -48.36 0.67
N THR E 511 -24.35 -47.48 1.53
CA THR E 511 -25.02 -46.20 1.77
C THR E 511 -24.55 -45.18 0.76
N MET E 512 -25.49 -44.65 -0.02
CA MET E 512 -25.19 -43.75 -1.13
C MET E 512 -24.39 -42.51 -0.72
N GLY E 513 -24.61 -42.06 0.52
CA GLY E 513 -23.94 -40.88 1.05
C GLY E 513 -22.44 -41.05 1.29
N TYR E 514 -22.03 -42.23 1.76
CA TYR E 514 -20.64 -42.46 2.11
C TYR E 514 -19.76 -42.86 0.92
N TRP E 515 -20.40 -43.41 -0.12
CA TRP E 515 -19.68 -44.04 -1.23
C TRP E 515 -19.52 -43.16 -2.47
N PRO E 516 -18.40 -43.33 -3.22
CA PRO E 516 -18.15 -42.58 -4.45
C PRO E 516 -19.33 -42.66 -5.40
N THR E 517 -20.12 -41.57 -5.46
CA THR E 517 -21.39 -41.56 -6.17
C THR E 517 -21.26 -42.03 -7.62
N TYR E 518 -21.74 -43.24 -7.88
CA TYR E 518 -21.59 -43.88 -9.18
C TYR E 518 -22.65 -43.43 -10.17
N VAL E 519 -22.31 -43.51 -11.45
CA VAL E 519 -23.27 -43.27 -12.52
C VAL E 519 -23.99 -44.59 -12.88
N PRO E 520 -25.33 -44.56 -12.88
CA PRO E 520 -26.14 -45.73 -13.21
C PRO E 520 -26.15 -46.04 -14.71
N MET E 521 -26.62 -47.22 -15.07
CA MET E 521 -26.73 -47.65 -16.46
C MET E 521 -27.58 -48.91 -16.54
N GLU E 522 -28.59 -48.89 -17.40
CA GLU E 522 -29.48 -50.04 -17.59
C GLU E 522 -28.72 -51.17 -18.28
N VAL E 523 -29.07 -52.40 -17.93
CA VAL E 523 -28.44 -53.56 -18.53
C VAL E 523 -29.47 -54.65 -18.75
N HIS E 524 -29.56 -55.13 -19.98
CA HIS E 524 -30.48 -56.20 -20.31
C HIS E 524 -29.96 -57.54 -19.77
N LEU E 525 -30.24 -57.77 -18.49
CA LEU E 525 -29.82 -58.97 -17.76
C LEU E 525 -30.69 -60.15 -18.18
N PRO E 526 -30.08 -61.34 -18.36
CA PRO E 526 -30.88 -62.51 -18.75
C PRO E 526 -32.00 -62.74 -17.74
N PRO E 527 -33.25 -62.79 -18.22
CA PRO E 527 -34.48 -62.78 -17.40
C PRO E 527 -34.46 -63.62 -16.12
N GLU E 528 -33.48 -64.51 -15.96
CA GLU E 528 -33.41 -65.38 -14.77
C GLU E 528 -32.74 -64.74 -13.55
N MET E 529 -31.86 -63.77 -13.77
CA MET E 529 -31.23 -63.03 -12.66
C MET E 529 -31.97 -61.74 -12.31
N VAL E 530 -32.78 -61.23 -13.25
CA VAL E 530 -33.71 -60.14 -12.95
C VAL E 530 -34.87 -60.68 -12.11
N LYS E 531 -34.92 -62.01 -11.99
CA LYS E 531 -35.80 -62.68 -11.02
C LYS E 531 -35.17 -62.62 -9.63
N LEU E 532 -33.86 -62.90 -9.56
CA LEU E 532 -33.12 -62.88 -8.29
C LEU E 532 -32.85 -61.45 -7.80
N GLN E 533 -32.87 -60.51 -8.75
CA GLN E 533 -32.81 -59.07 -8.47
C GLN E 533 -34.06 -58.63 -7.71
N GLU E 534 -35.20 -59.23 -8.04
CA GLU E 534 -36.46 -58.86 -7.44
C GLU E 534 -36.91 -59.79 -6.32
N ILE E 535 -36.35 -60.99 -6.25
CA ILE E 535 -36.58 -61.86 -5.09
C ILE E 535 -35.79 -61.32 -3.89
N PHE E 536 -34.93 -60.33 -4.17
CA PHE E 536 -34.11 -59.65 -3.16
C PHE E 536 -34.53 -58.19 -2.93
N LYS E 537 -34.96 -57.50 -3.98
CA LYS E 537 -35.41 -56.11 -3.85
C LYS E 537 -36.64 -56.02 -2.95
N THR E 538 -37.60 -56.90 -3.21
CA THR E 538 -38.81 -56.99 -2.40
C THR E 538 -38.58 -57.82 -1.12
N PHE E 539 -37.31 -58.12 -0.85
CA PHE E 539 -36.89 -58.66 0.45
C PHE E 539 -36.27 -57.55 1.29
N TYR E 540 -35.61 -56.60 0.61
CA TYR E 540 -34.91 -55.50 1.27
C TYR E 540 -35.89 -54.44 1.79
N LEU E 541 -36.68 -53.84 0.90
CA LEU E 541 -37.60 -52.77 1.27
C LEU E 541 -38.59 -53.22 2.34
N GLY E 542 -38.77 -54.53 2.46
CA GLY E 542 -39.64 -55.12 3.48
C GLY E 542 -38.87 -55.63 4.68
N LYS E 543 -37.75 -54.98 4.98
CA LYS E 543 -36.96 -55.25 6.18
C LYS E 543 -36.32 -53.93 6.60
N HIS E 544 -35.43 -53.41 5.76
CA HIS E 544 -35.03 -52.02 5.83
C HIS E 544 -36.16 -51.22 5.20
N SER E 545 -36.84 -50.41 6.01
CA SER E 545 -38.14 -49.85 5.64
C SER E 545 -38.07 -48.49 4.96
N GLY E 546 -38.93 -48.31 3.95
CA GLY E 546 -39.18 -47.02 3.31
C GLY E 546 -38.00 -46.36 2.62
N ARG E 547 -37.28 -47.16 1.84
CA ARG E 547 -36.09 -46.68 1.14
C ARG E 547 -36.19 -46.95 -0.36
N LYS E 548 -35.30 -46.35 -1.15
CA LYS E 548 -35.13 -46.73 -2.55
C LYS E 548 -33.81 -47.45 -2.74
N LEU E 549 -33.73 -48.26 -3.79
CA LEU E 549 -32.50 -48.94 -4.17
C LEU E 549 -32.19 -48.62 -5.62
N GLN E 550 -30.90 -48.56 -5.96
CA GLN E 550 -30.48 -48.12 -7.28
C GLN E 550 -29.30 -48.96 -7.78
N TRP E 551 -29.61 -50.11 -8.37
CA TRP E 551 -28.60 -51.09 -8.77
C TRP E 551 -27.48 -50.55 -9.67
N GLN E 552 -26.29 -51.11 -9.50
CA GLN E 552 -25.13 -50.69 -10.29
C GLN E 552 -24.55 -51.83 -11.11
N SER E 553 -24.36 -51.55 -12.39
CA SER E 553 -23.83 -52.51 -13.34
C SER E 553 -22.31 -52.46 -13.41
N THR E 554 -21.75 -51.28 -13.13
CA THR E 554 -20.31 -51.05 -13.20
C THR E 554 -19.52 -51.80 -12.12
N LEU E 555 -20.16 -52.05 -10.98
CA LEU E 555 -19.51 -52.73 -9.84
C LEU E 555 -19.87 -54.21 -9.71
N GLY E 556 -20.73 -54.70 -10.60
CA GLY E 556 -21.12 -56.10 -10.60
C GLY E 556 -20.08 -56.97 -11.27
N HIS E 557 -19.79 -58.12 -10.64
CA HIS E 557 -18.87 -59.11 -11.20
C HIS E 557 -19.30 -60.51 -10.80
N CYS E 558 -18.90 -61.50 -11.59
CA CYS E 558 -19.32 -62.88 -11.35
C CYS E 558 -18.45 -63.93 -12.04
N VAL E 559 -18.70 -65.19 -11.71
CA VAL E 559 -17.89 -66.31 -12.18
C VAL E 559 -18.63 -67.18 -13.18
N LEU E 560 -17.95 -67.54 -14.28
CA LEU E 560 -18.53 -68.36 -15.34
C LEU E 560 -17.78 -69.69 -15.53
N LYS E 561 -18.51 -70.80 -15.57
CA LYS E 561 -17.93 -72.10 -15.94
C LYS E 561 -17.71 -72.15 -17.45
N ALA E 562 -16.49 -72.48 -17.86
CA ALA E 562 -16.13 -72.47 -19.28
C ALA E 562 -15.90 -73.87 -19.87
N GLU E 563 -16.61 -74.15 -20.97
CA GLU E 563 -16.58 -75.46 -21.62
C GLU E 563 -16.28 -75.34 -23.12
N PHE E 564 -15.07 -75.72 -23.51
CA PHE E 564 -14.67 -75.69 -24.93
C PHE E 564 -13.85 -76.92 -25.31
N LYS E 565 -12.54 -76.75 -25.30
CA LYS E 565 -11.59 -77.83 -25.56
C LYS E 565 -10.44 -77.71 -24.57
N GLU E 566 -9.92 -78.86 -24.14
CA GLU E 566 -8.76 -78.96 -23.23
C GLU E 566 -8.72 -77.92 -22.09
N GLY E 567 -9.80 -77.85 -21.32
CA GLY E 567 -9.91 -76.90 -20.20
C GLY E 567 -11.33 -76.59 -19.81
N LYS E 568 -11.68 -76.94 -18.57
CA LYS E 568 -12.99 -76.63 -17.99
C LYS E 568 -12.94 -75.37 -17.11
N LYS E 569 -11.84 -74.61 -17.23
CA LYS E 569 -11.54 -73.48 -16.33
C LYS E 569 -12.66 -72.46 -16.19
N GLU E 570 -12.78 -71.87 -14.99
CA GLU E 570 -13.75 -70.83 -14.70
C GLU E 570 -13.19 -69.43 -14.97
N LEU E 571 -14.08 -68.44 -15.08
CA LEU E 571 -13.68 -67.07 -15.38
C LEU E 571 -14.38 -66.05 -14.50
N GLN E 572 -13.61 -65.23 -13.78
CA GLN E 572 -14.15 -64.11 -13.02
C GLN E 572 -14.24 -62.91 -13.97
N VAL E 573 -15.46 -62.40 -14.16
CA VAL E 573 -15.72 -61.38 -15.16
C VAL E 573 -16.71 -60.31 -14.71
N SER E 574 -16.69 -59.17 -15.41
CA SER E 574 -17.55 -58.04 -15.08
C SER E 574 -19.00 -58.29 -15.50
N LEU E 575 -19.91 -57.50 -14.94
CA LEU E 575 -21.34 -57.57 -15.31
C LEU E 575 -21.53 -57.25 -16.78
N PHE E 576 -20.57 -56.53 -17.37
CA PHE E 576 -20.59 -56.24 -18.80
C PHE E 576 -19.99 -57.40 -19.60
N GLN E 577 -18.88 -57.95 -19.08
CA GLN E 577 -18.23 -59.11 -19.68
C GLN E 577 -19.17 -60.31 -19.71
N THR E 578 -20.00 -60.43 -18.69
CA THR E 578 -20.83 -61.62 -18.52
C THR E 578 -22.01 -61.68 -19.52
N LEU E 579 -22.59 -60.52 -19.83
CA LEU E 579 -23.70 -60.46 -20.78
C LEU E 579 -23.21 -60.66 -22.21
N VAL E 580 -22.04 -60.10 -22.51
CA VAL E 580 -21.40 -60.27 -23.82
C VAL E 580 -20.98 -61.72 -24.05
N LEU E 581 -20.57 -62.39 -22.98
CA LEU E 581 -20.18 -63.79 -23.06
C LEU E 581 -21.36 -64.77 -22.96
N LEU E 582 -22.42 -64.35 -22.26
CA LEU E 582 -23.59 -65.21 -22.05
C LEU E 582 -24.34 -65.49 -23.35
N MET E 583 -24.49 -64.48 -24.19
CA MET E 583 -25.24 -64.61 -25.44
C MET E 583 -24.53 -65.49 -26.49
N PHE E 584 -23.39 -66.07 -26.12
CA PHE E 584 -22.72 -67.05 -26.97
C PHE E 584 -23.20 -68.47 -26.70
N ASN E 585 -24.30 -68.58 -25.94
CA ASN E 585 -25.01 -69.84 -25.75
C ASN E 585 -26.14 -70.00 -26.77
N GLU E 586 -26.29 -69.00 -27.64
CA GLU E 586 -27.27 -69.03 -28.73
C GLU E 586 -26.59 -68.71 -30.07
N GLY E 587 -25.87 -69.71 -30.58
CA GLY E 587 -25.11 -69.56 -31.82
C GLY E 587 -23.80 -68.82 -31.62
N GLU E 588 -23.03 -68.69 -32.70
CA GLU E 588 -21.75 -68.00 -32.67
C GLU E 588 -21.79 -66.72 -33.50
N GLU E 589 -20.91 -65.78 -33.13
CA GLU E 589 -20.66 -64.50 -33.83
C GLU E 589 -21.81 -63.51 -33.99
N PHE E 590 -21.54 -62.28 -33.57
CA PHE E 590 -22.49 -61.18 -33.62
C PHE E 590 -21.75 -59.87 -33.96
N SER E 591 -22.31 -59.07 -34.85
CA SER E 591 -21.74 -57.76 -35.17
C SER E 591 -21.87 -56.82 -33.98
N LEU E 592 -21.07 -55.75 -33.96
CA LEU E 592 -21.10 -54.76 -32.88
C LEU E 592 -22.53 -54.28 -32.62
N GLU E 593 -23.33 -54.25 -33.68
CA GLU E 593 -24.73 -53.83 -33.65
C GLU E 593 -25.61 -54.77 -32.80
N GLU E 594 -25.57 -56.06 -33.12
CA GLU E 594 -26.44 -57.06 -32.48
C GLU E 594 -26.02 -57.48 -31.06
N ILE E 595 -24.79 -57.14 -30.66
CA ILE E 595 -24.36 -57.25 -29.27
C ILE E 595 -24.97 -56.07 -28.49
N LYS E 596 -24.63 -54.85 -28.93
CA LYS E 596 -25.15 -53.59 -28.37
C LYS E 596 -26.66 -53.60 -28.14
N GLN E 597 -27.37 -54.42 -28.93
CA GLN E 597 -28.81 -54.60 -28.81
C GLN E 597 -29.16 -55.51 -27.64
N ALA E 598 -28.52 -56.67 -27.58
CA ALA E 598 -28.88 -57.72 -26.62
C ALA E 598 -28.15 -57.62 -25.27
N THR E 599 -27.21 -56.68 -25.18
CA THR E 599 -26.50 -56.42 -23.92
C THR E 599 -26.94 -55.08 -23.29
N GLY E 600 -27.08 -54.05 -24.12
CA GLY E 600 -27.57 -52.74 -23.69
C GLY E 600 -26.55 -51.88 -22.98
N ILE E 601 -25.42 -51.65 -23.64
CA ILE E 601 -24.36 -50.83 -23.07
C ILE E 601 -24.17 -49.58 -23.92
N GLU E 602 -23.80 -48.47 -23.28
CA GLU E 602 -23.37 -47.28 -23.99
C GLU E 602 -21.99 -47.51 -24.57
N ASP E 603 -21.73 -46.92 -25.74
CA ASP E 603 -20.45 -47.07 -26.45
C ASP E 603 -19.22 -46.64 -25.63
N GLY E 604 -19.44 -45.78 -24.64
CA GLY E 604 -18.38 -45.33 -23.74
C GLY E 604 -17.70 -46.45 -22.97
N GLU E 605 -18.48 -47.43 -22.54
CA GLU E 605 -17.96 -48.60 -21.82
C GLU E 605 -17.89 -49.84 -22.71
N LEU E 606 -18.85 -49.98 -23.63
CA LEU E 606 -18.93 -51.16 -24.49
C LEU E 606 -17.66 -51.33 -25.35
N ARG E 607 -17.22 -50.24 -25.97
CA ARG E 607 -16.01 -50.25 -26.78
C ARG E 607 -14.79 -50.66 -25.97
N ARG E 608 -14.83 -50.39 -24.67
CA ARG E 608 -13.74 -50.76 -23.77
C ARG E 608 -13.80 -52.23 -23.37
N THR E 609 -15.00 -52.76 -23.15
CA THR E 609 -15.16 -54.14 -22.68
C THR E 609 -14.85 -55.18 -23.76
N LEU E 610 -15.37 -54.95 -24.97
CA LEU E 610 -15.09 -55.82 -26.11
C LEU E 610 -13.67 -55.64 -26.62
N GLN E 611 -13.02 -54.55 -26.20
CA GLN E 611 -11.59 -54.34 -26.43
C GLN E 611 -10.83 -55.41 -25.64
N SER E 612 -11.23 -55.60 -24.39
CA SER E 612 -10.80 -56.74 -23.60
C SER E 612 -11.56 -57.98 -24.09
N LEU E 613 -11.16 -59.15 -23.63
CA LEU E 613 -11.74 -60.43 -24.06
C LEU E 613 -11.34 -60.84 -25.48
N ALA E 614 -11.27 -59.87 -26.39
CA ALA E 614 -10.94 -60.13 -27.79
C ALA E 614 -9.46 -59.87 -28.11
N CYS E 615 -9.18 -58.67 -28.61
CA CYS E 615 -7.84 -58.30 -29.02
C CYS E 615 -6.91 -57.97 -27.84
N GLY E 616 -7.49 -57.75 -26.66
CA GLY E 616 -6.74 -57.41 -25.45
C GLY E 616 -5.93 -58.57 -24.92
N LYS E 617 -4.62 -58.54 -25.21
CA LYS E 617 -3.67 -59.62 -24.89
C LYS E 617 -4.03 -60.98 -25.52
N ALA E 618 -4.90 -60.95 -26.54
CA ALA E 618 -5.45 -62.14 -27.23
C ALA E 618 -6.02 -63.21 -26.28
N ARG E 619 -7.26 -63.00 -25.86
CA ARG E 619 -7.87 -63.78 -24.77
C ARG E 619 -8.86 -64.86 -25.25
N VAL E 620 -10.15 -64.51 -25.31
CA VAL E 620 -11.22 -65.49 -25.49
C VAL E 620 -12.07 -65.29 -26.76
N LEU E 621 -12.05 -64.08 -27.31
CA LEU E 621 -12.82 -63.74 -28.53
C LEU E 621 -11.92 -63.41 -29.72
N ALA E 622 -12.52 -63.23 -30.89
CA ALA E 622 -11.76 -62.88 -32.10
C ALA E 622 -12.53 -61.96 -33.06
N LYS E 623 -11.99 -60.76 -33.25
CA LYS E 623 -12.58 -59.75 -34.11
C LYS E 623 -12.29 -60.07 -35.58
N ASN E 624 -13.32 -59.96 -36.43
CA ASN E 624 -13.18 -60.24 -37.87
C ASN E 624 -12.39 -59.16 -38.64
N PRO E 625 -12.75 -57.87 -38.46
CA PRO E 625 -11.81 -56.83 -38.89
C PRO E 625 -10.92 -56.46 -37.71
N LYS E 626 -9.86 -57.23 -37.50
CA LYS E 626 -9.06 -57.17 -36.28
C LYS E 626 -8.05 -56.01 -36.23
N GLY E 627 -7.95 -55.39 -35.06
CA GLY E 627 -7.02 -54.29 -34.82
C GLY E 627 -6.93 -53.98 -33.33
N LYS E 628 -6.55 -52.74 -33.01
CA LYS E 628 -6.50 -52.29 -31.62
C LYS E 628 -7.87 -51.84 -31.13
N ASP E 629 -8.63 -51.17 -32.01
CA ASP E 629 -9.94 -50.64 -31.67
C ASP E 629 -11.05 -51.29 -32.50
N ILE E 630 -12.29 -51.01 -32.12
CA ILE E 630 -13.46 -51.64 -32.72
C ILE E 630 -14.34 -50.61 -33.43
N GLU E 631 -14.98 -51.03 -34.53
CA GLU E 631 -15.89 -50.16 -35.28
C GLU E 631 -17.26 -50.79 -35.63
N ASP E 632 -18.18 -49.95 -36.08
CA ASP E 632 -19.61 -50.29 -36.24
C ASP E 632 -19.94 -51.69 -36.78
N GLY E 633 -19.24 -52.12 -37.83
CA GLY E 633 -19.51 -53.39 -38.47
C GLY E 633 -18.44 -54.43 -38.24
N ASP E 634 -18.18 -54.74 -36.97
CA ASP E 634 -17.17 -55.73 -36.60
C ASP E 634 -17.80 -56.94 -35.92
N LYS E 635 -17.44 -58.13 -36.39
CA LYS E 635 -17.97 -59.38 -35.83
C LYS E 635 -16.99 -60.08 -34.89
N PHE E 636 -17.53 -60.83 -33.93
CA PHE E 636 -16.75 -61.51 -32.91
C PHE E 636 -17.15 -62.98 -32.75
N ILE E 637 -16.29 -63.89 -33.22
CA ILE E 637 -16.51 -65.33 -33.00
C ILE E 637 -15.95 -65.73 -31.64
N CYS E 638 -16.60 -66.70 -30.99
CA CYS E 638 -16.10 -67.25 -29.74
C CYS E 638 -14.94 -68.20 -30.04
N ASN E 639 -13.74 -67.84 -29.59
CA ASN E 639 -12.53 -68.63 -29.83
C ASN E 639 -12.56 -69.97 -29.08
N ASP E 640 -12.45 -71.06 -29.83
CA ASP E 640 -12.67 -72.41 -29.29
C ASP E 640 -11.41 -73.09 -28.74
N ASP E 641 -10.29 -72.37 -28.78
CA ASP E 641 -9.03 -72.84 -28.18
C ASP E 641 -8.78 -72.15 -26.84
N PHE E 642 -8.89 -72.93 -25.77
CA PHE E 642 -8.82 -72.43 -24.39
C PHE E 642 -7.41 -72.64 -23.82
N LYS E 643 -6.62 -71.57 -23.86
CA LYS E 643 -5.18 -71.64 -23.58
C LYS E 643 -4.78 -71.70 -22.10
N HIS E 644 -5.43 -70.89 -21.26
CA HIS E 644 -4.95 -70.62 -19.89
C HIS E 644 -4.71 -71.87 -19.04
N LYS E 645 -3.61 -71.83 -18.28
CA LYS E 645 -3.07 -73.00 -17.58
C LYS E 645 -3.66 -73.22 -16.19
N LEU E 646 -3.72 -72.17 -15.38
CA LEU E 646 -4.29 -72.28 -14.04
C LEU E 646 -5.82 -72.44 -14.08
N PHE E 647 -6.43 -72.60 -12.90
CA PHE E 647 -7.88 -72.65 -12.78
C PHE E 647 -8.36 -71.27 -12.29
N ARG E 648 -9.65 -71.00 -12.46
CA ARG E 648 -10.28 -69.74 -12.04
C ARG E 648 -9.51 -68.51 -12.52
N ILE E 649 -9.60 -68.26 -13.82
CA ILE E 649 -8.91 -67.15 -14.46
C ILE E 649 -9.66 -65.84 -14.18
N LYS E 650 -8.92 -64.76 -14.03
CA LYS E 650 -9.53 -63.44 -13.84
C LYS E 650 -9.27 -62.57 -15.07
N ILE E 651 -10.32 -62.28 -15.83
CA ILE E 651 -10.25 -61.38 -16.99
C ILE E 651 -10.81 -60.02 -16.61
N ASN E 652 -11.06 -59.84 -15.32
CA ASN E 652 -11.71 -58.65 -14.78
C ASN E 652 -10.74 -57.46 -14.64
N GLN E 653 -10.15 -57.05 -15.76
CA GLN E 653 -9.17 -55.96 -15.78
C GLN E 653 -9.79 -54.59 -15.99
N ILE E 654 -10.81 -54.53 -16.84
CA ILE E 654 -11.53 -53.29 -17.16
C ILE E 654 -12.01 -52.58 -15.89
N GLN E 655 -12.37 -53.37 -14.87
CA GLN E 655 -12.98 -52.88 -13.65
C GLN E 655 -11.92 -52.50 -12.60
N MET E 656 -10.64 -52.65 -12.95
CA MET E 656 -9.51 -52.35 -12.07
C MET E 656 -8.86 -51.00 -12.36
N LYS E 657 -9.14 -50.43 -13.54
CA LYS E 657 -8.40 -49.27 -14.03
C LYS E 657 -9.21 -47.97 -13.99
N GLU E 658 -8.49 -46.89 -13.74
CA GLU E 658 -9.06 -45.56 -13.59
C GLU E 658 -9.14 -44.89 -14.96
N THR E 659 -10.36 -44.55 -15.38
CA THR E 659 -10.56 -43.84 -16.65
C THR E 659 -10.26 -42.36 -16.45
N VAL E 660 -9.54 -41.75 -17.39
CA VAL E 660 -9.20 -40.32 -17.31
C VAL E 660 -10.47 -39.46 -17.35
N GLU E 661 -11.56 -40.08 -17.78
CA GLU E 661 -12.90 -39.53 -17.63
C GLU E 661 -13.20 -39.36 -16.14
N GLU E 662 -12.88 -40.40 -15.38
CA GLU E 662 -13.12 -40.48 -13.94
C GLU E 662 -11.99 -39.84 -13.10
N GLN E 663 -10.76 -39.89 -13.63
CA GLN E 663 -9.58 -39.37 -12.92
C GLN E 663 -9.58 -37.85 -12.86
N ALA E 664 -9.51 -37.20 -14.02
CA ALA E 664 -9.52 -35.75 -14.11
C ALA E 664 -10.77 -35.18 -13.44
N SER E 665 -11.74 -36.06 -13.18
CA SER E 665 -13.00 -35.70 -12.56
C SER E 665 -12.97 -35.87 -11.04
N THR E 666 -12.25 -36.88 -10.56
CA THR E 666 -12.15 -37.13 -9.13
C THR E 666 -11.23 -36.12 -8.42
N THR E 667 -10.31 -35.51 -9.18
CA THR E 667 -9.54 -34.38 -8.67
C THR E 667 -10.47 -33.17 -8.60
N GLU E 668 -11.22 -32.95 -9.68
CA GLU E 668 -12.14 -31.82 -9.83
C GLU E 668 -13.21 -31.74 -8.72
N ARG E 669 -13.65 -32.89 -8.22
CA ARG E 669 -14.68 -32.95 -7.19
C ARG E 669 -14.15 -32.51 -5.82
N VAL E 670 -12.85 -32.63 -5.62
CA VAL E 670 -12.19 -32.25 -4.36
C VAL E 670 -12.00 -30.72 -4.27
N PHE E 671 -11.64 -30.11 -5.40
CA PHE E 671 -11.56 -28.64 -5.51
C PHE E 671 -12.90 -27.98 -5.15
N GLN E 672 -14.00 -28.58 -5.63
CA GLN E 672 -15.36 -28.14 -5.31
C GLN E 672 -15.72 -28.42 -3.85
N ASP E 673 -15.11 -29.46 -3.30
CA ASP E 673 -15.39 -29.94 -1.95
C ASP E 673 -14.81 -29.00 -0.89
N ARG E 674 -13.75 -28.29 -1.27
CA ARG E 674 -13.03 -27.39 -0.38
C ARG E 674 -13.83 -26.16 -0.01
N GLN E 675 -14.30 -25.44 -1.03
CA GLN E 675 -15.00 -24.16 -0.86
C GLN E 675 -16.39 -24.33 -0.21
N TYR E 676 -16.65 -25.51 0.35
CA TYR E 676 -17.86 -25.76 1.12
C TYR E 676 -17.51 -25.99 2.59
N GLN E 677 -16.31 -26.49 2.84
CA GLN E 677 -15.80 -26.64 4.20
C GLN E 677 -15.34 -25.28 4.74
N ILE E 678 -15.04 -24.37 3.82
CA ILE E 678 -14.79 -22.96 4.14
C ILE E 678 -16.04 -22.35 4.79
N ASP E 679 -17.21 -22.70 4.25
CA ASP E 679 -18.50 -22.25 4.76
C ASP E 679 -18.78 -22.88 6.13
N ALA E 680 -18.45 -24.15 6.27
CA ALA E 680 -18.61 -24.88 7.53
C ALA E 680 -17.68 -24.30 8.61
N ALA E 681 -16.64 -23.60 8.17
CA ALA E 681 -15.61 -23.04 9.04
C ALA E 681 -15.94 -21.62 9.53
N ILE E 682 -16.31 -20.74 8.60
CA ILE E 682 -16.61 -19.36 8.96
C ILE E 682 -17.81 -19.30 9.92
N VAL E 683 -18.83 -20.11 9.64
CA VAL E 683 -20.03 -20.20 10.50
C VAL E 683 -19.68 -20.64 11.93
N ARG E 684 -18.74 -21.57 12.06
CA ARG E 684 -18.36 -22.07 13.38
C ARG E 684 -17.58 -21.05 14.22
N ILE E 685 -16.71 -20.26 13.57
CA ILE E 685 -15.92 -19.23 14.25
C ILE E 685 -16.71 -17.94 14.52
N MET E 686 -17.57 -17.58 13.58
CA MET E 686 -18.48 -16.44 13.75
C MET E 686 -19.52 -16.71 14.82
N LYS E 687 -19.82 -17.99 15.03
CA LYS E 687 -20.72 -18.41 16.09
C LYS E 687 -20.10 -18.19 17.47
N MET E 688 -18.88 -18.70 17.70
CA MET E 688 -18.24 -18.60 19.01
C MET E 688 -17.91 -17.15 19.39
N ARG E 689 -16.99 -16.53 18.65
CA ARG E 689 -16.70 -15.11 18.86
C ARG E 689 -17.49 -14.24 17.89
N LYS E 690 -18.28 -13.31 18.44
CA LYS E 690 -19.28 -12.55 17.70
C LYS E 690 -18.66 -11.59 16.67
N THR E 691 -17.59 -10.91 17.08
CA THR E 691 -16.88 -9.97 16.21
C THR E 691 -15.52 -10.54 15.84
N LEU E 692 -14.98 -10.10 14.71
CA LEU E 692 -13.65 -10.52 14.25
C LEU E 692 -13.14 -9.55 13.20
N SER E 693 -11.82 -9.45 13.09
CA SER E 693 -11.20 -8.68 12.02
C SER E 693 -11.09 -9.53 10.76
N HIS E 694 -10.94 -8.88 9.59
CA HIS E 694 -10.72 -9.59 8.34
C HIS E 694 -9.33 -10.22 8.31
N ASN E 695 -8.34 -9.48 8.78
CA ASN E 695 -6.97 -10.01 8.94
C ASN E 695 -6.86 -10.99 10.10
N LEU E 696 -7.92 -11.08 10.91
CA LEU E 696 -8.03 -12.05 12.00
C LEU E 696 -9.07 -13.14 11.70
N LEU E 697 -9.63 -13.09 10.48
CA LEU E 697 -10.53 -14.15 10.01
C LEU E 697 -9.86 -14.97 8.91
N VAL E 698 -9.01 -14.32 8.11
CA VAL E 698 -8.19 -15.04 7.14
C VAL E 698 -7.11 -15.83 7.88
N SER E 699 -6.71 -15.32 9.05
CA SER E 699 -5.71 -15.97 9.90
C SER E 699 -6.29 -17.09 10.77
N GLU E 700 -7.59 -17.32 10.66
CA GLU E 700 -8.28 -18.34 11.45
C GLU E 700 -8.63 -19.57 10.63
N VAL E 701 -9.12 -19.34 9.42
CA VAL E 701 -9.53 -20.41 8.51
C VAL E 701 -8.31 -21.16 7.94
N TYR E 702 -7.26 -20.40 7.62
CA TYR E 702 -6.00 -20.98 7.13
C TYR E 702 -5.32 -21.81 8.23
N ASN E 703 -5.59 -21.46 9.48
CA ASN E 703 -5.14 -22.25 10.64
C ASN E 703 -5.99 -23.50 10.88
N GLN E 704 -7.20 -23.52 10.33
CA GLN E 704 -8.18 -24.55 10.63
C GLN E 704 -8.18 -25.70 9.61
N LEU E 705 -7.75 -25.42 8.39
CA LEU E 705 -7.66 -26.45 7.34
C LEU E 705 -6.35 -26.31 6.56
N LYS E 706 -5.76 -27.46 6.23
CA LYS E 706 -4.42 -27.50 5.65
C LYS E 706 -4.31 -27.02 4.21
N PHE E 707 -5.31 -27.36 3.38
CA PHE E 707 -5.24 -27.16 1.93
C PHE E 707 -5.07 -25.71 1.50
N PRO E 708 -4.38 -25.47 0.36
CA PRO E 708 -4.01 -24.16 -0.17
C PRO E 708 -4.91 -23.00 0.27
N VAL E 709 -6.05 -22.82 -0.39
CA VAL E 709 -6.97 -21.70 -0.16
C VAL E 709 -6.25 -20.34 -0.14
N LYS E 710 -5.95 -19.84 -1.33
CA LYS E 710 -5.39 -18.49 -1.52
C LYS E 710 -6.46 -17.44 -1.20
N PRO E 711 -6.10 -16.37 -0.45
CA PRO E 711 -7.09 -15.44 0.11
C PRO E 711 -8.07 -14.85 -0.91
N ALA E 712 -7.75 -14.99 -2.20
CA ALA E 712 -8.65 -14.57 -3.29
C ALA E 712 -9.91 -15.45 -3.37
N ASP E 713 -9.76 -16.73 -3.05
CA ASP E 713 -10.87 -17.68 -2.98
C ASP E 713 -11.76 -17.43 -1.78
N LEU E 714 -11.15 -16.89 -0.72
CA LEU E 714 -11.82 -16.74 0.57
C LEU E 714 -12.81 -15.59 0.59
N LYS E 715 -12.50 -14.50 -0.12
CA LYS E 715 -13.39 -13.31 -0.18
C LYS E 715 -14.69 -13.56 -0.97
N LYS E 716 -14.69 -14.57 -1.85
CA LYS E 716 -15.88 -14.99 -2.57
C LYS E 716 -16.88 -15.61 -1.60
N ARG E 717 -16.39 -16.52 -0.76
CA ARG E 717 -17.23 -17.31 0.16
C ARG E 717 -17.76 -16.49 1.33
N ILE E 718 -17.09 -15.37 1.63
CA ILE E 718 -17.54 -14.44 2.65
C ILE E 718 -18.90 -13.87 2.24
N GLU E 719 -18.96 -13.31 1.03
CA GLU E 719 -20.17 -12.63 0.54
C GLU E 719 -21.17 -13.57 -0.14
N SER E 720 -20.94 -14.87 0.01
CA SER E 720 -21.98 -15.87 -0.23
C SER E 720 -22.63 -16.18 1.11
N LEU E 721 -22.34 -15.34 2.10
CA LEU E 721 -22.93 -15.44 3.43
C LEU E 721 -23.44 -14.07 3.89
N ILE E 722 -22.80 -13.02 3.39
CA ILE E 722 -23.29 -11.65 3.55
C ILE E 722 -24.61 -11.52 2.81
N ASP E 723 -24.61 -11.93 1.54
CA ASP E 723 -25.77 -11.82 0.66
C ASP E 723 -26.79 -12.97 0.86
N ARG E 724 -26.65 -13.66 1.99
CA ARG E 724 -27.60 -14.70 2.40
C ARG E 724 -27.97 -14.52 3.88
N ASP E 725 -27.44 -13.46 4.48
CA ASP E 725 -27.63 -13.12 5.90
C ASP E 725 -27.26 -14.23 6.87
N TYR E 726 -25.96 -14.53 6.94
CA TYR E 726 -25.39 -15.40 7.96
C TYR E 726 -24.46 -14.57 8.85
N MET E 727 -23.79 -13.60 8.23
CA MET E 727 -22.96 -12.63 8.94
C MET E 727 -23.14 -11.23 8.31
N GLU E 728 -22.74 -10.20 9.06
CA GLU E 728 -22.92 -8.82 8.62
C GLU E 728 -21.64 -7.97 8.66
N ARG E 729 -21.42 -7.21 7.59
CA ARG E 729 -20.39 -6.18 7.57
C ARG E 729 -20.87 -4.91 8.28
N ASP E 730 -19.92 -4.19 8.87
CA ASP E 730 -20.11 -2.78 9.30
C ASP E 730 -19.10 -2.32 10.35
N LYS E 731 -19.53 -1.38 11.19
CA LYS E 731 -18.64 -0.51 11.98
C LYS E 731 -17.76 0.32 11.01
N GLU E 732 -18.43 0.81 9.94
CA GLU E 732 -17.82 1.64 8.88
C GLU E 732 -16.37 1.31 8.46
N ASN E 733 -16.08 0.01 8.33
CA ASN E 733 -14.76 -0.47 7.87
C ASN E 733 -14.83 -1.76 7.04
N PRO E 734 -13.90 -1.92 6.07
CA PRO E 734 -13.85 -3.16 5.29
C PRO E 734 -13.06 -4.26 6.02
N ASN E 735 -13.06 -4.20 7.35
CA ASN E 735 -12.16 -5.00 8.16
C ASN E 735 -12.80 -5.71 9.35
N GLN E 736 -14.10 -5.53 9.57
CA GLN E 736 -14.78 -6.19 10.69
C GLN E 736 -16.15 -6.77 10.34
N TYR E 737 -16.46 -7.93 10.93
CA TYR E 737 -17.70 -8.65 10.65
C TYR E 737 -18.49 -8.90 11.94
N ASN E 738 -19.76 -9.20 11.77
CA ASN E 738 -20.67 -9.47 12.89
C ASN E 738 -21.59 -10.65 12.58
N TYR E 739 -21.92 -11.45 13.59
CA TYR E 739 -22.61 -12.72 13.41
C TYR E 739 -24.07 -12.64 12.95
N ILE E 740 -24.98 -12.36 13.90
CA ILE E 740 -26.45 -12.48 13.71
C ILE E 740 -26.96 -13.80 13.11
N ALA E 741 -27.53 -14.64 13.99
CA ALA E 741 -28.08 -15.94 13.61
C ALA E 741 -29.50 -15.79 13.05
N LYS F 9 -24.40 -79.16 -22.84
CA LYS F 9 -23.94 -78.61 -24.15
C LYS F 9 -23.77 -77.08 -24.15
N LYS F 10 -23.66 -76.51 -22.94
CA LYS F 10 -23.40 -75.07 -22.78
C LYS F 10 -21.92 -74.78 -22.51
N ARG F 11 -21.39 -73.74 -23.14
CA ARG F 11 -20.02 -73.30 -22.89
C ARG F 11 -19.90 -72.32 -21.70
N PHE F 12 -20.99 -71.60 -21.40
CA PHE F 12 -21.01 -70.64 -20.30
C PHE F 12 -22.19 -70.82 -19.34
N GLU F 13 -21.88 -71.01 -18.06
CA GLU F 13 -22.89 -71.08 -17.01
C GLU F 13 -22.58 -70.11 -15.88
N VAL F 14 -23.62 -69.47 -15.34
CA VAL F 14 -23.47 -68.51 -14.26
C VAL F 14 -23.23 -69.24 -12.92
N LYS F 15 -21.99 -69.19 -12.43
CA LYS F 15 -21.61 -69.85 -11.18
C LYS F 15 -21.83 -68.94 -9.96
N LYS F 16 -21.14 -67.80 -9.93
CA LYS F 16 -21.28 -66.83 -8.84
C LYS F 16 -21.91 -65.54 -9.36
N TRP F 17 -22.43 -64.70 -8.46
CA TRP F 17 -22.92 -63.36 -8.81
C TRP F 17 -22.81 -62.35 -7.65
N ASN F 18 -22.08 -61.26 -7.91
CA ASN F 18 -21.86 -60.20 -6.91
C ASN F 18 -22.48 -58.88 -7.33
N ALA F 19 -23.78 -58.74 -7.10
CA ALA F 19 -24.52 -57.54 -7.44
C ALA F 19 -24.18 -56.41 -6.47
N VAL F 20 -24.44 -55.18 -6.89
CA VAL F 20 -24.16 -54.00 -6.07
C VAL F 20 -25.33 -53.01 -6.15
N ALA F 21 -25.87 -52.63 -4.99
CA ALA F 21 -26.97 -51.67 -4.93
C ALA F 21 -26.76 -50.65 -3.82
N LEU F 22 -27.14 -49.40 -4.10
CA LEU F 22 -26.95 -48.28 -3.18
C LEU F 22 -28.29 -47.89 -2.55
N TRP F 23 -28.40 -48.04 -1.24
CA TRP F 23 -29.65 -47.67 -0.55
C TRP F 23 -29.72 -46.18 -0.27
N ALA F 24 -30.88 -45.57 -0.54
CA ALA F 24 -31.08 -44.15 -0.34
C ALA F 24 -32.49 -43.88 0.18
N TRP F 25 -32.66 -42.76 0.90
CA TRP F 25 -33.97 -42.41 1.44
C TRP F 25 -34.94 -41.96 0.35
N ASP F 26 -35.96 -42.77 0.10
CA ASP F 26 -37.00 -42.46 -0.88
C ASP F 26 -38.07 -41.56 -0.26
N ILE F 27 -38.20 -40.37 -0.80
CA ILE F 27 -39.20 -39.39 -0.36
C ILE F 27 -39.87 -38.74 -1.58
N VAL F 28 -41.15 -38.37 -1.42
CA VAL F 28 -41.96 -37.77 -2.48
C VAL F 28 -41.21 -37.45 -3.79
N VAL F 29 -41.11 -38.45 -4.67
CA VAL F 29 -40.37 -38.37 -5.96
C VAL F 29 -39.05 -37.58 -5.84
N ASP F 30 -38.11 -38.15 -5.10
CA ASP F 30 -36.78 -37.56 -4.82
C ASP F 30 -36.73 -36.07 -4.39
N ASN F 31 -37.90 -35.44 -4.23
CA ASN F 31 -37.98 -33.99 -3.96
C ASN F 31 -37.38 -33.57 -2.63
N CYS F 32 -36.55 -32.53 -2.69
CA CYS F 32 -35.94 -31.92 -1.50
C CYS F 32 -36.96 -31.73 -0.39
N ALA F 33 -36.64 -32.24 0.80
CA ALA F 33 -37.57 -32.21 1.93
C ALA F 33 -37.74 -30.82 2.56
N ILE F 34 -37.22 -29.79 1.91
CA ILE F 34 -37.44 -28.41 2.35
C ILE F 34 -38.09 -27.57 1.25
N CYS F 35 -37.34 -27.25 0.20
CA CYS F 35 -37.85 -26.39 -0.89
C CYS F 35 -38.80 -27.12 -1.84
N ARG F 36 -38.86 -28.44 -1.72
CA ARG F 36 -39.74 -29.32 -2.51
C ARG F 36 -39.87 -29.02 -4.01
N ASN F 37 -38.83 -28.39 -4.59
CA ASN F 37 -38.73 -28.17 -6.03
C ASN F 37 -38.47 -29.49 -6.74
N HIS F 38 -37.20 -29.89 -6.78
CA HIS F 38 -36.80 -31.24 -7.15
C HIS F 38 -35.67 -31.62 -6.21
N ILE F 39 -34.55 -32.07 -6.76
CA ILE F 39 -33.34 -32.30 -5.98
C ILE F 39 -32.16 -31.93 -6.86
N MET F 40 -32.42 -31.83 -8.15
CA MET F 40 -31.43 -31.42 -9.12
C MET F 40 -31.98 -30.31 -10.02
N ASP F 41 -32.72 -29.37 -9.41
CA ASP F 41 -33.37 -28.27 -10.13
C ASP F 41 -33.48 -26.97 -9.31
N LEU F 42 -32.37 -26.51 -8.73
CA LEU F 42 -32.31 -25.24 -7.97
C LEU F 42 -33.21 -25.22 -6.72
N CYS F 43 -33.35 -24.05 -6.09
CA CYS F 43 -34.13 -23.94 -4.85
C CYS F 43 -34.78 -22.56 -4.63
N ILE F 44 -34.86 -22.13 -3.36
CA ILE F 44 -35.48 -20.86 -3.01
C ILE F 44 -34.44 -19.74 -2.97
N GLU F 45 -33.47 -19.83 -2.04
CA GLU F 45 -32.37 -18.86 -1.93
C GLU F 45 -31.39 -19.01 -3.10
N CYS F 46 -31.95 -19.08 -4.30
CA CYS F 46 -31.23 -19.27 -5.54
C CYS F 46 -32.09 -18.74 -6.68
N GLN F 47 -33.41 -18.81 -6.48
CA GLN F 47 -34.40 -18.35 -7.45
C GLN F 47 -34.51 -16.82 -7.42
N CYS F 58 -24.87 -24.10 -6.08
CA CYS F 58 -26.09 -24.87 -5.89
C CYS F 58 -25.87 -26.36 -6.17
N THR F 59 -25.70 -27.14 -5.11
CA THR F 59 -25.45 -28.58 -5.22
C THR F 59 -26.18 -29.37 -4.13
N VAL F 60 -26.38 -30.65 -4.42
CA VAL F 60 -26.88 -31.62 -3.45
C VAL F 60 -25.94 -31.67 -2.25
N ALA F 61 -26.50 -31.83 -1.05
CA ALA F 61 -25.71 -31.90 0.18
C ALA F 61 -26.15 -33.04 1.09
N TRP F 62 -25.42 -34.16 1.02
CA TRP F 62 -25.70 -35.35 1.82
C TRP F 62 -25.22 -35.18 3.25
N GLY F 63 -26.02 -35.66 4.21
CA GLY F 63 -25.63 -35.59 5.63
C GLY F 63 -25.25 -36.94 6.18
N VAL F 64 -24.90 -36.97 7.46
CA VAL F 64 -24.55 -38.23 8.13
C VAL F 64 -25.71 -39.22 8.12
N CYS F 65 -26.93 -38.68 8.24
CA CYS F 65 -28.15 -39.47 8.32
C CYS F 65 -28.54 -40.09 6.98
N ASN F 66 -28.14 -39.43 5.88
CA ASN F 66 -28.29 -39.93 4.50
C ASN F 66 -29.50 -39.39 3.72
N HIS F 67 -29.91 -38.16 4.01
CA HIS F 67 -31.02 -37.52 3.28
C HIS F 67 -30.54 -36.55 2.21
N ALA F 68 -31.31 -36.44 1.14
CA ALA F 68 -30.97 -35.56 0.01
C ALA F 68 -31.51 -34.15 0.22
N PHE F 69 -30.63 -33.16 0.06
CA PHE F 69 -30.98 -31.75 0.25
C PHE F 69 -30.20 -30.81 -0.64
N HIS F 70 -30.82 -29.68 -1.02
CA HIS F 70 -30.09 -28.56 -1.60
C HIS F 70 -29.27 -27.93 -0.47
N PHE F 71 -28.03 -27.58 -0.76
CA PHE F 71 -27.14 -27.05 0.27
C PHE F 71 -27.66 -25.74 0.88
N HIS F 72 -28.16 -24.85 0.02
CA HIS F 72 -28.72 -23.57 0.46
C HIS F 72 -29.80 -23.75 1.52
N CYS F 73 -30.75 -24.64 1.22
CA CYS F 73 -31.89 -24.89 2.09
C CYS F 73 -31.51 -25.68 3.35
N ILE F 74 -30.47 -26.51 3.24
CA ILE F 74 -30.02 -27.28 4.38
C ILE F 74 -29.12 -26.43 5.31
N SER F 75 -28.50 -25.39 4.76
CA SER F 75 -27.69 -24.46 5.55
C SER F 75 -28.56 -23.57 6.42
N ARG F 76 -29.77 -23.28 5.91
CA ARG F 76 -30.79 -22.51 6.62
C ARG F 76 -31.19 -23.16 7.94
N TRP F 77 -31.24 -24.49 7.93
CA TRP F 77 -31.78 -25.26 9.05
C TRP F 77 -30.76 -25.54 10.16
N LEU F 78 -29.56 -25.00 10.00
CA LEU F 78 -28.53 -25.03 11.03
C LEU F 78 -28.69 -23.82 11.96
N LYS F 79 -29.45 -22.83 11.49
CA LYS F 79 -29.69 -21.60 12.25
C LYS F 79 -30.68 -21.82 13.39
N THR F 80 -31.90 -22.21 13.03
CA THR F 80 -32.97 -22.41 14.02
C THR F 80 -32.79 -23.70 14.81
N ARG F 81 -32.42 -24.78 14.12
CA ARG F 81 -32.21 -26.08 14.76
C ARG F 81 -30.87 -26.70 14.35
N GLN F 82 -30.71 -28.01 14.60
CA GLN F 82 -29.46 -28.71 14.32
C GLN F 82 -29.70 -30.18 14.00
N VAL F 83 -30.94 -30.62 14.17
CA VAL F 83 -31.35 -31.96 13.73
C VAL F 83 -31.71 -31.88 12.24
N CYS F 84 -32.02 -33.03 11.64
CA CYS F 84 -32.37 -33.09 10.23
C CYS F 84 -33.90 -33.02 10.04
N PRO F 85 -34.36 -32.29 9.01
CA PRO F 85 -35.80 -32.13 8.75
C PRO F 85 -36.59 -33.43 8.46
N LEU F 86 -35.92 -34.58 8.55
CA LEU F 86 -36.61 -35.88 8.40
C LEU F 86 -36.27 -36.86 9.51
N ASP F 87 -34.99 -37.01 9.81
CA ASP F 87 -34.56 -37.78 10.98
C ASP F 87 -34.65 -36.91 12.21
N ASN F 88 -33.87 -37.25 13.24
CA ASN F 88 -33.74 -36.39 14.40
C ASN F 88 -32.30 -36.39 14.91
N ARG F 89 -31.42 -37.03 14.16
CA ARG F 89 -29.99 -37.03 14.45
C ARG F 89 -29.41 -35.65 14.17
N GLU F 90 -28.45 -35.26 15.00
CA GLU F 90 -27.69 -34.03 14.77
C GLU F 90 -27.10 -34.08 13.36
N TRP F 91 -27.27 -32.98 12.63
CA TRP F 91 -26.84 -32.90 11.24
C TRP F 91 -25.33 -32.77 11.10
N GLU F 92 -24.78 -33.47 10.11
CA GLU F 92 -23.37 -33.33 9.76
C GLU F 92 -23.23 -33.02 8.26
N PHE F 93 -22.12 -33.43 7.66
CA PHE F 93 -21.92 -33.31 6.22
C PHE F 93 -21.14 -34.52 5.70
N GLN F 94 -21.63 -35.13 4.61
CA GLN F 94 -21.00 -36.33 4.06
C GLN F 94 -20.63 -36.25 2.58
N LYS F 95 -21.29 -35.36 1.82
CA LYS F 95 -21.00 -35.23 0.38
C LYS F 95 -21.47 -33.90 -0.22
N TYR F 96 -20.70 -33.41 -1.20
CA TYR F 96 -21.07 -32.23 -1.96
C TYR F 96 -21.11 -32.55 -3.47
N GLY F 97 -22.19 -33.19 -3.90
CA GLY F 97 -22.40 -33.58 -5.29
C GLY F 97 -23.17 -34.88 -5.47
N HIS F 98 -24.15 -34.88 -6.38
CA HIS F 98 -24.94 -36.07 -6.71
C HIS F 98 -24.14 -37.05 -7.58
#